data_9NB5
#
_entry.id   9NB5
#
_cell.length_a   1.00
_cell.length_b   1.00
_cell.length_c   1.00
_cell.angle_alpha   90.00
_cell.angle_beta   90.00
_cell.angle_gamma   90.00
#
_symmetry.space_group_name_H-M   'P 1'
#
loop_
_entity.id
_entity.type
_entity.pdbx_description
1 polymer 'Scavenger receptor cysteine-rich type 1 protein M130'
2 non-polymer 'CALCIUM ION'
3 non-polymer 2-acetamido-2-deoxy-beta-D-glucopyranose
#
_entity_poly.entity_id   1
_entity_poly.type   'polypeptide(L)'
_entity_poly.pdbx_seq_one_letter_code
;SSLGGTDKELRLVDGENKCSGRVEVKVQEEWGTVCNNGWSMEAVSVICNQLGCPTAIKAPGWANSSAGSGRIWMDHVSCR
GNESALWDCKHDGWGKHSNCTHQQDAGVTCSDGSNLEMRLTRGGNMCSGRIEIKFQGRWGTVCDDNFNIDHASVICRQLE
CGSAVSFSGSSNFGEGSGPIWFDDLICNGNESALWNCKHQGWGKHNCDHAEDAGVICSKGADLSLRLVDGVTECSGRLEV
RFQGEWGTICDDGWDSYDAAVACKQLGCPTAVTAIGRVNASKGFGHIWLDSVSCQGHEPAIWQCKHHEWGKHYCNHNEDA
GVTCSDGSDLELRLRGGGSRCAGTVEVEIQRLLGKVCDRGWGLKEADVVCRQLGCGSALKTSYQVYSKIQATNTWLFLSS
CNGNETSLWDCKNWQWGGLTCDHYEEAKITCSAHREPRLVGGDIPCSGRVEVKHGDTWGSICDSDFSLEAASVLCRELQC
GTVVSILGGAHFGEGNGQIWAEEFQCEGHESHLSLCPVAPRPEGTCSHSRDVGVVCSRYTEIRLVNGKTPCEGRVELKTL
GAWGSLCNSHWDIEDAHVLCQQLKCGVALSTPGGARFGKGNGQIWRHMFHCTGTEQHMGDCPVTALGASLCPSEQVASVI
CSGNQSQTLSSCNSSSLGPTRPTIPEESAVACIESGQLRLVNGGGRCAGRVEIYHEGSWGTICDDSWDLSDAHVVCRQLG
CGEAINATGSAHFGEGTGPIWLDEMKCNGKESRIWQCHSHGWGQQNCRHKEDAGVICSEFMSLRLTSEASREACAGRLEV
FYNGAWGTVGKSSMSETTVGVVCRQLGCADKGKINPASLDKAMSIPMWVDNVQCPKGPDTLWQCPSSPWEKRLASPSEET
WITCDNKIRLQEGPTSCSGRVEIWHGGSWGTVCDDSWDLDDAQVVCQQLGCGPALKAFKEAEFGQGTGPIWLNEVKCKGN
ESSLWDCPARRWGHSECGHKEDAAVNCTDISVQKTPQKATTGRSHHHHHHHH
;
_entity_poly.pdbx_strand_id   A,B,C
#
loop_
_chem_comp.id
_chem_comp.type
_chem_comp.name
_chem_comp.formula
CA non-polymer 'CALCIUM ION' 'Ca 2'
NAG D-saccharide, beta linking 2-acetamido-2-deoxy-beta-D-glucopyranose 'C8 H15 N O6'
#
# COMPACT_ATOMS: atom_id res chain seq x y z
N GLY A 113 -30.11 -78.82 23.78
CA GLY A 113 -30.72 -79.26 22.54
C GLY A 113 -29.81 -79.10 21.32
N SER A 114 -29.30 -80.21 20.81
CA SER A 114 -28.40 -80.20 19.67
C SER A 114 -28.91 -81.05 18.50
N ASN A 115 -30.16 -81.52 18.57
CA ASN A 115 -30.76 -82.34 17.51
C ASN A 115 -31.81 -81.57 16.72
N LEU A 116 -31.53 -80.30 16.41
CA LEU A 116 -32.45 -79.46 15.66
C LEU A 116 -31.80 -78.97 14.38
N GLU A 117 -32.63 -78.73 13.37
CA GLU A 117 -32.19 -78.13 12.11
C GLU A 117 -32.99 -76.86 11.85
N MET A 118 -32.60 -76.14 10.79
CA MET A 118 -33.25 -74.89 10.44
C MET A 118 -33.43 -74.81 8.93
N ARG A 119 -34.60 -74.32 8.51
CA ARG A 119 -34.90 -74.09 7.11
C ARG A 119 -35.47 -72.69 6.94
N LEU A 120 -34.99 -71.98 5.92
CA LEU A 120 -35.53 -70.67 5.57
C LEU A 120 -36.54 -70.87 4.44
N THR A 121 -37.80 -71.04 4.81
CA THR A 121 -38.87 -71.30 3.86
C THR A 121 -39.49 -70.01 3.37
N ARG A 122 -40.44 -70.15 2.44
CA ARG A 122 -41.15 -69.04 1.81
C ARG A 122 -40.19 -68.05 1.15
N GLY A 123 -39.11 -68.54 0.56
CA GLY A 123 -38.19 -67.71 -0.18
C GLY A 123 -37.66 -68.42 -1.41
N GLY A 124 -37.70 -67.76 -2.57
CA GLY A 124 -37.23 -68.40 -3.79
C GLY A 124 -35.75 -68.72 -3.75
N ASN A 125 -34.97 -67.88 -3.09
CA ASN A 125 -33.52 -68.01 -3.06
C ASN A 125 -33.02 -68.94 -1.97
N MET A 126 -33.91 -69.52 -1.18
CA MET A 126 -33.63 -70.52 -0.13
C MET A 126 -32.71 -69.97 0.94
N CYS A 127 -32.29 -68.71 0.81
CA CYS A 127 -31.51 -68.04 1.84
C CYS A 127 -32.27 -66.88 2.46
N SER A 128 -33.57 -66.76 2.19
CA SER A 128 -34.39 -65.70 2.73
C SER A 128 -35.79 -66.25 2.98
N GLY A 129 -36.51 -65.58 3.87
CA GLY A 129 -37.86 -65.97 4.21
C GLY A 129 -38.09 -66.10 5.71
N ARG A 130 -39.00 -66.99 6.09
CA ARG A 130 -39.31 -67.21 7.50
C ARG A 130 -38.51 -68.38 8.06
N ILE A 131 -38.27 -68.33 9.37
CA ILE A 131 -37.39 -69.28 10.06
C ILE A 131 -38.20 -70.47 10.53
N GLU A 132 -37.66 -71.67 10.34
CA GLU A 132 -38.30 -72.90 10.77
C GLU A 132 -37.31 -73.73 11.58
N ILE A 133 -37.80 -74.36 12.65
CA ILE A 133 -36.97 -75.09 13.60
C ILE A 133 -37.52 -76.49 13.77
N LYS A 134 -36.63 -77.48 13.75
CA LYS A 134 -37.00 -78.90 13.72
C LYS A 134 -36.95 -79.48 15.13
N PHE A 135 -38.08 -80.02 15.59
CA PHE A 135 -38.11 -80.90 16.75
C PHE A 135 -39.42 -81.67 16.78
N GLN A 136 -39.41 -82.82 17.49
CA GLN A 136 -40.42 -83.87 17.35
C GLN A 136 -40.68 -84.22 15.89
N GLY A 137 -39.65 -84.08 15.05
CA GLY A 137 -39.83 -84.31 13.62
C GLY A 137 -40.86 -83.38 13.01
N ARG A 138 -40.89 -82.13 13.44
CA ARG A 138 -41.87 -81.15 12.97
C ARG A 138 -41.17 -79.84 12.64
N TRP A 139 -41.65 -79.19 11.60
CA TRP A 139 -41.10 -77.91 11.14
C TRP A 139 -42.09 -76.82 11.52
N GLY A 140 -41.74 -76.02 12.53
CA GLY A 140 -42.62 -74.98 13.05
C GLY A 140 -41.92 -73.63 13.12
N THR A 141 -42.67 -72.58 12.82
CA THR A 141 -42.13 -71.23 12.87
C THR A 141 -42.06 -70.72 14.30
N VAL A 142 -41.06 -69.89 14.58
CA VAL A 142 -40.83 -69.36 15.91
C VAL A 142 -41.46 -67.98 16.02
N CYS A 143 -41.78 -67.57 17.25
CA CYS A 143 -42.35 -66.26 17.50
C CYS A 143 -41.35 -65.17 17.17
N ASP A 144 -41.89 -64.00 16.80
CA ASP A 144 -41.06 -62.85 16.46
C ASP A 144 -40.81 -61.94 17.67
N ASP A 145 -41.41 -62.23 18.82
CA ASP A 145 -41.25 -61.37 19.98
C ASP A 145 -39.79 -61.27 20.38
N ASN A 146 -39.36 -60.04 20.68
CA ASN A 146 -37.98 -59.75 21.11
C ASN A 146 -36.96 -60.23 20.08
N PHE A 147 -37.24 -59.96 18.81
CA PHE A 147 -36.29 -60.22 17.75
C PHE A 147 -35.33 -59.04 17.60
N ASN A 148 -34.14 -59.33 17.07
CA ASN A 148 -33.10 -58.32 16.96
C ASN A 148 -32.15 -58.67 15.83
N ILE A 149 -31.35 -57.68 15.43
CA ILE A 149 -30.48 -57.83 14.27
C ILE A 149 -29.39 -58.86 14.54
N ASP A 150 -28.95 -58.99 15.79
CA ASP A 150 -27.94 -60.00 16.12
C ASP A 150 -28.49 -61.40 15.94
N HIS A 151 -29.77 -61.60 16.27
CA HIS A 151 -30.39 -62.92 16.14
C HIS A 151 -30.38 -63.37 14.68
N ALA A 152 -30.66 -62.46 13.75
CA ALA A 152 -30.66 -62.82 12.34
C ALA A 152 -29.26 -63.18 11.86
N SER A 153 -28.24 -62.50 12.38
CA SER A 153 -26.87 -62.81 12.01
C SER A 153 -26.49 -64.23 12.43
N VAL A 154 -26.91 -64.64 13.64
CA VAL A 154 -26.67 -66.01 14.08
C VAL A 154 -27.41 -67.00 13.21
N ILE A 155 -28.66 -66.69 12.87
CA ILE A 155 -29.45 -67.59 12.02
C ILE A 155 -28.83 -67.70 10.63
N CYS A 156 -28.44 -66.56 10.07
CA CYS A 156 -27.83 -66.57 8.74
C CYS A 156 -26.53 -67.35 8.72
N ARG A 157 -25.69 -67.15 9.73
CA ARG A 157 -24.40 -67.84 9.79
C ARG A 157 -24.59 -69.34 9.99
N GLN A 158 -25.61 -69.74 10.74
CA GLN A 158 -25.90 -71.17 10.89
C GLN A 158 -26.24 -71.81 9.56
N LEU A 159 -27.03 -71.12 8.73
CA LEU A 159 -27.44 -71.64 7.44
C LEU A 159 -26.39 -71.42 6.35
N GLU A 160 -25.27 -70.78 6.68
CA GLU A 160 -24.22 -70.46 5.72
C GLU A 160 -24.77 -69.61 4.57
N CYS A 161 -25.66 -68.67 4.91
CA CYS A 161 -26.28 -67.78 3.94
C CYS A 161 -25.65 -66.40 3.92
N GLY A 162 -24.52 -66.22 4.59
CA GLY A 162 -23.86 -64.93 4.60
C GLY A 162 -24.24 -64.07 5.78
N SER A 163 -24.41 -62.77 5.55
CA SER A 163 -24.75 -61.81 6.58
C SER A 163 -26.20 -61.35 6.42
N ALA A 164 -26.82 -61.01 7.54
CA ALA A 164 -28.22 -60.58 7.56
C ALA A 164 -28.31 -59.17 7.04
N VAL A 165 -28.84 -59.00 5.83
CA VAL A 165 -29.01 -57.66 5.27
C VAL A 165 -30.30 -57.03 5.79
N SER A 166 -31.30 -57.84 6.14
CA SER A 166 -32.55 -57.34 6.65
C SER A 166 -33.29 -58.47 7.36
N PHE A 167 -34.19 -58.09 8.26
CA PHE A 167 -35.00 -59.04 8.99
C PHE A 167 -36.44 -58.52 9.01
N SER A 168 -37.39 -59.44 9.05
CA SER A 168 -38.81 -59.12 8.98
C SER A 168 -39.45 -59.42 10.33
N GLY A 169 -40.12 -58.42 10.91
CA GLY A 169 -40.69 -58.52 12.22
C GLY A 169 -42.21 -58.63 12.23
N SER A 170 -42.73 -58.85 13.44
CA SER A 170 -44.16 -59.06 13.69
C SER A 170 -44.61 -60.29 12.91
N SER A 171 -45.88 -60.34 12.48
CA SER A 171 -46.39 -61.44 11.68
C SER A 171 -46.15 -61.16 10.20
N ASN A 172 -44.86 -61.07 9.85
CA ASN A 172 -44.48 -60.64 8.50
C ASN A 172 -44.84 -61.70 7.46
N PHE A 173 -44.47 -62.96 7.72
CA PHE A 173 -44.66 -64.02 6.74
C PHE A 173 -45.80 -64.96 7.11
N GLY A 174 -46.80 -64.46 7.82
CA GLY A 174 -47.97 -65.24 8.17
C GLY A 174 -48.35 -65.03 9.62
N GLU A 175 -49.63 -65.29 9.92
CA GLU A 175 -50.10 -65.21 11.29
C GLU A 175 -49.44 -66.29 12.12
N GLY A 176 -49.15 -65.97 13.39
CA GLY A 176 -48.47 -66.89 14.28
C GLY A 176 -49.10 -68.27 14.31
N SER A 177 -48.38 -69.24 13.76
CA SER A 177 -48.92 -70.60 13.64
C SER A 177 -47.75 -71.58 13.68
N GLY A 178 -48.07 -72.82 14.03
CA GLY A 178 -47.06 -73.85 14.19
C GLY A 178 -46.41 -73.79 15.56
N PRO A 179 -45.68 -74.84 15.92
CA PRO A 179 -45.00 -74.85 17.22
C PRO A 179 -43.95 -73.75 17.31
N ILE A 180 -43.93 -73.07 18.46
CA ILE A 180 -42.99 -72.00 18.74
C ILE A 180 -42.00 -72.51 19.76
N TRP A 181 -40.70 -72.41 19.47
CA TRP A 181 -39.73 -73.05 20.34
C TRP A 181 -38.71 -72.10 20.94
N PHE A 182 -38.09 -71.21 20.16
CA PHE A 182 -36.99 -70.41 20.68
C PHE A 182 -37.31 -68.92 20.58
N ASP A 183 -37.57 -68.30 21.73
CA ASP A 183 -37.74 -66.86 21.84
C ASP A 183 -37.02 -66.37 23.08
N ASP A 184 -36.66 -65.08 23.06
CA ASP A 184 -36.05 -64.42 24.22
C ASP A 184 -34.77 -65.10 24.68
N LEU A 185 -33.88 -65.40 23.73
CA LEU A 185 -32.54 -65.85 24.05
C LEU A 185 -31.53 -64.76 23.74
N ILE A 186 -30.49 -64.67 24.57
CA ILE A 186 -29.50 -63.62 24.48
C ILE A 186 -28.27 -64.21 23.78
N CYS A 187 -27.98 -63.70 22.58
CA CYS A 187 -26.82 -64.11 21.82
C CYS A 187 -25.83 -62.95 21.71
N ASN A 188 -24.56 -63.31 21.53
CA ASN A 188 -23.50 -62.30 21.44
C ASN A 188 -23.25 -61.83 20.01
N GLY A 189 -23.89 -62.44 19.02
CA GLY A 189 -23.72 -62.03 17.65
C GLY A 189 -22.60 -62.72 16.90
N ASN A 190 -21.94 -63.70 17.50
CA ASN A 190 -20.87 -64.44 16.84
C ASN A 190 -21.06 -65.95 16.86
N GLU A 191 -21.95 -66.48 17.69
CA GLU A 191 -22.10 -67.92 17.80
C GLU A 191 -22.65 -68.52 16.51
N SER A 192 -22.27 -69.77 16.24
CA SER A 192 -22.63 -70.42 14.99
C SER A 192 -24.14 -70.65 14.91
N ALA A 193 -24.73 -71.23 15.94
CA ALA A 193 -26.13 -71.59 15.95
C ALA A 193 -26.80 -71.04 17.21
N LEU A 194 -28.09 -70.73 17.09
CA LEU A 194 -28.79 -70.14 18.23
C LEU A 194 -28.94 -71.13 19.38
N TRP A 195 -29.17 -72.42 19.09
CA TRP A 195 -29.23 -73.40 20.17
C TRP A 195 -27.88 -73.56 20.83
N ASN A 196 -26.79 -73.56 20.04
CA ASN A 196 -25.46 -73.56 20.62
C ASN A 196 -25.15 -72.25 21.32
N CYS A 197 -25.77 -71.15 20.89
CA CYS A 197 -25.63 -69.89 21.59
C CYS A 197 -26.32 -69.97 22.95
N LYS A 198 -25.76 -69.24 23.92
CA LYS A 198 -26.27 -69.29 25.27
C LYS A 198 -27.68 -68.71 25.35
N HIS A 199 -28.46 -69.20 26.31
CA HIS A 199 -29.84 -68.76 26.46
C HIS A 199 -30.25 -68.93 27.91
N GLN A 200 -31.36 -68.28 28.27
CA GLN A 200 -31.90 -68.41 29.62
C GLN A 200 -32.40 -69.82 29.91
N GLY A 201 -32.61 -70.62 28.89
CA GLY A 201 -33.08 -71.98 29.03
C GLY A 201 -33.99 -72.32 27.86
N TRP A 202 -33.97 -73.60 27.47
CA TRP A 202 -34.80 -74.04 26.36
C TRP A 202 -36.27 -74.01 26.76
N GLY A 203 -37.09 -73.41 25.92
CA GLY A 203 -38.50 -73.26 26.22
C GLY A 203 -38.84 -72.13 27.16
N LYS A 204 -37.86 -71.37 27.63
CA LYS A 204 -38.09 -70.26 28.56
C LYS A 204 -38.55 -69.05 27.74
N HIS A 205 -39.83 -69.06 27.37
CA HIS A 205 -40.42 -68.00 26.59
C HIS A 205 -41.93 -68.13 26.63
N ASN A 206 -42.62 -67.00 26.80
CA ASN A 206 -44.07 -66.94 26.75
C ASN A 206 -44.42 -65.86 25.72
N CYS A 207 -44.46 -66.24 24.45
CA CYS A 207 -44.73 -65.28 23.39
C CYS A 207 -46.21 -65.21 23.11
N ASP A 208 -46.64 -64.05 22.60
CA ASP A 208 -48.04 -63.79 22.31
C ASP A 208 -48.12 -62.99 21.01
N HIS A 209 -49.30 -62.45 20.72
CA HIS A 209 -49.59 -61.59 19.57
C HIS A 209 -49.52 -62.35 18.25
N ALA A 210 -49.11 -63.62 18.27
CA ALA A 210 -49.12 -64.49 17.08
C ALA A 210 -48.32 -63.87 15.92
N GLU A 211 -47.02 -63.76 16.13
CA GLU A 211 -46.10 -63.21 15.15
C GLU A 211 -45.11 -64.28 14.70
N ASP A 212 -44.81 -64.32 13.40
CA ASP A 212 -43.85 -65.25 12.83
C ASP A 212 -42.65 -64.47 12.31
N ALA A 213 -41.46 -64.84 12.78
CA ALA A 213 -40.26 -64.13 12.40
C ALA A 213 -39.82 -64.52 10.99
N GLY A 214 -38.92 -63.73 10.44
CA GLY A 214 -38.37 -63.97 9.11
C GLY A 214 -37.11 -63.18 8.91
N VAL A 215 -36.30 -63.63 7.96
CA VAL A 215 -34.99 -63.02 7.74
C VAL A 215 -34.62 -63.13 6.27
N ILE A 216 -34.05 -62.07 5.73
CA ILE A 216 -33.54 -62.03 4.36
C ILE A 216 -32.05 -61.83 4.44
N CYS A 217 -31.29 -62.74 3.84
CA CYS A 217 -29.84 -62.77 3.97
C CYS A 217 -29.18 -62.24 2.70
N SER A 218 -27.85 -62.27 2.69
CA SER A 218 -27.10 -61.72 1.56
C SER A 218 -27.36 -62.51 0.29
N LYS A 219 -27.34 -63.84 0.38
CA LYS A 219 -27.64 -64.65 -0.80
C LYS A 219 -29.12 -64.62 -1.14
N GLY A 220 -29.98 -64.41 -0.14
CA GLY A 220 -31.39 -64.24 -0.42
C GLY A 220 -31.69 -62.95 -1.16
N ALA A 221 -31.00 -61.88 -0.81
CA ALA A 221 -31.24 -60.60 -1.46
C ALA A 221 -30.75 -60.64 -2.90
N ASP A 222 -31.55 -60.05 -3.79
CA ASP A 222 -31.19 -59.95 -5.21
C ASP A 222 -30.31 -58.72 -5.42
N LEU A 223 -29.13 -58.78 -4.80
CA LEU A 223 -28.19 -57.66 -4.86
C LEU A 223 -27.53 -57.64 -6.22
N SER A 224 -27.62 -56.48 -6.89
CA SER A 224 -27.07 -56.32 -8.23
C SER A 224 -26.47 -54.94 -8.37
N LEU A 225 -25.56 -54.79 -9.32
CA LEU A 225 -24.83 -53.55 -9.54
C LEU A 225 -24.87 -53.20 -11.01
N ARG A 226 -24.89 -51.90 -11.30
CA ARG A 226 -24.90 -51.43 -12.68
C ARG A 226 -24.39 -50.00 -12.73
N LEU A 227 -24.01 -49.58 -13.92
CA LEU A 227 -23.53 -48.23 -14.19
C LEU A 227 -24.50 -47.54 -15.14
N VAL A 228 -24.90 -46.32 -14.82
CA VAL A 228 -25.98 -45.65 -15.53
C VAL A 228 -25.54 -44.23 -15.91
N ASP A 229 -25.90 -43.83 -17.13
CA ASP A 229 -25.77 -42.44 -17.59
C ASP A 229 -24.30 -42.03 -17.77
N GLY A 230 -23.52 -42.90 -18.42
CA GLY A 230 -22.13 -42.61 -18.70
C GLY A 230 -21.86 -42.57 -20.20
N VAL A 231 -20.61 -42.23 -20.54
CA VAL A 231 -20.22 -42.18 -21.94
C VAL A 231 -20.21 -43.58 -22.54
N THR A 232 -19.62 -44.54 -21.83
CA THR A 232 -19.57 -45.93 -22.26
C THR A 232 -20.25 -46.80 -21.19
N GLU A 233 -20.16 -48.12 -21.39
CA GLU A 233 -20.71 -49.05 -20.41
C GLU A 233 -19.83 -49.18 -19.17
N CYS A 234 -18.60 -48.69 -19.21
CA CYS A 234 -17.69 -48.76 -18.08
C CYS A 234 -17.63 -47.46 -17.29
N SER A 235 -18.46 -46.48 -17.63
CA SER A 235 -18.49 -45.21 -16.92
C SER A 235 -19.93 -44.84 -16.60
N GLY A 236 -20.10 -44.07 -15.54
CA GLY A 236 -21.40 -43.53 -15.19
C GLY A 236 -21.58 -43.52 -13.70
N ARG A 237 -22.84 -43.48 -13.28
CA ARG A 237 -23.21 -43.46 -11.88
C ARG A 237 -23.57 -44.86 -11.42
N LEU A 238 -22.98 -45.28 -10.30
CA LEU A 238 -23.24 -46.61 -9.76
C LEU A 238 -24.62 -46.69 -9.14
N GLU A 239 -25.30 -47.81 -9.36
CA GLU A 239 -26.61 -48.08 -8.77
C GLU A 239 -26.64 -49.51 -8.26
N VAL A 240 -27.26 -49.71 -7.10
CA VAL A 240 -27.36 -51.03 -6.47
C VAL A 240 -28.83 -51.36 -6.25
N ARG A 241 -29.22 -52.57 -6.64
CA ARG A 241 -30.60 -53.02 -6.47
C ARG A 241 -30.76 -53.68 -5.11
N PHE A 242 -31.54 -53.06 -4.25
CA PHE A 242 -31.80 -53.57 -2.91
C PHE A 242 -33.30 -53.53 -2.66
N GLN A 243 -33.83 -54.63 -2.11
CA GLN A 243 -35.26 -54.77 -1.85
C GLN A 243 -36.09 -54.64 -3.12
N GLY A 244 -35.49 -54.95 -4.27
CA GLY A 244 -36.17 -54.88 -5.55
C GLY A 244 -36.22 -53.51 -6.20
N GLU A 245 -35.58 -52.51 -5.60
CA GLU A 245 -35.60 -51.15 -6.12
C GLU A 245 -34.17 -50.65 -6.31
N TRP A 246 -33.93 -49.98 -7.43
CA TRP A 246 -32.60 -49.48 -7.74
C TRP A 246 -32.32 -48.19 -6.98
N GLY A 247 -31.14 -48.10 -6.38
CA GLY A 247 -30.75 -46.92 -5.63
C GLY A 247 -29.27 -46.65 -5.81
N THR A 248 -28.86 -45.46 -5.36
CA THR A 248 -27.51 -44.98 -5.56
C THR A 248 -26.65 -45.29 -4.33
N ILE A 249 -25.46 -44.68 -4.28
CA ILE A 249 -24.50 -44.89 -3.19
C ILE A 249 -23.99 -43.52 -2.76
N CYS A 250 -23.79 -43.35 -1.45
CA CYS A 250 -23.22 -42.13 -0.93
C CYS A 250 -21.79 -41.94 -1.42
N ASP A 251 -21.37 -40.69 -1.52
CA ASP A 251 -20.01 -40.35 -1.92
C ASP A 251 -19.02 -40.45 -0.77
N ASP A 252 -19.49 -40.64 0.46
CA ASP A 252 -18.60 -40.64 1.61
C ASP A 252 -17.73 -41.89 1.61
N GLY A 253 -16.42 -41.69 1.73
CA GLY A 253 -15.49 -42.81 1.79
C GLY A 253 -15.25 -43.51 0.49
N TRP A 254 -15.72 -42.96 -0.64
CA TRP A 254 -15.47 -43.55 -1.94
C TRP A 254 -14.07 -43.19 -2.41
N ASP A 255 -13.26 -44.20 -2.68
CA ASP A 255 -11.89 -43.99 -3.13
C ASP A 255 -11.57 -45.04 -4.18
N SER A 256 -10.29 -45.10 -4.57
CA SER A 256 -9.91 -45.95 -5.69
C SER A 256 -10.01 -47.44 -5.35
N TYR A 257 -9.81 -47.82 -4.10
CA TYR A 257 -9.94 -49.22 -3.73
C TYR A 257 -11.38 -49.71 -3.90
N ASP A 258 -12.36 -48.89 -3.54
CA ASP A 258 -13.76 -49.27 -3.76
C ASP A 258 -14.08 -49.31 -5.24
N ALA A 259 -13.55 -48.35 -6.01
CA ALA A 259 -13.78 -48.36 -7.45
C ALA A 259 -13.09 -49.55 -8.11
N ALA A 260 -11.98 -50.00 -7.54
CA ALA A 260 -11.29 -51.17 -8.07
C ALA A 260 -12.16 -52.41 -7.96
N VAL A 261 -12.87 -52.56 -6.85
CA VAL A 261 -13.75 -53.70 -6.66
C VAL A 261 -14.94 -53.61 -7.61
N ALA A 262 -15.50 -52.41 -7.77
CA ALA A 262 -16.70 -52.25 -8.60
C ALA A 262 -16.41 -52.52 -10.07
N CYS A 263 -15.28 -52.02 -10.59
CA CYS A 263 -14.95 -52.25 -11.99
C CYS A 263 -14.75 -53.73 -12.27
N LYS A 264 -14.05 -54.43 -11.39
CA LYS A 264 -13.86 -55.87 -11.56
C LYS A 264 -15.18 -56.62 -11.46
N GLN A 265 -16.03 -56.24 -10.52
CA GLN A 265 -17.31 -56.92 -10.34
C GLN A 265 -18.19 -56.79 -11.57
N LEU A 266 -18.22 -55.61 -12.19
CA LEU A 266 -19.04 -55.39 -13.37
C LEU A 266 -18.48 -56.07 -14.61
N GLY A 267 -17.25 -56.58 -14.56
CA GLY A 267 -16.61 -57.14 -15.72
C GLY A 267 -15.82 -56.16 -16.55
N CYS A 268 -15.84 -54.87 -16.20
CA CYS A 268 -15.11 -53.85 -16.94
C CYS A 268 -13.62 -53.96 -16.68
N PRO A 269 -12.80 -53.42 -17.59
CA PRO A 269 -11.35 -53.48 -17.38
C PRO A 269 -10.93 -52.75 -16.12
N THR A 270 -9.89 -53.27 -15.46
CA THR A 270 -9.39 -52.71 -14.22
C THR A 270 -7.98 -52.12 -14.37
N ALA A 271 -7.58 -51.78 -15.60
CA ALA A 271 -6.26 -51.19 -15.79
C ALA A 271 -6.15 -49.84 -15.12
N VAL A 272 -7.10 -48.94 -15.39
CA VAL A 272 -7.17 -47.64 -14.74
C VAL A 272 -8.59 -47.45 -14.24
N THR A 273 -8.74 -47.32 -12.92
CA THR A 273 -10.05 -47.13 -12.30
C THR A 273 -10.04 -45.80 -11.54
N ALA A 274 -11.03 -44.96 -11.83
CA ALA A 274 -11.15 -43.65 -11.19
C ALA A 274 -12.55 -43.48 -10.63
N ILE A 275 -12.65 -42.64 -9.61
CA ILE A 275 -13.93 -42.34 -9.00
C ILE A 275 -14.50 -41.08 -9.64
N GLY A 276 -15.79 -40.89 -9.49
CA GLY A 276 -16.51 -39.79 -10.13
C GLY A 276 -17.48 -40.33 -11.16
N ARG A 277 -18.66 -39.73 -11.21
CA ARG A 277 -19.75 -40.23 -12.05
C ARG A 277 -19.74 -39.64 -13.45
N VAL A 278 -18.60 -39.13 -13.91
CA VAL A 278 -18.43 -38.58 -15.25
C VAL A 278 -19.45 -37.45 -15.43
N ASN A 279 -20.28 -37.55 -16.47
CA ASN A 279 -21.29 -36.54 -16.75
C ASN A 279 -22.68 -36.92 -16.27
N ALA A 280 -22.81 -38.04 -15.55
CA ALA A 280 -24.11 -38.49 -15.08
C ALA A 280 -24.71 -37.48 -14.10
N SER A 281 -26.02 -37.60 -13.90
CA SER A 281 -26.76 -36.72 -13.02
C SER A 281 -27.14 -37.46 -11.74
N LYS A 282 -27.56 -36.68 -10.75
CA LYS A 282 -27.98 -37.26 -9.48
C LYS A 282 -29.27 -38.05 -9.65
N GLY A 283 -29.32 -39.22 -9.01
CA GLY A 283 -30.52 -40.04 -9.08
C GLY A 283 -31.59 -39.59 -8.13
N PHE A 284 -32.79 -40.15 -8.30
CA PHE A 284 -33.94 -39.79 -7.49
C PHE A 284 -34.36 -40.89 -6.53
N GLY A 285 -33.83 -42.09 -6.66
CA GLY A 285 -34.20 -43.19 -5.80
C GLY A 285 -33.54 -43.09 -4.44
N HIS A 286 -33.65 -44.18 -3.68
CA HIS A 286 -33.08 -44.23 -2.35
C HIS A 286 -31.56 -44.34 -2.42
N ILE A 287 -30.92 -44.11 -1.29
CA ILE A 287 -29.47 -44.19 -1.16
C ILE A 287 -29.18 -45.34 -0.20
N TRP A 288 -28.90 -46.53 -0.75
CA TRP A 288 -28.80 -47.72 0.07
C TRP A 288 -27.51 -47.78 0.86
N LEU A 289 -26.38 -47.41 0.27
CA LEU A 289 -25.07 -47.65 0.86
C LEU A 289 -24.38 -46.34 1.22
N ASP A 290 -23.55 -46.39 2.26
CA ASP A 290 -22.78 -45.26 2.71
C ASP A 290 -21.50 -45.75 3.36
N SER A 291 -20.44 -44.97 3.22
CA SER A 291 -19.14 -45.24 3.84
C SER A 291 -18.65 -46.65 3.51
N VAL A 292 -18.55 -46.96 2.23
CA VAL A 292 -18.05 -48.25 1.79
C VAL A 292 -16.55 -48.29 2.01
N SER A 293 -16.07 -49.34 2.69
CA SER A 293 -14.65 -49.48 3.00
C SER A 293 -14.18 -50.84 2.51
N CYS A 294 -13.33 -50.83 1.48
CA CYS A 294 -12.82 -52.05 0.89
C CYS A 294 -11.31 -51.94 0.71
N GLN A 295 -10.65 -53.09 0.65
CA GLN A 295 -9.21 -53.16 0.52
C GLN A 295 -8.75 -53.41 -0.92
N GLY A 296 -9.67 -53.55 -1.86
CA GLY A 296 -9.33 -53.74 -3.25
C GLY A 296 -9.32 -55.17 -3.74
N HIS A 297 -9.39 -56.14 -2.83
CA HIS A 297 -9.37 -57.55 -3.21
C HIS A 297 -10.71 -58.25 -3.00
N GLU A 298 -11.70 -57.55 -2.47
CA GLU A 298 -12.98 -58.19 -2.18
C GLU A 298 -13.71 -58.52 -3.48
N PRO A 299 -14.57 -59.55 -3.46
CA PRO A 299 -15.27 -59.93 -4.70
C PRO A 299 -16.45 -59.05 -5.05
N ALA A 300 -16.99 -58.28 -4.10
CA ALA A 300 -18.13 -57.43 -4.37
C ALA A 300 -18.16 -56.30 -3.36
N ILE A 301 -18.96 -55.27 -3.67
CA ILE A 301 -19.04 -54.09 -2.80
C ILE A 301 -19.65 -54.46 -1.45
N TRP A 302 -20.70 -55.28 -1.46
CA TRP A 302 -21.36 -55.61 -0.20
C TRP A 302 -20.52 -56.50 0.69
N GLN A 303 -19.53 -57.22 0.14
CA GLN A 303 -18.69 -58.08 0.97
C GLN A 303 -17.79 -57.24 1.89
N CYS A 304 -17.16 -56.21 1.35
CA CYS A 304 -16.31 -55.36 2.17
C CYS A 304 -17.15 -54.52 3.12
N LYS A 305 -16.50 -54.08 4.19
CA LYS A 305 -17.20 -53.40 5.28
C LYS A 305 -17.85 -52.11 4.79
N HIS A 306 -19.17 -52.03 4.95
CA HIS A 306 -19.92 -50.80 4.68
C HIS A 306 -20.78 -50.49 5.89
N HIS A 307 -21.37 -49.29 5.89
CA HIS A 307 -22.09 -48.82 7.06
C HIS A 307 -23.29 -49.68 7.41
N GLU A 308 -24.30 -49.70 6.54
CA GLU A 308 -25.53 -50.43 6.80
C GLU A 308 -26.44 -50.27 5.59
N TRP A 309 -27.38 -51.20 5.44
CA TRP A 309 -28.41 -51.11 4.41
C TRP A 309 -29.56 -50.30 4.96
N GLY A 310 -29.77 -49.11 4.41
CA GLY A 310 -30.88 -48.27 4.83
C GLY A 310 -30.93 -47.02 4.00
N LYS A 311 -32.03 -46.29 4.14
CA LYS A 311 -32.22 -45.06 3.37
C LYS A 311 -31.36 -43.95 3.97
N HIS A 312 -30.49 -43.39 3.14
CA HIS A 312 -29.53 -42.39 3.57
C HIS A 312 -29.86 -41.05 2.94
N TYR A 313 -29.76 -39.98 3.73
CA TYR A 313 -30.01 -38.65 3.18
C TYR A 313 -28.80 -38.12 2.40
N CYS A 314 -27.60 -38.40 2.89
CA CYS A 314 -26.35 -37.88 2.32
C CYS A 314 -26.47 -36.37 2.07
N ASN A 315 -26.58 -35.63 3.18
CA ASN A 315 -26.77 -34.19 3.10
C ASN A 315 -25.58 -33.50 2.42
N HIS A 316 -24.36 -33.90 2.78
CA HIS A 316 -23.18 -33.20 2.31
C HIS A 316 -22.56 -33.81 1.06
N ASN A 317 -22.76 -35.11 0.84
CA ASN A 317 -22.10 -35.81 -0.24
C ASN A 317 -23.04 -35.98 -1.45
N GLU A 318 -22.53 -36.64 -2.49
CA GLU A 318 -23.26 -36.82 -3.73
C GLU A 318 -23.32 -38.30 -4.10
N ASP A 319 -23.78 -38.61 -5.31
CA ASP A 319 -23.85 -39.98 -5.77
C ASP A 319 -22.48 -40.47 -6.22
N ALA A 320 -22.25 -41.77 -6.04
CA ALA A 320 -20.97 -42.39 -6.33
C ALA A 320 -20.96 -42.97 -7.73
N GLY A 321 -19.78 -42.94 -8.36
CA GLY A 321 -19.60 -43.52 -9.68
C GLY A 321 -18.15 -43.87 -9.89
N VAL A 322 -17.90 -44.70 -10.90
CA VAL A 322 -16.56 -45.17 -11.23
C VAL A 322 -16.31 -44.93 -12.72
N THR A 323 -15.06 -45.12 -13.12
CA THR A 323 -14.64 -45.03 -14.52
C THR A 323 -13.58 -46.08 -14.78
N CYS A 324 -13.93 -47.10 -15.57
CA CYS A 324 -13.05 -48.23 -15.84
C CYS A 324 -12.46 -48.10 -17.23
N SER A 325 -11.14 -48.21 -17.34
CA SER A 325 -10.46 -47.95 -18.60
C SER A 325 -9.28 -48.89 -18.77
N ASP A 326 -8.92 -49.13 -20.03
CA ASP A 326 -7.77 -49.97 -20.35
C ASP A 326 -6.45 -49.21 -20.29
N GLY A 327 -6.50 -47.88 -20.28
CA GLY A 327 -5.31 -47.07 -20.25
C GLY A 327 -4.92 -46.44 -21.58
N SER A 328 -5.71 -46.64 -22.64
CA SER A 328 -5.39 -46.10 -23.95
C SER A 328 -6.28 -44.93 -24.36
N ASP A 329 -7.49 -44.84 -23.81
CA ASP A 329 -8.41 -43.76 -24.21
C ASP A 329 -7.99 -42.42 -23.61
N LEU A 330 -7.26 -42.43 -22.50
CA LEU A 330 -6.92 -41.18 -21.81
C LEU A 330 -5.83 -40.43 -22.57
N GLU A 331 -6.06 -39.14 -22.79
CA GLU A 331 -5.10 -38.27 -23.46
C GLU A 331 -5.03 -36.94 -22.73
N LEU A 332 -3.85 -36.33 -22.75
CA LEU A 332 -3.60 -35.05 -22.12
C LEU A 332 -2.86 -34.14 -23.08
N ARG A 333 -3.29 -32.89 -23.17
CA ARG A 333 -2.64 -31.94 -24.06
C ARG A 333 -2.87 -30.53 -23.56
N LEU A 334 -2.04 -29.60 -24.03
CA LEU A 334 -2.08 -28.20 -23.64
C LEU A 334 -2.51 -27.37 -24.84
N ARG A 335 -3.43 -26.43 -24.63
CA ARG A 335 -4.02 -25.68 -25.72
C ARG A 335 -4.00 -24.18 -25.42
N GLY A 336 -3.85 -23.38 -26.48
CA GLY A 336 -3.93 -21.94 -26.38
C GLY A 336 -2.65 -21.22 -26.01
N GLY A 337 -1.53 -21.92 -25.91
CA GLY A 337 -0.33 -21.34 -25.34
C GLY A 337 0.77 -20.92 -26.30
N GLY A 338 0.64 -21.18 -27.59
CA GLY A 338 1.68 -20.85 -28.54
C GLY A 338 2.67 -21.98 -28.80
N SER A 339 2.59 -23.07 -28.05
CA SER A 339 3.36 -24.28 -28.31
C SER A 339 2.73 -25.40 -27.52
N ARG A 340 3.16 -26.64 -27.81
CA ARG A 340 2.62 -27.80 -27.11
C ARG A 340 3.02 -27.83 -25.64
N CYS A 341 4.01 -27.04 -25.24
CA CYS A 341 4.53 -27.05 -23.88
C CYS A 341 4.00 -25.91 -23.04
N ALA A 342 2.99 -25.18 -23.52
CA ALA A 342 2.37 -24.11 -22.74
C ALA A 342 0.90 -24.01 -23.12
N GLY A 343 0.07 -23.68 -22.14
CA GLY A 343 -1.35 -23.48 -22.38
C GLY A 343 -2.17 -23.97 -21.23
N THR A 344 -3.45 -24.25 -21.51
CA THR A 344 -4.38 -24.75 -20.52
C THR A 344 -4.48 -26.27 -20.63
N VAL A 345 -4.34 -26.96 -19.51
CA VAL A 345 -4.38 -28.42 -19.52
C VAL A 345 -5.77 -28.88 -19.94
N GLU A 346 -5.85 -29.58 -21.07
CA GLU A 346 -7.08 -30.15 -21.56
C GLU A 346 -6.97 -31.67 -21.49
N VAL A 347 -7.95 -32.29 -20.84
CA VAL A 347 -7.96 -33.74 -20.61
C VAL A 347 -9.13 -34.33 -21.38
N GLU A 348 -8.85 -35.34 -22.20
CA GLU A 348 -9.87 -36.06 -22.94
C GLU A 348 -9.81 -37.54 -22.55
N ILE A 349 -10.87 -38.02 -21.91
CA ILE A 349 -10.97 -39.40 -21.47
C ILE A 349 -12.22 -40.02 -22.10
N GLN A 350 -12.03 -41.12 -22.81
CA GLN A 350 -13.11 -41.81 -23.52
C GLN A 350 -13.87 -40.85 -24.43
N ARG A 351 -13.11 -40.04 -25.16
CA ARG A 351 -13.64 -39.09 -26.14
C ARG A 351 -14.53 -38.03 -25.50
N LEU A 352 -14.32 -37.74 -24.22
CA LEU A 352 -15.00 -36.66 -23.54
C LEU A 352 -14.00 -35.58 -23.17
N LEU A 353 -14.23 -34.36 -23.61
CA LEU A 353 -13.31 -33.26 -23.42
C LEU A 353 -13.61 -32.53 -22.13
N GLY A 354 -12.56 -32.24 -21.36
CA GLY A 354 -12.72 -31.58 -20.08
C GLY A 354 -11.46 -30.82 -19.72
N LYS A 355 -11.48 -30.24 -18.53
CA LYS A 355 -10.36 -29.48 -18.00
C LYS A 355 -10.02 -29.97 -16.60
N VAL A 356 -8.97 -29.39 -16.03
CA VAL A 356 -8.49 -29.76 -14.71
C VAL A 356 -8.67 -28.58 -13.77
N CYS A 357 -9.35 -28.82 -12.66
CA CYS A 357 -9.51 -27.79 -11.64
C CYS A 357 -8.19 -27.55 -10.91
N ASP A 358 -7.99 -26.30 -10.47
CA ASP A 358 -6.75 -25.90 -9.81
C ASP A 358 -6.88 -25.90 -8.30
N ARG A 359 -7.61 -26.87 -7.73
CA ARG A 359 -7.72 -26.96 -6.29
C ARG A 359 -6.37 -27.22 -5.65
N GLY A 360 -5.67 -28.25 -6.12
CA GLY A 360 -4.37 -28.59 -5.58
C GLY A 360 -3.25 -28.36 -6.57
N TRP A 361 -3.49 -27.54 -7.58
CA TRP A 361 -2.51 -27.31 -8.63
C TRP A 361 -1.33 -26.52 -8.09
N GLY A 362 -0.12 -27.02 -8.36
CA GLY A 362 1.11 -26.36 -7.98
C GLY A 362 2.22 -26.83 -8.88
N LEU A 363 3.42 -26.28 -8.64
CA LEU A 363 4.58 -26.69 -9.43
C LEU A 363 4.91 -28.16 -9.20
N LYS A 364 4.57 -28.70 -8.03
CA LYS A 364 4.84 -30.10 -7.77
C LYS A 364 3.90 -31.01 -8.55
N GLU A 365 2.63 -30.61 -8.70
CA GLU A 365 1.69 -31.39 -9.50
C GLU A 365 1.91 -31.16 -10.99
N ALA A 366 2.26 -29.93 -11.39
CA ALA A 366 2.48 -29.63 -12.80
C ALA A 366 3.72 -30.32 -13.34
N ASP A 367 4.67 -30.68 -12.48
CA ASP A 367 5.88 -31.35 -12.94
C ASP A 367 5.56 -32.70 -13.58
N VAL A 368 4.54 -33.38 -13.06
CA VAL A 368 4.15 -34.67 -13.63
C VAL A 368 3.65 -34.48 -15.05
N VAL A 369 2.85 -33.44 -15.28
CA VAL A 369 2.27 -33.22 -16.61
C VAL A 369 3.35 -32.88 -17.62
N CYS A 370 4.28 -31.99 -17.27
CA CYS A 370 5.34 -31.63 -18.19
C CYS A 370 6.23 -32.82 -18.52
N ARG A 371 6.58 -33.62 -17.51
CA ARG A 371 7.38 -34.81 -17.75
C ARG A 371 6.63 -35.83 -18.58
N GLN A 372 5.33 -36.01 -18.32
CA GLN A 372 4.52 -36.95 -19.09
C GLN A 372 4.48 -36.56 -20.56
N LEU A 373 4.28 -35.26 -20.84
CA LEU A 373 4.28 -34.80 -22.22
C LEU A 373 5.67 -34.82 -22.83
N GLY A 374 6.71 -34.75 -22.00
CA GLY A 374 8.07 -34.69 -22.48
C GLY A 374 8.63 -33.30 -22.66
N CYS A 375 7.99 -32.28 -22.09
CA CYS A 375 8.38 -30.89 -22.28
C CYS A 375 9.30 -30.36 -21.18
N GLY A 376 10.01 -31.22 -20.48
CA GLY A 376 10.96 -30.78 -19.48
C GLY A 376 10.32 -30.66 -18.11
N SER A 377 10.53 -29.52 -17.46
CA SER A 377 10.00 -29.27 -16.13
C SER A 377 9.12 -28.02 -16.14
N ALA A 378 8.19 -27.96 -15.20
CA ALA A 378 7.26 -26.85 -15.11
C ALA A 378 7.94 -25.65 -14.45
N LEU A 379 7.81 -24.48 -15.08
CA LEU A 379 8.40 -23.26 -14.57
C LEU A 379 7.38 -22.31 -13.98
N LYS A 380 6.28 -22.09 -14.69
CA LYS A 380 5.28 -21.10 -14.30
C LYS A 380 3.89 -21.69 -14.47
N THR A 381 3.00 -21.37 -13.54
CA THR A 381 1.61 -21.85 -13.59
C THR A 381 0.73 -20.87 -14.35
N SER A 382 1.13 -20.53 -15.57
CA SER A 382 0.42 -19.58 -16.42
C SER A 382 0.98 -19.74 -17.83
N TYR A 383 0.45 -18.94 -18.75
CA TYR A 383 0.95 -18.94 -20.11
C TYR A 383 0.56 -17.64 -20.80
N GLN A 384 1.25 -17.36 -21.90
CA GLN A 384 0.93 -16.22 -22.74
C GLN A 384 -0.12 -16.64 -23.76
N VAL A 385 -1.21 -15.88 -23.83
CA VAL A 385 -2.34 -16.26 -24.68
C VAL A 385 -2.00 -16.06 -26.15
N TYR A 386 -2.36 -17.06 -26.97
CA TYR A 386 -2.29 -16.94 -28.41
C TYR A 386 -3.61 -17.19 -29.12
N SER A 387 -4.53 -17.93 -28.51
CA SER A 387 -5.82 -18.22 -29.12
C SER A 387 -6.82 -18.54 -28.01
N LYS A 388 -8.08 -18.72 -28.41
CA LYS A 388 -9.16 -18.98 -27.48
C LYS A 388 -9.45 -20.48 -27.40
N ILE A 389 -9.98 -20.90 -26.26
CA ILE A 389 -10.21 -22.31 -25.98
C ILE A 389 -11.71 -22.56 -25.86
N GLN A 390 -12.11 -23.79 -26.16
CA GLN A 390 -13.50 -24.19 -26.05
C GLN A 390 -13.91 -24.32 -24.58
N ALA A 391 -15.21 -24.34 -24.35
CA ALA A 391 -15.77 -24.46 -23.02
C ALA A 391 -16.29 -25.88 -22.81
N THR A 392 -15.87 -26.51 -21.72
CA THR A 392 -16.25 -27.88 -21.40
C THR A 392 -16.84 -27.93 -19.99
N ASN A 393 -17.93 -28.69 -19.86
CA ASN A 393 -18.61 -28.79 -18.57
C ASN A 393 -17.88 -29.70 -17.60
N THR A 394 -17.21 -30.75 -18.08
CA THR A 394 -16.58 -31.72 -17.21
C THR A 394 -15.29 -31.16 -16.62
N TRP A 395 -14.91 -31.71 -15.47
CA TRP A 395 -13.71 -31.28 -14.76
C TRP A 395 -13.01 -32.48 -14.16
N LEU A 396 -11.72 -32.30 -13.87
CA LEU A 396 -10.91 -33.29 -13.20
C LEU A 396 -10.36 -32.71 -11.91
N PHE A 397 -10.40 -33.49 -10.84
CA PHE A 397 -9.97 -33.06 -9.52
C PHE A 397 -8.82 -33.92 -9.05
N LEU A 398 -7.81 -33.30 -8.46
CA LEU A 398 -6.60 -33.97 -8.02
C LEU A 398 -6.43 -33.79 -6.52
N SER A 399 -6.07 -34.87 -5.84
CA SER A 399 -5.79 -34.80 -4.41
C SER A 399 -4.37 -34.29 -4.17
N SER A 400 -3.37 -35.06 -4.60
CA SER A 400 -1.97 -34.67 -4.47
C SER A 400 -1.12 -35.68 -5.23
N CYS A 401 -0.01 -35.20 -5.78
CA CYS A 401 0.96 -36.02 -6.48
C CYS A 401 2.33 -35.83 -5.85
N ASN A 402 3.06 -36.94 -5.67
CA ASN A 402 4.38 -36.87 -5.05
C ASN A 402 5.38 -36.08 -5.88
N GLY A 403 5.17 -35.98 -7.18
CA GLY A 403 6.07 -35.28 -8.07
C GLY A 403 6.98 -36.17 -8.88
N ASN A 404 7.14 -37.44 -8.47
CA ASN A 404 7.97 -38.38 -9.20
C ASN A 404 7.18 -39.37 -10.04
N GLU A 405 5.85 -39.23 -10.10
CA GLU A 405 5.05 -40.14 -10.91
C GLU A 405 5.30 -39.89 -12.39
N THR A 406 5.35 -40.99 -13.15
CA THR A 406 5.62 -40.88 -14.58
C THR A 406 4.48 -40.18 -15.32
N SER A 407 3.24 -40.48 -14.96
CA SER A 407 2.09 -39.94 -15.67
C SER A 407 1.04 -39.48 -14.66
N LEU A 408 0.16 -38.59 -15.13
CA LEU A 408 -0.92 -38.08 -14.30
C LEU A 408 -1.92 -39.14 -13.92
N TRP A 409 -2.01 -40.24 -14.68
CA TRP A 409 -2.92 -41.32 -14.38
C TRP A 409 -2.39 -42.27 -13.32
N ASP A 410 -1.33 -41.90 -12.61
CA ASP A 410 -0.80 -42.69 -11.51
C ASP A 410 -0.95 -42.00 -10.17
N CYS A 411 -1.39 -40.75 -10.13
CA CYS A 411 -1.61 -40.06 -8.87
C CYS A 411 -2.77 -40.70 -8.11
N LYS A 412 -2.73 -40.59 -6.79
CA LYS A 412 -3.71 -41.25 -5.94
C LYS A 412 -5.01 -40.48 -5.91
N ASN A 413 -6.12 -41.18 -6.17
CA ASN A 413 -7.47 -40.67 -5.97
C ASN A 413 -7.72 -39.39 -6.79
N TRP A 414 -7.72 -39.55 -8.10
CA TRP A 414 -8.15 -38.48 -9.00
C TRP A 414 -9.59 -38.74 -9.43
N GLN A 415 -10.38 -37.67 -9.47
CA GLN A 415 -11.82 -37.75 -9.72
C GLN A 415 -12.14 -37.15 -11.07
N TRP A 416 -12.83 -37.92 -11.92
CA TRP A 416 -13.24 -37.47 -13.25
C TRP A 416 -14.73 -37.14 -13.19
N GLY A 417 -15.04 -35.86 -13.04
CA GLY A 417 -16.40 -35.41 -13.01
C GLY A 417 -17.09 -35.69 -11.70
N GLY A 418 -18.36 -35.29 -11.63
CA GLY A 418 -19.18 -35.49 -10.45
C GLY A 418 -19.35 -34.27 -9.58
N LEU A 419 -18.47 -33.27 -9.72
CA LEU A 419 -18.60 -32.01 -9.01
C LEU A 419 -18.41 -30.88 -10.01
N THR A 420 -18.38 -29.65 -9.51
CA THR A 420 -18.14 -28.48 -10.34
C THR A 420 -17.22 -27.51 -9.61
N CYS A 421 -16.55 -26.67 -10.39
CA CYS A 421 -15.69 -25.62 -9.86
C CYS A 421 -16.37 -24.28 -10.08
N ASP A 422 -16.63 -23.56 -8.99
CA ASP A 422 -17.24 -22.25 -9.05
C ASP A 422 -16.33 -21.15 -8.53
N HIS A 423 -15.60 -21.40 -7.45
CA HIS A 423 -14.61 -20.47 -6.94
C HIS A 423 -13.22 -20.69 -7.50
N TYR A 424 -13.06 -21.68 -8.37
CA TYR A 424 -11.77 -22.07 -8.92
C TYR A 424 -11.80 -21.99 -10.44
N GLU A 425 -10.63 -22.17 -11.05
CA GLU A 425 -10.49 -22.05 -12.50
C GLU A 425 -9.75 -23.25 -13.09
N GLU A 426 -9.45 -23.18 -14.38
CA GLU A 426 -8.73 -24.24 -15.06
C GLU A 426 -7.25 -24.20 -14.69
N ALA A 427 -6.55 -25.27 -15.04
CA ALA A 427 -5.14 -25.42 -14.72
C ALA A 427 -4.30 -25.06 -15.95
N LYS A 428 -3.38 -24.13 -15.78
CA LYS A 428 -2.52 -23.66 -16.86
C LYS A 428 -1.07 -23.77 -16.43
N ILE A 429 -0.22 -24.30 -17.31
CA ILE A 429 1.20 -24.46 -17.03
C ILE A 429 2.03 -23.99 -18.22
N THR A 430 3.30 -23.75 -17.97
CA THR A 430 4.30 -23.44 -19.00
C THR A 430 5.54 -24.26 -18.70
N CYS A 431 5.81 -25.26 -19.54
CA CYS A 431 6.94 -26.14 -19.29
C CYS A 431 8.24 -25.49 -19.78
N SER A 432 9.36 -26.14 -19.45
CA SER A 432 10.68 -25.55 -19.69
C SER A 432 11.05 -25.56 -21.17
N ALA A 433 10.69 -26.62 -21.89
CA ALA A 433 11.05 -26.77 -23.29
C ALA A 433 10.21 -25.90 -24.22
N HIS A 434 9.46 -24.94 -23.66
CA HIS A 434 8.62 -24.09 -24.50
C HIS A 434 9.47 -23.20 -25.41
N ARG A 435 10.57 -22.65 -24.89
CA ARG A 435 11.52 -21.86 -25.67
C ARG A 435 12.92 -22.25 -25.21
N GLU A 436 13.53 -23.21 -25.90
CA GLU A 436 14.80 -23.78 -25.47
C GLU A 436 15.94 -23.23 -26.31
N PRO A 437 16.96 -22.62 -25.71
CA PRO A 437 18.07 -22.06 -26.48
C PRO A 437 19.20 -23.05 -26.69
N ARG A 438 20.08 -22.70 -27.62
CA ARG A 438 21.21 -23.55 -27.99
C ARG A 438 22.24 -22.71 -28.71
N LEU A 439 23.52 -23.04 -28.50
CA LEU A 439 24.64 -22.39 -29.18
C LEU A 439 25.35 -23.43 -30.03
N VAL A 440 25.49 -23.15 -31.33
CA VAL A 440 26.05 -24.10 -32.27
C VAL A 440 27.06 -23.40 -33.17
N GLY A 441 28.16 -24.09 -33.46
CA GLY A 441 29.14 -23.62 -34.41
C GLY A 441 30.37 -22.97 -33.84
N GLY A 442 30.49 -22.88 -32.52
CA GLY A 442 31.60 -22.19 -31.90
C GLY A 442 32.75 -23.11 -31.53
N ASP A 443 33.96 -22.58 -31.62
CA ASP A 443 35.14 -23.34 -31.23
C ASP A 443 35.26 -23.44 -29.71
N ILE A 444 35.04 -22.33 -29.01
CA ILE A 444 35.18 -22.27 -27.56
C ILE A 444 33.86 -22.72 -26.92
N PRO A 445 33.87 -23.13 -25.64
CA PRO A 445 32.67 -23.75 -25.07
C PRO A 445 31.41 -22.90 -25.09
N CYS A 446 31.49 -21.59 -24.87
CA CYS A 446 30.27 -20.84 -24.63
C CYS A 446 30.01 -19.77 -25.67
N SER A 447 30.15 -20.11 -26.94
CA SER A 447 29.89 -19.17 -28.02
C SER A 447 29.40 -19.93 -29.25
N GLY A 448 28.62 -19.26 -30.08
CA GLY A 448 28.12 -19.87 -31.29
C GLY A 448 26.84 -19.21 -31.75
N ARG A 449 26.23 -19.82 -32.76
CA ARG A 449 24.97 -19.33 -33.30
C ARG A 449 23.83 -19.60 -32.35
N VAL A 450 22.88 -18.67 -32.28
CA VAL A 450 21.76 -18.77 -31.35
C VAL A 450 20.59 -19.43 -32.06
N GLU A 451 20.11 -20.53 -31.49
CA GLU A 451 18.95 -21.26 -32.01
C GLU A 451 17.98 -21.56 -30.88
N VAL A 452 16.70 -21.37 -31.15
CA VAL A 452 15.65 -21.55 -30.15
C VAL A 452 14.61 -22.53 -30.69
N LYS A 453 14.24 -23.50 -29.86
CA LYS A 453 13.29 -24.54 -30.25
C LYS A 453 11.89 -24.13 -29.81
N HIS A 454 10.97 -24.06 -30.77
CA HIS A 454 9.56 -23.76 -30.50
C HIS A 454 8.81 -25.08 -30.34
N GLY A 455 8.93 -25.67 -29.15
CA GLY A 455 8.29 -26.94 -28.89
C GLY A 455 9.07 -28.12 -29.43
N ASP A 456 9.11 -28.26 -30.76
CA ASP A 456 9.76 -29.41 -31.38
C ASP A 456 10.60 -29.05 -32.61
N THR A 457 10.80 -27.78 -32.93
CA THR A 457 11.52 -27.38 -34.13
C THR A 457 12.56 -26.34 -33.78
N TRP A 458 13.80 -26.54 -34.25
CA TRP A 458 14.89 -25.61 -34.03
C TRP A 458 14.91 -24.57 -35.14
N GLY A 459 15.24 -23.33 -34.78
CA GLY A 459 15.29 -22.26 -35.76
C GLY A 459 16.18 -21.13 -35.30
N SER A 460 16.60 -20.31 -36.27
CA SER A 460 17.51 -19.22 -36.01
C SER A 460 16.76 -17.93 -35.68
N ILE A 461 17.52 -16.91 -35.28
CA ILE A 461 16.97 -15.62 -34.89
C ILE A 461 17.71 -14.53 -35.64
N CYS A 462 17.02 -13.40 -35.85
CA CYS A 462 17.60 -12.26 -36.54
C CYS A 462 18.47 -11.43 -35.59
N ASP A 463 19.36 -10.64 -36.19
CA ASP A 463 20.11 -9.66 -35.41
C ASP A 463 19.20 -8.60 -34.82
N SER A 464 18.21 -8.16 -35.60
CA SER A 464 17.32 -7.09 -35.14
C SER A 464 16.42 -7.56 -34.01
N ASP A 465 15.93 -8.80 -34.09
CA ASP A 465 15.01 -9.29 -33.06
C ASP A 465 15.72 -9.52 -31.73
N PHE A 466 16.96 -10.02 -31.77
CA PHE A 466 17.68 -10.29 -30.55
C PHE A 466 18.27 -9.01 -29.96
N SER A 467 18.19 -8.88 -28.64
CA SER A 467 18.67 -7.70 -27.96
C SER A 467 19.66 -8.07 -26.86
N LEU A 468 20.06 -7.08 -26.05
CA LEU A 468 21.01 -7.35 -24.99
C LEU A 468 20.35 -8.04 -23.80
N GLU A 469 19.08 -7.74 -23.54
CA GLU A 469 18.37 -8.38 -22.44
C GLU A 469 18.14 -9.86 -22.71
N ALA A 470 17.79 -10.21 -23.95
CA ALA A 470 17.58 -11.61 -24.28
C ALA A 470 18.87 -12.40 -24.19
N ALA A 471 19.99 -11.82 -24.66
CA ALA A 471 21.27 -12.50 -24.56
C ALA A 471 21.70 -12.68 -23.11
N SER A 472 21.26 -11.77 -22.23
CA SER A 472 21.54 -11.93 -20.81
C SER A 472 20.84 -13.16 -20.25
N VAL A 473 19.60 -13.40 -20.67
CA VAL A 473 18.86 -14.58 -20.23
C VAL A 473 19.45 -15.85 -20.84
N LEU A 474 19.83 -15.78 -22.12
CA LEU A 474 20.32 -16.97 -22.82
C LEU A 474 21.59 -17.49 -22.18
N CYS A 475 22.55 -16.62 -21.86
CA CYS A 475 23.77 -17.07 -21.20
C CYS A 475 23.46 -17.58 -19.80
N ARG A 476 22.53 -16.93 -19.11
CA ARG A 476 22.17 -17.36 -17.76
C ARG A 476 21.45 -18.71 -17.77
N GLU A 477 20.52 -18.90 -18.71
CA GLU A 477 19.80 -20.16 -18.81
C GLU A 477 20.73 -21.31 -19.15
N LEU A 478 21.65 -21.09 -20.07
CA LEU A 478 22.61 -22.11 -20.47
C LEU A 478 23.78 -22.21 -19.51
N GLN A 479 23.82 -21.38 -18.47
CA GLN A 479 24.88 -21.39 -17.47
C GLN A 479 26.25 -21.12 -18.12
N CYS A 480 26.29 -20.12 -18.99
CA CYS A 480 27.52 -19.72 -19.66
C CYS A 480 28.05 -18.40 -19.16
N GLY A 481 27.49 -17.86 -18.07
CA GLY A 481 28.01 -16.65 -17.48
C GLY A 481 27.26 -15.41 -17.89
N THR A 482 27.99 -14.36 -18.24
CA THR A 482 27.40 -13.11 -18.71
C THR A 482 27.76 -12.89 -20.17
N VAL A 483 26.95 -12.09 -20.85
CA VAL A 483 27.13 -11.86 -22.28
C VAL A 483 28.30 -10.90 -22.49
N VAL A 484 29.22 -11.29 -23.36
CA VAL A 484 30.38 -10.46 -23.67
C VAL A 484 30.18 -9.68 -24.97
N SER A 485 29.69 -10.36 -26.01
CA SER A 485 29.48 -9.72 -27.30
C SER A 485 28.21 -10.27 -27.94
N ILE A 486 27.60 -9.46 -28.80
CA ILE A 486 26.52 -9.88 -29.68
C ILE A 486 27.00 -9.66 -31.10
N LEU A 487 27.18 -10.74 -31.85
CA LEU A 487 27.75 -10.68 -33.19
C LEU A 487 26.68 -11.06 -34.20
N GLY A 488 26.49 -10.21 -35.21
CA GLY A 488 25.54 -10.45 -36.26
C GLY A 488 26.20 -10.72 -37.60
N GLY A 489 25.37 -10.82 -38.62
CA GLY A 489 25.86 -11.09 -39.96
C GLY A 489 26.47 -12.45 -40.15
N ALA A 490 25.94 -13.47 -39.47
CA ALA A 490 26.40 -14.85 -39.62
C ALA A 490 27.90 -14.97 -39.32
N HIS A 491 28.25 -14.63 -38.07
CA HIS A 491 29.65 -14.68 -37.66
C HIS A 491 30.15 -16.11 -37.56
N PHE A 492 29.31 -17.02 -37.06
CA PHE A 492 29.69 -18.43 -36.88
C PHE A 492 29.06 -19.33 -37.94
N GLY A 493 28.72 -18.79 -39.10
CA GLY A 493 28.10 -19.54 -40.16
C GLY A 493 26.64 -19.18 -40.33
N GLU A 494 26.03 -19.79 -41.33
CA GLU A 494 24.63 -19.59 -41.66
C GLU A 494 23.84 -20.84 -41.32
N GLY A 495 22.69 -20.66 -40.69
CA GLY A 495 21.82 -21.77 -40.41
C GLY A 495 21.15 -22.30 -41.67
N ASN A 496 20.58 -23.49 -41.55
CA ASN A 496 19.86 -24.14 -42.64
C ASN A 496 18.53 -24.64 -42.09
N GLY A 497 17.52 -23.80 -42.17
CA GLY A 497 16.22 -24.15 -41.62
C GLY A 497 15.33 -22.92 -41.53
N GLN A 498 14.42 -22.97 -40.55
CA GLN A 498 13.42 -21.94 -40.38
C GLN A 498 13.92 -20.82 -39.47
N ILE A 499 13.46 -19.60 -39.76
CA ILE A 499 13.83 -18.42 -38.99
C ILE A 499 12.61 -17.95 -38.21
N TRP A 500 12.76 -17.81 -36.90
CA TRP A 500 11.67 -17.34 -36.06
C TRP A 500 11.53 -15.82 -36.20
N ALA A 501 10.29 -15.37 -36.40
CA ALA A 501 10.03 -13.95 -36.61
C ALA A 501 9.70 -13.20 -35.34
N GLU A 502 9.37 -13.90 -34.25
CA GLU A 502 8.97 -13.25 -33.02
C GLU A 502 10.13 -12.48 -32.40
N GLU A 503 9.78 -11.44 -31.64
CA GLU A 503 10.75 -10.59 -30.97
C GLU A 503 10.62 -10.77 -29.46
N PHE A 504 11.70 -11.20 -28.82
CA PHE A 504 11.71 -11.33 -27.37
C PHE A 504 11.68 -9.96 -26.72
N GLN A 505 11.01 -9.87 -25.58
CA GLN A 505 10.91 -8.62 -24.82
C GLN A 505 11.31 -8.85 -23.36
N CYS A 506 12.43 -9.53 -23.18
CA CYS A 506 12.93 -9.80 -21.82
C CYS A 506 13.30 -8.51 -21.11
N GLU A 507 13.07 -8.50 -19.80
CA GLU A 507 13.51 -7.39 -18.96
C GLU A 507 14.89 -7.59 -18.38
N GLY A 508 15.49 -8.76 -18.56
CA GLY A 508 16.85 -9.04 -18.15
C GLY A 508 16.98 -9.89 -16.90
N HIS A 509 15.93 -9.99 -16.08
CA HIS A 509 15.99 -10.71 -14.83
C HIS A 509 15.36 -12.10 -14.90
N GLU A 510 14.84 -12.50 -16.05
CA GLU A 510 14.22 -13.81 -16.18
C GLU A 510 15.26 -14.92 -16.15
N SER A 511 14.85 -16.09 -15.64
CA SER A 511 15.75 -17.22 -15.53
C SER A 511 15.78 -18.09 -16.78
N HIS A 512 14.68 -18.11 -17.54
CA HIS A 512 14.59 -18.86 -18.78
C HIS A 512 14.02 -17.98 -19.88
N LEU A 513 14.27 -18.37 -21.12
CA LEU A 513 13.66 -17.68 -22.25
C LEU A 513 12.17 -17.97 -22.35
N SER A 514 11.70 -19.06 -21.73
CA SER A 514 10.29 -19.39 -21.77
C SER A 514 9.45 -18.34 -21.04
N LEU A 515 9.97 -17.83 -19.93
CA LEU A 515 9.25 -16.85 -19.11
C LEU A 515 9.22 -15.46 -19.73
N CYS A 516 9.99 -15.24 -20.79
CA CYS A 516 10.10 -13.90 -21.36
C CYS A 516 8.85 -13.58 -22.20
N PRO A 517 8.26 -12.39 -22.03
CA PRO A 517 7.22 -11.97 -22.96
C PRO A 517 7.75 -11.86 -24.38
N VAL A 518 6.92 -12.23 -25.35
CA VAL A 518 7.31 -12.34 -26.74
C VAL A 518 6.29 -11.59 -27.60
N ALA A 519 6.79 -10.73 -28.48
CA ALA A 519 5.92 -9.99 -29.40
C ALA A 519 6.03 -10.60 -30.79
N PRO A 520 4.93 -11.05 -31.38
CA PRO A 520 5.01 -11.68 -32.71
C PRO A 520 5.13 -10.65 -33.82
N ARG A 521 5.84 -11.04 -34.86
CA ARG A 521 6.10 -10.22 -36.04
C ARG A 521 5.84 -11.03 -37.28
N PRO A 522 5.57 -10.36 -38.42
CA PRO A 522 5.37 -11.10 -39.68
C PRO A 522 6.67 -11.67 -40.23
N GLU A 523 6.57 -12.45 -41.32
CA GLU A 523 7.71 -13.12 -41.90
C GLU A 523 8.45 -12.21 -42.87
N GLY A 524 9.49 -12.75 -43.51
CA GLY A 524 10.26 -12.03 -44.51
C GLY A 524 11.20 -10.98 -43.95
N THR A 525 11.47 -11.00 -42.65
CA THR A 525 12.28 -9.94 -42.04
C THR A 525 13.75 -10.06 -42.46
N CYS A 526 14.30 -11.27 -42.47
CA CYS A 526 15.73 -11.45 -42.70
C CYS A 526 15.97 -12.59 -43.69
N SER A 527 17.24 -12.80 -43.98
CA SER A 527 17.75 -13.98 -44.66
C SER A 527 18.63 -14.76 -43.69
N HIS A 528 19.29 -15.80 -44.20
CA HIS A 528 20.17 -16.59 -43.35
C HIS A 528 21.56 -16.01 -43.22
N SER A 529 21.87 -14.95 -43.96
CA SER A 529 23.14 -14.26 -43.78
C SER A 529 23.09 -13.26 -42.63
N ARG A 530 21.94 -13.08 -42.00
CA ARG A 530 21.78 -12.18 -40.86
C ARG A 530 21.48 -12.94 -39.58
N ASP A 531 22.06 -14.12 -39.41
CA ASP A 531 21.90 -14.88 -38.18
C ASP A 531 22.71 -14.25 -37.05
N VAL A 532 22.20 -14.39 -35.83
CA VAL A 532 22.81 -13.74 -34.68
C VAL A 532 23.70 -14.76 -33.95
N GLY A 533 24.68 -14.24 -33.22
CA GLY A 533 25.57 -15.06 -32.44
C GLY A 533 25.88 -14.37 -31.14
N VAL A 534 26.31 -15.15 -30.16
CA VAL A 534 26.53 -14.65 -28.80
C VAL A 534 27.81 -15.27 -28.25
N VAL A 535 28.59 -14.45 -27.56
CA VAL A 535 29.78 -14.90 -26.83
C VAL A 535 29.55 -14.61 -25.36
N CYS A 536 29.45 -15.66 -24.54
CA CYS A 536 29.33 -15.51 -23.11
C CYS A 536 30.70 -15.70 -22.45
N SER A 537 30.76 -15.46 -21.14
CA SER A 537 32.04 -15.20 -20.48
C SER A 537 32.79 -16.48 -20.10
N ARG A 538 32.08 -17.58 -19.81
CA ARG A 538 32.73 -18.79 -19.31
C ARG A 538 33.29 -19.61 -20.47
N TYR A 539 34.44 -19.17 -20.97
CA TYR A 539 35.08 -19.81 -22.12
C TYR A 539 36.10 -20.88 -21.74
N THR A 540 36.35 -21.09 -20.46
CA THR A 540 37.43 -21.97 -20.03
C THR A 540 37.05 -23.43 -20.20
N GLU A 541 38.01 -24.25 -20.63
CA GLU A 541 37.81 -25.67 -20.87
C GLU A 541 38.79 -26.45 -20.00
N ILE A 542 38.28 -27.13 -18.98
CA ILE A 542 39.10 -27.89 -18.05
C ILE A 542 38.49 -29.27 -17.86
N ARG A 543 39.36 -30.28 -17.71
CA ARG A 543 38.93 -31.65 -17.46
C ARG A 543 39.94 -32.34 -16.58
N LEU A 544 39.56 -33.52 -16.08
CA LEU A 544 40.39 -34.33 -15.20
C LEU A 544 40.65 -35.68 -15.87
N VAL A 545 41.93 -36.03 -16.03
CA VAL A 545 42.31 -37.21 -16.78
C VAL A 545 43.20 -38.10 -15.90
N ASN A 546 43.34 -39.36 -16.34
CA ASN A 546 44.18 -40.37 -15.71
C ASN A 546 43.75 -40.69 -14.29
N GLY A 547 42.49 -40.43 -13.95
CA GLY A 547 41.94 -40.78 -12.66
C GLY A 547 40.78 -41.75 -12.83
N LYS A 548 40.85 -42.87 -12.10
CA LYS A 548 39.80 -43.88 -12.20
C LYS A 548 38.45 -43.31 -11.77
N THR A 549 38.41 -42.71 -10.58
CA THR A 549 37.21 -42.01 -10.16
C THR A 549 37.08 -40.71 -10.95
N PRO A 550 35.89 -40.40 -11.48
CA PRO A 550 35.75 -39.14 -12.22
C PRO A 550 36.02 -37.90 -11.39
N CYS A 551 35.96 -38.00 -10.06
CA CYS A 551 36.22 -36.84 -9.22
C CYS A 551 37.71 -36.53 -9.12
N GLU A 552 38.57 -37.55 -9.09
CA GLU A 552 40.00 -37.35 -8.95
C GLU A 552 40.69 -37.53 -10.29
N GLY A 553 41.81 -36.83 -10.47
CA GLY A 553 42.57 -36.94 -11.70
C GLY A 553 43.53 -35.79 -11.85
N ARG A 554 44.19 -35.77 -13.00
CA ARG A 554 45.15 -34.71 -13.32
C ARG A 554 44.44 -33.58 -14.05
N VAL A 555 44.74 -32.35 -13.67
CA VAL A 555 44.10 -31.17 -14.23
C VAL A 555 44.68 -30.88 -15.60
N GLU A 556 43.79 -30.62 -16.57
CA GLU A 556 44.19 -30.29 -17.94
C GLU A 556 43.38 -29.09 -18.42
N LEU A 557 43.98 -28.28 -19.29
CA LEU A 557 43.35 -27.07 -19.79
C LEU A 557 43.54 -26.99 -21.30
N LYS A 558 42.51 -26.53 -22.00
CA LYS A 558 42.55 -26.40 -23.45
C LYS A 558 42.59 -24.93 -23.83
N THR A 559 43.62 -24.57 -24.61
CA THR A 559 43.77 -23.21 -25.09
C THR A 559 44.48 -23.26 -26.44
N LEU A 560 44.03 -22.40 -27.36
CA LEU A 560 44.61 -22.30 -28.69
C LEU A 560 44.54 -23.63 -29.45
N GLY A 561 43.51 -24.42 -29.17
CA GLY A 561 43.23 -25.63 -29.92
C GLY A 561 43.95 -26.87 -29.46
N ALA A 562 44.63 -26.84 -28.32
CA ALA A 562 45.38 -28.00 -27.85
C ALA A 562 45.14 -28.20 -26.36
N TRP A 563 45.26 -29.45 -25.93
CA TRP A 563 45.19 -29.79 -24.51
C TRP A 563 46.58 -29.81 -23.91
N GLY A 564 46.68 -29.35 -22.66
CA GLY A 564 47.96 -29.28 -21.98
C GLY A 564 47.78 -29.42 -20.49
N SER A 565 48.91 -29.51 -19.80
CA SER A 565 48.93 -29.68 -18.35
C SER A 565 49.24 -28.36 -17.67
N LEU A 566 48.59 -28.12 -16.53
CA LEU A 566 48.81 -26.88 -15.80
C LEU A 566 50.16 -26.91 -15.10
N CYS A 567 50.41 -25.87 -14.32
CA CYS A 567 51.65 -25.73 -13.56
C CYS A 567 51.35 -25.71 -12.06
N ASN A 568 52.28 -26.26 -11.28
CA ASN A 568 52.06 -26.44 -9.85
C ASN A 568 52.01 -25.10 -9.10
N SER A 569 52.75 -24.11 -9.57
CA SER A 569 52.77 -22.82 -8.89
C SER A 569 51.39 -22.19 -8.89
N HIS A 570 51.05 -21.53 -7.79
CA HIS A 570 49.78 -20.83 -7.62
C HIS A 570 48.57 -21.75 -7.73
N TRP A 571 48.77 -23.04 -7.47
CA TRP A 571 47.68 -24.01 -7.40
C TRP A 571 47.41 -24.30 -5.93
N ASP A 572 46.43 -23.61 -5.37
CA ASP A 572 46.07 -23.75 -3.97
C ASP A 572 44.79 -24.58 -3.86
N ILE A 573 44.30 -24.71 -2.63
CA ILE A 573 43.07 -25.48 -2.42
C ILE A 573 41.83 -24.67 -2.75
N GLU A 574 41.92 -23.34 -2.80
CA GLU A 574 40.77 -22.55 -3.21
C GLU A 574 40.39 -22.83 -4.65
N ASP A 575 41.39 -22.93 -5.53
CA ASP A 575 41.12 -23.28 -6.91
C ASP A 575 40.58 -24.70 -7.03
N ALA A 576 41.16 -25.63 -6.27
CA ALA A 576 40.73 -27.02 -6.33
C ALA A 576 39.31 -27.18 -5.81
N HIS A 577 38.89 -26.33 -4.87
CA HIS A 577 37.50 -26.35 -4.42
C HIS A 577 36.55 -25.96 -5.55
N VAL A 578 36.94 -24.95 -6.33
CA VAL A 578 36.07 -24.47 -7.41
C VAL A 578 36.00 -25.50 -8.55
N LEU A 579 37.14 -26.11 -8.89
CA LEU A 579 37.15 -27.09 -9.97
C LEU A 579 36.23 -28.27 -9.64
N CYS A 580 36.30 -28.77 -8.41
CA CYS A 580 35.45 -29.88 -8.01
C CYS A 580 33.98 -29.49 -8.00
N GLN A 581 33.69 -28.26 -7.57
CA GLN A 581 32.30 -27.81 -7.48
C GLN A 581 31.64 -27.75 -8.85
N GLN A 582 32.33 -27.21 -9.84
CA GLN A 582 31.77 -27.13 -11.19
C GLN A 582 31.63 -28.52 -11.82
N LEU A 583 32.39 -29.50 -11.35
CA LEU A 583 32.28 -30.87 -11.83
C LEU A 583 31.29 -31.69 -11.02
N LYS A 584 30.62 -31.09 -10.04
CA LYS A 584 29.64 -31.76 -9.20
C LYS A 584 30.26 -32.97 -8.49
N CYS A 585 31.42 -32.74 -7.85
CA CYS A 585 32.13 -33.79 -7.13
C CYS A 585 32.47 -33.37 -5.70
N GLY A 586 31.82 -32.35 -5.17
CA GLY A 586 32.04 -31.96 -3.79
C GLY A 586 33.23 -31.04 -3.61
N VAL A 587 33.86 -31.11 -2.45
CA VAL A 587 35.04 -30.30 -2.15
C VAL A 587 36.29 -31.14 -2.39
N ALA A 588 37.40 -30.44 -2.58
CA ALA A 588 38.67 -31.08 -2.90
C ALA A 588 39.41 -31.43 -1.60
N LEU A 589 39.74 -32.71 -1.44
CA LEU A 589 40.42 -33.15 -0.23
C LEU A 589 41.87 -32.66 -0.19
N SER A 590 42.58 -32.80 -1.30
CA SER A 590 43.98 -32.40 -1.34
C SER A 590 44.40 -32.18 -2.79
N THR A 591 45.54 -31.52 -2.96
CA THR A 591 46.14 -31.31 -4.28
C THR A 591 47.45 -32.08 -4.34
N PRO A 592 47.44 -33.33 -4.79
CA PRO A 592 48.66 -34.12 -4.83
C PRO A 592 49.67 -33.56 -5.81
N GLY A 593 50.96 -33.78 -5.50
CA GLY A 593 52.04 -33.39 -6.36
C GLY A 593 52.82 -34.60 -6.84
N GLY A 594 53.95 -34.31 -7.49
CA GLY A 594 54.81 -35.38 -7.96
C GLY A 594 54.31 -36.11 -9.18
N ALA A 595 53.29 -35.58 -9.85
CA ALA A 595 52.73 -36.18 -11.06
C ALA A 595 52.31 -37.63 -10.82
N ARG A 596 51.58 -37.84 -9.72
CA ARG A 596 51.15 -39.20 -9.38
C ARG A 596 50.22 -39.77 -10.43
N PHE A 597 49.29 -38.96 -10.94
CA PHE A 597 48.37 -39.45 -11.95
C PHE A 597 49.01 -39.57 -13.32
N GLY A 598 50.16 -38.95 -13.53
CA GLY A 598 50.89 -39.08 -14.78
C GLY A 598 51.54 -37.76 -15.17
N LYS A 599 52.61 -37.88 -15.96
CA LYS A 599 53.31 -36.70 -16.45
C LYS A 599 52.41 -35.88 -17.37
N GLY A 600 51.68 -36.53 -18.26
CA GLY A 600 50.77 -35.85 -19.16
C GLY A 600 51.23 -35.88 -20.61
N ASN A 601 50.66 -34.97 -21.39
CA ASN A 601 50.96 -34.91 -22.82
C ASN A 601 52.37 -34.40 -23.07
N GLY A 602 52.76 -33.31 -22.41
CA GLY A 602 54.02 -32.65 -22.68
C GLY A 602 53.90 -31.17 -22.99
N GLN A 603 52.69 -30.64 -23.20
CA GLN A 603 52.47 -29.21 -23.34
C GLN A 603 52.01 -28.65 -22.01
N ILE A 604 52.64 -27.57 -21.57
CA ILE A 604 52.37 -26.97 -20.27
C ILE A 604 51.75 -25.60 -20.47
N TRP A 605 50.61 -25.37 -19.83
CA TRP A 605 49.95 -24.07 -19.83
C TRP A 605 50.23 -23.40 -18.48
N ARG A 606 50.99 -22.30 -18.52
CA ARG A 606 51.39 -21.61 -17.29
C ARG A 606 50.34 -20.58 -16.88
N HIS A 607 49.11 -21.07 -16.69
CA HIS A 607 48.01 -20.22 -16.26
C HIS A 607 47.97 -20.15 -14.74
N MET A 608 47.73 -18.96 -14.21
CA MET A 608 47.63 -18.74 -12.78
C MET A 608 46.19 -18.37 -12.44
N PHE A 609 45.50 -19.25 -11.72
CA PHE A 609 44.14 -19.00 -11.26
C PHE A 609 44.20 -18.44 -9.85
N HIS A 610 43.51 -17.32 -9.63
CA HIS A 610 43.44 -16.70 -8.31
C HIS A 610 41.97 -16.73 -7.88
N CYS A 611 41.56 -17.85 -7.33
CA CYS A 611 40.17 -18.08 -6.93
C CYS A 611 39.99 -17.81 -5.45
N THR A 612 38.93 -17.10 -5.11
CA THR A 612 38.55 -16.95 -3.71
C THR A 612 38.12 -18.29 -3.13
N GLY A 613 37.36 -19.07 -3.88
CA GLY A 613 36.87 -20.36 -3.44
C GLY A 613 35.36 -20.47 -3.36
N THR A 614 34.63 -19.38 -3.60
CA THR A 614 33.18 -19.38 -3.53
C THR A 614 32.49 -19.37 -4.89
N GLU A 615 33.25 -19.24 -5.98
CA GLU A 615 32.66 -19.19 -7.31
C GLU A 615 32.21 -20.58 -7.75
N GLN A 616 31.28 -20.59 -8.71
CA GLN A 616 30.67 -21.84 -9.16
C GLN A 616 31.40 -22.45 -10.34
N HIS A 617 32.03 -21.64 -11.19
CA HIS A 617 32.71 -22.11 -12.38
C HIS A 617 34.14 -21.59 -12.39
N MET A 618 35.03 -22.34 -13.03
CA MET A 618 36.41 -21.87 -13.19
C MET A 618 36.51 -20.67 -14.11
N GLY A 619 35.45 -20.39 -14.88
CA GLY A 619 35.44 -19.20 -15.72
C GLY A 619 35.12 -17.92 -14.99
N ASP A 620 34.71 -18.01 -13.73
CA ASP A 620 34.49 -16.83 -12.90
C ASP A 620 35.72 -16.41 -12.12
N CYS A 621 36.74 -17.24 -12.06
CA CYS A 621 37.95 -16.91 -11.32
C CYS A 621 38.79 -15.90 -12.10
N PRO A 622 39.44 -14.96 -11.42
CA PRO A 622 40.51 -14.20 -12.07
C PRO A 622 41.64 -15.13 -12.51
N VAL A 623 42.22 -14.84 -13.66
CA VAL A 623 43.27 -15.67 -14.24
C VAL A 623 44.25 -14.76 -14.97
N THR A 624 45.53 -15.10 -14.89
CA THR A 624 46.59 -14.35 -15.55
C THR A 624 47.48 -15.33 -16.30
N ALA A 625 47.79 -15.02 -17.56
CA ALA A 625 48.62 -15.87 -18.39
C ALA A 625 49.72 -15.14 -19.15
N LEU A 626 49.73 -13.81 -19.13
CA LEU A 626 50.74 -13.05 -19.87
C LEU A 626 52.07 -13.05 -19.14
N GLY A 627 53.14 -13.32 -19.87
CA GLY A 627 54.48 -13.25 -19.31
C GLY A 627 54.80 -14.28 -18.26
N ALA A 628 53.94 -15.27 -18.05
CA ALA A 628 54.17 -16.25 -17.01
C ALA A 628 55.44 -17.04 -17.26
N SER A 629 56.17 -17.33 -16.20
CA SER A 629 57.45 -18.02 -16.31
C SER A 629 57.26 -19.49 -16.66
N LEU A 630 58.33 -20.12 -17.12
CA LEU A 630 58.29 -21.51 -17.53
C LEU A 630 58.08 -22.42 -16.33
N CYS A 631 57.67 -23.65 -16.61
CA CYS A 631 57.30 -24.60 -15.58
C CYS A 631 58.14 -25.86 -15.70
N PRO A 632 58.68 -26.40 -14.60
CA PRO A 632 59.39 -27.69 -14.67
C PRO A 632 58.45 -28.80 -15.10
N SER A 633 59.02 -29.83 -15.73
CA SER A 633 58.23 -30.90 -16.31
C SER A 633 57.41 -31.64 -15.25
N GLU A 634 58.03 -31.95 -14.11
CA GLU A 634 57.35 -32.73 -13.08
C GLU A 634 56.28 -31.92 -12.37
N GLN A 635 56.30 -30.60 -12.47
CA GLN A 635 55.33 -29.74 -11.77
C GLN A 635 54.02 -29.76 -12.52
N VAL A 636 53.08 -30.59 -12.07
CA VAL A 636 51.76 -30.72 -12.67
C VAL A 636 50.72 -30.61 -11.57
N ALA A 637 49.59 -29.99 -11.90
CA ALA A 637 48.50 -29.81 -10.95
C ALA A 637 47.56 -31.01 -10.97
N SER A 638 47.16 -31.45 -9.78
CA SER A 638 46.24 -32.56 -9.62
C SER A 638 45.22 -32.19 -8.54
N VAL A 639 44.13 -32.95 -8.48
CA VAL A 639 43.08 -32.69 -7.49
C VAL A 639 42.34 -33.99 -7.23
N ILE A 640 41.90 -34.18 -5.99
CA ILE A 640 41.03 -35.28 -5.60
C ILE A 640 39.84 -34.67 -4.86
N CYS A 641 38.63 -34.95 -5.36
CA CYS A 641 37.42 -34.42 -4.76
C CYS A 641 36.74 -35.50 -3.91
N SER A 642 35.90 -35.06 -2.98
CA SER A 642 35.26 -35.98 -2.05
C SER A 642 34.32 -36.93 -2.79
N GLY A 643 33.52 -36.41 -3.71
CA GLY A 643 32.59 -37.22 -4.47
C GLY A 643 31.13 -37.07 -4.07
N ASN A 644 30.84 -36.35 -2.98
CA ASN A 644 29.46 -36.14 -2.55
C ASN A 644 28.92 -34.87 -3.18
N GLN A 645 27.74 -34.98 -3.80
CA GLN A 645 27.24 -33.90 -4.65
C GLN A 645 26.73 -32.70 -3.86
N SER A 646 26.07 -32.92 -2.71
CA SER A 646 25.49 -31.81 -1.97
C SER A 646 26.56 -30.84 -1.49
N GLN A 647 27.41 -31.29 -0.56
CA GLN A 647 28.62 -30.59 -0.13
C GLN A 647 28.43 -29.11 0.16
N THR A 648 27.66 -28.78 1.19
CA THR A 648 27.50 -27.40 1.64
C THR A 648 28.83 -26.90 2.18
N LEU A 649 29.23 -25.70 1.78
CA LEU A 649 30.46 -25.07 2.23
C LEU A 649 30.13 -23.73 2.88
N SER A 650 30.86 -23.40 3.94
CA SER A 650 30.64 -22.17 4.69
C SER A 650 31.96 -21.58 5.12
N SER A 651 31.94 -20.28 5.42
CA SER A 651 33.13 -19.59 5.89
C SER A 651 33.50 -20.07 7.29
N CYS A 652 34.79 -20.19 7.54
CA CYS A 652 35.28 -20.60 8.86
C CYS A 652 36.67 -20.04 9.14
N CYS A 672 36.59 -26.38 5.25
CA CYS A 672 35.80 -25.23 4.84
C CYS A 672 36.66 -24.11 4.27
N ILE A 673 36.05 -22.98 3.97
CA ILE A 673 36.74 -21.86 3.34
C ILE A 673 37.10 -20.84 4.39
N GLU A 674 38.01 -19.94 4.03
CA GLU A 674 38.56 -18.97 4.97
C GLU A 674 37.52 -17.93 5.37
N SER A 675 37.76 -17.29 6.51
CA SER A 675 36.94 -16.20 7.02
C SER A 675 37.80 -14.94 7.14
N GLY A 676 37.28 -13.82 6.66
CA GLY A 676 38.03 -12.59 6.63
C GLY A 676 38.96 -12.54 5.44
N GLN A 677 38.99 -11.43 4.72
CA GLN A 677 39.77 -11.34 3.50
C GLN A 677 40.29 -9.92 3.32
N LEU A 678 41.34 -9.80 2.52
CA LEU A 678 41.94 -8.52 2.18
C LEU A 678 41.51 -8.12 0.77
N ARG A 679 41.05 -6.88 0.64
CA ARG A 679 40.54 -6.37 -0.61
C ARG A 679 41.18 -5.03 -0.92
N LEU A 680 41.72 -4.90 -2.12
CA LEU A 680 42.33 -3.66 -2.59
C LEU A 680 41.39 -3.00 -3.59
N VAL A 681 40.96 -1.78 -3.29
CA VAL A 681 39.92 -1.12 -4.07
C VAL A 681 40.45 0.19 -4.64
N ASN A 682 39.79 0.63 -5.71
CA ASN A 682 40.05 1.93 -6.34
C ASN A 682 41.51 2.07 -6.78
N GLY A 683 42.09 0.97 -7.28
CA GLY A 683 43.47 1.01 -7.69
C GLY A 683 43.66 0.89 -9.19
N GLY A 684 42.57 0.61 -9.91
CA GLY A 684 42.65 0.38 -11.33
C GLY A 684 43.01 -1.03 -11.73
N GLY A 685 43.25 -1.91 -10.76
CA GLY A 685 43.62 -3.28 -11.04
C GLY A 685 43.42 -4.13 -9.80
N ARG A 686 43.74 -5.41 -9.94
CA ARG A 686 43.59 -6.33 -8.82
C ARG A 686 44.70 -6.18 -7.79
N CYS A 687 45.90 -5.82 -8.22
CA CYS A 687 47.08 -5.81 -7.36
C CYS A 687 47.47 -4.40 -6.91
N ALA A 688 46.51 -3.48 -6.85
CA ALA A 688 46.79 -2.14 -6.36
C ALA A 688 45.51 -1.52 -5.86
N GLY A 689 45.62 -0.70 -4.84
CA GLY A 689 44.49 0.03 -4.33
C GLY A 689 44.57 0.20 -2.83
N ARG A 690 43.48 0.73 -2.27
CA ARG A 690 43.40 0.98 -0.84
C ARG A 690 43.21 -0.32 -0.08
N VAL A 691 44.01 -0.52 0.96
CA VAL A 691 43.94 -1.76 1.73
C VAL A 691 42.70 -1.72 2.62
N GLU A 692 41.76 -2.63 2.37
CA GLU A 692 40.58 -2.80 3.18
C GLU A 692 40.57 -4.21 3.74
N ILE A 693 40.19 -4.33 5.02
CA ILE A 693 40.21 -5.60 5.73
C ILE A 693 38.82 -5.90 6.25
N TYR A 694 38.47 -7.18 6.30
CA TYR A 694 37.16 -7.63 6.76
C TYR A 694 37.27 -8.11 8.20
N HIS A 695 36.52 -7.46 9.09
CA HIS A 695 36.44 -7.87 10.48
C HIS A 695 34.99 -7.77 10.93
N GLU A 696 34.56 -8.74 11.73
CA GLU A 696 33.17 -8.84 12.17
C GLU A 696 32.23 -8.86 10.98
N GLY A 697 31.43 -7.81 10.81
CA GLY A 697 30.47 -7.77 9.73
C GLY A 697 30.60 -6.59 8.80
N SER A 698 31.78 -5.97 8.76
CA SER A 698 31.98 -4.79 7.93
C SER A 698 33.44 -4.72 7.50
N TRP A 699 33.69 -4.00 6.42
CA TRP A 699 35.03 -3.75 5.92
C TRP A 699 35.56 -2.43 6.47
N GLY A 700 36.88 -2.37 6.66
CA GLY A 700 37.50 -1.20 7.22
C GLY A 700 38.90 -0.99 6.66
N THR A 701 39.47 0.17 6.96
CA THR A 701 40.76 0.58 6.44
C THR A 701 41.81 0.55 7.54
N ILE A 702 43.04 0.91 7.17
CA ILE A 702 44.18 0.91 8.07
C ILE A 702 44.87 2.27 8.02
N CYS A 703 45.33 2.74 9.17
CA CYS A 703 46.07 3.99 9.24
C CYS A 703 47.41 3.87 8.54
N ASP A 704 47.90 5.00 8.04
CA ASP A 704 49.18 5.04 7.34
C ASP A 704 50.34 5.40 8.25
N ASP A 705 50.09 5.55 9.55
CA ASP A 705 51.17 5.79 10.50
C ASP A 705 52.00 4.52 10.66
N SER A 706 53.31 4.64 10.51
CA SER A 706 54.25 3.52 10.53
C SER A 706 53.98 2.50 9.43
N TRP A 707 53.26 2.90 8.39
CA TRP A 707 53.03 2.03 7.24
C TRP A 707 54.24 2.12 6.32
N ASP A 708 54.86 0.98 6.05
CA ASP A 708 56.13 0.93 5.32
C ASP A 708 56.03 -0.20 4.29
N LEU A 709 57.11 -0.43 3.54
CA LEU A 709 57.16 -1.55 2.63
C LEU A 709 57.09 -2.89 3.32
N SER A 710 57.46 -2.96 4.60
CA SER A 710 57.35 -4.21 5.34
C SER A 710 55.89 -4.65 5.45
N ASP A 711 54.99 -3.70 5.74
CA ASP A 711 53.58 -4.02 5.84
C ASP A 711 52.99 -4.29 4.46
N ALA A 712 53.49 -3.60 3.43
CA ALA A 712 52.98 -3.81 2.08
C ALA A 712 53.42 -5.16 1.52
N HIS A 713 54.59 -5.63 1.94
CA HIS A 713 55.08 -6.93 1.45
C HIS A 713 54.16 -8.06 1.88
N VAL A 714 53.61 -7.96 3.09
CA VAL A 714 52.71 -9.00 3.58
C VAL A 714 51.38 -8.97 2.83
N VAL A 715 50.86 -7.77 2.60
CA VAL A 715 49.57 -7.64 1.94
C VAL A 715 49.66 -8.13 0.50
N CYS A 716 50.73 -7.75 -0.21
CA CYS A 716 50.87 -8.15 -1.60
C CYS A 716 51.03 -9.66 -1.74
N ARG A 717 51.85 -10.27 -0.87
CA ARG A 717 52.06 -11.71 -0.95
C ARG A 717 50.80 -12.47 -0.55
N GLN A 718 50.06 -11.96 0.43
CA GLN A 718 48.86 -12.66 0.90
C GLN A 718 47.83 -12.80 -0.21
N LEU A 719 47.78 -11.85 -1.13
CA LEU A 719 46.84 -11.88 -2.23
C LEU A 719 47.38 -12.64 -3.45
N GLY A 720 48.59 -13.17 -3.39
CA GLY A 720 49.22 -13.71 -4.57
C GLY A 720 49.63 -12.66 -5.57
N CYS A 721 49.96 -11.45 -5.11
CA CYS A 721 50.34 -10.34 -5.96
C CYS A 721 51.84 -10.12 -6.00
N GLY A 722 52.63 -11.06 -5.50
CA GLY A 722 54.07 -10.90 -5.48
C GLY A 722 54.52 -9.95 -4.38
N GLU A 723 55.66 -9.30 -4.63
CA GLU A 723 56.22 -8.35 -3.68
C GLU A 723 55.54 -6.99 -3.85
N ALA A 724 55.98 -6.04 -3.04
CA ALA A 724 55.43 -4.70 -3.04
C ALA A 724 56.42 -3.70 -3.61
N ILE A 725 55.92 -2.79 -4.44
CA ILE A 725 56.74 -1.74 -5.03
C ILE A 725 56.57 -0.42 -4.28
N ASN A 726 55.35 -0.13 -3.82
CA ASN A 726 55.06 1.09 -3.08
C ASN A 726 54.17 0.76 -1.89
N ALA A 727 54.36 1.49 -0.80
CA ALA A 727 53.51 1.43 0.38
C ALA A 727 52.95 2.83 0.58
N THR A 728 51.84 3.13 -0.10
CA THR A 728 51.32 4.47 -0.15
C THR A 728 50.48 4.78 1.08
N GLY A 729 50.29 6.08 1.33
CA GLY A 729 49.49 6.54 2.45
C GLY A 729 48.83 7.87 2.18
N SER A 730 48.21 8.45 3.21
CA SER A 730 47.50 9.73 3.08
C SER A 730 46.42 9.69 2.01
N ALA A 731 45.71 8.56 1.94
CA ALA A 731 44.58 8.38 1.03
C ALA A 731 44.97 8.65 -0.41
N HIS A 732 45.98 7.92 -0.87
CA HIS A 732 46.42 8.04 -2.26
C HIS A 732 45.33 7.56 -3.22
N PHE A 733 44.66 6.46 -2.90
CA PHE A 733 43.62 5.89 -3.74
C PHE A 733 42.22 6.32 -3.32
N GLY A 734 42.10 7.21 -2.35
CA GLY A 734 40.82 7.67 -1.88
C GLY A 734 40.62 7.39 -0.40
N GLU A 735 39.54 7.97 0.12
CA GLU A 735 39.19 7.86 1.53
C GLU A 735 38.03 6.90 1.69
N GLY A 736 38.16 5.96 2.61
CA GLY A 736 37.09 5.02 2.90
C GLY A 736 35.99 5.66 3.72
N THR A 737 34.95 4.87 3.97
CA THR A 737 33.79 5.34 4.72
C THR A 737 33.47 4.51 5.95
N GLY A 738 34.05 3.32 6.09
CA GLY A 738 33.78 2.47 7.22
C GLY A 738 34.68 2.80 8.40
N PRO A 739 34.81 1.86 9.33
CA PRO A 739 35.69 2.06 10.48
C PRO A 739 37.15 1.82 10.10
N ILE A 740 38.03 2.16 11.04
CA ILE A 740 39.46 1.91 10.90
C ILE A 740 39.82 0.80 11.89
N TRP A 741 40.04 -0.40 11.38
CA TRP A 741 40.22 -1.55 12.27
C TRP A 741 41.59 -1.55 12.92
N LEU A 742 42.65 -1.24 12.17
CA LEU A 742 44.01 -1.37 12.67
C LEU A 742 44.74 -0.04 12.56
N ASP A 743 45.81 0.08 13.35
CA ASP A 743 46.65 1.27 13.38
C ASP A 743 48.01 0.89 13.95
N GLU A 744 49.01 1.69 13.60
CA GLU A 744 50.38 1.53 14.09
C GLU A 744 50.91 0.13 13.81
N MET A 745 50.70 -0.34 12.59
CA MET A 745 51.08 -1.70 12.22
C MET A 745 52.59 -1.84 12.16
N LYS A 746 53.11 -2.81 12.89
CA LYS A 746 54.52 -3.16 12.85
C LYS A 746 54.63 -4.62 12.44
N CYS A 747 55.10 -4.87 11.23
CA CYS A 747 55.18 -6.22 10.68
C CYS A 747 56.62 -6.54 10.34
N ASN A 748 57.00 -7.79 10.60
CA ASN A 748 58.38 -8.23 10.41
C ASN A 748 58.76 -8.34 8.94
N GLY A 749 57.82 -8.70 8.07
CA GLY A 749 58.09 -8.83 6.66
C GLY A 749 57.92 -10.23 6.10
N LYS A 750 57.62 -11.22 6.94
CA LYS A 750 57.37 -12.57 6.45
C LYS A 750 56.15 -13.22 7.11
N GLU A 751 55.27 -12.44 7.72
CA GLU A 751 54.05 -13.01 8.30
C GLU A 751 53.13 -13.51 7.19
N SER A 752 52.44 -14.62 7.47
CA SER A 752 51.55 -15.20 6.48
C SER A 752 50.37 -14.27 6.19
N ARG A 753 49.80 -13.65 7.22
CA ARG A 753 48.63 -12.80 7.08
C ARG A 753 48.89 -11.45 7.73
N ILE A 754 48.00 -10.50 7.46
CA ILE A 754 48.21 -9.14 7.94
C ILE A 754 47.81 -9.00 9.40
N TRP A 755 46.90 -9.85 9.90
CA TRP A 755 46.51 -9.74 11.31
C TRP A 755 47.60 -10.25 12.24
N GLN A 756 48.45 -11.18 11.77
CA GLN A 756 49.55 -11.67 12.59
C GLN A 756 50.60 -10.60 12.85
N CYS A 757 50.64 -9.55 12.04
CA CYS A 757 51.56 -8.45 12.30
C CYS A 757 51.19 -7.77 13.61
N HIS A 758 52.22 -7.25 14.30
CA HIS A 758 51.96 -6.56 15.56
C HIS A 758 51.11 -5.32 15.31
N SER A 759 50.09 -5.14 16.13
CA SER A 759 49.21 -3.98 16.03
C SER A 759 48.68 -3.64 17.41
N HIS A 760 48.22 -2.40 17.55
CA HIS A 760 47.74 -1.94 18.86
C HIS A 760 46.45 -2.65 19.26
N GLY A 761 45.71 -3.18 18.30
CA GLY A 761 44.49 -3.91 18.57
C GLY A 761 43.37 -3.50 17.63
N TRP A 762 42.35 -4.35 17.55
CA TRP A 762 41.23 -4.09 16.68
C TRP A 762 40.45 -2.87 17.15
N GLY A 763 40.40 -1.84 16.30
CA GLY A 763 39.74 -0.60 16.63
C GLY A 763 40.59 0.38 17.42
N GLN A 764 41.83 0.03 17.74
CA GLN A 764 42.73 0.89 18.51
C GLN A 764 43.43 1.85 17.54
N GLN A 765 42.74 2.94 17.21
CA GLN A 765 43.24 3.89 16.23
C GLN A 765 43.02 5.31 16.73
N ASN A 766 43.87 6.22 16.24
CA ASN A 766 43.74 7.65 16.54
C ASN A 766 43.86 8.49 15.27
N CYS A 767 43.33 7.99 14.16
CA CYS A 767 43.51 8.61 12.86
C CYS A 767 42.18 9.10 12.31
N ARG A 768 42.21 9.55 11.06
CA ARG A 768 41.03 9.97 10.33
C ARG A 768 41.03 9.30 8.97
N HIS A 769 39.94 9.48 8.23
CA HIS A 769 39.83 8.84 6.92
C HIS A 769 40.69 9.50 5.86
N LYS A 770 41.29 10.66 6.16
CA LYS A 770 42.23 11.28 5.24
C LYS A 770 43.58 10.58 5.22
N GLU A 771 43.81 9.63 6.12
CA GLU A 771 45.06 8.88 6.19
C GLU A 771 44.72 7.40 6.07
N ASP A 772 44.64 6.90 4.84
CA ASP A 772 44.30 5.51 4.58
C ASP A 772 45.44 4.85 3.82
N ALA A 773 45.79 3.63 4.25
CA ALA A 773 46.93 2.93 3.70
C ALA A 773 46.56 2.18 2.42
N GLY A 774 47.46 2.25 1.44
CA GLY A 774 47.29 1.51 0.20
C GLY A 774 48.64 0.99 -0.26
N VAL A 775 48.59 0.04 -1.21
CA VAL A 775 49.79 -0.62 -1.69
C VAL A 775 49.78 -0.68 -3.21
N ILE A 776 50.97 -0.83 -3.79
CA ILE A 776 51.16 -1.16 -5.19
C ILE A 776 52.08 -2.37 -5.24
N CYS A 777 51.59 -3.47 -5.80
CA CYS A 777 52.34 -4.71 -5.86
C CYS A 777 53.07 -4.84 -7.19
N SER A 778 53.99 -5.79 -7.24
CA SER A 778 54.84 -5.93 -8.42
C SER A 778 54.12 -6.58 -9.59
N GLU A 779 52.97 -7.21 -9.35
CA GLU A 779 52.18 -7.86 -10.38
C GLU A 779 51.14 -6.93 -10.99
N PHE A 780 51.10 -5.66 -10.59
CA PHE A 780 50.16 -4.71 -11.18
C PHE A 780 50.57 -4.42 -12.62
N MET A 781 49.60 -4.52 -13.53
CA MET A 781 49.84 -4.30 -14.95
C MET A 781 48.84 -3.28 -15.48
N SER A 782 49.32 -2.42 -16.37
CA SER A 782 48.48 -1.45 -17.04
C SER A 782 48.89 -1.38 -18.50
N LEU A 783 47.93 -1.02 -19.35
CA LEU A 783 48.13 -0.93 -20.80
C LEU A 783 47.86 0.49 -21.26
N ARG A 784 48.62 0.94 -22.24
CA ARG A 784 48.39 2.26 -22.84
C ARG A 784 49.02 2.28 -24.22
N LEU A 785 48.58 3.25 -25.03
CA LEU A 785 49.07 3.43 -26.39
C LEU A 785 49.72 4.81 -26.47
N THR A 786 51.03 4.84 -26.26
CA THR A 786 51.77 6.10 -26.16
C THR A 786 51.97 6.71 -27.54
N SER A 787 51.67 7.99 -27.65
CA SER A 787 51.93 8.76 -28.86
C SER A 787 52.56 10.09 -28.47
N GLU A 788 53.15 10.77 -29.46
CA GLU A 788 53.76 12.06 -29.20
C GLU A 788 52.73 13.12 -28.85
N ALA A 789 51.52 13.02 -29.42
CA ALA A 789 50.48 13.99 -29.11
C ALA A 789 49.96 13.81 -27.68
N SER A 790 49.68 12.58 -27.30
CA SER A 790 49.13 12.30 -25.97
C SER A 790 49.58 10.93 -25.51
N ARG A 791 49.56 10.72 -24.18
CA ARG A 791 50.01 9.46 -23.62
C ARG A 791 49.00 8.35 -23.87
N GLU A 792 47.71 8.64 -23.64
CA GLU A 792 46.65 7.64 -23.81
C GLU A 792 45.75 8.07 -24.96
N ALA A 793 45.76 7.29 -26.04
CA ALA A 793 44.96 7.58 -27.22
C ALA A 793 44.58 6.25 -27.86
N CYS A 794 44.09 6.31 -29.10
CA CYS A 794 43.71 5.11 -29.83
C CYS A 794 44.73 4.74 -30.90
N ALA A 795 45.89 5.40 -30.89
CA ALA A 795 46.97 5.07 -31.82
C ALA A 795 48.30 5.45 -31.18
N GLY A 796 49.31 4.63 -31.41
CA GLY A 796 50.62 4.90 -30.86
C GLY A 796 51.39 3.61 -30.66
N ARG A 797 52.25 3.62 -29.65
CA ARG A 797 53.12 2.48 -29.35
C ARG A 797 52.56 1.71 -28.16
N LEU A 798 52.51 0.38 -28.30
CA LEU A 798 51.97 -0.45 -27.24
C LEU A 798 52.97 -0.58 -26.10
N GLU A 799 52.53 -0.26 -24.89
CA GLU A 799 53.38 -0.28 -23.70
C GLU A 799 52.66 -0.98 -22.56
N VAL A 800 53.39 -1.82 -21.83
CA VAL A 800 52.84 -2.48 -20.64
C VAL A 800 53.56 -1.95 -19.41
N PHE A 801 52.91 -2.11 -18.27
CA PHE A 801 53.43 -1.70 -16.97
C PHE A 801 53.68 -2.94 -16.14
N TYR A 802 54.89 -3.10 -15.64
CA TYR A 802 55.21 -4.27 -14.84
C TYR A 802 56.40 -3.94 -13.94
N ASN A 803 56.31 -4.36 -12.68
CA ASN A 803 57.37 -4.12 -11.69
C ASN A 803 57.69 -2.64 -11.58
N GLY A 804 56.67 -1.80 -11.63
CA GLY A 804 56.87 -0.36 -11.53
C GLY A 804 57.70 0.22 -12.66
N ALA A 805 57.54 -0.31 -13.87
CA ALA A 805 58.27 0.18 -15.02
C ALA A 805 57.40 0.05 -16.25
N TRP A 806 57.67 0.89 -17.25
CA TRP A 806 56.97 0.87 -18.52
C TRP A 806 57.89 0.28 -19.59
N GLY A 807 57.38 -0.71 -20.33
CA GLY A 807 58.14 -1.33 -21.40
C GLY A 807 57.26 -1.57 -22.60
N THR A 808 57.87 -2.09 -23.66
CA THR A 808 57.19 -2.30 -24.94
C THR A 808 56.93 -3.79 -25.17
N VAL A 809 56.08 -4.06 -26.17
CA VAL A 809 55.71 -5.41 -26.56
C VAL A 809 56.27 -5.67 -27.96
N GLY A 810 56.56 -6.93 -28.25
CA GLY A 810 57.19 -7.30 -29.50
C GLY A 810 56.22 -7.60 -30.62
N LYS A 811 56.65 -7.29 -31.85
CA LYS A 811 55.83 -7.49 -33.04
C LYS A 811 55.76 -8.94 -33.49
N SER A 812 56.69 -9.79 -33.05
CA SER A 812 56.69 -11.17 -33.47
C SER A 812 55.44 -11.88 -32.98
N SER A 813 54.81 -12.65 -33.87
CA SER A 813 53.60 -13.41 -33.57
C SER A 813 52.49 -12.47 -33.07
N MET A 814 52.05 -11.58 -33.95
CA MET A 814 50.99 -10.62 -33.64
C MET A 814 49.86 -10.82 -34.65
N SER A 815 48.87 -11.63 -34.29
CA SER A 815 47.74 -11.91 -35.15
C SER A 815 46.71 -10.79 -35.05
N GLU A 816 45.62 -10.94 -35.82
CA GLU A 816 44.55 -9.94 -35.77
C GLU A 816 43.71 -10.10 -34.50
N THR A 817 43.65 -11.31 -33.95
CA THR A 817 42.95 -11.49 -32.67
C THR A 817 43.66 -10.76 -31.55
N THR A 818 44.99 -10.80 -31.52
CA THR A 818 45.74 -10.13 -30.48
C THR A 818 45.57 -8.60 -30.56
N VAL A 819 45.59 -8.05 -31.77
CA VAL A 819 45.38 -6.61 -31.93
C VAL A 819 43.95 -6.23 -31.58
N GLY A 820 42.99 -7.12 -31.87
CA GLY A 820 41.62 -6.86 -31.49
C GLY A 820 41.44 -6.78 -29.99
N VAL A 821 42.14 -7.63 -29.25
CA VAL A 821 42.07 -7.60 -27.79
C VAL A 821 42.61 -6.29 -27.24
N VAL A 822 43.71 -5.79 -27.82
CA VAL A 822 44.28 -4.52 -27.38
C VAL A 822 43.29 -3.39 -27.62
N CYS A 823 42.63 -3.40 -28.77
CA CYS A 823 41.69 -2.33 -29.09
C CYS A 823 40.45 -2.40 -28.21
N ARG A 824 39.91 -3.59 -27.99
CA ARG A 824 38.72 -3.71 -27.15
C ARG A 824 39.03 -3.37 -25.70
N GLN A 825 40.19 -3.82 -25.20
CA GLN A 825 40.55 -3.55 -23.81
C GLN A 825 40.70 -2.07 -23.53
N LEU A 826 41.35 -1.34 -24.44
CA LEU A 826 41.49 0.10 -24.26
C LEU A 826 40.18 0.84 -24.53
N GLY A 827 39.22 0.20 -25.19
CA GLY A 827 37.93 0.80 -25.45
C GLY A 827 37.78 1.48 -26.79
N CYS A 828 38.71 1.27 -27.73
CA CYS A 828 38.66 1.99 -28.99
C CYS A 828 37.66 1.38 -29.95
N ALA A 829 37.88 0.13 -30.35
CA ALA A 829 36.99 -0.55 -31.28
C ALA A 829 37.24 -2.04 -31.18
N ASP A 830 36.59 -2.82 -32.04
CA ASP A 830 36.72 -4.27 -32.01
C ASP A 830 37.87 -4.78 -32.86
N LYS A 831 38.48 -3.93 -33.68
CA LYS A 831 39.55 -4.35 -34.58
C LYS A 831 40.59 -3.25 -34.64
N GLY A 832 41.74 -3.57 -35.20
CA GLY A 832 42.82 -2.62 -35.29
C GLY A 832 43.82 -3.06 -36.34
N LYS A 833 44.77 -2.17 -36.63
CA LYS A 833 45.79 -2.41 -37.64
C LYS A 833 47.16 -2.14 -37.05
N ILE A 834 48.08 -3.08 -37.25
CA ILE A 834 49.45 -2.93 -36.75
C ILE A 834 50.22 -2.23 -37.85
N ASN A 835 50.29 -0.91 -37.76
CA ASN A 835 50.91 -0.12 -38.81
C ASN A 835 52.42 -0.28 -38.77
N PRO A 836 53.07 -0.56 -39.91
CA PRO A 836 54.54 -0.63 -39.92
C PRO A 836 55.20 0.71 -39.76
N ALA A 837 54.46 1.81 -39.91
CA ALA A 837 55.02 3.16 -39.85
C ALA A 837 55.31 3.50 -38.39
N SER A 838 56.43 2.99 -37.90
CA SER A 838 56.91 3.36 -36.58
C SER A 838 57.52 4.76 -36.65
N LEU A 839 56.98 5.69 -35.85
CA LEU A 839 57.45 7.07 -35.92
C LEU A 839 58.91 7.21 -35.49
N ASP A 840 59.37 6.33 -34.59
CA ASP A 840 60.77 6.28 -34.16
C ASP A 840 61.21 7.60 -33.51
N LYS A 841 60.27 8.34 -32.93
CA LYS A 841 60.55 9.62 -32.30
C LYS A 841 59.95 9.67 -30.91
N ALA A 842 59.94 8.54 -30.22
CA ALA A 842 59.40 8.45 -28.87
C ALA A 842 60.50 8.04 -27.90
N MET A 843 60.26 8.31 -26.62
CA MET A 843 61.22 8.00 -25.58
C MET A 843 61.54 6.51 -25.58
N SER A 844 62.83 6.18 -25.51
CA SER A 844 63.26 4.79 -25.60
C SER A 844 63.08 4.10 -24.25
N ILE A 845 62.49 2.91 -24.28
CA ILE A 845 62.33 2.10 -23.07
C ILE A 845 62.60 0.65 -23.42
N PRO A 846 63.05 -0.14 -22.44
CA PRO A 846 63.32 -1.55 -22.69
C PRO A 846 62.06 -2.35 -22.97
N MET A 847 62.22 -3.43 -23.72
CA MET A 847 61.11 -4.32 -24.00
C MET A 847 60.82 -5.21 -22.79
N TRP A 848 59.54 -5.55 -22.63
CA TRP A 848 59.10 -6.36 -21.49
C TRP A 848 58.72 -7.78 -21.85
N VAL A 849 58.02 -7.99 -22.97
CA VAL A 849 57.44 -9.30 -23.28
C VAL A 849 57.30 -9.43 -24.78
N ASP A 850 57.21 -10.68 -25.26
CA ASP A 850 57.09 -10.96 -26.68
C ASP A 850 56.33 -12.27 -26.87
N ASN A 851 56.03 -12.57 -28.13
CA ASN A 851 55.33 -13.79 -28.53
C ASN A 851 53.97 -13.93 -27.85
N VAL A 852 53.16 -12.90 -27.94
CA VAL A 852 51.83 -12.91 -27.34
C VAL A 852 50.87 -13.60 -28.29
N GLN A 853 50.18 -14.63 -27.80
CA GLN A 853 49.22 -15.40 -28.59
C GLN A 853 47.86 -15.31 -27.92
N CYS A 854 47.00 -14.44 -28.42
CA CYS A 854 45.69 -14.25 -27.84
C CYS A 854 44.72 -15.27 -28.41
N PRO A 855 44.08 -16.10 -27.59
CA PRO A 855 43.06 -17.02 -28.11
C PRO A 855 41.72 -16.32 -28.28
N LYS A 856 40.68 -17.10 -28.63
CA LYS A 856 39.33 -16.57 -28.72
C LYS A 856 38.62 -16.73 -27.39
N GLY A 857 37.98 -15.66 -26.92
CA GLY A 857 37.23 -15.71 -25.69
C GLY A 857 37.60 -14.66 -24.67
N PRO A 858 38.89 -14.41 -24.45
CA PRO A 858 39.27 -13.31 -23.55
C PRO A 858 39.20 -11.95 -24.22
N ASP A 859 38.89 -10.95 -23.41
CA ASP A 859 38.86 -9.55 -23.85
C ASP A 859 39.94 -8.71 -23.16
N THR A 860 40.91 -9.35 -22.53
CA THR A 860 41.99 -8.66 -21.84
C THR A 860 43.32 -9.25 -22.27
N LEU A 861 44.36 -8.42 -22.23
CA LEU A 861 45.69 -8.87 -22.64
C LEU A 861 46.41 -9.62 -21.53
N TRP A 862 45.86 -9.68 -20.32
CA TRP A 862 46.53 -10.39 -19.23
C TRP A 862 46.24 -11.87 -19.24
N GLN A 863 45.23 -12.32 -19.97
CA GLN A 863 44.89 -13.74 -20.04
C GLN A 863 45.38 -14.40 -21.32
N CYS A 864 46.18 -13.69 -22.12
CA CYS A 864 46.70 -14.22 -23.36
C CYS A 864 48.08 -14.81 -23.15
N PRO A 865 48.31 -16.08 -23.48
CA PRO A 865 49.63 -16.68 -23.24
C PRO A 865 50.72 -15.96 -24.02
N SER A 866 51.92 -15.97 -23.46
CA SER A 866 53.06 -15.29 -24.07
C SER A 866 54.35 -15.85 -23.49
N SER A 867 55.47 -15.32 -23.98
CA SER A 867 56.78 -15.67 -23.45
C SER A 867 56.97 -15.02 -22.08
N PRO A 868 57.87 -15.56 -21.26
CA PRO A 868 58.10 -15.00 -19.93
C PRO A 868 58.57 -13.55 -20.01
N TRP A 869 58.24 -12.80 -18.97
CA TRP A 869 58.70 -11.43 -18.85
C TRP A 869 60.22 -11.39 -18.83
N GLU A 870 60.81 -10.52 -19.63
CA GLU A 870 62.24 -10.27 -19.55
C GLU A 870 62.53 -8.88 -20.07
N LYS A 871 63.44 -8.18 -19.41
CA LYS A 871 63.76 -6.79 -19.72
C LYS A 871 65.02 -6.76 -20.59
N ARG A 872 64.91 -6.18 -21.77
CA ARG A 872 66.01 -6.11 -22.70
C ARG A 872 65.88 -4.86 -23.56
N LEU A 873 67.03 -4.34 -23.99
CA LEU A 873 67.02 -3.30 -25.00
C LEU A 873 66.57 -3.88 -26.33
N ALA A 874 65.73 -3.14 -27.04
CA ALA A 874 65.14 -3.62 -28.29
C ALA A 874 65.29 -2.56 -29.37
N SER A 875 65.46 -3.03 -30.60
CA SER A 875 65.47 -2.14 -31.74
C SER A 875 64.06 -1.60 -31.98
N PRO A 876 63.94 -0.40 -32.54
CA PRO A 876 62.60 0.14 -32.85
C PRO A 876 61.82 -0.72 -33.84
N SER A 877 62.49 -1.60 -34.59
CA SER A 877 61.78 -2.46 -35.52
C SER A 877 60.92 -3.48 -34.79
N GLU A 878 61.38 -3.95 -33.62
CA GLU A 878 60.66 -4.99 -32.90
C GLU A 878 59.45 -4.45 -32.14
N GLU A 879 59.39 -3.14 -31.90
CA GLU A 879 58.29 -2.55 -31.13
C GLU A 879 56.99 -2.65 -31.90
N THR A 880 55.89 -2.73 -31.16
CA THR A 880 54.55 -2.85 -31.74
C THR A 880 53.87 -1.50 -31.74
N TRP A 881 53.46 -1.05 -32.93
CA TRP A 881 52.66 0.16 -33.11
C TRP A 881 51.32 -0.24 -33.69
N ILE A 882 50.24 0.23 -33.07
CA ILE A 882 48.90 -0.24 -33.38
C ILE A 882 47.98 0.96 -33.58
N THR A 883 47.18 0.91 -34.64
CA THR A 883 46.11 1.87 -34.89
C THR A 883 44.77 1.14 -34.81
N CYS A 884 43.88 1.64 -33.97
CA CYS A 884 42.58 1.00 -33.76
C CYS A 884 41.53 1.67 -34.62
N ASP A 885 40.48 0.91 -34.95
CA ASP A 885 39.41 1.44 -35.79
C ASP A 885 38.61 2.50 -35.03
N ASN A 886 37.78 3.21 -35.77
CA ASN A 886 36.98 4.28 -35.19
C ASN A 886 35.75 3.72 -34.48
N LYS A 887 35.37 4.40 -33.40
CA LYS A 887 34.21 3.97 -32.62
C LYS A 887 32.92 4.12 -33.42
N ILE A 888 32.79 5.19 -34.20
CA ILE A 888 31.55 5.53 -34.89
C ILE A 888 31.75 5.34 -36.39
N ARG A 889 30.76 4.74 -37.04
CA ARG A 889 30.81 4.48 -38.47
C ARG A 889 29.41 4.60 -39.05
N LEU A 890 29.34 4.74 -40.36
CA LEU A 890 28.08 4.76 -41.10
C LEU A 890 28.02 3.55 -42.02
N GLN A 891 26.86 2.90 -42.06
CA GLN A 891 26.71 1.65 -42.78
C GLN A 891 25.52 1.72 -43.74
N GLU A 892 25.58 0.87 -44.77
CA GLU A 892 24.50 0.69 -45.74
C GLU A 892 24.19 1.99 -46.48
N GLY A 893 25.22 2.65 -46.98
CA GLY A 893 25.05 3.86 -47.75
C GLY A 893 25.86 3.85 -49.03
N PRO A 894 25.24 4.25 -50.14
CA PRO A 894 25.99 4.35 -51.40
C PRO A 894 27.15 5.32 -51.34
N THR A 895 27.02 6.40 -50.58
CA THR A 895 28.08 7.38 -50.39
C THR A 895 28.77 7.11 -49.06
N SER A 896 30.11 7.21 -49.07
CA SER A 896 30.88 6.95 -47.86
C SER A 896 30.51 7.91 -46.72
N CYS A 897 29.89 9.04 -47.03
CA CYS A 897 29.48 10.01 -46.04
C CYS A 897 28.00 9.90 -45.70
N SER A 898 27.32 8.84 -46.15
CA SER A 898 25.91 8.65 -45.87
C SER A 898 25.67 7.20 -45.45
N GLY A 899 24.79 7.02 -44.47
CA GLY A 899 24.43 5.69 -44.02
C GLY A 899 23.90 5.72 -42.61
N ARG A 900 23.69 4.53 -42.07
CA ARG A 900 23.13 4.37 -40.74
C ARG A 900 24.19 4.59 -39.67
N VAL A 901 23.83 5.34 -38.63
CA VAL A 901 24.76 5.67 -37.55
C VAL A 901 24.87 4.47 -36.62
N GLU A 902 26.08 3.94 -36.48
CA GLU A 902 26.38 2.85 -35.57
C GLU A 902 27.55 3.24 -34.68
N ILE A 903 27.50 2.81 -33.42
CA ILE A 903 28.58 3.08 -32.46
C ILE A 903 28.97 1.78 -31.78
N TRP A 904 30.19 1.76 -31.26
CA TRP A 904 30.76 0.60 -30.58
C TRP A 904 30.94 0.93 -29.11
N HIS A 905 30.43 0.06 -28.23
CA HIS A 905 30.59 0.24 -26.81
C HIS A 905 30.33 -1.08 -26.11
N GLY A 906 31.20 -1.44 -25.18
CA GLY A 906 31.00 -2.62 -24.36
C GLY A 906 30.97 -3.93 -25.13
N GLY A 907 31.84 -4.07 -26.12
CA GLY A 907 31.98 -5.33 -26.83
C GLY A 907 30.99 -5.58 -27.95
N SER A 908 30.07 -4.64 -28.22
CA SER A 908 29.07 -4.85 -29.25
C SER A 908 28.91 -3.59 -30.09
N TRP A 909 28.52 -3.77 -31.35
CA TRP A 909 28.14 -2.68 -32.22
C TRP A 909 26.66 -2.40 -32.07
N GLY A 910 26.31 -1.13 -31.97
CA GLY A 910 24.94 -0.74 -31.71
C GLY A 910 24.53 0.45 -32.53
N THR A 911 23.26 0.82 -32.41
CA THR A 911 22.65 1.87 -33.20
C THR A 911 22.11 2.97 -32.28
N VAL A 912 21.43 3.96 -32.89
CA VAL A 912 20.86 5.10 -32.18
C VAL A 912 19.38 5.21 -32.54
N CYS A 913 18.58 5.58 -31.56
CA CYS A 913 17.14 5.74 -31.75
C CYS A 913 16.82 7.13 -32.28
N ASP A 914 15.78 7.21 -33.12
CA ASP A 914 15.46 8.43 -33.84
C ASP A 914 14.74 9.47 -32.99
N ASP A 915 14.39 9.15 -31.74
CA ASP A 915 13.76 10.14 -30.88
C ASP A 915 14.72 11.29 -30.63
N SER A 916 14.23 12.52 -30.84
CA SER A 916 15.01 13.74 -30.65
C SER A 916 16.22 13.80 -31.58
N TRP A 917 16.13 13.16 -32.74
CA TRP A 917 17.18 13.23 -33.74
C TRP A 917 16.88 14.35 -34.72
N ASP A 918 17.84 15.25 -34.91
CA ASP A 918 17.68 16.40 -35.78
C ASP A 918 19.01 16.68 -36.49
N LEU A 919 19.10 17.84 -37.13
CA LEU A 919 20.32 18.21 -37.86
C LEU A 919 21.47 18.59 -36.95
N ASP A 920 21.19 19.07 -35.73
CA ASP A 920 22.27 19.34 -34.79
C ASP A 920 23.01 18.06 -34.43
N ASP A 921 22.27 16.97 -34.23
CA ASP A 921 22.91 15.68 -33.99
C ASP A 921 23.72 15.23 -35.19
N ALA A 922 23.17 15.41 -36.40
CA ALA A 922 23.86 14.95 -37.60
C ALA A 922 25.15 15.72 -37.84
N GLN A 923 25.19 16.99 -37.42
CA GLN A 923 26.40 17.78 -37.59
C GLN A 923 27.55 17.20 -36.79
N VAL A 924 27.29 16.79 -35.54
CA VAL A 924 28.32 16.23 -34.69
C VAL A 924 28.83 14.91 -35.26
N VAL A 925 27.92 14.06 -35.75
CA VAL A 925 28.31 12.79 -36.32
C VAL A 925 29.13 12.98 -37.59
N CYS A 926 28.71 13.90 -38.46
CA CYS A 926 29.45 14.15 -39.69
C CYS A 926 30.80 14.80 -39.41
N GLN A 927 30.91 15.56 -38.31
CA GLN A 927 32.20 16.12 -37.93
C GLN A 927 33.11 15.04 -37.33
N GLN A 928 32.55 14.19 -36.46
CA GLN A 928 33.36 13.15 -35.82
C GLN A 928 33.88 12.14 -36.83
N LEU A 929 33.03 11.76 -37.79
CA LEU A 929 33.46 10.83 -38.83
C LEU A 929 34.51 11.44 -39.76
N GLY A 930 34.68 12.76 -39.73
CA GLY A 930 35.60 13.41 -40.63
C GLY A 930 35.03 13.73 -42.00
N CYS A 931 33.72 13.57 -42.18
CA CYS A 931 33.07 13.89 -43.45
C CYS A 931 32.79 15.38 -43.51
N GLY A 932 32.07 15.82 -44.52
CA GLY A 932 31.68 17.20 -44.65
C GLY A 932 30.49 17.53 -43.78
N PRO A 933 29.94 18.73 -43.93
CA PRO A 933 28.80 19.13 -43.11
C PRO A 933 27.56 18.29 -43.42
N ALA A 934 26.67 18.21 -42.43
CA ALA A 934 25.42 17.47 -42.59
C ALA A 934 24.36 18.34 -43.21
N LEU A 935 23.48 17.71 -44.00
CA LEU A 935 22.42 18.44 -44.67
C LEU A 935 21.07 17.78 -44.46
N LYS A 936 21.04 16.46 -44.30
CA LYS A 936 19.82 15.73 -43.96
C LYS A 936 20.07 14.81 -42.78
N ALA A 937 19.02 14.61 -41.99
CA ALA A 937 19.05 13.74 -40.80
C ALA A 937 17.82 12.85 -40.85
N PHE A 938 17.94 11.68 -41.47
CA PHE A 938 16.81 10.81 -41.65
C PHE A 938 16.39 10.17 -40.32
N LYS A 939 15.24 9.52 -40.35
CA LYS A 939 14.72 8.79 -39.21
C LYS A 939 13.85 7.65 -39.71
N GLU A 940 13.46 6.77 -38.79
CA GLU A 940 12.67 5.57 -39.09
C GLU A 940 13.40 4.62 -40.02
N ALA A 941 14.73 4.57 -39.92
CA ALA A 941 15.56 3.58 -40.60
C ALA A 941 15.37 3.63 -42.12
N GLU A 942 15.72 4.78 -42.69
CA GLU A 942 15.64 4.93 -44.14
C GLU A 942 16.65 4.01 -44.84
N PHE A 943 17.88 3.96 -44.33
CA PHE A 943 18.97 3.26 -45.00
C PHE A 943 19.02 1.78 -44.67
N GLY A 944 18.16 1.29 -43.80
CA GLY A 944 18.09 -0.11 -43.47
C GLY A 944 18.04 -0.32 -41.97
N GLN A 945 17.67 -1.54 -41.58
CA GLN A 945 17.62 -1.90 -40.17
C GLN A 945 19.01 -2.28 -39.67
N GLY A 946 19.24 -2.05 -38.38
CA GLY A 946 20.52 -2.30 -37.76
C GLY A 946 20.57 -3.62 -37.01
N THR A 947 21.71 -3.84 -36.37
CA THR A 947 21.95 -5.05 -35.58
C THR A 947 22.46 -4.65 -34.20
N GLY A 948 22.38 -5.60 -33.28
CA GLY A 948 22.96 -5.41 -31.96
C GLY A 948 22.10 -4.58 -31.03
N PRO A 949 22.67 -4.19 -29.90
CA PRO A 949 21.90 -3.43 -28.91
C PRO A 949 21.89 -1.94 -29.22
N ILE A 950 20.72 -1.33 -29.03
CA ILE A 950 20.61 0.12 -29.19
C ILE A 950 21.25 0.78 -27.96
N TRP A 951 22.23 1.64 -28.21
CA TRP A 951 23.03 2.21 -27.14
C TRP A 951 22.60 3.61 -26.73
N LEU A 952 22.12 4.42 -27.66
CA LEU A 952 21.75 5.79 -27.38
C LEU A 952 20.29 6.05 -27.73
N ASN A 953 19.66 6.90 -26.95
CA ASN A 953 18.29 7.33 -27.18
C ASN A 953 18.12 8.75 -26.66
N GLU A 954 17.35 9.55 -27.40
CA GLU A 954 17.10 10.95 -27.07
C GLU A 954 18.41 11.74 -26.99
N VAL A 955 19.10 11.80 -28.13
CA VAL A 955 20.35 12.53 -28.22
C VAL A 955 20.05 14.01 -28.37
N LYS A 956 20.75 14.84 -27.60
CA LYS A 956 20.49 16.27 -27.53
C LYS A 956 21.76 17.07 -27.84
N CYS A 957 22.43 16.70 -28.93
CA CYS A 957 23.65 17.39 -29.33
C CYS A 957 23.33 18.86 -29.64
N LYS A 958 24.22 19.74 -29.21
CA LYS A 958 24.06 21.17 -29.44
C LYS A 958 24.59 21.61 -30.80
N GLY A 959 25.27 20.74 -31.54
CA GLY A 959 25.76 21.04 -32.86
C GLY A 959 27.25 21.36 -32.93
N ASN A 960 27.91 21.55 -31.78
CA ASN A 960 29.32 21.91 -31.76
C ASN A 960 30.18 20.92 -30.98
N GLU A 961 29.59 19.90 -30.37
CA GLU A 961 30.37 18.94 -29.62
C GLU A 961 31.27 18.13 -30.55
N SER A 962 32.44 17.76 -30.03
CA SER A 962 33.42 17.03 -30.84
C SER A 962 33.07 15.56 -31.02
N SER A 963 32.24 14.99 -30.15
CA SER A 963 31.92 13.56 -30.22
C SER A 963 30.53 13.33 -29.68
N LEU A 964 29.91 12.22 -30.13
CA LEU A 964 28.62 11.83 -29.62
C LEU A 964 28.66 11.45 -28.15
N TRP A 965 29.86 11.18 -27.62
CA TRP A 965 30.00 10.89 -26.20
C TRP A 965 29.89 12.14 -25.34
N ASP A 966 30.14 13.33 -25.90
CA ASP A 966 30.03 14.56 -25.15
C ASP A 966 28.58 14.99 -24.94
N CYS A 967 27.74 14.76 -25.95
CA CYS A 967 26.36 15.21 -25.88
C CYS A 967 25.57 14.42 -24.85
N PRO A 968 24.65 15.06 -24.14
CA PRO A 968 23.85 14.36 -23.13
C PRO A 968 22.71 13.56 -23.76
N ALA A 969 22.52 12.35 -23.25
CA ALA A 969 21.47 11.46 -23.73
C ALA A 969 21.37 10.30 -22.75
N ARG A 970 20.48 9.35 -23.07
CA ARG A 970 20.43 8.10 -22.31
C ARG A 970 21.62 7.23 -22.71
N ARG A 971 22.49 6.96 -21.74
CA ARG A 971 23.79 6.36 -22.02
C ARG A 971 23.77 4.89 -21.65
N TRP A 972 24.02 4.04 -22.65
CA TRP A 972 24.28 2.61 -22.45
C TRP A 972 23.20 1.97 -21.59
N GLY A 973 21.96 2.35 -21.85
CA GLY A 973 20.84 1.91 -21.03
C GLY A 973 19.77 1.25 -21.88
N HIS A 974 18.76 0.74 -21.17
CA HIS A 974 17.64 0.08 -21.83
C HIS A 974 16.78 1.10 -22.54
N SER A 975 16.65 0.96 -23.85
CA SER A 975 15.85 1.86 -24.67
C SER A 975 14.61 1.11 -25.15
N GLU A 976 13.44 1.74 -25.00
CA GLU A 976 12.22 1.16 -25.53
C GLU A 976 12.17 1.15 -27.04
N CYS A 977 13.10 1.86 -27.69
CA CYS A 977 13.13 1.95 -29.14
C CYS A 977 13.31 0.57 -29.77
N GLY A 978 12.72 0.40 -30.95
CA GLY A 978 12.93 -0.80 -31.74
C GLY A 978 14.02 -0.58 -32.78
N HIS A 979 14.23 -1.61 -33.60
CA HIS A 979 15.24 -1.55 -34.64
C HIS A 979 14.72 -1.01 -35.96
N LYS A 980 13.45 -0.62 -36.03
CA LYS A 980 12.92 0.06 -37.19
C LYS A 980 13.00 1.57 -37.09
N GLU A 981 13.45 2.10 -35.95
CA GLU A 981 13.55 3.53 -35.71
C GLU A 981 15.00 4.00 -35.69
N ASP A 982 15.90 3.29 -36.35
CA ASP A 982 17.30 3.66 -36.34
C ASP A 982 17.53 4.97 -37.07
N ALA A 983 18.42 5.79 -36.52
CA ALA A 983 18.71 7.10 -37.09
C ALA A 983 19.79 7.00 -38.15
N ALA A 984 19.70 7.88 -39.15
CA ALA A 984 20.64 7.91 -40.26
C ALA A 984 20.95 9.37 -40.59
N VAL A 985 22.11 9.59 -41.22
CA VAL A 985 22.54 10.91 -41.63
C VAL A 985 23.11 10.83 -43.04
N ASN A 986 23.30 12.00 -43.65
CA ASN A 986 23.91 12.12 -44.97
C ASN A 986 24.79 13.37 -44.99
N CYS A 987 26.10 13.17 -45.12
CA CYS A 987 27.07 14.25 -45.13
C CYS A 987 27.60 14.49 -46.54
N THR A 988 28.14 15.68 -46.76
CA THR A 988 28.76 15.99 -48.04
C THR A 988 30.04 15.19 -48.21
N ASP A 989 30.26 14.69 -49.42
CA ASP A 989 31.44 13.90 -49.71
C ASP A 989 32.67 14.78 -49.86
N GLY B 113 -67.03 -74.32 -19.54
CA GLY B 113 -66.17 -74.49 -18.38
C GLY B 113 -66.91 -74.30 -17.07
N SER B 114 -67.86 -75.20 -16.80
CA SER B 114 -68.60 -75.13 -15.54
C SER B 114 -67.77 -75.53 -14.34
N ASN B 115 -66.63 -76.18 -14.55
CA ASN B 115 -65.77 -76.64 -13.47
C ASN B 115 -64.74 -75.61 -13.06
N LEU B 116 -65.00 -74.32 -13.27
CA LEU B 116 -64.06 -73.27 -12.92
C LEU B 116 -64.36 -72.70 -11.54
N GLU B 117 -64.29 -73.56 -10.54
CA GLU B 117 -64.52 -73.17 -9.15
C GLU B 117 -63.22 -72.66 -8.53
N MET B 118 -63.36 -71.77 -7.55
CA MET B 118 -62.21 -71.14 -6.90
C MET B 118 -62.52 -70.91 -5.44
N ARG B 119 -61.45 -70.71 -4.66
CA ARG B 119 -61.58 -70.44 -3.24
C ARG B 119 -60.49 -69.44 -2.85
N LEU B 120 -60.46 -69.09 -1.57
CA LEU B 120 -59.49 -68.15 -1.02
C LEU B 120 -58.60 -68.87 -0.02
N THR B 121 -57.28 -68.73 -0.19
CA THR B 121 -56.29 -69.45 0.60
C THR B 121 -55.43 -68.48 1.38
N ARG B 122 -55.09 -68.88 2.60
CA ARG B 122 -54.18 -68.15 3.47
C ARG B 122 -54.64 -66.70 3.65
N GLY B 123 -55.86 -66.56 4.17
CA GLY B 123 -56.42 -65.24 4.36
C GLY B 123 -57.19 -65.06 5.65
N GLY B 124 -56.93 -65.91 6.64
CA GLY B 124 -57.65 -65.82 7.89
C GLY B 124 -59.12 -66.17 7.72
N ASN B 125 -59.98 -65.16 7.77
CA ASN B 125 -61.41 -65.39 7.53
C ASN B 125 -61.62 -65.91 6.12
N MET B 126 -62.66 -66.73 5.95
CA MET B 126 -62.88 -67.39 4.66
C MET B 126 -63.17 -66.39 3.55
N CYS B 127 -63.94 -65.34 3.85
CA CYS B 127 -64.36 -64.41 2.82
C CYS B 127 -63.22 -63.57 2.26
N SER B 128 -62.08 -63.51 2.95
CA SER B 128 -60.94 -62.74 2.50
C SER B 128 -59.72 -63.65 2.38
N GLY B 129 -59.07 -63.63 1.23
CA GLY B 129 -57.96 -64.53 1.00
C GLY B 129 -57.40 -64.40 -0.40
N ARG B 130 -56.84 -65.51 -0.88
CA ARG B 130 -56.11 -65.53 -2.14
C ARG B 130 -56.88 -66.28 -3.22
N ILE B 131 -57.04 -65.66 -4.38
CA ILE B 131 -57.77 -66.27 -5.48
C ILE B 131 -56.95 -67.41 -6.06
N GLU B 132 -57.52 -68.61 -6.06
CA GLU B 132 -56.89 -69.77 -6.67
C GLU B 132 -57.95 -70.54 -7.45
N ILE B 133 -57.70 -70.72 -8.75
CA ILE B 133 -58.68 -71.31 -9.66
C ILE B 133 -58.21 -72.71 -10.05
N LYS B 134 -59.14 -73.66 -10.04
CA LYS B 134 -58.86 -75.05 -10.44
C LYS B 134 -59.20 -75.20 -11.91
N PHE B 135 -58.17 -75.14 -12.76
CA PHE B 135 -58.33 -75.35 -14.19
C PHE B 135 -57.29 -76.37 -14.65
N GLN B 136 -57.67 -77.18 -15.63
CA GLN B 136 -56.85 -78.30 -16.10
C GLN B 136 -56.51 -79.26 -14.96
N GLY B 137 -57.44 -79.40 -14.01
CA GLY B 137 -57.22 -80.28 -12.88
C GLY B 137 -56.07 -79.86 -11.98
N ARG B 138 -55.88 -78.56 -11.80
CA ARG B 138 -54.78 -78.05 -10.98
C ARG B 138 -55.11 -76.65 -10.49
N TRP B 139 -54.87 -76.41 -9.20
CA TRP B 139 -55.09 -75.10 -8.62
C TRP B 139 -53.96 -74.15 -9.03
N GLY B 140 -54.34 -72.93 -9.37
CA GLY B 140 -53.36 -71.94 -9.80
C GLY B 140 -53.79 -70.53 -9.43
N THR B 141 -52.83 -69.62 -9.45
CA THR B 141 -53.07 -68.24 -9.07
C THR B 141 -53.38 -67.39 -10.30
N VAL B 142 -53.61 -66.10 -10.07
CA VAL B 142 -53.91 -65.15 -11.14
C VAL B 142 -53.08 -63.89 -10.88
N CYS B 143 -52.50 -63.34 -11.95
CA CYS B 143 -51.63 -62.18 -11.83
C CYS B 143 -52.41 -60.95 -11.37
N ASP B 144 -51.66 -59.87 -11.13
CA ASP B 144 -52.21 -58.64 -10.55
C ASP B 144 -52.47 -57.58 -11.61
N ASP B 145 -51.77 -57.63 -12.74
CA ASP B 145 -51.92 -56.59 -13.75
C ASP B 145 -53.35 -56.51 -14.26
N ASN B 146 -53.77 -55.30 -14.64
CA ASN B 146 -55.09 -55.00 -15.18
C ASN B 146 -56.22 -55.46 -14.25
N PHE B 147 -55.90 -55.69 -12.97
CA PHE B 147 -56.91 -56.11 -12.00
C PHE B 147 -57.74 -54.90 -11.58
N ASN B 148 -58.73 -54.58 -12.40
CA ASN B 148 -59.64 -53.50 -12.08
C ASN B 148 -60.51 -53.88 -10.89
N ILE B 149 -61.12 -52.87 -10.26
CA ILE B 149 -61.94 -53.14 -9.08
C ILE B 149 -63.26 -53.80 -9.47
N ASP B 150 -63.76 -53.53 -10.68
CA ASP B 150 -65.09 -54.00 -11.04
C ASP B 150 -65.17 -55.52 -11.07
N HIS B 151 -64.17 -56.19 -11.65
CA HIS B 151 -64.23 -57.65 -11.69
C HIS B 151 -63.70 -58.29 -10.42
N ALA B 152 -63.13 -57.48 -9.51
CA ALA B 152 -62.85 -57.98 -8.17
C ALA B 152 -64.15 -58.14 -7.38
N SER B 153 -65.13 -57.29 -7.64
CA SER B 153 -66.44 -57.44 -7.00
C SER B 153 -67.12 -58.73 -7.44
N VAL B 154 -66.94 -59.10 -8.70
CA VAL B 154 -67.53 -60.34 -9.20
C VAL B 154 -66.92 -61.54 -8.50
N ILE B 155 -65.61 -61.49 -8.25
CA ILE B 155 -64.95 -62.58 -7.53
C ILE B 155 -65.52 -62.71 -6.13
N CYS B 156 -65.72 -61.58 -5.45
CA CYS B 156 -66.35 -61.61 -4.13
C CYS B 156 -67.79 -62.08 -4.22
N ARG B 157 -68.51 -61.68 -5.27
CA ARG B 157 -69.89 -62.11 -5.43
C ARG B 157 -69.99 -63.59 -5.80
N GLN B 158 -69.00 -64.12 -6.52
CA GLN B 158 -69.04 -65.53 -6.89
C GLN B 158 -68.97 -66.45 -5.68
N LEU B 159 -68.38 -65.97 -4.58
CA LEU B 159 -68.24 -66.77 -3.37
C LEU B 159 -69.29 -66.44 -2.31
N GLU B 160 -70.31 -65.67 -2.66
CA GLU B 160 -71.39 -65.29 -1.74
C GLU B 160 -70.85 -64.59 -0.50
N CYS B 161 -69.89 -63.68 -0.71
CA CYS B 161 -69.29 -62.92 0.37
C CYS B 161 -69.48 -61.41 0.19
N GLY B 162 -70.54 -61.00 -0.51
CA GLY B 162 -70.81 -59.59 -0.71
C GLY B 162 -69.89 -58.96 -1.75
N SER B 163 -69.78 -57.64 -1.68
CA SER B 163 -68.94 -56.90 -2.61
C SER B 163 -67.50 -56.86 -2.11
N ALA B 164 -66.59 -56.44 -2.99
CA ALA B 164 -65.17 -56.37 -2.70
C ALA B 164 -64.90 -55.02 -2.04
N VAL B 165 -64.89 -55.01 -0.70
CA VAL B 165 -64.62 -53.78 0.04
C VAL B 165 -63.20 -53.30 -0.17
N SER B 166 -62.25 -54.23 -0.29
CA SER B 166 -60.86 -53.90 -0.50
C SER B 166 -60.24 -54.87 -1.48
N PHE B 167 -59.17 -54.44 -2.12
CA PHE B 167 -58.40 -55.27 -3.06
C PHE B 167 -57.01 -55.45 -2.48
N SER B 168 -56.58 -56.69 -2.35
CA SER B 168 -55.29 -57.03 -1.76
C SER B 168 -54.16 -56.71 -2.75
N GLY B 169 -53.59 -55.52 -2.63
CA GLY B 169 -52.55 -55.09 -3.54
C GLY B 169 -51.24 -55.84 -3.41
N SER B 170 -50.64 -56.22 -4.54
CA SER B 170 -49.32 -56.84 -4.58
C SER B 170 -49.26 -58.14 -3.79
N SER B 171 -50.21 -59.04 -4.05
CA SER B 171 -50.19 -60.41 -3.52
C SER B 171 -50.14 -60.43 -2.00
N ASN B 172 -51.21 -59.91 -1.38
CA ASN B 172 -51.28 -59.88 0.07
C ASN B 172 -51.30 -61.28 0.68
N PHE B 173 -52.21 -62.13 0.23
CA PHE B 173 -52.50 -63.38 0.93
C PHE B 173 -51.69 -64.54 0.35
N GLY B 174 -50.39 -64.41 0.49
CA GLY B 174 -49.48 -65.46 0.08
C GLY B 174 -48.68 -65.09 -1.15
N GLU B 175 -47.61 -65.83 -1.37
CA GLU B 175 -46.76 -65.65 -2.55
C GLU B 175 -47.27 -66.52 -3.69
N GLY B 176 -47.01 -66.08 -4.92
CA GLY B 176 -47.57 -66.73 -6.09
C GLY B 176 -46.95 -68.05 -6.46
N SER B 177 -47.18 -69.07 -5.63
CA SER B 177 -46.75 -70.43 -5.95
C SER B 177 -47.77 -71.06 -6.88
N GLY B 178 -47.34 -71.40 -8.10
CA GLY B 178 -48.21 -72.00 -9.07
C GLY B 178 -48.35 -71.17 -10.33
N PRO B 179 -48.79 -71.81 -11.42
CA PRO B 179 -48.94 -71.10 -12.69
C PRO B 179 -50.25 -70.33 -12.79
N ILE B 180 -50.52 -69.76 -13.96
CA ILE B 180 -51.70 -68.93 -14.17
C ILE B 180 -52.54 -69.51 -15.31
N TRP B 181 -53.83 -69.25 -15.25
CA TRP B 181 -54.77 -69.66 -16.29
C TRP B 181 -55.52 -68.51 -16.92
N PHE B 182 -56.02 -67.57 -16.12
CA PHE B 182 -56.81 -66.46 -16.59
C PHE B 182 -56.05 -65.15 -16.35
N ASP B 183 -56.04 -64.28 -17.36
CA ASP B 183 -55.34 -63.02 -17.25
C ASP B 183 -55.88 -62.07 -18.31
N ASP B 184 -55.97 -60.78 -17.95
CA ASP B 184 -56.31 -59.70 -18.87
C ASP B 184 -57.70 -59.87 -19.49
N LEU B 185 -58.62 -60.53 -18.80
CA LEU B 185 -59.99 -60.60 -19.26
C LEU B 185 -60.73 -59.30 -18.94
N ILE B 186 -61.60 -58.89 -19.84
CA ILE B 186 -62.33 -57.62 -19.68
C ILE B 186 -63.73 -57.94 -19.18
N CYS B 187 -64.01 -57.55 -17.94
CA CYS B 187 -65.31 -57.75 -17.32
C CYS B 187 -65.87 -56.41 -16.87
N ASN B 188 -67.15 -56.18 -17.13
CA ASN B 188 -67.77 -54.91 -16.78
C ASN B 188 -67.98 -54.76 -15.28
N GLY B 189 -68.07 -55.88 -14.55
CA GLY B 189 -68.27 -55.85 -13.11
C GLY B 189 -69.71 -56.04 -12.68
N ASN B 190 -70.67 -55.86 -13.57
CA ASN B 190 -72.07 -56.08 -13.25
C ASN B 190 -72.49 -57.54 -13.37
N GLU B 191 -71.65 -58.38 -13.96
CA GLU B 191 -71.98 -59.78 -14.15
C GLU B 191 -72.04 -60.51 -12.82
N SER B 192 -72.84 -61.58 -12.79
CA SER B 192 -72.91 -62.42 -11.59
C SER B 192 -71.62 -63.20 -11.41
N ALA B 193 -71.05 -63.72 -12.50
CA ALA B 193 -69.83 -64.50 -12.44
C ALA B 193 -68.93 -64.11 -13.61
N LEU B 194 -67.62 -64.25 -13.39
CA LEU B 194 -66.67 -63.98 -14.47
C LEU B 194 -66.71 -65.05 -15.55
N TRP B 195 -67.31 -66.20 -15.26
CA TRP B 195 -67.43 -67.25 -16.27
C TRP B 195 -68.25 -66.79 -17.46
N ASN B 196 -69.38 -66.13 -17.19
CA ASN B 196 -70.24 -65.59 -18.25
C ASN B 196 -69.92 -64.13 -18.59
N CYS B 197 -68.64 -63.85 -18.77
CA CYS B 197 -68.16 -62.50 -19.04
C CYS B 197 -67.28 -62.51 -20.28
N LYS B 198 -67.03 -61.31 -20.81
CA LYS B 198 -66.25 -61.16 -22.03
C LYS B 198 -64.81 -61.62 -21.83
N HIS B 199 -64.44 -62.72 -22.49
CA HIS B 199 -63.07 -63.22 -22.39
C HIS B 199 -62.10 -62.37 -23.20
N GLN B 200 -62.57 -61.79 -24.30
CA GLN B 200 -61.78 -60.92 -25.18
C GLN B 200 -60.64 -61.75 -25.76
N GLY B 201 -59.37 -61.39 -25.58
CA GLY B 201 -58.29 -62.11 -26.21
C GLY B 201 -57.83 -63.31 -25.40
N TRP B 202 -56.98 -64.12 -26.03
CA TRP B 202 -56.41 -65.31 -25.42
C TRP B 202 -54.89 -65.21 -25.53
N GLY B 203 -54.22 -65.01 -24.41
CA GLY B 203 -52.77 -64.87 -24.41
C GLY B 203 -52.18 -65.10 -23.04
N LYS B 204 -50.89 -65.41 -23.02
CA LYS B 204 -50.15 -65.69 -21.79
C LYS B 204 -48.94 -64.78 -21.72
N HIS B 205 -48.69 -64.24 -20.52
CA HIS B 205 -47.54 -63.38 -20.28
C HIS B 205 -46.89 -63.81 -18.96
N ASN B 206 -45.97 -62.99 -18.46
CA ASN B 206 -45.24 -63.27 -17.24
C ASN B 206 -45.55 -62.20 -16.21
N CYS B 207 -45.72 -62.64 -14.96
CA CYS B 207 -45.99 -61.73 -13.85
C CYS B 207 -45.12 -62.13 -12.66
N ASP B 208 -44.83 -61.16 -11.82
CA ASP B 208 -43.98 -61.40 -10.66
C ASP B 208 -44.67 -62.35 -9.67
N HIS B 209 -43.88 -63.23 -9.06
CA HIS B 209 -44.42 -64.21 -8.12
C HIS B 209 -44.94 -63.57 -6.83
N ALA B 210 -44.57 -62.33 -6.55
CA ALA B 210 -45.16 -61.56 -5.46
C ALA B 210 -46.14 -60.52 -5.97
N GLU B 211 -46.55 -60.61 -7.24
CA GLU B 211 -47.45 -59.66 -7.89
C GLU B 211 -48.68 -60.37 -8.45
N ASP B 212 -49.32 -61.21 -7.66
CA ASP B 212 -50.53 -61.89 -8.08
C ASP B 212 -51.74 -61.27 -7.38
N ALA B 213 -52.92 -61.83 -7.63
CA ALA B 213 -54.18 -61.22 -7.22
C ALA B 213 -54.64 -61.72 -5.86
N GLY B 214 -55.38 -60.86 -5.16
CA GLY B 214 -55.99 -61.18 -3.90
C GLY B 214 -57.10 -60.20 -3.60
N VAL B 215 -58.16 -60.63 -2.92
CA VAL B 215 -59.34 -59.81 -2.69
C VAL B 215 -59.79 -59.95 -1.25
N ILE B 216 -60.33 -58.87 -0.70
CA ILE B 216 -60.95 -58.86 0.62
C ILE B 216 -62.43 -58.53 0.43
N CYS B 217 -63.29 -59.43 0.87
CA CYS B 217 -64.72 -59.25 0.70
C CYS B 217 -65.32 -58.44 1.85
N SER B 218 -66.55 -57.98 1.65
CA SER B 218 -67.18 -57.08 2.61
C SER B 218 -67.47 -57.79 3.93
N LYS B 219 -67.79 -59.08 3.89
CA LYS B 219 -68.08 -59.81 5.12
C LYS B 219 -66.86 -59.86 6.04
N GLY B 220 -65.68 -60.11 5.48
CA GLY B 220 -64.47 -60.11 6.26
C GLY B 220 -63.77 -58.76 6.25
N ALA B 221 -64.51 -57.71 6.60
CA ALA B 221 -63.99 -56.35 6.57
C ALA B 221 -64.05 -55.73 7.96
N ASP B 222 -62.89 -55.34 8.48
CA ASP B 222 -62.78 -54.53 9.69
C ASP B 222 -62.03 -53.24 9.42
N LEU B 223 -61.87 -52.88 8.16
CA LEU B 223 -61.04 -51.74 7.79
C LEU B 223 -61.67 -50.43 8.20
N SER B 224 -60.84 -49.49 8.65
CA SER B 224 -61.27 -48.15 9.00
C SER B 224 -60.06 -47.24 8.95
N LEU B 225 -60.32 -45.94 8.91
CA LEU B 225 -59.27 -44.92 8.86
C LEU B 225 -59.50 -43.92 9.97
N ARG B 226 -58.42 -43.47 10.60
CA ARG B 226 -58.51 -42.50 11.68
C ARG B 226 -57.26 -41.65 11.73
N LEU B 227 -57.39 -40.48 12.36
CA LEU B 227 -56.29 -39.54 12.53
C LEU B 227 -55.98 -39.39 14.01
N VAL B 228 -54.70 -39.36 14.35
CA VAL B 228 -54.24 -39.40 15.73
C VAL B 228 -53.17 -38.35 15.96
N ASP B 229 -53.29 -37.61 17.06
CA ASP B 229 -52.25 -36.72 17.58
C ASP B 229 -52.01 -35.51 16.69
N GLY B 230 -53.07 -34.96 16.09
CA GLY B 230 -52.94 -33.77 15.29
C GLY B 230 -53.38 -32.51 16.03
N VAL B 231 -53.16 -31.37 15.39
CA VAL B 231 -53.58 -30.10 15.96
C VAL B 231 -55.10 -30.04 16.05
N THR B 232 -55.79 -30.43 15.00
CA THR B 232 -57.25 -30.49 14.98
C THR B 232 -57.67 -31.91 14.63
N GLU B 233 -58.98 -32.08 14.37
CA GLU B 233 -59.49 -33.40 14.02
C GLU B 233 -59.09 -33.80 12.60
N CYS B 234 -58.90 -32.83 11.72
CA CYS B 234 -58.62 -33.09 10.31
C CYS B 234 -57.13 -33.21 9.99
N SER B 235 -56.27 -33.27 10.99
CA SER B 235 -54.84 -33.41 10.78
C SER B 235 -54.26 -34.39 11.79
N GLY B 236 -53.11 -34.95 11.44
CA GLY B 236 -52.38 -35.83 12.32
C GLY B 236 -51.88 -37.04 11.58
N ARG B 237 -51.46 -38.05 12.36
CA ARG B 237 -50.98 -39.30 11.80
C ARG B 237 -52.14 -40.17 11.34
N LEU B 238 -51.95 -40.83 10.20
CA LEU B 238 -52.95 -41.73 9.64
C LEU B 238 -52.75 -43.14 10.18
N GLU B 239 -53.85 -43.82 10.47
CA GLU B 239 -53.83 -45.19 10.94
C GLU B 239 -54.90 -46.01 10.21
N VAL B 240 -54.59 -47.26 9.94
CA VAL B 240 -55.48 -48.18 9.25
C VAL B 240 -55.69 -49.41 10.13
N ARG B 241 -56.95 -49.81 10.28
CA ARG B 241 -57.30 -50.96 11.12
C ARG B 241 -57.40 -52.20 10.25
N PHE B 242 -56.61 -53.22 10.59
CA PHE B 242 -56.63 -54.50 9.88
C PHE B 242 -56.44 -55.63 10.89
N GLN B 243 -57.20 -56.70 10.72
CA GLN B 243 -57.14 -57.87 11.59
C GLN B 243 -57.38 -57.51 13.05
N GLY B 244 -58.23 -56.51 13.29
CA GLY B 244 -58.46 -56.06 14.65
C GLY B 244 -57.29 -55.36 15.28
N GLU B 245 -56.36 -54.84 14.49
CA GLU B 245 -55.18 -54.16 14.99
C GLU B 245 -55.02 -52.81 14.30
N TRP B 246 -54.49 -51.85 15.03
CA TRP B 246 -54.30 -50.50 14.52
C TRP B 246 -52.86 -50.31 14.09
N GLY B 247 -52.65 -49.92 12.84
CA GLY B 247 -51.32 -49.76 12.31
C GLY B 247 -51.23 -48.52 11.43
N THR B 248 -50.00 -48.06 11.24
CA THR B 248 -49.74 -46.80 10.56
C THR B 248 -49.70 -47.01 9.05
N ILE B 249 -49.21 -46.01 8.32
CA ILE B 249 -49.00 -46.08 6.88
C ILE B 249 -47.61 -45.53 6.59
N CYS B 250 -46.86 -46.21 5.73
CA CYS B 250 -45.54 -45.74 5.35
C CYS B 250 -45.63 -44.51 4.44
N ASP B 251 -44.58 -43.70 4.48
CA ASP B 251 -44.61 -42.43 3.76
C ASP B 251 -44.08 -42.54 2.34
N ASP B 252 -43.47 -43.65 1.97
CA ASP B 252 -43.00 -43.84 0.61
C ASP B 252 -44.19 -43.89 -0.34
N GLY B 253 -44.09 -43.15 -1.45
CA GLY B 253 -45.18 -43.08 -2.39
C GLY B 253 -46.34 -42.22 -1.96
N TRP B 254 -46.21 -41.51 -0.84
CA TRP B 254 -47.26 -40.63 -0.36
C TRP B 254 -47.14 -39.25 -1.00
N ASP B 255 -48.19 -38.82 -1.69
CA ASP B 255 -48.23 -37.51 -2.30
C ASP B 255 -49.66 -36.96 -2.18
N SER B 256 -49.87 -35.77 -2.75
CA SER B 256 -51.13 -35.06 -2.56
C SER B 256 -52.31 -35.84 -3.14
N TYR B 257 -52.06 -36.69 -4.13
CA TYR B 257 -53.14 -37.51 -4.69
C TYR B 257 -53.67 -38.50 -3.67
N ASP B 258 -52.79 -39.12 -2.88
CA ASP B 258 -53.24 -40.03 -1.85
C ASP B 258 -53.91 -39.28 -0.70
N ALA B 259 -53.41 -38.08 -0.39
CA ALA B 259 -54.02 -37.28 0.67
C ALA B 259 -55.44 -36.89 0.32
N ALA B 260 -55.70 -36.59 -0.95
CA ALA B 260 -57.05 -36.20 -1.36
C ALA B 260 -58.03 -37.33 -1.16
N VAL B 261 -57.62 -38.57 -1.45
CA VAL B 261 -58.50 -39.72 -1.24
C VAL B 261 -58.78 -39.91 0.25
N ALA B 262 -57.72 -39.82 1.07
CA ALA B 262 -57.89 -40.04 2.51
C ALA B 262 -58.73 -38.94 3.15
N CYS B 263 -58.47 -37.67 2.78
CA CYS B 263 -59.26 -36.58 3.35
C CYS B 263 -60.72 -36.69 2.94
N LYS B 264 -60.99 -37.04 1.68
CA LYS B 264 -62.36 -37.24 1.23
C LYS B 264 -63.01 -38.41 1.96
N GLN B 265 -62.27 -39.49 2.15
CA GLN B 265 -62.82 -40.68 2.79
C GLN B 265 -63.25 -40.40 4.23
N LEU B 266 -62.45 -39.64 4.96
CA LEU B 266 -62.77 -39.33 6.35
C LEU B 266 -63.87 -38.29 6.48
N GLY B 267 -64.22 -37.60 5.39
CA GLY B 267 -65.20 -36.54 5.44
C GLY B 267 -64.65 -35.16 5.72
N CYS B 268 -63.33 -35.03 5.86
CA CYS B 268 -62.71 -33.75 6.14
C CYS B 268 -62.77 -32.86 4.90
N PRO B 269 -62.62 -31.54 5.07
CA PRO B 269 -62.59 -30.66 3.91
C PRO B 269 -61.45 -31.02 2.96
N THR B 270 -61.72 -30.92 1.66
CA THR B 270 -60.75 -31.30 0.65
C THR B 270 -60.28 -30.12 -0.19
N ALA B 271 -60.42 -28.89 0.34
CA ALA B 271 -60.00 -27.72 -0.42
C ALA B 271 -58.50 -27.69 -0.61
N VAL B 272 -57.74 -27.85 0.48
CA VAL B 272 -56.29 -27.97 0.43
C VAL B 272 -55.91 -29.20 1.23
N THR B 273 -55.31 -30.18 0.56
CA THR B 273 -54.87 -31.42 1.18
C THR B 273 -53.36 -31.48 1.13
N ALA B 274 -52.73 -31.60 2.29
CA ALA B 274 -51.28 -31.59 2.42
C ALA B 274 -50.81 -32.87 3.09
N ILE B 275 -49.68 -33.40 2.62
CA ILE B 275 -49.10 -34.61 3.19
C ILE B 275 -48.30 -34.24 4.43
N GLY B 276 -47.91 -35.24 5.21
CA GLY B 276 -47.08 -35.02 6.37
C GLY B 276 -47.87 -34.96 7.66
N ARG B 277 -47.39 -35.67 8.68
CA ARG B 277 -48.01 -35.63 10.00
C ARG B 277 -47.45 -34.45 10.77
N VAL B 278 -48.31 -33.53 11.12
CA VAL B 278 -47.91 -32.36 11.90
C VAL B 278 -48.12 -32.70 13.35
N ASN B 279 -47.22 -32.25 14.23
CA ASN B 279 -47.53 -32.22 15.65
C ASN B 279 -47.62 -33.61 16.26
N ALA B 280 -47.55 -34.67 15.46
CA ALA B 280 -47.67 -36.04 15.94
C ALA B 280 -46.30 -36.66 16.17
N SER B 281 -46.33 -37.85 16.75
CA SER B 281 -45.12 -38.62 17.00
C SER B 281 -45.14 -39.90 16.18
N LYS B 282 -44.03 -40.63 16.21
CA LYS B 282 -43.94 -41.87 15.46
C LYS B 282 -44.91 -42.90 16.01
N GLY B 283 -45.44 -43.72 15.11
CA GLY B 283 -46.45 -44.69 15.49
C GLY B 283 -45.87 -45.87 16.25
N PHE B 284 -46.79 -46.71 16.74
CA PHE B 284 -46.44 -47.89 17.53
C PHE B 284 -47.19 -49.08 16.93
N GLY B 285 -46.44 -50.10 16.53
CA GLY B 285 -47.05 -51.32 16.06
C GLY B 285 -46.80 -51.65 14.61
N HIS B 286 -47.82 -52.17 13.93
CA HIS B 286 -47.65 -52.64 12.57
C HIS B 286 -47.57 -51.48 11.58
N ILE B 287 -47.10 -51.78 10.38
CA ILE B 287 -47.06 -50.84 9.27
C ILE B 287 -47.81 -51.50 8.13
N TRP B 288 -49.11 -51.21 8.01
CA TRP B 288 -49.97 -52.00 7.14
C TRP B 288 -49.75 -51.66 5.66
N LEU B 289 -49.62 -50.39 5.31
CA LEU B 289 -49.59 -49.98 3.92
C LEU B 289 -48.28 -49.28 3.58
N ASP B 290 -47.90 -49.38 2.31
CA ASP B 290 -46.69 -48.73 1.81
C ASP B 290 -46.82 -48.56 0.31
N SER B 291 -46.22 -47.48 -0.20
CA SER B 291 -46.17 -47.21 -1.64
C SER B 291 -47.56 -47.21 -2.25
N VAL B 292 -48.51 -46.59 -1.56
CA VAL B 292 -49.87 -46.47 -2.10
C VAL B 292 -49.84 -45.57 -3.32
N SER B 293 -50.46 -46.02 -4.40
CA SER B 293 -50.54 -45.26 -5.64
C SER B 293 -52.00 -45.05 -5.99
N CYS B 294 -52.46 -43.81 -5.90
CA CYS B 294 -53.84 -43.45 -6.16
C CYS B 294 -53.90 -42.42 -7.28
N GLN B 295 -54.80 -42.63 -8.23
CA GLN B 295 -54.97 -41.67 -9.31
C GLN B 295 -55.60 -40.38 -8.83
N GLY B 296 -56.48 -40.45 -7.83
CA GLY B 296 -57.15 -39.29 -7.30
C GLY B 296 -58.67 -39.36 -7.32
N HIS B 297 -59.26 -40.43 -7.84
CA HIS B 297 -60.70 -40.58 -7.88
C HIS B 297 -61.20 -41.81 -7.15
N GLU B 298 -60.31 -42.60 -6.54
CA GLU B 298 -60.72 -43.80 -5.85
C GLU B 298 -61.55 -43.46 -4.62
N PRO B 299 -62.51 -44.32 -4.26
CA PRO B 299 -63.34 -44.00 -3.09
C PRO B 299 -62.62 -44.18 -1.77
N ALA B 300 -61.70 -45.15 -1.68
CA ALA B 300 -60.99 -45.42 -0.45
C ALA B 300 -59.54 -45.78 -0.77
N ILE B 301 -58.69 -45.72 0.26
CA ILE B 301 -57.27 -45.95 0.07
C ILE B 301 -56.99 -47.40 -0.31
N TRP B 302 -57.65 -48.35 0.35
CA TRP B 302 -57.36 -49.75 0.09
C TRP B 302 -57.74 -50.18 -1.33
N GLN B 303 -58.57 -49.40 -2.02
CA GLN B 303 -58.90 -49.73 -3.40
C GLN B 303 -57.71 -49.48 -4.33
N CYS B 304 -56.74 -48.69 -3.89
CA CYS B 304 -55.65 -48.27 -4.76
C CYS B 304 -54.60 -49.36 -4.93
N LYS B 305 -53.64 -49.08 -5.80
CA LYS B 305 -52.43 -49.88 -5.90
C LYS B 305 -51.60 -49.70 -4.64
N HIS B 306 -51.11 -50.81 -4.08
CA HIS B 306 -50.19 -50.74 -2.95
C HIS B 306 -49.52 -52.10 -2.78
N HIS B 307 -48.66 -52.19 -1.77
CA HIS B 307 -47.90 -53.40 -1.52
C HIS B 307 -48.68 -54.35 -0.62
N GLU B 308 -48.07 -55.49 -0.33
CA GLU B 308 -48.70 -56.49 0.54
C GLU B 308 -48.87 -55.94 1.96
N TRP B 309 -50.02 -56.22 2.55
CA TRP B 309 -50.27 -55.81 3.93
C TRP B 309 -49.30 -56.49 4.88
N GLY B 310 -48.71 -55.69 5.76
CA GLY B 310 -47.94 -56.21 6.88
C GLY B 310 -46.45 -56.37 6.64
N LYS B 311 -46.01 -56.43 5.38
CA LYS B 311 -44.60 -56.59 5.07
C LYS B 311 -44.12 -55.34 4.34
N HIS B 312 -43.14 -54.66 4.93
CA HIS B 312 -42.56 -53.44 4.38
C HIS B 312 -41.17 -53.28 4.96
N TYR B 313 -40.33 -52.50 4.25
CA TYR B 313 -39.01 -52.16 4.74
C TYR B 313 -38.99 -50.84 5.50
N CYS B 314 -40.16 -50.24 5.73
CA CYS B 314 -40.20 -48.91 6.33
C CYS B 314 -39.86 -48.97 7.81
N ASN B 315 -39.63 -47.79 8.37
CA ASN B 315 -39.38 -47.61 9.79
C ASN B 315 -40.45 -46.71 10.37
N HIS B 316 -40.67 -46.81 11.68
CA HIS B 316 -41.74 -46.04 12.31
C HIS B 316 -41.45 -44.54 12.33
N ASN B 317 -40.19 -44.13 12.10
CA ASN B 317 -39.89 -42.71 12.00
C ASN B 317 -40.59 -42.08 10.80
N GLU B 318 -40.60 -42.80 9.67
CA GLU B 318 -41.26 -42.30 8.46
C GLU B 318 -42.70 -42.80 8.45
N ASP B 319 -43.56 -42.05 9.14
CA ASP B 319 -44.97 -42.37 9.27
C ASP B 319 -45.80 -41.30 8.56
N ALA B 320 -46.90 -41.73 7.96
CA ALA B 320 -47.66 -40.89 7.04
C ALA B 320 -48.82 -40.21 7.76
N GLY B 321 -49.08 -38.96 7.37
CA GLY B 321 -50.22 -38.22 7.87
C GLY B 321 -50.75 -37.28 6.80
N VAL B 322 -51.90 -36.66 7.09
CA VAL B 322 -52.52 -35.71 6.18
C VAL B 322 -52.92 -34.47 6.95
N THR B 323 -53.18 -33.40 6.19
CA THR B 323 -53.65 -32.13 6.75
C THR B 323 -54.71 -31.57 5.80
N CYS B 324 -55.99 -31.73 6.12
CA CYS B 324 -57.04 -31.31 5.20
C CYS B 324 -57.63 -30.00 5.56
N SER B 325 -57.68 -29.08 4.62
CA SER B 325 -58.14 -27.73 4.95
C SER B 325 -59.17 -27.05 4.08
N ASP B 326 -60.01 -26.23 4.69
CA ASP B 326 -60.94 -25.39 3.94
C ASP B 326 -60.09 -24.39 3.15
N GLY B 327 -58.91 -24.03 3.65
CA GLY B 327 -58.04 -23.03 3.03
C GLY B 327 -58.24 -21.64 3.57
N SER B 328 -59.14 -21.56 4.53
CA SER B 328 -59.22 -20.49 5.50
C SER B 328 -58.10 -20.28 6.51
N ASP B 329 -57.54 -21.34 7.08
CA ASP B 329 -56.59 -21.19 8.18
C ASP B 329 -55.13 -21.01 7.88
N LEU B 330 -54.76 -21.04 6.62
CA LEU B 330 -53.38 -20.93 6.24
C LEU B 330 -52.85 -19.50 6.12
N GLU B 331 -51.81 -19.10 6.83
CA GLU B 331 -51.28 -17.74 6.88
C GLU B 331 -49.77 -17.74 6.74
N LEU B 332 -49.25 -16.66 6.16
CA LEU B 332 -47.83 -16.50 5.88
C LEU B 332 -47.38 -15.12 6.32
N ARG B 333 -46.18 -15.05 6.90
CA ARG B 333 -45.67 -13.80 7.44
C ARG B 333 -44.15 -13.81 7.36
N LEU B 334 -43.57 -12.61 7.41
CA LEU B 334 -42.13 -12.44 7.53
C LEU B 334 -41.85 -11.66 8.80
N ARG B 335 -40.96 -12.18 9.64
CA ARG B 335 -40.72 -11.60 10.96
C ARG B 335 -39.24 -11.42 11.23
N GLY B 336 -38.89 -10.26 11.80
CA GLY B 336 -37.54 -9.98 12.25
C GLY B 336 -36.66 -9.20 11.30
N GLY B 337 -37.22 -8.55 10.28
CA GLY B 337 -36.39 -7.97 9.23
C GLY B 337 -36.45 -6.46 9.05
N GLY B 338 -37.27 -5.78 9.83
CA GLY B 338 -37.40 -4.34 9.71
C GLY B 338 -38.64 -3.87 8.98
N SER B 339 -39.30 -4.74 8.24
CA SER B 339 -40.59 -4.44 7.64
C SER B 339 -41.29 -5.76 7.34
N ARG B 340 -42.47 -5.67 6.74
CA ARG B 340 -43.21 -6.88 6.41
C ARG B 340 -42.70 -7.59 5.16
N CYS B 341 -41.80 -6.95 4.41
CA CYS B 341 -41.25 -7.53 3.19
C CYS B 341 -39.84 -8.06 3.36
N ALA B 342 -39.37 -8.22 4.58
CA ALA B 342 -38.05 -8.79 4.85
C ALA B 342 -38.08 -9.55 6.17
N GLY B 343 -37.44 -10.70 6.21
CA GLY B 343 -37.32 -11.46 7.44
C GLY B 343 -37.37 -12.95 7.17
N THR B 344 -37.72 -13.67 8.23
CA THR B 344 -37.84 -15.13 8.20
C THR B 344 -39.28 -15.51 7.90
N VAL B 345 -39.46 -16.42 6.94
CA VAL B 345 -40.80 -16.85 6.56
C VAL B 345 -41.40 -17.65 7.71
N GLU B 346 -42.56 -17.21 8.19
CA GLU B 346 -43.27 -17.89 9.26
C GLU B 346 -44.63 -18.34 8.75
N VAL B 347 -44.96 -19.60 8.99
CA VAL B 347 -46.24 -20.17 8.58
C VAL B 347 -47.06 -20.44 9.83
N GLU B 348 -48.38 -20.35 9.68
CA GLU B 348 -49.32 -20.65 10.77
C GLU B 348 -50.52 -21.34 10.14
N ILE B 349 -50.50 -22.66 10.14
CA ILE B 349 -51.56 -23.46 9.54
C ILE B 349 -52.36 -24.09 10.67
N GLN B 350 -53.64 -23.74 10.76
CA GLN B 350 -54.54 -24.20 11.81
C GLN B 350 -53.98 -23.86 13.20
N ARG B 351 -53.64 -22.58 13.38
CA ARG B 351 -53.25 -22.02 14.68
C ARG B 351 -52.01 -22.70 15.26
N LEU B 352 -51.10 -23.16 14.41
CA LEU B 352 -49.83 -23.71 14.86
C LEU B 352 -48.71 -23.03 14.08
N LEU B 353 -47.72 -22.52 14.80
CA LEU B 353 -46.66 -21.73 14.20
C LEU B 353 -45.48 -22.60 13.80
N GLY B 354 -44.91 -22.30 12.64
CA GLY B 354 -43.76 -23.04 12.15
C GLY B 354 -42.89 -22.21 11.23
N LYS B 355 -41.99 -22.87 10.50
CA LYS B 355 -41.09 -22.22 9.57
C LYS B 355 -40.95 -23.10 8.34
N VAL B 356 -40.14 -22.64 7.40
CA VAL B 356 -39.89 -23.36 6.15
C VAL B 356 -38.41 -23.68 6.07
N CYS B 357 -38.08 -24.95 5.85
CA CYS B 357 -36.69 -25.36 5.70
C CYS B 357 -36.17 -24.94 4.33
N ASP B 358 -34.90 -24.50 4.31
CA ASP B 358 -34.30 -23.97 3.09
C ASP B 358 -33.54 -25.02 2.30
N ARG B 359 -33.93 -26.29 2.39
CA ARG B 359 -33.23 -27.34 1.66
C ARG B 359 -33.32 -27.10 0.16
N GLY B 360 -34.51 -26.76 -0.34
CA GLY B 360 -34.69 -26.47 -1.74
C GLY B 360 -35.17 -25.05 -1.98
N TRP B 361 -34.63 -24.11 -1.23
CA TRP B 361 -35.07 -22.72 -1.26
C TRP B 361 -34.18 -21.91 -2.18
N GLY B 362 -34.78 -21.29 -3.18
CA GLY B 362 -34.06 -20.44 -4.11
C GLY B 362 -34.85 -19.18 -4.42
N LEU B 363 -34.38 -18.39 -5.39
CA LEU B 363 -35.09 -17.16 -5.72
C LEU B 363 -36.39 -17.44 -6.46
N LYS B 364 -36.50 -18.60 -7.11
CA LYS B 364 -37.76 -18.95 -7.77
C LYS B 364 -38.85 -19.25 -6.76
N GLU B 365 -38.51 -19.93 -5.67
CA GLU B 365 -39.49 -20.19 -4.61
C GLU B 365 -39.76 -18.95 -3.77
N ALA B 366 -38.76 -18.09 -3.58
CA ALA B 366 -38.96 -16.87 -2.82
C ALA B 366 -39.85 -15.89 -3.56
N ASP B 367 -39.87 -15.95 -4.89
CA ASP B 367 -40.69 -15.03 -5.68
C ASP B 367 -42.18 -15.25 -5.41
N VAL B 368 -42.58 -16.50 -5.20
CA VAL B 368 -43.99 -16.80 -4.95
C VAL B 368 -44.43 -16.21 -3.62
N VAL B 369 -43.58 -16.29 -2.60
CA VAL B 369 -43.94 -15.75 -1.29
C VAL B 369 -44.06 -14.24 -1.35
N CYS B 370 -43.07 -13.58 -1.97
CA CYS B 370 -43.12 -12.12 -2.07
C CYS B 370 -44.32 -11.68 -2.91
N ARG B 371 -44.61 -12.41 -3.99
CA ARG B 371 -45.80 -12.12 -4.79
C ARG B 371 -47.07 -12.34 -3.98
N GLN B 372 -47.12 -13.41 -3.18
CA GLN B 372 -48.30 -13.67 -2.35
C GLN B 372 -48.53 -12.54 -1.36
N LEU B 373 -47.47 -12.08 -0.70
CA LEU B 373 -47.59 -11.01 0.28
C LEU B 373 -47.82 -9.66 -0.38
N GLY B 374 -47.56 -9.53 -1.67
CA GLY B 374 -47.68 -8.26 -2.34
C GLY B 374 -46.50 -7.34 -2.20
N CYS B 375 -45.30 -7.88 -1.99
CA CYS B 375 -44.11 -7.09 -1.76
C CYS B 375 -43.17 -7.08 -2.98
N GLY B 376 -43.68 -7.36 -4.16
CA GLY B 376 -42.85 -7.36 -5.35
C GLY B 376 -42.09 -8.66 -5.53
N SER B 377 -40.98 -8.56 -6.27
CA SER B 377 -40.16 -9.72 -6.53
C SER B 377 -39.05 -9.85 -5.49
N ALA B 378 -38.61 -11.08 -5.26
CA ALA B 378 -37.54 -11.32 -4.31
C ALA B 378 -36.19 -10.94 -4.89
N LEU B 379 -35.27 -10.56 -4.01
CA LEU B 379 -33.93 -10.15 -4.40
C LEU B 379 -32.84 -11.08 -3.86
N LYS B 380 -32.84 -11.32 -2.56
CA LYS B 380 -31.83 -12.18 -1.95
C LYS B 380 -32.50 -13.05 -0.90
N THR B 381 -31.83 -14.15 -0.55
CA THR B 381 -32.34 -15.12 0.41
C THR B 381 -31.82 -14.88 1.82
N SER B 382 -31.62 -13.61 2.19
CA SER B 382 -31.20 -13.25 3.53
C SER B 382 -31.80 -11.89 3.86
N TYR B 383 -31.43 -11.35 5.01
CA TYR B 383 -31.94 -10.07 5.46
C TYR B 383 -31.06 -9.56 6.59
N GLN B 384 -31.24 -8.30 6.97
CA GLN B 384 -30.53 -7.74 8.11
C GLN B 384 -31.42 -7.74 9.28
N VAL B 385 -31.03 -8.41 10.36
CA VAL B 385 -31.88 -8.58 11.54
C VAL B 385 -32.14 -7.33 12.36
N TYR B 386 -33.31 -7.23 12.98
CA TYR B 386 -33.62 -6.11 13.79
C TYR B 386 -34.19 -6.58 15.09
N SER B 387 -34.76 -7.77 15.11
CA SER B 387 -35.35 -8.32 16.33
C SER B 387 -35.02 -9.80 16.40
N LYS B 388 -35.53 -10.46 17.43
CA LYS B 388 -35.39 -11.89 17.60
C LYS B 388 -36.75 -12.56 17.43
N ILE B 389 -36.77 -13.72 16.78
CA ILE B 389 -37.99 -14.44 16.47
C ILE B 389 -38.01 -15.73 17.26
N GLN B 390 -39.18 -16.07 17.80
CA GLN B 390 -39.31 -17.24 18.66
C GLN B 390 -39.05 -18.53 17.87
N ALA B 391 -38.59 -19.55 18.59
CA ALA B 391 -38.27 -20.83 17.99
C ALA B 391 -39.46 -21.77 18.04
N THR B 392 -39.66 -22.51 16.95
CA THR B 392 -40.74 -23.49 16.84
C THR B 392 -40.15 -24.80 16.35
N ASN B 393 -40.88 -25.90 16.62
CA ASN B 393 -40.43 -27.23 16.26
C ASN B 393 -40.93 -27.68 14.89
N THR B 394 -42.13 -27.26 14.49
CA THR B 394 -42.70 -27.73 13.23
C THR B 394 -42.03 -27.04 12.03
N TRP B 395 -42.06 -27.73 10.89
CA TRP B 395 -41.39 -27.26 9.69
C TRP B 395 -42.28 -27.50 8.48
N LEU B 396 -42.08 -26.70 7.44
CA LEU B 396 -42.75 -26.88 6.15
C LEU B 396 -41.69 -27.17 5.10
N PHE B 397 -41.94 -28.19 4.28
CA PHE B 397 -40.99 -28.66 3.29
C PHE B 397 -41.57 -28.48 1.90
N LEU B 398 -40.78 -27.92 0.99
CA LEU B 398 -41.18 -27.66 -0.38
C LEU B 398 -40.36 -28.52 -1.32
N SER B 399 -41.03 -29.09 -2.33
CA SER B 399 -40.31 -29.86 -3.34
C SER B 399 -39.70 -28.95 -4.40
N SER B 400 -40.54 -28.21 -5.12
CA SER B 400 -40.09 -27.29 -6.15
C SER B 400 -41.29 -26.47 -6.59
N CYS B 401 -41.02 -25.26 -7.07
CA CYS B 401 -42.04 -24.36 -7.58
C CYS B 401 -41.60 -23.83 -8.93
N ASN B 402 -42.56 -23.72 -9.86
CA ASN B 402 -42.24 -23.16 -11.17
C ASN B 402 -41.88 -21.69 -11.07
N GLY B 403 -42.41 -20.98 -10.08
CA GLY B 403 -42.18 -19.56 -9.91
C GLY B 403 -43.33 -18.67 -10.31
N ASN B 404 -44.31 -19.20 -11.05
CA ASN B 404 -45.45 -18.41 -11.49
C ASN B 404 -46.69 -18.66 -10.65
N GLU B 405 -46.59 -19.45 -9.59
CA GLU B 405 -47.75 -19.71 -8.73
C GLU B 405 -48.17 -18.45 -8.00
N THR B 406 -49.48 -18.31 -7.79
CA THR B 406 -50.00 -17.15 -7.06
C THR B 406 -49.78 -17.26 -5.57
N SER B 407 -49.75 -18.47 -5.02
CA SER B 407 -49.60 -18.68 -3.59
C SER B 407 -48.68 -19.86 -3.34
N LEU B 408 -48.12 -19.90 -2.12
CA LEU B 408 -47.25 -21.01 -1.74
C LEU B 408 -48.02 -22.31 -1.63
N TRP B 409 -49.29 -22.26 -1.24
CA TRP B 409 -50.10 -23.47 -1.10
C TRP B 409 -50.38 -24.14 -2.44
N ASP B 410 -50.19 -23.42 -3.55
CA ASP B 410 -50.40 -24.00 -4.87
C ASP B 410 -49.21 -24.80 -5.36
N CYS B 411 -48.04 -24.65 -4.74
CA CYS B 411 -46.89 -25.46 -5.11
C CYS B 411 -47.16 -26.92 -4.77
N LYS B 412 -46.69 -27.82 -5.64
CA LYS B 412 -47.09 -29.21 -5.54
C LYS B 412 -46.27 -29.95 -4.48
N ASN B 413 -46.97 -30.76 -3.68
CA ASN B 413 -46.35 -31.68 -2.73
C ASN B 413 -45.51 -30.95 -1.68
N TRP B 414 -46.15 -30.02 -0.99
CA TRP B 414 -45.54 -29.42 0.20
C TRP B 414 -46.01 -30.17 1.43
N GLN B 415 -45.06 -30.47 2.31
CA GLN B 415 -45.29 -31.31 3.48
C GLN B 415 -45.29 -30.44 4.74
N TRP B 416 -46.33 -30.60 5.56
CA TRP B 416 -46.44 -29.86 6.83
C TRP B 416 -46.10 -30.83 7.97
N GLY B 417 -44.91 -30.68 8.52
CA GLY B 417 -44.50 -31.50 9.64
C GLY B 417 -44.09 -32.91 9.22
N GLY B 418 -43.85 -33.74 10.23
CA GLY B 418 -43.48 -35.12 10.02
C GLY B 418 -42.03 -35.37 9.69
N LEU B 419 -41.22 -34.31 9.59
CA LEU B 419 -39.82 -34.43 9.25
C LEU B 419 -39.08 -33.28 9.91
N THR B 420 -37.85 -33.54 10.33
CA THR B 420 -37.01 -32.54 10.96
C THR B 420 -35.78 -32.33 10.10
N CYS B 421 -35.43 -31.06 9.88
CA CYS B 421 -34.21 -30.72 9.16
C CYS B 421 -33.25 -30.03 10.11
N ASP B 422 -32.06 -30.63 10.27
CA ASP B 422 -31.06 -30.15 11.21
C ASP B 422 -29.77 -29.68 10.54
N HIS B 423 -29.44 -30.18 9.35
CA HIS B 423 -28.29 -29.72 8.61
C HIS B 423 -28.59 -28.51 7.75
N TYR B 424 -29.84 -28.04 7.75
CA TYR B 424 -30.26 -26.83 7.04
C TYR B 424 -30.84 -25.86 8.05
N GLU B 425 -31.15 -24.65 7.57
CA GLU B 425 -31.68 -23.58 8.40
C GLU B 425 -33.07 -23.20 7.92
N GLU B 426 -33.61 -22.13 8.49
CA GLU B 426 -34.88 -21.59 8.07
C GLU B 426 -34.70 -20.80 6.78
N ALA B 427 -35.82 -20.47 6.14
CA ALA B 427 -35.84 -19.74 4.88
C ALA B 427 -36.07 -18.26 5.15
N LYS B 428 -35.24 -17.40 4.54
CA LYS B 428 -35.32 -15.96 4.72
C LYS B 428 -35.37 -15.29 3.36
N ILE B 429 -36.12 -14.18 3.27
CA ILE B 429 -36.27 -13.44 2.03
C ILE B 429 -36.07 -11.96 2.28
N THR B 430 -35.79 -11.23 1.20
CA THR B 430 -35.85 -9.77 1.17
C THR B 430 -36.49 -9.38 -0.15
N CYS B 431 -37.76 -8.99 -0.12
CA CYS B 431 -38.45 -8.60 -1.33
C CYS B 431 -37.98 -7.22 -1.78
N SER B 432 -38.45 -6.79 -2.95
CA SER B 432 -38.00 -5.54 -3.54
C SER B 432 -38.78 -4.32 -3.06
N ALA B 433 -39.86 -4.51 -2.31
CA ALA B 433 -40.64 -3.40 -1.76
C ALA B 433 -40.23 -3.07 -0.33
N HIS B 434 -39.08 -3.55 0.12
CA HIS B 434 -38.61 -3.26 1.47
C HIS B 434 -38.34 -1.76 1.63
N ARG B 435 -37.56 -1.18 0.72
CA ARG B 435 -37.23 0.24 0.73
C ARG B 435 -37.38 0.77 -0.69
N GLU B 436 -38.59 1.22 -1.04
CA GLU B 436 -38.89 1.66 -2.39
C GLU B 436 -38.64 3.15 -2.52
N PRO B 437 -37.73 3.58 -3.41
CA PRO B 437 -37.43 5.00 -3.54
C PRO B 437 -38.26 5.68 -4.63
N ARG B 438 -38.24 7.01 -4.59
CA ARG B 438 -38.90 7.80 -5.62
C ARG B 438 -38.33 9.22 -5.58
N LEU B 439 -38.59 9.96 -6.65
CA LEU B 439 -38.17 11.36 -6.78
C LEU B 439 -39.39 12.22 -7.03
N VAL B 440 -39.46 13.36 -6.36
CA VAL B 440 -40.60 14.26 -6.46
C VAL B 440 -40.13 15.71 -6.43
N GLY B 441 -40.83 16.56 -7.17
CA GLY B 441 -40.59 17.99 -7.13
C GLY B 441 -39.72 18.56 -8.23
N GLY B 442 -39.42 17.80 -9.28
CA GLY B 442 -38.57 18.26 -10.35
C GLY B 442 -39.32 18.33 -11.67
N ASP B 443 -38.94 19.30 -12.50
CA ASP B 443 -39.57 19.45 -13.80
C ASP B 443 -39.08 18.41 -14.79
N ILE B 444 -37.79 18.11 -14.77
CA ILE B 444 -37.18 17.15 -15.69
C ILE B 444 -37.39 15.74 -15.15
N PRO B 445 -37.40 14.71 -16.00
CA PRO B 445 -37.83 13.38 -15.54
C PRO B 445 -37.03 12.77 -14.41
N CYS B 446 -35.72 12.97 -14.35
CA CYS B 446 -34.94 12.23 -13.37
C CYS B 446 -34.31 13.13 -12.32
N SER B 447 -35.07 14.10 -11.81
CA SER B 447 -34.58 14.99 -10.76
C SER B 447 -35.73 15.30 -9.81
N GLY B 448 -35.41 15.41 -8.53
CA GLY B 448 -36.42 15.73 -7.54
C GLY B 448 -35.91 15.46 -6.14
N ARG B 449 -36.85 15.44 -5.21
CA ARG B 449 -36.56 15.17 -3.81
C ARG B 449 -36.57 13.67 -3.55
N VAL B 450 -35.59 13.19 -2.78
CA VAL B 450 -35.47 11.77 -2.48
C VAL B 450 -36.47 11.40 -1.41
N GLU B 451 -37.24 10.35 -1.65
CA GLU B 451 -38.21 9.82 -0.69
C GLU B 451 -38.21 8.30 -0.76
N VAL B 452 -38.28 7.67 0.41
CA VAL B 452 -38.27 6.21 0.53
C VAL B 452 -39.48 5.78 1.33
N LYS B 453 -40.14 4.72 0.87
CA LYS B 453 -41.37 4.25 1.50
C LYS B 453 -41.03 3.21 2.58
N HIS B 454 -41.47 3.48 3.80
CA HIS B 454 -41.37 2.56 4.92
C HIS B 454 -42.77 2.01 5.18
N GLY B 455 -43.08 0.87 4.57
CA GLY B 455 -44.39 0.29 4.73
C GLY B 455 -45.40 0.87 3.76
N ASP B 456 -46.18 1.85 4.22
CA ASP B 456 -47.16 2.53 3.37
C ASP B 456 -47.10 4.05 3.51
N THR B 457 -45.97 4.59 3.95
CA THR B 457 -45.80 6.03 4.10
C THR B 457 -44.48 6.46 3.50
N TRP B 458 -44.45 7.70 3.01
CA TRP B 458 -43.30 8.28 2.34
C TRP B 458 -42.68 9.35 3.23
N GLY B 459 -41.37 9.29 3.40
CA GLY B 459 -40.68 10.25 4.24
C GLY B 459 -39.41 10.76 3.57
N SER B 460 -39.01 11.96 3.98
CA SER B 460 -37.83 12.60 3.42
C SER B 460 -36.56 12.04 4.06
N ILE B 461 -35.42 12.50 3.56
CA ILE B 461 -34.11 12.08 4.05
C ILE B 461 -33.24 13.31 4.21
N CYS B 462 -32.58 13.44 5.36
CA CYS B 462 -31.68 14.55 5.58
C CYS B 462 -30.39 14.38 4.78
N ASP B 463 -29.76 15.52 4.47
CA ASP B 463 -28.59 15.52 3.60
C ASP B 463 -27.32 15.07 4.28
N SER B 464 -27.32 14.95 5.62
CA SER B 464 -26.13 14.44 6.30
C SER B 464 -26.04 12.93 6.19
N ASP B 465 -27.15 12.26 5.88
CA ASP B 465 -27.17 10.80 5.84
C ASP B 465 -26.94 10.25 4.44
N PHE B 466 -27.35 10.97 3.41
CA PHE B 466 -27.16 10.49 2.05
C PHE B 466 -25.71 10.66 1.61
N SER B 467 -25.30 9.85 0.64
CA SER B 467 -23.94 9.85 0.15
C SER B 467 -23.92 9.62 -1.35
N LEU B 468 -22.72 9.65 -1.92
CA LEU B 468 -22.57 9.48 -3.36
C LEU B 468 -22.76 8.02 -3.77
N GLU B 469 -22.36 7.08 -2.90
CA GLU B 469 -22.55 5.67 -3.22
C GLU B 469 -24.01 5.27 -3.12
N ALA B 470 -24.74 5.81 -2.15
CA ALA B 470 -26.17 5.53 -2.06
C ALA B 470 -26.93 6.20 -3.19
N ALA B 471 -26.44 7.35 -3.68
CA ALA B 471 -27.07 8.00 -4.81
C ALA B 471 -26.93 7.19 -6.07
N SER B 472 -25.81 6.48 -6.23
CA SER B 472 -25.63 5.63 -7.40
C SER B 472 -26.66 4.51 -7.44
N VAL B 473 -26.97 3.92 -6.28
CA VAL B 473 -27.96 2.85 -6.21
C VAL B 473 -29.38 3.38 -6.34
N LEU B 474 -29.60 4.67 -6.11
CA LEU B 474 -30.94 5.23 -6.23
C LEU B 474 -31.26 5.62 -7.67
N CYS B 475 -30.34 6.29 -8.36
CA CYS B 475 -30.56 6.59 -9.77
C CYS B 475 -30.63 5.30 -10.59
N ARG B 476 -29.78 4.33 -10.27
CA ARG B 476 -29.78 3.06 -11.00
C ARG B 476 -31.07 2.28 -10.79
N GLU B 477 -31.57 2.25 -9.54
CA GLU B 477 -32.79 1.50 -9.25
C GLU B 477 -33.97 2.06 -10.02
N LEU B 478 -34.09 3.39 -10.06
CA LEU B 478 -35.17 4.04 -10.79
C LEU B 478 -34.91 4.12 -12.29
N GLN B 479 -33.82 3.51 -12.77
CA GLN B 479 -33.46 3.50 -14.18
C GLN B 479 -33.25 4.92 -14.70
N CYS B 480 -32.49 5.71 -13.95
CA CYS B 480 -32.16 7.07 -14.31
C CYS B 480 -30.68 7.27 -14.61
N GLY B 481 -29.93 6.18 -14.80
CA GLY B 481 -28.54 6.31 -15.19
C GLY B 481 -27.61 6.61 -14.02
N THR B 482 -26.57 7.38 -14.31
CA THR B 482 -25.60 7.75 -13.29
C THR B 482 -26.03 9.02 -12.57
N VAL B 483 -25.38 9.29 -11.44
CA VAL B 483 -25.70 10.43 -10.61
C VAL B 483 -24.85 11.62 -11.04
N VAL B 484 -25.49 12.77 -11.23
CA VAL B 484 -24.81 13.99 -11.64
C VAL B 484 -24.43 14.85 -10.44
N SER B 485 -25.38 15.09 -9.53
CA SER B 485 -25.15 15.98 -8.41
C SER B 485 -26.04 15.61 -7.25
N ILE B 486 -25.61 16.00 -6.05
CA ILE B 486 -26.40 15.88 -4.83
C ILE B 486 -26.68 17.28 -4.31
N LEU B 487 -27.96 17.60 -4.12
CA LEU B 487 -28.38 18.95 -3.75
C LEU B 487 -29.17 18.90 -2.45
N GLY B 488 -28.54 19.29 -1.35
CA GLY B 488 -29.20 19.36 -0.06
C GLY B 488 -29.82 20.71 0.20
N GLY B 489 -30.35 20.86 1.41
CA GLY B 489 -30.97 22.10 1.83
C GLY B 489 -32.26 22.45 1.13
N ALA B 490 -33.11 21.46 0.86
CA ALA B 490 -34.44 21.67 0.31
C ALA B 490 -34.40 22.46 -1.00
N HIS B 491 -33.53 22.02 -1.90
CA HIS B 491 -33.43 22.67 -3.22
C HIS B 491 -34.74 22.54 -3.99
N PHE B 492 -35.37 21.37 -3.93
CA PHE B 492 -36.63 21.11 -4.61
C PHE B 492 -37.84 21.30 -3.70
N GLY B 493 -37.70 22.09 -2.64
CA GLY B 493 -38.77 22.26 -1.68
C GLY B 493 -38.58 21.38 -0.46
N GLU B 494 -39.52 21.50 0.47
CA GLU B 494 -39.49 20.71 1.70
C GLU B 494 -40.60 19.67 1.71
N GLY B 495 -40.29 18.52 2.30
CA GLY B 495 -41.30 17.49 2.50
C GLY B 495 -42.10 17.73 3.77
N ASN B 496 -43.16 16.93 3.91
CA ASN B 496 -44.03 17.03 5.07
C ASN B 496 -44.39 15.63 5.57
N GLY B 497 -44.22 15.40 6.87
CA GLY B 497 -44.74 14.20 7.47
C GLY B 497 -43.74 13.29 8.16
N GLN B 498 -42.60 13.02 7.54
CA GLN B 498 -41.65 12.07 8.10
C GLN B 498 -40.25 12.37 7.61
N ILE B 499 -39.27 12.15 8.48
CA ILE B 499 -37.86 12.28 8.15
C ILE B 499 -37.18 11.02 8.66
N TRP B 500 -36.86 10.10 7.77
CA TRP B 500 -36.28 8.83 8.18
C TRP B 500 -34.88 9.03 8.73
N ALA B 501 -34.62 8.43 9.89
CA ALA B 501 -33.35 8.57 10.59
C ALA B 501 -32.60 7.26 10.46
N GLU B 502 -31.86 7.13 9.36
CA GLU B 502 -31.05 5.94 9.08
C GLU B 502 -30.12 6.29 7.94
N GLU B 503 -29.05 5.51 7.81
CA GLU B 503 -28.04 5.74 6.79
C GLU B 503 -27.80 4.45 6.02
N PHE B 504 -27.82 4.53 4.70
CA PHE B 504 -27.54 3.39 3.85
C PHE B 504 -26.04 3.26 3.65
N GLN B 505 -25.48 2.12 4.07
CA GLN B 505 -24.06 1.84 3.88
C GLN B 505 -23.90 1.06 2.58
N CYS B 506 -24.01 1.77 1.46
CA CYS B 506 -23.97 1.18 0.14
C CYS B 506 -22.54 1.15 -0.37
N GLU B 507 -22.13 0.01 -0.92
CA GLU B 507 -20.82 -0.08 -1.56
C GLU B 507 -20.82 0.63 -2.91
N GLY B 508 -21.90 0.52 -3.66
CA GLY B 508 -22.02 1.27 -4.91
C GLY B 508 -22.43 0.43 -6.10
N HIS B 509 -22.46 -0.89 -5.95
CA HIS B 509 -22.81 -1.77 -7.07
C HIS B 509 -24.17 -2.44 -6.92
N GLU B 510 -24.85 -2.26 -5.79
CA GLU B 510 -26.14 -2.89 -5.59
C GLU B 510 -27.17 -2.33 -6.57
N SER B 511 -28.15 -3.17 -6.91
CA SER B 511 -29.19 -2.77 -7.85
C SER B 511 -30.44 -2.22 -7.17
N HIS B 512 -30.51 -2.28 -5.85
CA HIS B 512 -31.67 -1.79 -5.11
C HIS B 512 -31.18 -1.21 -3.79
N LEU B 513 -31.99 -0.30 -3.23
CA LEU B 513 -31.70 0.21 -1.89
C LEU B 513 -32.00 -0.80 -0.81
N SER B 514 -32.79 -1.84 -1.13
CA SER B 514 -33.11 -2.87 -0.15
C SER B 514 -31.91 -3.77 0.12
N LEU B 515 -31.07 -4.00 -0.88
CA LEU B 515 -29.91 -4.86 -0.72
C LEU B 515 -28.80 -4.23 0.11
N CYS B 516 -28.90 -2.93 0.40
CA CYS B 516 -27.92 -2.10 1.10
C CYS B 516 -28.13 -2.15 2.60
N PRO B 517 -27.06 -2.31 3.39
CA PRO B 517 -27.19 -2.26 4.84
C PRO B 517 -27.65 -0.88 5.31
N VAL B 518 -28.39 -0.86 6.41
CA VAL B 518 -28.93 0.36 6.99
C VAL B 518 -28.40 0.48 8.42
N ALA B 519 -27.81 1.63 8.74
CA ALA B 519 -27.28 1.88 10.07
C ALA B 519 -28.18 2.85 10.82
N PRO B 520 -28.82 2.44 11.91
CA PRO B 520 -29.69 3.35 12.65
C PRO B 520 -28.90 4.52 13.22
N ARG B 521 -29.56 5.67 13.27
CA ARG B 521 -28.97 6.92 13.73
C ARG B 521 -29.89 7.58 14.74
N PRO B 522 -29.35 8.41 15.62
CA PRO B 522 -30.20 9.14 16.57
C PRO B 522 -31.21 10.02 15.86
N GLU B 523 -32.41 10.11 16.44
CA GLU B 523 -33.51 10.85 15.85
C GLU B 523 -33.42 12.33 16.21
N GLY B 524 -34.16 13.14 15.45
CA GLY B 524 -34.22 14.56 15.72
C GLY B 524 -33.00 15.35 15.33
N THR B 525 -32.10 14.77 14.53
CA THR B 525 -30.86 15.44 14.18
C THR B 525 -31.01 16.38 12.97
N CYS B 526 -32.16 16.37 12.30
CA CYS B 526 -32.35 17.19 11.11
C CYS B 526 -33.78 17.71 11.06
N SER B 527 -33.98 18.75 10.26
CA SER B 527 -35.28 19.36 10.02
C SER B 527 -35.64 19.23 8.55
N HIS B 528 -36.86 19.66 8.21
CA HIS B 528 -37.33 19.53 6.84
C HIS B 528 -36.61 20.47 5.88
N SER B 529 -35.93 21.49 6.39
CA SER B 529 -35.14 22.36 5.54
C SER B 529 -33.84 21.71 5.08
N ARG B 530 -33.54 20.50 5.56
CA ARG B 530 -32.34 19.78 5.18
C ARG B 530 -32.63 18.59 4.27
N ASP B 531 -33.77 18.59 3.59
CA ASP B 531 -34.11 17.49 2.70
C ASP B 531 -33.10 17.39 1.56
N VAL B 532 -32.81 16.16 1.16
CA VAL B 532 -31.80 15.90 0.13
C VAL B 532 -32.50 15.73 -1.21
N GLY B 533 -31.77 16.06 -2.27
CA GLY B 533 -32.28 15.89 -3.62
C GLY B 533 -31.16 15.47 -4.54
N VAL B 534 -31.54 14.80 -5.61
CA VAL B 534 -30.57 14.21 -6.55
C VAL B 534 -30.93 14.62 -7.96
N VAL B 535 -29.92 14.67 -8.82
CA VAL B 535 -30.08 14.92 -10.24
C VAL B 535 -29.36 13.81 -10.98
N CYS B 536 -30.11 12.99 -11.73
CA CYS B 536 -29.51 11.92 -12.50
C CYS B 536 -29.36 12.38 -13.96
N SER B 537 -28.77 11.50 -14.78
CA SER B 537 -28.29 11.90 -16.09
C SER B 537 -29.28 11.66 -17.22
N ARG B 538 -30.44 11.04 -16.97
CA ARG B 538 -31.41 10.76 -18.02
C ARG B 538 -32.55 11.76 -17.93
N TYR B 539 -32.32 12.93 -18.51
CA TYR B 539 -33.28 14.04 -18.45
C TYR B 539 -34.07 14.22 -19.74
N THR B 540 -33.89 13.34 -20.72
CA THR B 540 -34.46 13.54 -22.05
C THR B 540 -35.89 13.03 -22.12
N GLU B 541 -36.73 13.77 -22.84
CA GLU B 541 -38.13 13.40 -23.08
C GLU B 541 -38.34 13.24 -24.58
N ILE B 542 -38.58 12.00 -25.02
CA ILE B 542 -38.88 11.71 -26.40
C ILE B 542 -40.15 10.88 -26.47
N ARG B 543 -41.04 11.23 -27.39
CA ARG B 543 -42.28 10.49 -27.58
C ARG B 543 -42.60 10.44 -29.06
N LEU B 544 -43.44 9.48 -29.43
CA LEU B 544 -43.91 9.30 -30.80
C LEU B 544 -45.36 9.73 -30.88
N VAL B 545 -45.67 10.66 -31.78
CA VAL B 545 -46.98 11.26 -31.86
C VAL B 545 -47.49 11.17 -33.29
N ASN B 546 -48.81 11.30 -33.44
CA ASN B 546 -49.49 11.31 -34.74
C ASN B 546 -49.25 10.00 -35.51
N GLY B 547 -49.21 8.89 -34.78
CA GLY B 547 -49.00 7.58 -35.37
C GLY B 547 -50.22 6.70 -35.20
N LYS B 548 -50.47 5.85 -36.21
CA LYS B 548 -51.63 4.97 -36.15
C LYS B 548 -51.51 3.99 -34.98
N THR B 549 -50.33 3.42 -34.78
CA THR B 549 -50.06 2.55 -33.66
C THR B 549 -49.02 3.19 -32.75
N PRO B 550 -49.01 2.85 -31.46
CA PRO B 550 -48.05 3.49 -30.55
C PRO B 550 -46.59 3.26 -30.91
N CYS B 551 -46.29 2.19 -31.66
CA CYS B 551 -44.89 1.88 -31.97
C CYS B 551 -44.30 2.76 -33.05
N GLU B 552 -45.13 3.32 -33.94
CA GLU B 552 -44.65 4.16 -35.02
C GLU B 552 -45.26 5.55 -34.90
N GLY B 553 -44.53 6.56 -35.35
CA GLY B 553 -45.03 7.91 -35.31
C GLY B 553 -43.92 8.91 -35.55
N ARG B 554 -44.29 10.18 -35.41
CA ARG B 554 -43.35 11.28 -35.58
C ARG B 554 -42.62 11.53 -34.26
N VAL B 555 -41.29 11.65 -34.34
CA VAL B 555 -40.48 11.85 -33.14
C VAL B 555 -40.67 13.27 -32.62
N GLU B 556 -40.93 13.40 -31.33
CA GLU B 556 -41.08 14.69 -30.68
C GLU B 556 -40.18 14.73 -29.45
N LEU B 557 -39.64 15.92 -29.16
CA LEU B 557 -38.73 16.13 -28.05
C LEU B 557 -39.16 17.36 -27.26
N LYS B 558 -39.10 17.28 -25.94
CA LYS B 558 -39.47 18.38 -25.06
C LYS B 558 -38.23 18.97 -24.42
N THR B 559 -38.01 20.27 -24.63
CA THR B 559 -36.91 20.98 -24.02
C THR B 559 -37.37 22.40 -23.74
N LEU B 560 -36.91 22.96 -22.63
CA LEU B 560 -37.22 24.34 -22.25
C LEU B 560 -38.72 24.57 -22.13
N GLY B 561 -39.47 23.51 -21.84
CA GLY B 561 -40.89 23.65 -21.59
C GLY B 561 -41.79 23.66 -22.80
N ALA B 562 -41.31 23.22 -23.96
CA ALA B 562 -42.13 23.16 -25.16
C ALA B 562 -41.92 21.84 -25.87
N TRP B 563 -42.93 21.41 -26.62
CA TRP B 563 -42.90 20.16 -27.37
C TRP B 563 -42.60 20.46 -28.83
N GLY B 564 -41.51 19.91 -29.33
CA GLY B 564 -41.12 20.13 -30.72
C GLY B 564 -40.69 18.84 -31.36
N SER B 565 -40.47 18.91 -32.67
CA SER B 565 -40.13 17.75 -33.49
C SER B 565 -38.71 17.88 -34.01
N LEU B 566 -37.95 16.80 -33.93
CA LEU B 566 -36.62 16.75 -34.50
C LEU B 566 -36.69 16.79 -36.02
N CYS B 567 -35.57 17.08 -36.66
CA CYS B 567 -35.51 17.04 -38.11
C CYS B 567 -34.56 15.93 -38.59
N ASN B 568 -34.76 15.54 -39.85
CA ASN B 568 -34.23 14.28 -40.36
C ASN B 568 -32.70 14.26 -40.43
N SER B 569 -32.06 15.42 -40.56
CA SER B 569 -30.62 15.46 -40.67
C SER B 569 -29.98 14.86 -39.42
N HIS B 570 -28.97 14.01 -39.64
CA HIS B 570 -28.21 13.32 -38.61
C HIS B 570 -29.04 12.27 -37.86
N TRP B 571 -30.26 11.98 -38.33
CA TRP B 571 -31.11 10.94 -37.74
C TRP B 571 -30.93 9.65 -38.52
N ASP B 572 -30.46 8.60 -37.84
CA ASP B 572 -30.08 7.35 -38.48
C ASP B 572 -30.85 6.19 -37.85
N ILE B 573 -30.62 5.00 -38.40
CA ILE B 573 -31.29 3.80 -37.89
C ILE B 573 -30.75 3.43 -36.51
N GLU B 574 -29.49 3.75 -36.23
CA GLU B 574 -28.94 3.46 -34.91
C GLU B 574 -29.67 4.26 -33.83
N ASP B 575 -29.97 5.53 -34.11
CA ASP B 575 -30.78 6.31 -33.19
C ASP B 575 -32.18 5.75 -33.07
N ALA B 576 -32.77 5.30 -34.19
CA ALA B 576 -34.11 4.76 -34.16
C ALA B 576 -34.16 3.42 -33.45
N HIS B 577 -33.09 2.64 -33.49
CA HIS B 577 -33.05 1.40 -32.73
C HIS B 577 -33.13 1.67 -31.23
N VAL B 578 -32.41 2.68 -30.76
CA VAL B 578 -32.40 3.00 -29.34
C VAL B 578 -33.75 3.54 -28.90
N LEU B 579 -34.40 4.33 -29.75
CA LEU B 579 -35.71 4.86 -29.40
C LEU B 579 -36.73 3.75 -29.23
N CYS B 580 -36.73 2.77 -30.14
CA CYS B 580 -37.68 1.67 -30.04
C CYS B 580 -37.40 0.80 -28.82
N GLN B 581 -36.12 0.54 -28.53
CA GLN B 581 -35.79 -0.26 -27.36
C GLN B 581 -36.21 0.45 -26.07
N GLN B 582 -35.99 1.76 -25.99
CA GLN B 582 -36.40 2.51 -24.80
C GLN B 582 -37.91 2.49 -24.65
N LEU B 583 -38.64 2.66 -25.74
CA LEU B 583 -40.10 2.62 -25.72
C LEU B 583 -40.65 1.20 -25.63
N LYS B 584 -39.78 0.19 -25.60
CA LYS B 584 -40.14 -1.21 -25.43
C LYS B 584 -40.92 -1.78 -26.61
N CYS B 585 -40.89 -1.10 -27.76
CA CYS B 585 -41.54 -1.65 -28.94
C CYS B 585 -40.70 -2.74 -29.60
N GLY B 586 -39.38 -2.59 -29.59
CA GLY B 586 -38.52 -3.58 -30.19
C GLY B 586 -37.43 -3.00 -31.06
N VAL B 587 -37.40 -3.38 -32.33
CA VAL B 587 -36.41 -2.89 -33.28
C VAL B 587 -37.11 -2.06 -34.35
N ALA B 588 -36.38 -1.13 -34.93
CA ALA B 588 -36.94 -0.23 -35.94
C ALA B 588 -36.77 -0.82 -37.33
N LEU B 589 -37.89 -0.94 -38.04
CA LEU B 589 -37.83 -1.40 -39.43
C LEU B 589 -37.13 -0.38 -40.31
N SER B 590 -37.56 0.87 -40.24
CA SER B 590 -37.05 1.92 -41.11
C SER B 590 -37.43 3.27 -40.54
N THR B 591 -36.80 4.31 -41.08
CA THR B 591 -37.12 5.69 -40.72
C THR B 591 -37.71 6.39 -41.94
N PRO B 592 -39.03 6.57 -42.01
CA PRO B 592 -39.63 7.18 -43.20
C PRO B 592 -39.10 8.57 -43.46
N GLY B 593 -38.90 8.88 -44.74
CA GLY B 593 -38.43 10.20 -45.14
C GLY B 593 -39.57 11.17 -45.33
N GLY B 594 -39.19 12.42 -45.63
CA GLY B 594 -40.20 13.46 -45.79
C GLY B 594 -40.97 13.67 -44.51
N ALA B 595 -42.29 13.78 -44.64
CA ALA B 595 -43.20 13.87 -43.50
C ALA B 595 -44.31 12.84 -43.72
N ARG B 596 -44.04 11.59 -43.33
CA ARG B 596 -45.03 10.54 -43.52
C ARG B 596 -46.18 10.69 -42.53
N PHE B 597 -45.89 11.17 -41.32
CA PHE B 597 -46.90 11.38 -40.30
C PHE B 597 -47.21 12.86 -40.10
N GLY B 598 -46.80 13.71 -41.04
CA GLY B 598 -47.09 15.13 -40.95
C GLY B 598 -46.14 15.87 -40.05
N LYS B 599 -46.34 17.18 -39.98
CA LYS B 599 -45.59 18.05 -39.09
C LYS B 599 -46.57 18.84 -38.25
N GLY B 600 -46.46 18.70 -36.93
CA GLY B 600 -47.34 19.40 -36.01
C GLY B 600 -46.56 20.39 -35.18
N ASN B 601 -47.22 21.49 -34.81
CA ASN B 601 -46.64 22.55 -33.99
C ASN B 601 -45.54 23.30 -34.74
N GLY B 602 -45.34 24.57 -34.41
CA GLY B 602 -44.33 25.35 -35.10
C GLY B 602 -42.92 25.10 -34.61
N GLN B 603 -42.78 24.44 -33.46
CA GLN B 603 -41.47 24.28 -32.85
C GLN B 603 -40.67 23.17 -33.54
N ILE B 604 -39.40 23.46 -33.79
CA ILE B 604 -38.46 22.50 -34.37
C ILE B 604 -37.22 22.47 -33.48
N TRP B 605 -36.80 21.28 -33.08
CA TRP B 605 -35.61 21.10 -32.25
C TRP B 605 -34.51 20.46 -33.09
N ARG B 606 -33.34 21.08 -33.07
CA ARG B 606 -32.23 20.72 -33.95
C ARG B 606 -31.18 19.86 -33.25
N HIS B 607 -31.59 19.03 -32.30
CA HIS B 607 -30.64 18.19 -31.59
C HIS B 607 -30.10 17.10 -32.51
N MET B 608 -28.88 16.67 -32.22
CA MET B 608 -28.21 15.60 -32.96
C MET B 608 -27.78 14.52 -31.99
N PHE B 609 -28.24 13.31 -32.21
CA PHE B 609 -27.91 12.17 -31.37
C PHE B 609 -26.95 11.27 -32.14
N HIS B 610 -25.85 10.88 -31.51
CA HIS B 610 -24.86 10.01 -32.11
C HIS B 610 -24.86 8.70 -31.34
N CYS B 611 -25.77 7.80 -31.70
CA CYS B 611 -26.00 6.57 -30.98
C CYS B 611 -25.29 5.41 -31.65
N THR B 612 -24.66 4.55 -30.83
CA THR B 612 -24.08 3.32 -31.35
C THR B 612 -25.15 2.32 -31.74
N GLY B 613 -26.33 2.41 -31.13
CA GLY B 613 -27.40 1.44 -31.33
C GLY B 613 -27.52 0.42 -30.23
N THR B 614 -26.51 0.28 -29.38
CA THR B 614 -26.53 -0.66 -28.27
C THR B 614 -27.07 -0.06 -26.98
N GLU B 615 -27.29 1.26 -26.93
CA GLU B 615 -27.76 1.90 -25.72
C GLU B 615 -29.23 1.56 -25.46
N GLN B 616 -29.59 1.53 -24.18
CA GLN B 616 -30.95 1.21 -23.78
C GLN B 616 -31.86 2.42 -23.71
N HIS B 617 -31.31 3.60 -23.44
CA HIS B 617 -32.08 4.82 -23.28
C HIS B 617 -31.46 5.93 -24.12
N MET B 618 -32.31 6.83 -24.61
CA MET B 618 -31.81 7.96 -25.39
C MET B 618 -30.97 8.93 -24.56
N GLY B 619 -31.05 8.84 -23.24
CA GLY B 619 -30.22 9.66 -22.38
C GLY B 619 -28.77 9.22 -22.33
N ASP B 620 -28.48 7.98 -22.73
CA ASP B 620 -27.10 7.50 -22.81
C ASP B 620 -26.41 7.94 -24.08
N CYS B 621 -27.16 8.31 -25.11
CA CYS B 621 -26.57 8.69 -26.39
C CYS B 621 -25.90 10.05 -26.28
N PRO B 622 -24.70 10.22 -26.85
CA PRO B 622 -24.11 11.56 -26.92
C PRO B 622 -24.93 12.47 -27.82
N VAL B 623 -25.25 13.65 -27.31
CA VAL B 623 -26.09 14.60 -28.01
C VAL B 623 -25.45 15.98 -27.94
N THR B 624 -25.44 16.69 -29.07
CA THR B 624 -24.99 18.07 -29.13
C THR B 624 -26.06 18.89 -29.83
N ALA B 625 -26.42 20.02 -29.22
CA ALA B 625 -27.39 20.92 -29.82
C ALA B 625 -26.87 22.35 -29.99
N LEU B 626 -25.62 22.61 -29.61
CA LEU B 626 -25.07 23.95 -29.72
C LEU B 626 -24.77 24.30 -31.18
N GLY B 627 -25.27 25.44 -31.63
CA GLY B 627 -24.97 25.93 -32.95
C GLY B 627 -25.45 25.05 -34.08
N ALA B 628 -26.37 24.14 -33.83
CA ALA B 628 -26.84 23.25 -34.89
C ALA B 628 -27.53 24.03 -35.99
N SER B 629 -27.30 23.60 -37.22
CA SER B 629 -27.77 24.34 -38.38
C SER B 629 -29.29 24.22 -38.54
N LEU B 630 -29.87 25.23 -39.18
CA LEU B 630 -31.30 25.21 -39.44
C LEU B 630 -31.64 24.08 -40.40
N CYS B 631 -32.83 23.52 -40.23
CA CYS B 631 -33.30 22.45 -41.10
C CYS B 631 -34.71 22.75 -41.57
N PRO B 632 -35.04 22.41 -42.83
CA PRO B 632 -36.34 22.79 -43.38
C PRO B 632 -37.48 22.10 -42.66
N SER B 633 -38.63 22.78 -42.66
CA SER B 633 -39.82 22.25 -42.00
C SER B 633 -40.29 20.93 -42.61
N GLU B 634 -39.94 20.66 -43.87
CA GLU B 634 -40.32 19.39 -44.48
C GLU B 634 -39.61 18.23 -43.80
N GLN B 635 -38.33 18.39 -43.45
CA GLN B 635 -37.55 17.32 -42.84
C GLN B 635 -37.94 17.18 -41.37
N VAL B 636 -38.59 16.06 -41.03
CA VAL B 636 -38.99 15.76 -39.66
C VAL B 636 -38.73 14.28 -39.43
N ALA B 637 -38.07 13.96 -38.32
CA ALA B 637 -37.69 12.58 -38.05
C ALA B 637 -38.89 11.72 -37.71
N SER B 638 -38.87 10.48 -38.19
CA SER B 638 -39.90 9.49 -37.90
C SER B 638 -39.24 8.14 -37.72
N VAL B 639 -39.97 7.22 -37.10
CA VAL B 639 -39.47 5.86 -36.89
C VAL B 639 -40.68 4.93 -36.84
N ILE B 640 -40.52 3.74 -37.44
CA ILE B 640 -41.54 2.70 -37.41
C ILE B 640 -40.92 1.48 -36.76
N CYS B 641 -41.32 1.20 -35.52
CA CYS B 641 -40.78 0.07 -34.78
C CYS B 641 -41.56 -1.20 -35.09
N SER B 642 -40.91 -2.34 -34.92
CA SER B 642 -41.53 -3.62 -35.27
C SER B 642 -42.73 -3.91 -34.38
N GLY B 643 -42.61 -3.64 -33.08
CA GLY B 643 -43.68 -3.92 -32.14
C GLY B 643 -43.68 -5.30 -31.53
N ASN B 644 -42.76 -6.17 -31.94
CA ASN B 644 -42.73 -7.53 -31.40
C ASN B 644 -42.34 -7.53 -29.92
N GLN B 645 -41.41 -6.64 -29.53
CA GLN B 645 -40.93 -6.50 -28.16
C GLN B 645 -40.12 -7.73 -27.75
N SER B 646 -40.05 -8.73 -28.62
CA SER B 646 -39.29 -9.94 -28.34
C SER B 646 -37.91 -9.93 -29.00
N GLN B 647 -37.75 -9.17 -30.07
CA GLN B 647 -36.48 -9.15 -30.79
C GLN B 647 -35.38 -8.50 -29.94
N THR B 648 -34.20 -9.09 -29.99
CA THR B 648 -32.99 -8.50 -29.43
C THR B 648 -31.92 -8.52 -30.49
N LEU B 649 -31.35 -7.36 -30.79
CA LEU B 649 -30.42 -7.19 -31.91
C LEU B 649 -28.99 -7.23 -31.42
N SER B 650 -28.10 -7.69 -32.28
CA SER B 650 -26.68 -7.80 -31.98
C SER B 650 -25.89 -7.66 -33.27
N SER B 651 -24.56 -7.66 -33.12
CA SER B 651 -23.67 -7.54 -34.27
C SER B 651 -23.80 -8.77 -35.17
N CYS B 652 -23.51 -8.56 -36.46
CA CYS B 652 -23.67 -9.59 -37.47
C CYS B 652 -22.42 -9.68 -38.34
N ASN B 653 -22.13 -10.89 -38.81
CA ASN B 653 -21.06 -11.19 -39.77
C ASN B 653 -19.72 -10.76 -39.15
N SER B 654 -18.83 -10.12 -39.91
CA SER B 654 -17.52 -9.75 -39.41
C SER B 654 -17.06 -8.47 -40.10
N SER B 655 -15.87 -8.01 -39.72
CA SER B 655 -15.35 -6.76 -40.25
C SER B 655 -15.11 -6.83 -41.76
N SER B 656 -14.56 -7.95 -42.24
CA SER B 656 -14.28 -8.17 -43.65
C SER B 656 -13.35 -7.08 -44.21
N LEU B 657 -12.14 -7.08 -43.69
CA LEU B 657 -11.11 -6.14 -44.12
C LEU B 657 -10.85 -6.28 -45.61
N GLY B 658 -10.69 -5.14 -46.28
CA GLY B 658 -10.42 -5.13 -47.70
C GLY B 658 -11.25 -4.09 -48.44
N PRO B 659 -10.67 -3.51 -49.48
CA PRO B 659 -11.42 -2.49 -50.25
C PRO B 659 -12.67 -3.07 -50.88
N THR B 660 -13.72 -2.26 -50.91
CA THR B 660 -15.01 -2.68 -51.45
C THR B 660 -15.64 -1.55 -52.28
N ALA B 671 -31.10 -5.86 -39.22
CA ALA B 671 -31.30 -5.50 -37.83
C ALA B 671 -30.09 -5.88 -36.99
N CYS B 672 -28.90 -5.64 -37.52
CA CYS B 672 -27.65 -5.97 -36.86
C CYS B 672 -26.72 -4.76 -36.87
N ILE B 673 -26.02 -4.56 -35.75
CA ILE B 673 -25.03 -3.50 -35.67
C ILE B 673 -23.77 -3.92 -36.43
N GLU B 674 -23.03 -2.93 -36.90
CA GLU B 674 -21.79 -3.19 -37.62
C GLU B 674 -20.80 -3.93 -36.73
N SER B 675 -20.07 -4.88 -37.33
CA SER B 675 -19.14 -5.69 -36.55
C SER B 675 -18.00 -4.85 -35.98
N GLY B 676 -17.44 -3.94 -36.79
CA GLY B 676 -16.32 -3.13 -36.36
C GLY B 676 -16.80 -1.84 -35.71
N GLN B 677 -16.29 -1.56 -34.52
CA GLN B 677 -16.65 -0.37 -33.77
C GLN B 677 -15.42 0.52 -33.61
N LEU B 678 -15.62 1.82 -33.79
CA LEU B 678 -14.56 2.81 -33.73
C LEU B 678 -14.83 3.79 -32.60
N ARG B 679 -13.78 4.23 -31.93
CA ARG B 679 -13.92 5.21 -30.87
C ARG B 679 -12.60 5.95 -30.69
N LEU B 680 -12.71 7.13 -30.06
CA LEU B 680 -11.56 7.98 -29.77
C LEU B 680 -11.45 8.11 -28.25
N VAL B 681 -10.24 7.93 -27.73
CA VAL B 681 -10.01 7.80 -26.29
C VAL B 681 -9.03 8.88 -25.84
N ASN B 682 -9.34 9.49 -24.70
CA ASN B 682 -8.44 10.39 -23.96
C ASN B 682 -8.20 11.71 -24.68
N GLY B 683 -9.16 12.19 -25.45
CA GLY B 683 -8.98 13.45 -26.15
C GLY B 683 -9.69 14.65 -25.57
N GLY B 684 -10.52 14.44 -24.55
CA GLY B 684 -11.32 15.52 -24.02
C GLY B 684 -12.62 15.75 -24.73
N GLY B 685 -12.99 14.88 -25.67
CA GLY B 685 -14.24 15.01 -26.38
C GLY B 685 -14.48 13.79 -27.22
N ARG B 686 -15.69 13.72 -27.79
CA ARG B 686 -16.03 12.61 -28.66
C ARG B 686 -15.35 12.71 -30.02
N CYS B 687 -14.85 13.89 -30.39
CA CYS B 687 -14.26 14.12 -31.70
C CYS B 687 -12.75 14.30 -31.66
N ALA B 688 -12.10 13.89 -30.57
CA ALA B 688 -10.65 13.91 -30.48
C ALA B 688 -10.19 12.79 -29.57
N GLY B 689 -9.06 12.19 -29.89
CA GLY B 689 -8.49 11.16 -29.05
C GLY B 689 -7.78 10.12 -29.88
N ARG B 690 -7.30 9.09 -29.18
CA ARG B 690 -6.54 8.02 -29.80
C ARG B 690 -7.47 7.05 -30.51
N VAL B 691 -7.21 6.80 -31.79
CA VAL B 691 -8.07 5.94 -32.59
C VAL B 691 -7.94 4.51 -32.12
N GLU B 692 -9.08 3.87 -31.85
CA GLU B 692 -9.12 2.47 -31.46
C GLU B 692 -10.22 1.77 -32.24
N ILE B 693 -10.05 0.45 -32.42
CA ILE B 693 -10.98 -0.34 -33.21
C ILE B 693 -11.27 -1.64 -32.47
N TYR B 694 -12.50 -2.14 -32.64
CA TYR B 694 -12.96 -3.34 -31.96
C TYR B 694 -12.87 -4.52 -32.93
N HIS B 695 -12.07 -5.53 -32.57
CA HIS B 695 -11.88 -6.69 -33.41
C HIS B 695 -11.65 -7.90 -32.54
N GLU B 696 -12.35 -9.00 -32.85
CA GLU B 696 -12.23 -10.26 -32.13
C GLU B 696 -12.44 -10.07 -30.63
N GLY B 697 -13.43 -9.24 -30.28
CA GLY B 697 -13.75 -9.01 -28.89
C GLY B 697 -12.66 -8.33 -28.09
N SER B 698 -11.98 -7.36 -28.71
CA SER B 698 -10.97 -6.58 -28.00
C SER B 698 -10.81 -5.24 -28.70
N TRP B 699 -10.36 -4.25 -27.94
CA TRP B 699 -10.13 -2.90 -28.46
C TRP B 699 -8.65 -2.72 -28.73
N GLY B 700 -8.30 -2.40 -29.97
CA GLY B 700 -6.91 -2.26 -30.35
C GLY B 700 -6.67 -1.00 -31.14
N THR B 701 -5.43 -0.53 -31.09
CA THR B 701 -5.05 0.75 -31.67
C THR B 701 -4.57 0.57 -33.11
N ILE B 702 -4.14 1.68 -33.72
CA ILE B 702 -3.67 1.71 -35.09
C ILE B 702 -2.29 2.36 -35.12
N CYS B 703 -1.36 1.77 -35.88
CA CYS B 703 0.02 2.21 -35.86
C CYS B 703 0.21 3.57 -36.52
N ASP B 704 1.19 4.32 -36.01
CA ASP B 704 1.50 5.66 -36.47
C ASP B 704 2.03 5.65 -37.90
N ASP B 705 2.69 4.56 -38.32
CA ASP B 705 3.34 4.51 -39.62
C ASP B 705 2.35 4.78 -40.75
N SER B 706 2.70 5.72 -41.62
CA SER B 706 1.89 6.10 -42.78
C SER B 706 0.48 6.50 -42.35
N TRP B 707 0.38 7.29 -41.29
CA TRP B 707 -0.89 7.85 -40.83
C TRP B 707 -0.91 9.33 -41.16
N ASP B 708 -1.84 9.74 -42.03
CA ASP B 708 -1.92 11.11 -42.49
C ASP B 708 -3.37 11.56 -42.48
N LEU B 709 -3.62 12.72 -43.10
CA LEU B 709 -4.98 13.29 -43.07
C LEU B 709 -5.95 12.48 -43.90
N SER B 710 -5.49 11.90 -45.01
CA SER B 710 -6.38 11.07 -45.84
C SER B 710 -6.87 9.87 -45.07
N ASP B 711 -6.01 9.27 -44.25
CA ASP B 711 -6.46 8.21 -43.35
C ASP B 711 -7.37 8.77 -42.26
N ALA B 712 -7.13 10.02 -41.85
CA ALA B 712 -7.92 10.61 -40.78
C ALA B 712 -9.30 11.05 -41.24
N HIS B 713 -9.45 11.41 -42.52
CA HIS B 713 -10.74 11.88 -43.01
C HIS B 713 -11.79 10.80 -42.89
N VAL B 714 -11.44 9.56 -43.24
CA VAL B 714 -12.40 8.48 -43.16
C VAL B 714 -12.69 8.09 -41.71
N VAL B 715 -11.80 8.41 -40.79
CA VAL B 715 -12.06 8.15 -39.38
C VAL B 715 -13.07 9.15 -38.83
N CYS B 716 -12.92 10.43 -39.19
CA CYS B 716 -13.81 11.46 -38.65
C CYS B 716 -15.20 11.36 -39.25
N ARG B 717 -15.30 11.13 -40.57
CA ARG B 717 -16.61 11.09 -41.20
C ARG B 717 -17.39 9.85 -40.81
N GLN B 718 -16.70 8.75 -40.48
CA GLN B 718 -17.40 7.53 -40.08
C GLN B 718 -18.06 7.69 -38.72
N LEU B 719 -17.43 8.43 -37.82
CA LEU B 719 -17.96 8.62 -36.47
C LEU B 719 -18.96 9.76 -36.38
N GLY B 720 -19.23 10.48 -37.47
CA GLY B 720 -20.10 11.62 -37.40
C GLY B 720 -19.46 12.85 -36.78
N CYS B 721 -18.14 13.00 -36.92
CA CYS B 721 -17.40 14.10 -36.35
C CYS B 721 -16.94 15.10 -37.40
N GLY B 722 -17.57 15.12 -38.56
CA GLY B 722 -17.18 16.04 -39.60
C GLY B 722 -15.88 15.65 -40.29
N GLU B 723 -15.14 16.66 -40.72
CA GLU B 723 -13.86 16.43 -41.38
C GLU B 723 -12.76 16.22 -40.35
N ALA B 724 -11.51 16.17 -40.82
CA ALA B 724 -10.35 16.02 -39.96
C ALA B 724 -9.45 17.23 -40.13
N ILE B 725 -8.98 17.77 -39.00
CA ILE B 725 -8.06 18.90 -39.01
C ILE B 725 -6.63 18.45 -38.80
N ASN B 726 -6.40 17.53 -37.86
CA ASN B 726 -5.06 17.02 -37.59
C ASN B 726 -5.06 15.50 -37.66
N ALA B 727 -3.87 14.95 -37.84
CA ALA B 727 -3.62 13.52 -37.73
C ALA B 727 -2.36 13.34 -36.89
N THR B 728 -2.55 13.11 -35.59
CA THR B 728 -1.46 13.08 -34.64
C THR B 728 -0.90 11.67 -34.52
N GLY B 729 0.41 11.59 -34.26
CA GLY B 729 1.08 10.32 -34.06
C GLY B 729 2.02 10.38 -32.88
N SER B 730 2.75 9.28 -32.70
CA SER B 730 3.75 9.15 -31.63
C SER B 730 3.14 9.37 -30.24
N ALA B 731 1.95 8.81 -30.04
CA ALA B 731 1.27 8.81 -28.75
C ALA B 731 1.05 10.23 -28.21
N HIS B 732 0.43 11.07 -29.04
CA HIS B 732 0.10 12.42 -28.61
C HIS B 732 -0.97 12.41 -27.53
N PHE B 733 -1.95 11.50 -27.65
CA PHE B 733 -3.04 11.39 -26.69
C PHE B 733 -2.82 10.28 -25.68
N GLY B 734 -1.60 9.78 -25.56
CA GLY B 734 -1.28 8.78 -24.55
C GLY B 734 -0.98 7.41 -25.13
N GLU B 735 -0.30 6.58 -24.34
CA GLU B 735 -0.02 5.21 -24.75
C GLU B 735 -1.27 4.36 -24.59
N GLY B 736 -1.46 3.43 -25.52
CA GLY B 736 -2.63 2.55 -25.52
C GLY B 736 -2.28 1.17 -25.00
N THR B 737 -3.30 0.46 -24.53
CA THR B 737 -3.16 -0.91 -24.06
C THR B 737 -3.97 -1.84 -24.93
N GLY B 738 -3.35 -2.93 -25.38
CA GLY B 738 -4.03 -3.91 -26.19
C GLY B 738 -3.28 -4.23 -27.47
N PRO B 739 -3.84 -5.12 -28.28
CA PRO B 739 -3.19 -5.47 -29.54
C PRO B 739 -3.19 -4.29 -30.51
N ILE B 740 -2.20 -4.29 -31.40
CA ILE B 740 -2.13 -3.32 -32.49
C ILE B 740 -2.73 -4.02 -33.71
N TRP B 741 -3.97 -3.69 -34.04
CA TRP B 741 -4.71 -4.46 -35.04
C TRP B 741 -4.28 -4.12 -36.46
N LEU B 742 -3.96 -2.86 -36.73
CA LEU B 742 -3.71 -2.42 -38.10
C LEU B 742 -2.40 -1.68 -38.18
N ASP B 743 -1.84 -1.64 -39.39
CA ASP B 743 -0.57 -1.00 -39.68
C ASP B 743 -0.49 -0.67 -41.16
N GLU B 744 0.27 0.37 -41.48
CA GLU B 744 0.53 0.77 -42.87
C GLU B 744 -0.77 1.00 -43.63
N MET B 745 -1.68 1.74 -43.02
CA MET B 745 -2.98 2.01 -43.64
C MET B 745 -2.82 2.99 -44.79
N LYS B 746 -3.45 2.67 -45.92
CA LYS B 746 -3.41 3.51 -47.11
C LYS B 746 -4.84 3.72 -47.60
N CYS B 747 -5.31 4.96 -47.54
CA CYS B 747 -6.68 5.30 -47.93
C CYS B 747 -6.66 6.51 -48.86
N ASN B 748 -7.65 6.55 -49.75
CA ASN B 748 -7.81 7.68 -50.66
C ASN B 748 -8.66 8.80 -50.07
N GLY B 749 -9.31 8.57 -48.93
CA GLY B 749 -10.13 9.56 -48.29
C GLY B 749 -11.59 9.54 -48.69
N LYS B 750 -11.96 8.73 -49.69
CA LYS B 750 -13.34 8.63 -50.14
C LYS B 750 -14.03 7.37 -49.64
N GLU B 751 -13.39 6.63 -48.73
CA GLU B 751 -13.96 5.39 -48.23
C GLU B 751 -14.95 5.65 -47.11
N SER B 752 -15.74 4.63 -46.79
CA SER B 752 -16.78 4.74 -45.78
C SER B 752 -16.32 4.25 -44.42
N ARG B 753 -15.71 3.06 -44.37
CA ARG B 753 -15.26 2.46 -43.12
C ARG B 753 -13.75 2.30 -43.15
N ILE B 754 -13.16 2.23 -41.95
CA ILE B 754 -11.71 2.16 -41.83
C ILE B 754 -11.18 0.82 -42.34
N TRP B 755 -11.95 -0.27 -42.15
CA TRP B 755 -11.47 -1.57 -42.61
C TRP B 755 -11.51 -1.69 -44.12
N GLN B 756 -12.18 -0.77 -44.81
CA GLN B 756 -12.15 -0.77 -46.27
C GLN B 756 -10.81 -0.31 -46.83
N CYS B 757 -9.95 0.23 -45.97
CA CYS B 757 -8.65 0.71 -46.42
C CYS B 757 -7.69 -0.45 -46.67
N HIS B 758 -6.66 -0.18 -47.46
CA HIS B 758 -5.64 -1.17 -47.75
C HIS B 758 -4.66 -1.24 -46.58
N SER B 759 -4.63 -2.37 -45.89
CA SER B 759 -3.73 -2.58 -44.77
C SER B 759 -3.03 -3.92 -44.95
N HIS B 760 -1.94 -4.10 -44.20
CA HIS B 760 -1.19 -5.35 -44.30
C HIS B 760 -2.02 -6.55 -43.87
N GLY B 761 -2.78 -6.42 -42.79
CA GLY B 761 -3.62 -7.51 -42.34
C GLY B 761 -4.09 -7.26 -40.92
N TRP B 762 -4.95 -8.16 -40.47
CA TRP B 762 -5.53 -8.07 -39.14
C TRP B 762 -4.49 -8.56 -38.13
N GLY B 763 -3.86 -7.63 -37.42
CA GLY B 763 -2.87 -7.98 -36.42
C GLY B 763 -1.45 -8.12 -36.92
N GLN B 764 -1.21 -7.93 -38.22
CA GLN B 764 0.13 -8.02 -38.79
C GLN B 764 0.78 -6.64 -38.71
N GLN B 765 1.70 -6.48 -37.76
CA GLN B 765 2.35 -5.19 -37.55
C GLN B 765 3.74 -5.42 -36.95
N ASN B 766 4.59 -4.41 -37.11
CA ASN B 766 5.91 -4.39 -36.48
C ASN B 766 6.06 -3.20 -35.55
N CYS B 767 4.95 -2.69 -35.01
CA CYS B 767 4.93 -1.44 -34.28
C CYS B 767 4.97 -1.67 -32.78
N ARG B 768 5.11 -0.58 -32.04
CA ARG B 768 5.12 -0.59 -30.59
C ARG B 768 4.04 0.38 -30.10
N HIS B 769 3.77 0.33 -28.79
CA HIS B 769 2.65 1.11 -28.27
C HIS B 769 2.95 2.59 -28.15
N LYS B 770 4.22 3.00 -28.26
CA LYS B 770 4.51 4.43 -28.19
C LYS B 770 4.20 5.15 -29.48
N GLU B 771 3.84 4.44 -30.55
CA GLU B 771 3.47 5.04 -31.82
C GLU B 771 2.02 4.64 -32.11
N ASP B 772 1.08 5.40 -31.56
CA ASP B 772 -0.34 5.15 -31.73
C ASP B 772 -0.97 6.33 -32.44
N ALA B 773 -1.86 6.04 -33.39
CA ALA B 773 -2.46 7.08 -34.21
C ALA B 773 -3.65 7.72 -33.51
N GLY B 774 -3.84 9.01 -33.80
CA GLY B 774 -4.98 9.74 -33.29
C GLY B 774 -5.39 10.81 -34.28
N VAL B 775 -6.59 11.35 -34.10
CA VAL B 775 -7.14 12.37 -34.97
C VAL B 775 -7.75 13.48 -34.14
N ILE B 776 -7.86 14.66 -34.75
CA ILE B 776 -8.61 15.79 -34.20
C ILE B 776 -9.60 16.21 -35.28
N CYS B 777 -10.88 16.03 -35.01
CA CYS B 777 -11.89 16.21 -36.04
C CYS B 777 -12.42 17.64 -36.04
N SER B 778 -13.16 17.97 -37.10
CA SER B 778 -13.63 19.34 -37.30
C SER B 778 -14.65 19.75 -36.24
N GLU B 779 -15.57 18.85 -35.88
CA GLU B 779 -16.63 19.14 -34.94
C GLU B 779 -16.19 18.87 -33.50
N PHE B 780 -15.06 19.45 -33.10
CA PHE B 780 -14.50 19.28 -31.76
C PHE B 780 -14.50 20.63 -31.08
N MET B 781 -15.03 20.68 -29.85
CA MET B 781 -15.18 21.92 -29.13
C MET B 781 -14.55 21.82 -27.75
N SER B 782 -13.92 22.91 -27.32
CA SER B 782 -13.44 23.07 -25.96
C SER B 782 -13.82 24.46 -25.48
N LEU B 783 -13.82 24.64 -24.17
CA LEU B 783 -14.27 25.87 -23.54
C LEU B 783 -13.24 26.33 -22.51
N ARG B 784 -13.11 27.65 -22.37
CA ARG B 784 -12.18 28.20 -21.40
C ARG B 784 -12.59 29.63 -21.08
N LEU B 785 -12.02 30.16 -19.99
CA LEU B 785 -12.20 31.54 -19.57
C LEU B 785 -10.83 32.21 -19.57
N THR B 786 -10.67 33.23 -20.41
CA THR B 786 -9.38 33.88 -20.62
C THR B 786 -9.38 35.26 -19.96
N SER B 787 -8.37 35.50 -19.13
CA SER B 787 -8.12 36.80 -18.54
C SER B 787 -6.73 37.28 -18.95
N GLU B 788 -6.43 38.54 -18.61
CA GLU B 788 -5.11 39.07 -18.89
C GLU B 788 -4.03 38.33 -18.09
N ALA B 789 -4.34 37.99 -16.84
CA ALA B 789 -3.35 37.35 -15.98
C ALA B 789 -3.05 35.92 -16.42
N SER B 790 -4.08 35.14 -16.70
CA SER B 790 -3.91 33.73 -17.03
C SER B 790 -4.79 33.36 -18.23
N ARG B 791 -4.31 32.38 -19.00
CA ARG B 791 -5.10 31.88 -20.12
C ARG B 791 -6.36 31.17 -19.64
N GLU B 792 -6.25 30.38 -18.57
CA GLU B 792 -7.39 29.69 -17.97
C GLU B 792 -7.55 30.16 -16.53
N ALA B 793 -8.76 30.58 -16.17
CA ALA B 793 -9.04 31.08 -14.83
C ALA B 793 -10.54 30.95 -14.57
N CYS B 794 -10.93 31.33 -13.36
CA CYS B 794 -12.35 31.30 -12.99
C CYS B 794 -13.07 32.60 -13.30
N ALA B 795 -12.40 33.56 -13.92
CA ALA B 795 -13.03 34.78 -14.38
C ALA B 795 -12.31 35.25 -15.63
N GLY B 796 -13.07 35.75 -16.60
CA GLY B 796 -12.47 36.23 -17.83
C GLY B 796 -13.50 36.25 -18.95
N ARG B 797 -12.98 36.17 -20.17
CA ARG B 797 -13.81 36.13 -21.36
C ARG B 797 -14.13 34.69 -21.72
N LEU B 798 -15.36 34.44 -22.16
CA LEU B 798 -15.79 33.11 -22.55
C LEU B 798 -15.47 32.88 -24.02
N GLU B 799 -14.72 31.81 -24.29
CA GLU B 799 -14.25 31.50 -25.63
C GLU B 799 -14.59 30.08 -26.00
N VAL B 800 -15.04 29.89 -27.24
CA VAL B 800 -15.44 28.58 -27.76
C VAL B 800 -14.49 28.22 -28.89
N PHE B 801 -13.93 27.01 -28.84
CA PHE B 801 -12.99 26.52 -29.83
C PHE B 801 -13.71 25.59 -30.78
N TYR B 802 -13.99 26.07 -31.99
CA TYR B 802 -14.72 25.29 -32.99
C TYR B 802 -14.00 25.40 -34.33
N ASN B 803 -13.92 24.28 -35.04
CA ASN B 803 -13.28 24.21 -36.36
C ASN B 803 -11.81 24.61 -36.30
N GLY B 804 -11.13 24.20 -35.22
CA GLY B 804 -9.73 24.54 -35.09
C GLY B 804 -9.47 26.01 -34.87
N ALA B 805 -10.48 26.77 -34.45
CA ALA B 805 -10.35 28.20 -34.22
C ALA B 805 -11.08 28.57 -32.94
N TRP B 806 -10.59 29.60 -32.26
CA TRP B 806 -11.25 30.12 -31.07
C TRP B 806 -12.14 31.30 -31.41
N GLY B 807 -13.10 31.57 -30.54
CA GLY B 807 -14.05 32.64 -30.76
C GLY B 807 -14.90 32.87 -29.55
N THR B 808 -15.54 34.03 -29.50
CA THR B 808 -16.31 34.46 -28.34
C THR B 808 -17.79 34.11 -28.47
N VAL B 809 -18.52 34.33 -27.39
CA VAL B 809 -19.94 34.01 -27.30
C VAL B 809 -20.71 35.28 -27.04
N GLY B 810 -21.85 35.43 -27.71
CA GLY B 810 -22.66 36.61 -27.53
C GLY B 810 -23.30 36.65 -26.16
N LYS B 811 -23.53 37.87 -25.67
CA LYS B 811 -24.09 38.08 -24.33
C LYS B 811 -25.61 38.03 -24.31
N SER B 812 -26.26 38.15 -25.47
CA SER B 812 -27.72 38.20 -25.49
C SER B 812 -28.31 36.87 -25.04
N SER B 813 -29.47 36.95 -24.39
CA SER B 813 -30.21 35.79 -23.91
C SER B 813 -29.42 34.95 -22.91
N MET B 814 -28.51 35.57 -22.15
CA MET B 814 -27.83 34.86 -21.08
C MET B 814 -28.73 34.78 -19.86
N SER B 815 -28.70 33.64 -19.18
CA SER B 815 -29.54 33.39 -18.02
C SER B 815 -28.69 32.81 -16.91
N GLU B 816 -29.30 32.70 -15.72
CA GLU B 816 -28.57 32.16 -14.59
C GLU B 816 -28.30 30.67 -14.76
N THR B 817 -29.18 29.95 -15.47
CA THR B 817 -28.91 28.55 -15.78
C THR B 817 -27.74 28.42 -16.74
N THR B 818 -27.64 29.33 -17.72
CA THR B 818 -26.56 29.28 -18.69
C THR B 818 -25.22 29.62 -18.05
N VAL B 819 -25.19 30.62 -17.17
CA VAL B 819 -23.95 30.98 -16.50
C VAL B 819 -23.51 29.88 -15.54
N GLY B 820 -24.46 29.23 -14.88
CA GLY B 820 -24.12 28.13 -14.00
C GLY B 820 -23.52 26.95 -14.72
N VAL B 821 -23.97 26.68 -15.95
CA VAL B 821 -23.46 25.54 -16.71
C VAL B 821 -21.98 25.74 -17.06
N VAL B 822 -21.60 26.95 -17.42
CA VAL B 822 -20.20 27.23 -17.76
C VAL B 822 -19.31 27.01 -16.54
N CYS B 823 -19.74 27.52 -15.39
CA CYS B 823 -18.92 27.42 -14.18
C CYS B 823 -18.78 25.97 -13.71
N ARG B 824 -19.86 25.19 -13.82
CA ARG B 824 -19.77 23.78 -13.45
C ARG B 824 -18.97 22.99 -14.46
N GLN B 825 -19.08 23.33 -15.75
CA GLN B 825 -18.36 22.59 -16.78
C GLN B 825 -16.85 22.77 -16.64
N LEU B 826 -16.40 23.99 -16.39
CA LEU B 826 -14.97 24.25 -16.26
C LEU B 826 -14.40 23.73 -14.95
N GLY B 827 -15.24 23.48 -13.96
CA GLY B 827 -14.78 23.03 -12.66
C GLY B 827 -14.58 24.13 -11.64
N CYS B 828 -15.12 25.32 -11.87
CA CYS B 828 -14.89 26.45 -10.98
C CYS B 828 -15.83 26.40 -9.77
N ALA B 829 -17.13 26.49 -10.03
CA ALA B 829 -18.12 26.53 -8.95
C ALA B 829 -19.46 26.10 -9.53
N ASP B 830 -20.53 26.28 -8.73
CA ASP B 830 -21.86 25.88 -9.15
C ASP B 830 -22.66 27.01 -9.79
N LYS B 831 -22.29 28.26 -9.52
CA LYS B 831 -23.00 29.41 -10.05
C LYS B 831 -21.98 30.47 -10.46
N GLY B 832 -22.48 31.53 -11.07
CA GLY B 832 -21.63 32.62 -11.50
C GLY B 832 -22.45 33.82 -11.89
N LYS B 833 -21.74 34.88 -12.31
CA LYS B 833 -22.38 36.11 -12.73
C LYS B 833 -21.57 36.73 -13.87
N ILE B 834 -22.24 37.53 -14.68
CA ILE B 834 -21.62 38.16 -15.85
C ILE B 834 -21.26 39.59 -15.47
N ASN B 835 -19.97 39.87 -15.44
CA ASN B 835 -19.50 41.23 -15.19
C ASN B 835 -19.36 41.99 -16.51
N PRO B 836 -19.35 43.32 -16.46
CA PRO B 836 -19.13 44.10 -17.68
C PRO B 836 -17.75 43.83 -18.28
N ALA B 837 -17.55 44.35 -19.49
CA ALA B 837 -16.31 44.09 -20.22
C ALA B 837 -15.12 44.67 -19.48
N SER B 838 -13.99 43.95 -19.55
CA SER B 838 -12.79 44.38 -18.86
C SER B 838 -12.08 45.48 -19.65
N LEU B 839 -10.97 45.96 -19.09
CA LEU B 839 -10.26 47.09 -19.68
C LEU B 839 -9.49 46.70 -20.94
N ASP B 840 -9.05 45.45 -21.04
CA ASP B 840 -8.23 44.98 -22.14
C ASP B 840 -8.82 43.72 -22.76
N LYS B 841 -8.79 43.66 -24.09
CA LYS B 841 -9.23 42.49 -24.83
C LYS B 841 -8.06 41.98 -25.67
N ALA B 842 -7.90 40.66 -25.71
CA ALA B 842 -6.74 40.04 -26.36
C ALA B 842 -7.13 39.55 -27.75
N MET B 843 -6.47 40.11 -28.76
CA MET B 843 -6.53 39.65 -30.15
C MET B 843 -7.89 39.88 -30.80
N SER B 844 -8.89 40.33 -30.02
CA SER B 844 -10.23 40.62 -30.51
C SER B 844 -10.72 39.54 -31.47
N ILE B 845 -10.78 38.31 -30.97
CA ILE B 845 -11.14 37.14 -31.78
C ILE B 845 -12.59 37.26 -32.21
N PRO B 846 -12.97 36.71 -33.37
CA PRO B 846 -14.34 36.86 -33.86
C PRO B 846 -15.33 36.06 -33.03
N MET B 847 -16.59 36.51 -33.07
CA MET B 847 -17.67 35.86 -32.33
C MET B 847 -18.13 34.61 -33.06
N TRP B 848 -18.29 33.52 -32.33
CA TRP B 848 -18.66 32.23 -32.93
C TRP B 848 -20.15 31.95 -32.83
N VAL B 849 -20.72 31.98 -31.62
CA VAL B 849 -22.10 31.57 -31.39
C VAL B 849 -22.80 32.61 -30.53
N ASP B 850 -24.13 32.59 -30.60
CA ASP B 850 -24.95 33.56 -29.89
C ASP B 850 -26.29 32.93 -29.52
N ASN B 851 -27.05 33.63 -28.69
CA ASN B 851 -28.39 33.22 -28.28
C ASN B 851 -28.40 31.84 -27.63
N VAL B 852 -27.37 31.55 -26.83
CA VAL B 852 -27.27 30.25 -26.18
C VAL B 852 -28.30 30.16 -25.06
N GLN B 853 -29.11 29.11 -25.09
CA GLN B 853 -30.13 28.86 -24.07
C GLN B 853 -29.88 27.48 -23.47
N CYS B 854 -29.67 27.44 -22.16
CA CYS B 854 -29.35 26.20 -21.48
C CYS B 854 -30.55 25.71 -20.69
N PRO B 855 -31.03 24.49 -20.92
CA PRO B 855 -32.11 23.96 -20.09
C PRO B 855 -31.60 23.42 -18.77
N LYS B 856 -32.47 22.77 -18.00
CA LYS B 856 -32.08 22.15 -16.75
C LYS B 856 -31.74 20.68 -16.98
N GLY B 857 -30.58 20.26 -16.51
CA GLY B 857 -30.14 18.89 -16.67
C GLY B 857 -28.78 18.71 -17.32
N PRO B 858 -28.49 19.47 -18.38
CA PRO B 858 -27.14 19.44 -18.94
C PRO B 858 -26.09 19.94 -17.97
N ASP B 859 -24.90 19.35 -18.03
CA ASP B 859 -23.74 19.84 -17.29
C ASP B 859 -22.63 20.30 -18.23
N THR B 860 -22.88 20.35 -19.53
CA THR B 860 -21.94 20.88 -20.50
C THR B 860 -22.67 21.80 -21.45
N LEU B 861 -21.94 22.76 -22.01
CA LEU B 861 -22.54 23.75 -22.89
C LEU B 861 -22.90 23.19 -24.26
N TRP B 862 -22.38 22.02 -24.62
CA TRP B 862 -22.61 21.49 -25.95
C TRP B 862 -24.03 21.00 -26.16
N GLN B 863 -24.78 20.77 -25.08
CA GLN B 863 -26.13 20.25 -25.16
C GLN B 863 -27.20 21.34 -25.06
N CYS B 864 -26.81 22.60 -25.04
CA CYS B 864 -27.74 23.72 -24.91
C CYS B 864 -28.13 24.25 -26.29
N PRO B 865 -29.43 24.38 -26.59
CA PRO B 865 -29.84 24.92 -27.88
C PRO B 865 -29.34 26.34 -28.09
N SER B 866 -29.10 26.69 -29.36
CA SER B 866 -28.53 27.98 -29.70
C SER B 866 -28.83 28.30 -31.15
N SER B 867 -28.34 29.46 -31.59
CA SER B 867 -28.36 29.84 -33.00
C SER B 867 -27.19 29.20 -33.73
N PRO B 868 -27.29 29.02 -35.05
CA PRO B 868 -26.25 28.31 -35.79
C PRO B 868 -24.90 29.00 -35.69
N TRP B 869 -23.84 28.21 -35.81
CA TRP B 869 -22.49 28.76 -35.79
C TRP B 869 -22.33 29.81 -36.88
N GLU B 870 -21.71 30.94 -36.53
CA GLU B 870 -21.48 32.00 -37.49
C GLU B 870 -20.32 32.85 -37.01
N LYS B 871 -19.19 32.78 -37.71
CA LYS B 871 -18.01 33.55 -37.36
C LYS B 871 -18.22 35.00 -37.79
N ARG B 872 -18.28 35.90 -36.82
CA ARG B 872 -18.49 37.32 -37.07
C ARG B 872 -17.48 38.13 -36.25
N LEU B 873 -17.03 39.24 -36.81
CA LEU B 873 -16.27 40.21 -36.03
C LEU B 873 -17.25 41.08 -35.25
N ALA B 874 -17.13 41.06 -33.93
CA ALA B 874 -18.10 41.73 -33.06
C ALA B 874 -17.37 42.63 -32.07
N SER B 875 -18.07 43.68 -31.65
CA SER B 875 -17.51 44.66 -30.73
C SER B 875 -17.33 44.04 -29.34
N PRO B 876 -16.40 44.59 -28.54
CA PRO B 876 -16.21 44.08 -27.18
C PRO B 876 -17.42 44.25 -26.28
N SER B 877 -18.38 45.09 -26.64
CA SER B 877 -19.56 45.26 -25.81
C SER B 877 -20.50 44.06 -25.92
N GLU B 878 -20.29 43.19 -26.92
CA GLU B 878 -21.19 42.06 -27.11
C GLU B 878 -20.63 40.77 -26.52
N GLU B 879 -19.31 40.62 -26.47
CA GLU B 879 -18.72 39.39 -25.97
C GLU B 879 -19.03 39.19 -24.49
N THR B 880 -19.05 37.93 -24.07
CA THR B 880 -19.47 37.56 -22.73
C THR B 880 -18.26 37.44 -21.80
N TRP B 881 -18.36 38.09 -20.64
CA TRP B 881 -17.38 37.96 -19.57
C TRP B 881 -18.08 37.39 -18.35
N ILE B 882 -17.51 36.35 -17.76
CA ILE B 882 -18.14 35.60 -16.68
C ILE B 882 -17.16 35.47 -15.52
N THR B 883 -17.66 35.71 -14.31
CA THR B 883 -16.90 35.46 -13.08
C THR B 883 -17.67 34.43 -12.25
N CYS B 884 -16.98 33.35 -11.89
CA CYS B 884 -17.59 32.25 -11.15
C CYS B 884 -17.42 32.47 -9.65
N ASP B 885 -18.35 31.91 -8.88
CA ASP B 885 -18.31 32.07 -7.43
C ASP B 885 -17.15 31.26 -6.84
N ASN B 886 -16.96 31.43 -5.53
CA ASN B 886 -15.82 30.82 -4.86
C ASN B 886 -16.03 29.32 -4.69
N LYS B 887 -14.93 28.56 -4.85
CA LYS B 887 -14.98 27.11 -4.74
C LYS B 887 -14.99 26.64 -3.29
N ILE B 888 -14.72 27.52 -2.34
CA ILE B 888 -14.71 27.17 -0.92
C ILE B 888 -15.75 28.02 -0.21
N ARG B 889 -16.26 27.51 0.90
CA ARG B 889 -17.36 28.17 1.59
C ARG B 889 -17.30 27.86 3.07
N LEU B 890 -17.73 28.84 3.88
CA LEU B 890 -17.87 28.68 5.31
C LEU B 890 -19.34 28.84 5.67
N GLN B 891 -19.90 27.84 6.37
CA GLN B 891 -21.33 27.80 6.60
C GLN B 891 -21.64 27.58 8.07
N GLU B 892 -22.83 28.02 8.47
CA GLU B 892 -23.35 27.86 9.83
C GLU B 892 -22.40 28.49 10.85
N GLY B 893 -22.26 29.80 10.75
CA GLY B 893 -21.44 30.55 11.68
C GLY B 893 -22.00 31.93 11.94
N PRO B 894 -21.72 32.47 13.12
CA PRO B 894 -22.17 33.85 13.41
C PRO B 894 -21.57 34.88 12.48
N THR B 895 -20.33 34.67 12.03
CA THR B 895 -19.63 35.58 11.15
C THR B 895 -19.23 34.87 9.88
N SER B 896 -19.05 35.64 8.80
CA SER B 896 -18.74 35.05 7.50
C SER B 896 -17.39 34.35 7.51
N CYS B 897 -16.47 34.76 8.38
CA CYS B 897 -15.14 34.17 8.43
C CYS B 897 -15.05 33.00 9.41
N SER B 898 -16.15 32.59 10.02
CA SER B 898 -16.14 31.48 10.97
C SER B 898 -17.28 30.51 10.63
N GLY B 899 -16.96 29.23 10.55
CA GLY B 899 -17.98 28.24 10.27
C GLY B 899 -17.37 26.94 9.79
N ARG B 900 -18.22 26.11 9.20
CA ARG B 900 -17.82 24.81 8.70
C ARG B 900 -17.27 24.92 7.28
N VAL B 901 -16.19 24.20 7.00
CA VAL B 901 -15.50 24.28 5.73
C VAL B 901 -16.18 23.38 4.72
N GLU B 902 -16.56 23.95 3.57
CA GLU B 902 -17.14 23.21 2.46
C GLU B 902 -16.39 23.52 1.18
N ILE B 903 -16.22 22.52 0.33
CA ILE B 903 -15.56 22.67 -0.96
C ILE B 903 -16.41 22.03 -2.03
N TRP B 904 -16.44 22.64 -3.21
CA TRP B 904 -17.23 22.17 -4.34
C TRP B 904 -16.32 21.40 -5.29
N HIS B 905 -16.70 20.17 -5.59
CA HIS B 905 -15.96 19.35 -6.54
C HIS B 905 -16.86 18.29 -7.12
N GLY B 906 -16.68 17.99 -8.40
CA GLY B 906 -17.36 16.87 -9.02
C GLY B 906 -18.87 16.98 -9.02
N GLY B 907 -19.40 18.19 -9.15
CA GLY B 907 -20.83 18.38 -9.28
C GLY B 907 -21.58 18.58 -7.98
N SER B 908 -20.93 18.45 -6.83
CA SER B 908 -21.64 18.58 -5.56
C SER B 908 -20.71 19.13 -4.49
N TRP B 909 -21.31 19.69 -3.45
CA TRP B 909 -20.56 20.21 -2.32
C TRP B 909 -20.13 19.09 -1.38
N GLY B 910 -19.01 19.32 -0.69
CA GLY B 910 -18.49 18.34 0.25
C GLY B 910 -17.69 19.02 1.33
N THR B 911 -17.36 18.24 2.36
CA THR B 911 -16.66 18.73 3.53
C THR B 911 -15.28 18.09 3.64
N VAL B 912 -14.55 18.47 4.69
CA VAL B 912 -13.17 18.02 4.93
C VAL B 912 -13.11 17.40 6.31
N CYS B 913 -12.46 16.24 6.41
CA CYS B 913 -12.32 15.56 7.69
C CYS B 913 -11.28 16.26 8.58
N ASP B 914 -11.51 16.19 9.88
CA ASP B 914 -10.70 16.93 10.85
C ASP B 914 -9.45 16.19 11.29
N ASP B 915 -9.24 14.95 10.84
CA ASP B 915 -7.96 14.30 11.11
C ASP B 915 -6.86 15.04 10.35
N SER B 916 -5.73 15.25 11.02
CA SER B 916 -4.60 16.02 10.52
C SER B 916 -4.95 17.49 10.28
N TRP B 917 -6.01 17.99 10.92
CA TRP B 917 -6.40 19.39 10.80
C TRP B 917 -5.62 20.22 11.82
N ASP B 918 -4.93 21.25 11.34
CA ASP B 918 -4.11 22.11 12.19
C ASP B 918 -4.38 23.56 11.83
N LEU B 919 -3.63 24.47 12.46
CA LEU B 919 -3.82 25.89 12.19
C LEU B 919 -3.25 26.29 10.83
N ASP B 920 -2.15 25.65 10.41
CA ASP B 920 -1.58 25.97 9.10
C ASP B 920 -2.56 25.63 7.99
N ASP B 921 -3.30 24.53 8.14
CA ASP B 921 -4.39 24.24 7.23
C ASP B 921 -5.46 25.32 7.28
N ALA B 922 -5.79 25.78 8.50
CA ALA B 922 -6.79 26.84 8.64
C ALA B 922 -6.30 28.15 8.05
N GLN B 923 -4.98 28.36 7.98
CA GLN B 923 -4.45 29.57 7.36
C GLN B 923 -4.80 29.63 5.88
N VAL B 924 -4.71 28.49 5.19
CA VAL B 924 -5.03 28.45 3.77
C VAL B 924 -6.52 28.75 3.54
N VAL B 925 -7.39 28.19 4.38
CA VAL B 925 -8.82 28.38 4.20
C VAL B 925 -9.20 29.85 4.39
N CYS B 926 -8.67 30.50 5.44
CA CYS B 926 -8.95 31.91 5.63
C CYS B 926 -8.33 32.76 4.53
N GLN B 927 -7.19 32.35 4.00
CA GLN B 927 -6.58 33.07 2.89
C GLN B 927 -7.43 33.00 1.64
N GLN B 928 -7.97 31.81 1.32
CA GLN B 928 -8.72 31.63 0.08
C GLN B 928 -9.98 32.48 0.06
N LEU B 929 -10.69 32.56 1.19
CA LEU B 929 -11.89 33.39 1.26
C LEU B 929 -11.58 34.87 1.33
N GLY B 930 -10.32 35.25 1.50
CA GLY B 930 -9.97 36.64 1.72
C GLY B 930 -10.06 37.09 3.16
N CYS B 931 -10.31 36.18 4.10
CA CYS B 931 -10.38 36.53 5.50
C CYS B 931 -8.98 36.75 6.07
N GLY B 932 -8.93 37.22 7.31
CA GLY B 932 -7.67 37.44 7.99
C GLY B 932 -7.08 36.15 8.52
N PRO B 933 -6.01 36.30 9.30
CA PRO B 933 -5.35 35.11 9.87
C PRO B 933 -6.28 34.31 10.77
N ALA B 934 -6.05 33.01 10.78
CA ALA B 934 -6.91 32.10 11.53
C ALA B 934 -6.66 32.20 13.04
N LEU B 935 -7.74 32.11 13.80
CA LEU B 935 -7.63 32.05 15.26
C LEU B 935 -7.36 30.63 15.74
N LYS B 936 -8.30 29.73 15.50
CA LYS B 936 -8.18 28.34 15.93
C LYS B 936 -8.74 27.43 14.85
N ALA B 937 -8.25 26.19 14.84
CA ALA B 937 -8.73 25.15 13.94
C ALA B 937 -9.61 24.20 14.75
N PHE B 938 -10.92 24.38 14.67
CA PHE B 938 -11.85 23.55 15.42
C PHE B 938 -11.83 22.11 14.90
N LYS B 939 -12.41 21.21 15.68
CA LYS B 939 -12.40 19.80 15.38
C LYS B 939 -13.71 19.17 15.80
N GLU B 940 -14.01 18.02 15.20
CA GLU B 940 -15.14 17.17 15.59
C GLU B 940 -16.47 17.91 15.50
N ALA B 941 -16.70 18.56 14.37
CA ALA B 941 -18.01 19.12 14.02
C ALA B 941 -18.52 20.07 15.10
N GLU B 942 -17.71 21.07 15.43
CA GLU B 942 -18.13 22.02 16.46
C GLU B 942 -19.34 22.83 16.01
N PHE B 943 -19.37 23.22 14.74
CA PHE B 943 -20.45 24.08 14.26
C PHE B 943 -21.66 23.29 13.77
N GLY B 944 -21.47 22.03 13.38
CA GLY B 944 -22.60 21.21 13.00
C GLY B 944 -22.19 20.07 12.09
N GLN B 945 -23.21 19.41 11.56
CA GLN B 945 -23.00 18.33 10.60
C GLN B 945 -22.97 18.89 9.19
N GLY B 946 -22.16 18.26 8.34
CA GLY B 946 -21.95 18.71 6.98
C GLY B 946 -22.80 17.94 5.99
N THR B 947 -22.92 18.49 4.79
CA THR B 947 -23.70 17.88 3.72
C THR B 947 -22.80 17.25 2.66
N GLY B 948 -23.40 16.45 1.79
CA GLY B 948 -22.71 15.90 0.65
C GLY B 948 -21.66 14.88 1.02
N PRO B 949 -20.81 14.54 0.07
CA PRO B 949 -19.72 13.60 0.36
C PRO B 949 -18.59 14.24 1.15
N ILE B 950 -17.54 13.46 1.40
CA ILE B 950 -16.32 13.95 2.03
C ILE B 950 -15.22 13.87 0.99
N TRP B 951 -14.73 15.03 0.55
CA TRP B 951 -13.79 15.04 -0.57
C TRP B 951 -12.35 14.90 -0.09
N LEU B 952 -11.90 15.80 0.78
CA LEU B 952 -10.50 15.88 1.19
C LEU B 952 -10.31 15.23 2.55
N ASN B 953 -9.22 14.49 2.68
CA ASN B 953 -8.90 13.77 3.90
C ASN B 953 -7.38 13.74 4.08
N GLU B 954 -6.95 13.82 5.34
CA GLU B 954 -5.52 13.87 5.71
C GLU B 954 -4.84 15.08 5.07
N VAL B 955 -5.34 16.26 5.42
CA VAL B 955 -4.85 17.50 4.84
C VAL B 955 -3.58 17.92 5.56
N LYS B 956 -2.51 18.16 4.79
CA LYS B 956 -1.23 18.62 5.33
C LYS B 956 -0.78 19.82 4.50
N CYS B 957 -1.24 21.00 4.88
CA CYS B 957 -0.83 22.22 4.19
C CYS B 957 0.47 22.75 4.78
N LYS B 958 1.36 23.21 3.90
CA LYS B 958 2.61 23.82 4.35
C LYS B 958 2.38 25.16 5.01
N GLY B 959 1.21 25.77 4.83
CA GLY B 959 0.89 27.06 5.40
C GLY B 959 0.96 28.22 4.45
N ASN B 960 1.57 28.04 3.27
CA ASN B 960 1.70 29.10 2.29
C ASN B 960 0.99 28.79 0.98
N GLU B 961 0.25 27.69 0.91
CA GLU B 961 -0.42 27.33 -0.33
C GLU B 961 -1.57 28.29 -0.62
N SER B 962 -1.76 28.57 -1.92
CA SER B 962 -2.82 29.48 -2.33
C SER B 962 -4.21 28.90 -2.04
N SER B 963 -4.39 27.60 -2.27
CA SER B 963 -5.68 26.96 -2.10
C SER B 963 -5.49 25.60 -1.45
N LEU B 964 -6.59 25.08 -0.90
CA LEU B 964 -6.55 23.76 -0.28
C LEU B 964 -6.27 22.66 -1.28
N TRP B 965 -6.41 22.94 -2.57
CA TRP B 965 -6.16 21.93 -3.59
C TRP B 965 -4.66 21.64 -3.73
N ASP B 966 -3.82 22.64 -3.52
CA ASP B 966 -2.39 22.45 -3.64
C ASP B 966 -1.85 21.61 -2.48
N CYS B 967 -2.52 21.61 -1.35
CA CYS B 967 -2.06 20.84 -0.20
C CYS B 967 -2.15 19.35 -0.50
N PRO B 968 -1.13 18.56 -0.17
CA PRO B 968 -1.20 17.12 -0.42
C PRO B 968 -2.17 16.46 0.57
N ALA B 969 -3.13 15.72 0.01
CA ALA B 969 -4.14 15.05 0.83
C ALA B 969 -4.80 13.97 -0.02
N ARG B 970 -5.60 13.15 0.64
CA ARG B 970 -6.41 12.16 -0.06
C ARG B 970 -7.51 12.90 -0.83
N ARG B 971 -7.40 12.92 -2.15
CA ARG B 971 -8.23 13.78 -2.99
C ARG B 971 -9.32 12.97 -3.67
N TRP B 972 -10.56 13.46 -3.56
CA TRP B 972 -11.70 12.98 -4.34
C TRP B 972 -11.82 11.45 -4.24
N GLY B 973 -11.87 10.98 -3.01
CA GLY B 973 -11.95 9.55 -2.77
C GLY B 973 -13.03 9.17 -1.81
N HIS B 974 -13.05 7.89 -1.42
CA HIS B 974 -14.01 7.34 -0.48
C HIS B 974 -13.23 6.85 0.73
N SER B 975 -12.98 7.75 1.66
CA SER B 975 -12.26 7.42 2.88
C SER B 975 -13.25 6.82 3.89
N GLU B 976 -12.76 6.49 5.07
CA GLU B 976 -13.62 6.00 6.15
C GLU B 976 -14.20 7.14 6.98
N CYS B 977 -13.76 8.37 6.75
CA CYS B 977 -14.17 9.49 7.58
C CYS B 977 -15.69 9.72 7.47
N GLY B 978 -16.32 9.96 8.61
CA GLY B 978 -17.73 10.27 8.65
C GLY B 978 -17.98 11.76 8.79
N HIS B 979 -19.26 12.12 8.70
CA HIS B 979 -19.62 13.54 8.74
C HIS B 979 -19.49 14.12 10.14
N LYS B 980 -19.41 13.29 11.17
CA LYS B 980 -19.20 13.79 12.53
C LYS B 980 -17.82 14.40 12.71
N GLU B 981 -16.91 14.16 11.77
CA GLU B 981 -15.52 14.61 11.88
C GLU B 981 -15.18 15.77 10.97
N ASP B 982 -16.16 16.45 10.37
CA ASP B 982 -15.86 17.55 9.48
C ASP B 982 -15.29 18.73 10.26
N ALA B 983 -14.30 19.40 9.65
CA ALA B 983 -13.52 20.42 10.32
C ALA B 983 -14.14 21.81 10.13
N ALA B 984 -13.80 22.71 11.05
CA ALA B 984 -14.27 24.09 11.01
C ALA B 984 -13.12 25.01 11.41
N VAL B 985 -13.18 26.26 10.96
CA VAL B 985 -12.16 27.25 11.26
C VAL B 985 -12.82 28.56 11.68
N ASN B 986 -12.02 29.40 12.34
CA ASN B 986 -12.42 30.75 12.72
C ASN B 986 -11.34 31.71 12.27
N CYS B 987 -11.74 32.77 11.55
CA CYS B 987 -10.81 33.73 10.98
C CYS B 987 -11.18 35.14 11.42
N THR B 988 -10.18 36.01 11.45
CA THR B 988 -10.42 37.42 11.76
C THR B 988 -11.18 38.10 10.63
N ASP B 989 -12.05 39.03 10.99
CA ASP B 989 -12.86 39.75 10.01
C ASP B 989 -12.00 40.72 9.21
N GLY C 113 -59.27 6.45 32.78
CA GLY C 113 -60.14 5.72 33.69
C GLY C 113 -59.41 4.63 34.45
N SER C 114 -59.92 4.29 35.64
CA SER C 114 -59.28 3.27 36.45
C SER C 114 -59.60 1.85 35.99
N ASN C 115 -60.61 1.69 35.13
CA ASN C 115 -60.97 0.35 34.68
C ASN C 115 -59.86 -0.29 33.86
N LEU C 116 -59.05 0.51 33.19
CA LEU C 116 -57.97 -0.03 32.38
C LEU C 116 -56.86 -0.61 33.26
N GLU C 117 -56.27 -1.70 32.78
CA GLU C 117 -55.09 -2.29 33.42
C GLU C 117 -54.03 -2.51 32.36
N MET C 118 -52.78 -2.31 32.75
CA MET C 118 -51.64 -2.42 31.84
C MET C 118 -50.74 -3.55 32.31
N ARG C 119 -50.36 -4.42 31.39
CA ARG C 119 -49.51 -5.55 31.69
C ARG C 119 -48.41 -5.64 30.65
N LEU C 120 -47.34 -6.35 30.99
CA LEU C 120 -46.19 -6.53 30.11
C LEU C 120 -46.06 -8.00 29.75
N THR C 121 -45.88 -8.27 28.46
CA THR C 121 -45.90 -9.63 27.93
C THR C 121 -44.75 -9.79 26.93
N ARG C 122 -44.29 -11.03 26.77
CA ARG C 122 -43.25 -11.45 25.82
C ARG C 122 -41.85 -11.00 26.19
N GLY C 123 -41.64 -10.50 27.41
CA GLY C 123 -40.31 -10.09 27.81
C GLY C 123 -39.61 -11.09 28.71
N GLY C 124 -40.35 -12.09 29.19
CA GLY C 124 -39.81 -13.05 30.12
C GLY C 124 -39.81 -12.59 31.56
N ASN C 125 -40.18 -11.33 31.82
CA ASN C 125 -40.23 -10.79 33.17
C ASN C 125 -41.43 -9.86 33.26
N MET C 126 -41.86 -9.62 34.50
CA MET C 126 -42.98 -8.70 34.72
C MET C 126 -42.61 -7.29 34.29
N CYS C 127 -41.37 -6.87 34.57
CA CYS C 127 -40.98 -5.47 34.36
C CYS C 127 -40.53 -5.16 32.93
N SER C 128 -40.30 -6.18 32.09
CA SER C 128 -39.86 -5.97 30.73
C SER C 128 -40.73 -6.77 29.78
N GLY C 129 -41.20 -6.13 28.73
CA GLY C 129 -42.02 -6.82 27.75
C GLY C 129 -42.87 -5.86 26.95
N ARG C 130 -43.78 -6.44 26.18
CA ARG C 130 -44.68 -5.66 25.34
C ARG C 130 -45.83 -5.08 26.16
N ILE C 131 -46.21 -3.84 25.85
CA ILE C 131 -47.27 -3.16 26.56
C ILE C 131 -48.61 -3.69 26.08
N GLU C 132 -49.48 -4.06 27.03
CA GLU C 132 -50.81 -4.54 26.73
C GLU C 132 -51.81 -3.84 27.65
N ILE C 133 -52.91 -3.37 27.06
CA ILE C 133 -53.95 -2.66 27.80
C ILE C 133 -55.30 -3.29 27.47
N LYS C 134 -56.14 -3.48 28.48
CA LYS C 134 -57.46 -4.07 28.31
C LYS C 134 -58.51 -2.98 28.30
N PHE C 135 -59.23 -2.88 27.18
CA PHE C 135 -60.34 -1.95 27.01
C PHE C 135 -61.53 -2.70 26.46
N GLN C 136 -62.68 -2.57 27.12
CA GLN C 136 -63.91 -3.26 26.72
C GLN C 136 -63.68 -4.77 26.67
N GLY C 137 -62.85 -5.29 27.57
CA GLY C 137 -62.66 -6.72 27.68
C GLY C 137 -61.77 -7.35 26.64
N ARG C 138 -60.96 -6.58 25.93
CA ARG C 138 -60.03 -7.13 24.94
C ARG C 138 -58.66 -6.52 25.13
N TRP C 139 -57.64 -7.29 24.80
CA TRP C 139 -56.26 -6.81 24.92
C TRP C 139 -55.86 -6.05 23.66
N GLY C 140 -54.96 -5.09 23.84
CA GLY C 140 -54.48 -4.28 22.74
C GLY C 140 -53.01 -3.96 22.90
N THR C 141 -52.32 -3.85 21.77
CA THR C 141 -50.89 -3.58 21.74
C THR C 141 -50.66 -2.18 21.18
N VAL C 142 -50.19 -1.27 22.03
CA VAL C 142 -50.05 0.13 21.66
C VAL C 142 -48.99 0.29 20.57
N CYS C 143 -49.27 1.13 19.59
CA CYS C 143 -48.33 1.40 18.52
C CYS C 143 -47.18 2.27 19.01
N ASP C 144 -46.03 2.17 18.34
CA ASP C 144 -44.79 2.74 18.83
C ASP C 144 -44.71 4.25 18.64
N ASP C 145 -45.27 4.80 17.57
CA ASP C 145 -45.03 6.21 17.25
C ASP C 145 -45.53 7.11 18.37
N ASN C 146 -44.91 8.29 18.49
CA ASN C 146 -45.17 9.23 19.57
C ASN C 146 -44.89 8.64 20.95
N PHE C 147 -43.89 7.75 21.03
CA PHE C 147 -43.45 7.21 22.30
C PHE C 147 -42.26 8.01 22.81
N ASN C 148 -42.50 8.87 23.79
CA ASN C 148 -41.44 9.66 24.40
C ASN C 148 -40.94 8.98 25.66
N ILE C 149 -39.72 9.35 26.06
CA ILE C 149 -39.15 8.78 27.27
C ILE C 149 -39.99 9.14 28.48
N ASP C 150 -40.83 10.18 28.37
CA ASP C 150 -41.75 10.51 29.44
C ASP C 150 -42.77 9.39 29.64
N HIS C 151 -43.35 8.89 28.55
CA HIS C 151 -44.34 7.82 28.66
C HIS C 151 -43.73 6.53 29.17
N ALA C 152 -42.50 6.23 28.76
CA ALA C 152 -41.81 5.06 29.29
C ALA C 152 -41.62 5.20 30.81
N SER C 153 -41.30 6.40 31.27
CA SER C 153 -41.21 6.64 32.71
C SER C 153 -42.56 6.48 33.39
N VAL C 154 -43.61 7.03 32.78
CA VAL C 154 -44.95 6.93 33.36
C VAL C 154 -45.40 5.48 33.43
N ILE C 155 -45.19 4.73 32.34
CA ILE C 155 -45.61 3.34 32.29
C ILE C 155 -44.86 2.51 33.32
N CYS C 156 -43.56 2.72 33.44
CA CYS C 156 -42.80 2.03 34.48
C CYS C 156 -43.24 2.46 35.87
N ARG C 157 -43.69 3.70 36.01
CA ARG C 157 -44.22 4.17 37.29
C ARG C 157 -45.62 3.64 37.57
N GLN C 158 -46.45 3.47 36.54
CA GLN C 158 -47.77 2.89 36.74
C GLN C 158 -47.67 1.48 37.30
N LEU C 159 -46.76 0.67 36.77
CA LEU C 159 -46.50 -0.65 37.31
C LEU C 159 -45.69 -0.61 38.59
N GLU C 160 -45.18 0.57 38.96
CA GLU C 160 -44.40 0.77 40.19
C GLU C 160 -43.13 -0.06 40.22
N CYS C 161 -42.67 -0.52 39.05
CA CYS C 161 -41.47 -1.34 39.00
C CYS C 161 -40.21 -0.49 39.20
N GLY C 162 -40.17 0.69 38.59
CA GLY C 162 -39.00 1.55 38.73
C GLY C 162 -38.92 2.54 37.60
N SER C 163 -37.70 2.92 37.26
CA SER C 163 -37.46 3.79 36.13
C SER C 163 -37.33 2.98 34.85
N ALA C 164 -37.37 3.69 33.72
CA ALA C 164 -37.32 3.06 32.40
C ALA C 164 -35.93 3.25 31.79
N VAL C 165 -35.31 2.15 31.40
CA VAL C 165 -33.99 2.21 30.77
C VAL C 165 -34.05 2.08 29.26
N SER C 166 -35.15 1.56 28.71
CA SER C 166 -35.25 1.38 27.27
C SER C 166 -36.71 1.41 26.86
N PHE C 167 -36.96 1.88 25.64
CA PHE C 167 -38.30 1.90 25.04
C PHE C 167 -38.15 1.41 23.59
N SER C 168 -38.22 0.09 23.42
CA SER C 168 -37.98 -0.55 22.14
C SER C 168 -39.29 -0.77 21.39
N GLY C 169 -39.22 -0.67 20.06
CA GLY C 169 -40.41 -0.87 19.25
C GLY C 169 -40.86 -2.31 19.18
N SER C 170 -39.95 -3.25 19.43
CA SER C 170 -40.26 -4.68 19.39
C SER C 170 -40.81 -5.10 18.04
N SER C 171 -41.52 -6.22 18.01
CA SER C 171 -42.11 -6.72 16.76
C SER C 171 -43.15 -5.74 16.24
N ASN C 172 -42.84 -5.07 15.13
CA ASN C 172 -43.71 -4.06 14.54
C ASN C 172 -44.36 -4.67 13.31
N PHE C 173 -45.51 -5.31 13.50
CA PHE C 173 -46.20 -6.03 12.44
C PHE C 173 -47.52 -5.35 12.14
N GLY C 174 -47.73 -4.98 10.88
CA GLY C 174 -49.03 -4.48 10.46
C GLY C 174 -50.10 -5.55 10.47
N GLU C 175 -49.73 -6.79 10.15
CA GLU C 175 -50.68 -7.89 10.15
C GLU C 175 -51.23 -8.13 11.54
N GLY C 176 -52.51 -8.50 11.60
CA GLY C 176 -53.18 -8.65 12.89
C GLY C 176 -53.26 -7.36 13.66
N SER C 177 -53.55 -6.25 12.98
CA SER C 177 -53.60 -4.96 13.65
C SER C 177 -54.72 -4.93 14.68
N GLY C 178 -54.38 -4.45 15.87
CA GLY C 178 -55.35 -4.35 16.94
C GLY C 178 -55.57 -2.92 17.33
N PRO C 179 -56.82 -2.57 17.64
CA PRO C 179 -57.12 -1.18 18.05
C PRO C 179 -56.36 -0.82 19.32
N ILE C 180 -55.90 0.42 19.37
CA ILE C 180 -55.08 0.92 20.47
C ILE C 180 -55.88 1.97 21.23
N TRP C 181 -56.01 1.78 22.53
CA TRP C 181 -56.77 2.69 23.36
C TRP C 181 -56.01 3.98 23.65
N PHE C 182 -54.69 3.89 23.80
CA PHE C 182 -53.86 5.04 24.15
C PHE C 182 -52.81 5.20 23.04
N ASP C 183 -53.12 6.04 22.05
CA ASP C 183 -52.25 6.27 20.92
C ASP C 183 -51.96 7.76 20.79
N ASP C 184 -50.75 8.08 20.31
CA ASP C 184 -50.31 9.46 20.10
C ASP C 184 -50.48 10.30 21.38
N LEU C 185 -50.17 9.68 22.51
CA LEU C 185 -50.26 10.37 23.79
C LEU C 185 -49.15 11.41 23.92
N ILE C 186 -49.45 12.49 24.63
CA ILE C 186 -48.48 13.52 24.97
C ILE C 186 -48.50 13.72 26.47
N CYS C 187 -47.32 13.79 27.08
CA CYS C 187 -47.21 13.91 28.53
C CYS C 187 -45.91 14.62 28.89
N ASN C 188 -45.91 15.24 30.07
CA ASN C 188 -44.71 15.92 30.56
C ASN C 188 -43.77 14.99 31.33
N GLY C 189 -44.23 13.78 31.66
CA GLY C 189 -43.43 12.84 32.42
C GLY C 189 -43.61 12.93 33.92
N ASN C 190 -44.33 13.95 34.41
CA ASN C 190 -44.55 14.10 35.84
C ASN C 190 -45.79 13.37 36.34
N GLU C 191 -46.75 13.09 35.45
CA GLU C 191 -47.98 12.45 35.86
C GLU C 191 -47.77 10.99 36.20
N SER C 192 -48.54 10.49 37.17
CA SER C 192 -48.39 9.12 37.62
C SER C 192 -49.06 8.12 36.70
N ALA C 193 -50.01 8.55 35.88
CA ALA C 193 -50.75 7.67 35.00
C ALA C 193 -50.79 8.23 33.58
N LEU C 194 -50.96 7.34 32.61
CA LEU C 194 -51.00 7.76 31.21
C LEU C 194 -52.21 8.65 30.93
N TRP C 195 -53.37 8.30 31.50
CA TRP C 195 -54.59 9.06 31.21
C TRP C 195 -54.59 10.43 31.84
N ASN C 196 -53.70 10.69 32.81
CA ASN C 196 -53.67 11.99 33.46
C ASN C 196 -53.31 13.10 32.47
N CYS C 197 -52.35 12.83 31.60
CA CYS C 197 -51.92 13.83 30.63
C CYS C 197 -52.95 13.98 29.51
N LYS C 198 -52.70 14.94 28.62
CA LYS C 198 -53.58 15.17 27.49
C LYS C 198 -53.58 13.98 26.54
N HIS C 199 -54.74 13.67 25.98
CA HIS C 199 -54.92 12.53 25.09
C HIS C 199 -55.29 13.00 23.70
N GLN C 200 -54.90 12.21 22.70
CA GLN C 200 -55.26 12.48 21.31
C GLN C 200 -56.40 11.59 20.84
N GLY C 201 -56.29 10.28 21.03
CA GLY C 201 -57.32 9.37 20.60
C GLY C 201 -57.72 8.42 21.71
N TRP C 202 -58.87 7.79 21.53
CA TRP C 202 -59.43 6.86 22.51
C TRP C 202 -59.98 5.64 21.78
N GLY C 203 -59.25 4.52 21.89
CA GLY C 203 -59.69 3.26 21.32
C GLY C 203 -59.25 2.98 19.90
N LYS C 204 -58.69 3.97 19.20
CA LYS C 204 -58.23 3.80 17.83
C LYS C 204 -56.83 4.37 17.71
N HIS C 205 -56.25 4.26 16.52
CA HIS C 205 -54.90 4.76 16.30
C HIS C 205 -54.69 5.02 14.82
N ASN C 206 -53.80 5.98 14.53
CA ASN C 206 -53.33 6.26 13.17
C ASN C 206 -51.82 6.07 13.19
N CYS C 207 -51.39 4.83 12.99
CA CYS C 207 -49.97 4.47 13.13
C CYS C 207 -49.51 3.68 11.92
N ASP C 208 -48.30 4.00 11.46
CA ASP C 208 -47.64 3.26 10.39
C ASP C 208 -46.68 2.25 11.02
N HIS C 209 -46.87 0.97 10.69
CA HIS C 209 -46.20 -0.15 11.33
C HIS C 209 -46.05 0.10 12.82
N ALA C 210 -44.85 -0.10 13.37
CA ALA C 210 -44.51 0.34 14.72
C ALA C 210 -45.43 -0.28 15.78
N GLU C 211 -45.79 -1.54 15.60
CA GLU C 211 -46.68 -2.20 16.54
C GLU C 211 -45.91 -2.73 17.75
N ASP C 212 -46.66 -3.03 18.80
CA ASP C 212 -46.13 -3.67 20.01
C ASP C 212 -45.03 -2.85 20.65
N ALA C 213 -45.34 -1.61 21.00
CA ALA C 213 -44.39 -0.76 21.71
C ALA C 213 -44.09 -1.37 23.07
N GLY C 214 -42.81 -1.66 23.31
CA GLY C 214 -42.39 -2.32 24.53
C GLY C 214 -41.46 -1.46 25.35
N VAL C 215 -41.47 -1.68 26.66
CA VAL C 215 -40.63 -0.95 27.60
C VAL C 215 -39.78 -1.95 28.37
N ILE C 216 -38.72 -1.46 28.98
CA ILE C 216 -37.81 -2.26 29.79
C ILE C 216 -37.50 -1.46 31.04
N CYS C 217 -38.18 -1.78 32.15
CA CYS C 217 -38.00 -1.02 33.37
C CYS C 217 -36.67 -1.36 34.02
N SER C 218 -36.21 -0.45 34.88
CA SER C 218 -34.87 -0.57 35.46
C SER C 218 -34.78 -1.78 36.40
N LYS C 219 -35.78 -1.96 37.26
CA LYS C 219 -35.70 -3.03 38.26
C LYS C 219 -35.66 -4.40 37.60
N GLY C 220 -36.46 -4.61 36.56
CA GLY C 220 -36.44 -5.89 35.86
C GLY C 220 -35.24 -6.08 34.96
N ALA C 221 -34.56 -5.00 34.60
CA ALA C 221 -33.37 -5.09 33.76
C ALA C 221 -32.18 -5.56 34.56
N ASP C 222 -31.33 -6.37 33.92
CA ASP C 222 -30.09 -6.85 34.52
C ASP C 222 -28.93 -6.25 33.74
N LEU C 223 -28.19 -5.35 34.40
CA LEU C 223 -27.10 -4.62 33.76
C LEU C 223 -25.83 -4.78 34.59
N SER C 224 -24.70 -4.95 33.91
CA SER C 224 -23.42 -5.11 34.58
C SER C 224 -22.34 -4.48 33.72
N LEU C 225 -21.24 -4.11 34.37
CA LEU C 225 -20.08 -3.52 33.72
C LEU C 225 -18.84 -4.31 34.10
N ARG C 226 -18.03 -4.67 33.11
CA ARG C 226 -16.83 -5.45 33.35
C ARG C 226 -15.67 -4.91 32.53
N LEU C 227 -14.46 -5.09 33.04
CA LEU C 227 -13.24 -4.74 32.33
C LEU C 227 -12.59 -6.00 31.78
N VAL C 228 -12.06 -5.90 30.56
CA VAL C 228 -11.52 -7.07 29.87
C VAL C 228 -10.40 -6.61 28.94
N ASP C 229 -9.47 -7.53 28.65
CA ASP C 229 -8.31 -7.28 27.79
C ASP C 229 -7.45 -6.15 28.34
N GLY C 230 -6.88 -6.38 29.53
CA GLY C 230 -6.01 -5.41 30.15
C GLY C 230 -4.85 -6.09 30.84
N VAL C 231 -3.79 -5.31 31.06
CA VAL C 231 -2.62 -5.83 31.75
C VAL C 231 -2.94 -6.14 33.21
N THR C 232 -3.81 -5.36 33.84
CA THR C 232 -4.27 -5.58 35.19
C THR C 232 -5.80 -5.69 35.18
N GLU C 233 -6.37 -5.89 36.37
CA GLU C 233 -7.82 -5.97 36.48
C GLU C 233 -8.48 -4.65 36.11
N CYS C 234 -7.91 -3.54 36.58
CA CYS C 234 -8.47 -2.21 36.33
C CYS C 234 -7.90 -1.58 35.06
N SER C 235 -7.98 -2.30 33.95
CA SER C 235 -7.47 -1.81 32.68
C SER C 235 -8.08 -2.62 31.55
N GLY C 236 -8.28 -1.97 30.41
CA GLY C 236 -8.77 -2.62 29.22
C GLY C 236 -10.09 -2.05 28.74
N ARG C 237 -10.76 -2.82 27.89
CA ARG C 237 -12.03 -2.40 27.32
C ARG C 237 -13.14 -2.43 28.37
N LEU C 238 -14.25 -1.76 28.04
CA LEU C 238 -15.45 -1.77 28.86
C LEU C 238 -16.59 -2.43 28.09
N GLU C 239 -17.29 -3.33 28.76
CA GLU C 239 -18.43 -4.04 28.18
C GLU C 239 -19.65 -3.87 29.09
N VAL C 240 -20.82 -3.76 28.47
CA VAL C 240 -22.08 -3.59 29.19
C VAL C 240 -23.02 -4.71 28.77
N ARG C 241 -23.61 -5.39 29.76
CA ARG C 241 -24.55 -6.48 29.49
C ARG C 241 -25.94 -5.89 29.35
N PHE C 242 -26.41 -5.78 28.12
CA PHE C 242 -27.74 -5.27 27.81
C PHE C 242 -28.61 -6.42 27.33
N GLN C 243 -29.56 -6.84 28.16
CA GLN C 243 -30.47 -7.94 27.88
C GLN C 243 -29.75 -9.27 27.65
N GLY C 244 -28.55 -9.43 28.17
CA GLY C 244 -27.80 -10.66 28.03
C GLY C 244 -26.70 -10.66 26.98
N GLU C 245 -26.56 -9.58 26.21
CA GLU C 245 -25.50 -9.47 25.23
C GLU C 245 -24.46 -8.46 25.70
N TRP C 246 -23.19 -8.84 25.61
CA TRP C 246 -22.11 -7.95 26.00
C TRP C 246 -21.79 -7.01 24.84
N GLY C 247 -21.80 -5.71 25.12
CA GLY C 247 -21.57 -4.72 24.10
C GLY C 247 -20.57 -3.68 24.56
N THR C 248 -19.94 -3.04 23.58
CA THR C 248 -18.88 -2.09 23.84
C THR C 248 -19.45 -0.70 24.08
N ILE C 249 -18.56 0.27 24.28
CA ILE C 249 -18.91 1.67 24.45
C ILE C 249 -18.10 2.49 23.46
N CYS C 250 -18.77 3.41 22.76
CA CYS C 250 -18.08 4.31 21.85
C CYS C 250 -17.32 5.39 22.62
N ASP C 251 -16.10 5.66 22.18
CA ASP C 251 -15.26 6.60 22.91
C ASP C 251 -15.65 8.05 22.68
N ASP C 252 -16.54 8.33 21.73
CA ASP C 252 -16.98 9.71 21.48
C ASP C 252 -17.70 10.24 22.71
N GLY C 253 -17.13 11.25 23.36
CA GLY C 253 -17.67 11.79 24.58
C GLY C 253 -17.07 11.22 25.84
N TRP C 254 -16.05 10.37 25.73
CA TRP C 254 -15.39 9.79 26.89
C TRP C 254 -14.35 10.76 27.43
N ASP C 255 -14.48 11.12 28.70
CA ASP C 255 -13.48 11.96 29.35
C ASP C 255 -13.15 11.41 30.73
N SER C 256 -12.37 12.16 31.51
CA SER C 256 -11.94 11.68 32.82
C SER C 256 -13.10 11.54 33.78
N TYR C 257 -14.16 12.34 33.62
CA TYR C 257 -15.31 12.24 34.49
C TYR C 257 -16.05 10.93 34.27
N ASP C 258 -16.18 10.49 33.02
CA ASP C 258 -16.83 9.22 32.76
C ASP C 258 -15.97 8.05 33.23
N ALA C 259 -14.65 8.21 33.19
CA ALA C 259 -13.77 7.17 33.71
C ALA C 259 -13.91 7.01 35.22
N ALA C 260 -14.06 8.12 35.94
CA ALA C 260 -14.12 8.06 37.39
C ALA C 260 -15.34 7.29 37.87
N VAL C 261 -16.49 7.50 37.23
CA VAL C 261 -17.70 6.77 37.60
C VAL C 261 -17.52 5.28 37.32
N ALA C 262 -16.92 4.95 36.17
CA ALA C 262 -16.73 3.55 35.82
C ALA C 262 -15.81 2.84 36.81
N CYS C 263 -14.75 3.51 37.26
CA CYS C 263 -13.83 2.89 38.20
C CYS C 263 -14.50 2.61 39.54
N LYS C 264 -15.30 3.56 40.03
CA LYS C 264 -16.01 3.34 41.29
C LYS C 264 -16.97 2.16 41.19
N GLN C 265 -17.73 2.10 40.10
CA GLN C 265 -18.70 1.03 39.93
C GLN C 265 -18.00 -0.32 39.80
N LEU C 266 -16.88 -0.37 39.10
CA LEU C 266 -16.13 -1.61 38.95
C LEU C 266 -15.35 -1.98 40.20
N GLY C 267 -15.29 -1.11 41.21
CA GLY C 267 -14.55 -1.40 42.41
C GLY C 267 -13.05 -1.42 42.17
N CYS C 268 -12.50 -0.27 41.82
CA CYS C 268 -11.10 -0.13 41.47
C CYS C 268 -10.55 1.14 42.09
N PRO C 269 -9.23 1.24 42.26
CA PRO C 269 -8.64 2.48 42.76
C PRO C 269 -8.99 3.66 41.84
N THR C 270 -9.37 4.78 42.44
CA THR C 270 -9.83 5.94 41.70
C THR C 270 -8.92 7.16 41.87
N ALA C 271 -7.69 6.95 42.34
CA ALA C 271 -6.77 8.07 42.51
C ALA C 271 -6.41 8.70 41.18
N VAL C 272 -6.10 7.87 40.18
CA VAL C 272 -5.80 8.33 38.83
C VAL C 272 -6.63 7.50 37.86
N THR C 273 -7.48 8.17 37.08
CA THR C 273 -8.34 7.52 36.10
C THR C 273 -8.00 8.08 34.72
N ALA C 274 -7.61 7.20 33.80
CA ALA C 274 -7.22 7.58 32.46
C ALA C 274 -8.07 6.83 31.45
N ILE C 275 -8.50 7.55 30.41
CA ILE C 275 -9.33 6.92 29.38
C ILE C 275 -8.46 6.12 28.42
N GLY C 276 -9.11 5.26 27.66
CA GLY C 276 -8.42 4.47 26.66
C GLY C 276 -8.15 3.05 27.11
N ARG C 277 -8.04 2.15 26.14
CA ARG C 277 -7.74 0.75 26.39
C ARG C 277 -6.27 0.50 26.12
N VAL C 278 -5.59 -0.16 27.07
CA VAL C 278 -4.14 -0.27 26.98
C VAL C 278 -3.72 -1.18 25.83
N ASN C 279 -4.39 -2.32 25.68
CA ASN C 279 -3.99 -3.28 24.65
C ASN C 279 -5.14 -3.94 23.90
N ALA C 280 -6.39 -3.74 24.31
CA ALA C 280 -7.51 -4.41 23.65
C ALA C 280 -7.56 -4.03 22.17
N SER C 281 -7.46 -5.05 21.31
CA SER C 281 -7.41 -4.80 19.87
C SER C 281 -8.71 -4.22 19.36
N LYS C 282 -9.84 -4.87 19.67
CA LYS C 282 -11.13 -4.48 19.14
C LYS C 282 -12.21 -5.16 19.96
N GLY C 283 -13.45 -4.72 19.77
CA GLY C 283 -14.60 -5.35 20.38
C GLY C 283 -15.56 -5.87 19.33
N PHE C 284 -16.26 -6.94 19.67
CA PHE C 284 -17.22 -7.58 18.78
C PHE C 284 -18.59 -7.62 19.45
N GLY C 285 -19.62 -7.23 18.70
CA GLY C 285 -20.98 -7.22 19.21
C GLY C 285 -21.71 -5.93 18.88
N HIS C 286 -22.60 -5.51 19.77
CA HIS C 286 -23.30 -4.25 19.60
C HIS C 286 -22.58 -3.14 20.36
N ILE C 287 -22.84 -1.91 19.93
CA ILE C 287 -22.38 -0.72 20.65
C ILE C 287 -23.59 -0.16 21.38
N TRP C 288 -23.71 -0.50 22.67
CA TRP C 288 -24.91 -0.13 23.41
C TRP C 288 -24.93 1.34 23.80
N LEU C 289 -23.78 1.91 24.14
CA LEU C 289 -23.71 3.25 24.69
C LEU C 289 -22.85 4.15 23.81
N ASP C 290 -23.28 5.40 23.65
CA ASP C 290 -22.52 6.40 22.93
C ASP C 290 -22.76 7.75 23.59
N SER C 291 -21.71 8.57 23.66
CA SER C 291 -21.77 9.92 24.23
C SER C 291 -22.33 9.89 25.64
N VAL C 292 -21.67 9.10 26.51
CA VAL C 292 -22.02 9.09 27.92
C VAL C 292 -21.61 10.40 28.55
N SER C 293 -22.53 11.04 29.26
CA SER C 293 -22.32 12.36 29.85
C SER C 293 -22.51 12.27 31.36
N CYS C 294 -21.45 11.91 32.07
CA CYS C 294 -21.48 11.83 33.53
C CYS C 294 -20.80 13.06 34.12
N GLN C 295 -21.33 13.53 35.25
CA GLN C 295 -20.74 14.65 35.96
C GLN C 295 -19.65 14.24 36.93
N GLY C 296 -19.46 12.94 37.16
CA GLY C 296 -18.44 12.45 38.05
C GLY C 296 -18.91 12.01 39.42
N HIS C 297 -20.19 12.21 39.75
CA HIS C 297 -20.73 11.79 41.03
C HIS C 297 -21.77 10.69 40.90
N GLU C 298 -22.11 10.27 39.68
CA GLU C 298 -23.12 9.24 39.49
C GLU C 298 -22.61 7.90 39.98
N PRO C 299 -23.49 7.02 40.45
CA PRO C 299 -23.06 5.70 40.93
C PRO C 299 -22.78 4.73 39.80
N ALA C 300 -23.48 4.88 38.67
CA ALA C 300 -23.34 3.97 37.55
C ALA C 300 -23.29 4.74 36.25
N ILE C 301 -22.70 4.11 35.24
CA ILE C 301 -22.55 4.76 33.93
C ILE C 301 -23.92 5.01 33.30
N TRP C 302 -24.79 4.01 33.33
CA TRP C 302 -26.08 4.12 32.66
C TRP C 302 -27.01 5.13 33.32
N GLN C 303 -26.72 5.52 34.56
CA GLN C 303 -27.55 6.53 35.21
C GLN C 303 -27.34 7.91 34.60
N CYS C 304 -26.18 8.14 33.99
CA CYS C 304 -25.92 9.41 33.32
C CYS C 304 -26.73 9.50 32.04
N LYS C 305 -26.69 10.66 31.41
CA LYS C 305 -27.40 10.87 30.16
C LYS C 305 -26.55 10.42 28.98
N HIS C 306 -27.19 9.71 28.06
CA HIS C 306 -26.51 9.19 26.88
C HIS C 306 -27.53 9.01 25.77
N HIS C 307 -27.04 8.59 24.61
CA HIS C 307 -27.93 8.28 23.49
C HIS C 307 -28.73 7.01 23.80
N GLU C 308 -29.78 6.80 23.01
CA GLU C 308 -30.61 5.62 23.20
C GLU C 308 -29.79 4.36 22.94
N TRP C 309 -30.16 3.27 23.62
CA TRP C 309 -29.43 2.02 23.49
C TRP C 309 -29.45 1.54 22.05
N GLY C 310 -28.29 1.18 21.53
CA GLY C 310 -28.20 0.68 20.17
C GLY C 310 -27.78 1.72 19.15
N LYS C 311 -28.26 2.95 19.32
CA LYS C 311 -27.93 4.01 18.38
C LYS C 311 -26.51 4.48 18.60
N HIS C 312 -25.71 4.50 17.53
CA HIS C 312 -24.33 4.94 17.61
C HIS C 312 -23.91 5.57 16.29
N TYR C 313 -22.98 6.52 16.39
CA TYR C 313 -22.46 7.23 15.23
C TYR C 313 -21.10 6.72 14.79
N CYS C 314 -20.61 5.62 15.37
CA CYS C 314 -19.23 5.19 15.22
C CYS C 314 -19.16 3.70 14.93
N ASN C 315 -17.93 3.21 14.75
CA ASN C 315 -17.66 1.82 14.43
C ASN C 315 -17.27 1.05 15.70
N HIS C 316 -16.81 -0.19 15.50
CA HIS C 316 -16.24 -1.00 16.57
C HIS C 316 -14.78 -0.68 16.82
N ASN C 317 -14.15 0.12 15.95
CA ASN C 317 -12.74 0.45 16.13
C ASN C 317 -12.52 1.32 17.36
N GLU C 318 -13.40 2.28 17.60
CA GLU C 318 -13.22 3.25 18.68
C GLU C 318 -13.95 2.83 19.95
N ASP C 319 -13.55 1.69 20.52
CA ASP C 319 -14.15 1.22 21.76
C ASP C 319 -13.54 1.92 22.95
N ALA C 320 -14.37 2.20 23.96
CA ALA C 320 -13.93 2.93 25.13
C ALA C 320 -13.03 2.06 26.00
N GLY C 321 -12.57 2.64 27.10
CA GLY C 321 -11.73 1.93 28.06
C GLY C 321 -11.18 2.86 29.11
N VAL C 322 -10.93 2.32 30.31
CA VAL C 322 -10.37 3.10 31.41
C VAL C 322 -9.19 2.33 31.99
N THR C 323 -8.29 3.08 32.64
CA THR C 323 -7.14 2.51 33.33
C THR C 323 -7.13 3.09 34.74
N CYS C 324 -7.88 2.46 35.65
CA CYS C 324 -7.92 2.91 37.03
C CYS C 324 -6.66 2.48 37.75
N SER C 325 -5.94 3.44 38.35
CA SER C 325 -4.71 3.14 39.04
C SER C 325 -4.49 4.17 40.14
N ASP C 326 -3.97 3.71 41.28
CA ASP C 326 -3.70 4.60 42.40
C ASP C 326 -2.44 5.43 42.18
N GLY C 327 -1.46 4.87 41.47
CA GLY C 327 -0.20 5.57 41.24
C GLY C 327 0.99 4.64 41.33
N SER C 328 2.19 5.19 41.15
CA SER C 328 3.45 4.46 41.24
C SER C 328 3.58 3.33 40.21
N ASP C 329 2.61 3.21 39.30
CA ASP C 329 2.70 2.25 38.21
C ASP C 329 3.10 2.87 36.89
N LEU C 330 3.15 4.20 36.81
CA LEU C 330 3.45 4.92 35.59
C LEU C 330 4.70 5.76 35.79
N GLU C 331 5.71 5.56 34.93
CA GLU C 331 6.98 6.23 35.04
C GLU C 331 7.36 6.82 33.69
N LEU C 332 7.99 7.99 33.71
CA LEU C 332 8.38 8.71 32.50
C LEU C 332 9.90 8.88 32.48
N ARG C 333 10.50 8.62 31.32
CA ARG C 333 11.95 8.72 31.19
C ARG C 333 12.29 9.01 29.73
N LEU C 334 13.49 9.55 29.54
CA LEU C 334 14.01 9.86 28.20
C LEU C 334 15.14 8.90 27.86
N ARG C 335 15.11 8.37 26.65
CA ARG C 335 16.07 7.36 26.21
C ARG C 335 16.60 7.71 24.84
N GLY C 336 17.73 7.11 24.48
CA GLY C 336 18.29 7.24 23.15
C GLY C 336 19.13 8.47 22.91
N GLY C 337 19.33 9.31 23.92
CA GLY C 337 20.08 10.53 23.77
C GLY C 337 21.43 10.49 24.48
N GLY C 338 22.08 11.66 24.51
CA GLY C 338 23.37 11.76 25.16
C GLY C 338 23.29 11.57 26.66
N SER C 339 22.22 12.06 27.28
CA SER C 339 22.04 11.96 28.71
C SER C 339 20.57 11.68 29.00
N ARG C 340 20.19 11.83 30.27
CA ARG C 340 18.80 11.60 30.66
C ARG C 340 17.90 12.79 30.35
N CYS C 341 18.48 13.95 30.04
CA CYS C 341 17.72 15.16 29.78
C CYS C 341 17.46 15.39 28.29
N ALA C 342 17.84 14.45 27.43
CA ALA C 342 17.58 14.58 26.00
C ALA C 342 17.36 13.20 25.40
N GLY C 343 16.32 13.05 24.62
CA GLY C 343 16.04 11.81 23.94
C GLY C 343 14.54 11.62 23.75
N THR C 344 14.20 10.48 23.18
CA THR C 344 12.80 10.16 22.91
C THR C 344 12.04 9.98 24.21
N VAL C 345 10.78 10.41 24.21
CA VAL C 345 9.93 10.25 25.39
C VAL C 345 9.42 8.81 25.42
N GLU C 346 9.72 8.11 26.50
CA GLU C 346 9.30 6.73 26.69
C GLU C 346 8.55 6.62 28.01
N VAL C 347 7.32 6.12 27.95
CA VAL C 347 6.46 6.03 29.11
C VAL C 347 6.11 4.57 29.35
N GLU C 348 6.06 4.18 30.62
CA GLU C 348 5.74 2.82 31.02
C GLU C 348 4.69 2.88 32.13
N ILE C 349 3.52 2.29 31.87
CA ILE C 349 2.41 2.28 32.81
C ILE C 349 2.07 0.83 33.10
N GLN C 350 2.03 0.48 34.40
CA GLN C 350 1.82 -0.90 34.84
C GLN C 350 2.79 -1.85 34.14
N ARG C 351 4.05 -1.45 34.12
CA ARG C 351 5.15 -2.20 33.51
C ARG C 351 4.98 -2.40 32.01
N LEU C 352 4.01 -1.72 31.40
CA LEU C 352 3.82 -1.76 29.95
C LEU C 352 4.42 -0.49 29.35
N LEU C 353 5.45 -0.66 28.53
CA LEU C 353 6.15 0.47 27.96
C LEU C 353 5.32 1.11 26.85
N GLY C 354 5.75 2.29 26.43
CA GLY C 354 5.07 3.01 25.36
C GLY C 354 5.77 4.32 25.09
N LYS C 355 5.27 5.01 24.06
CA LYS C 355 5.81 6.30 23.66
C LYS C 355 4.66 7.27 23.41
N VAL C 356 5.01 8.54 23.28
CA VAL C 356 4.04 9.62 23.12
C VAL C 356 3.98 10.01 21.65
N CYS C 357 2.77 10.03 21.09
CA CYS C 357 2.58 10.52 19.73
C CYS C 357 2.55 12.05 19.73
N ASP C 358 3.14 12.63 18.68
CA ASP C 358 3.37 14.08 18.62
C ASP C 358 2.29 14.82 17.86
N ARG C 359 1.04 14.36 17.94
CA ARG C 359 -0.06 15.05 17.26
C ARG C 359 -0.20 16.48 17.78
N GLY C 360 -0.12 16.65 19.10
CA GLY C 360 -0.21 17.97 19.67
C GLY C 360 1.02 18.36 20.47
N TRP C 361 2.19 17.98 19.96
CA TRP C 361 3.44 18.18 20.69
C TRP C 361 4.00 19.56 20.39
N GLY C 362 4.25 20.34 21.44
CA GLY C 362 4.85 21.65 21.32
C GLY C 362 5.75 21.93 22.49
N LEU C 363 6.29 23.16 22.52
CA LEU C 363 7.19 23.55 23.59
C LEU C 363 6.48 23.77 24.91
N LYS C 364 5.14 23.86 24.92
CA LYS C 364 4.41 24.02 26.18
C LYS C 364 4.32 22.70 26.93
N GLU C 365 3.85 21.65 26.25
CA GLU C 365 3.76 20.34 26.90
C GLU C 365 5.12 19.75 27.17
N ALA C 366 6.08 19.95 26.26
CA ALA C 366 7.43 19.43 26.47
C ALA C 366 8.09 20.08 27.68
N ASP C 367 7.70 21.32 27.99
CA ASP C 367 8.21 21.98 29.18
C ASP C 367 7.77 21.25 30.43
N VAL C 368 6.53 20.73 30.43
CA VAL C 368 6.02 19.99 31.59
C VAL C 368 6.84 18.72 31.82
N VAL C 369 7.18 18.02 30.73
CA VAL C 369 7.94 16.77 30.87
C VAL C 369 9.33 17.06 31.44
N CYS C 370 10.01 18.08 30.90
CA CYS C 370 11.35 18.41 31.40
C CYS C 370 11.29 18.86 32.85
N ARG C 371 10.28 19.67 33.20
CA ARG C 371 10.11 20.09 34.59
C ARG C 371 9.79 18.89 35.49
N GLN C 372 9.01 17.94 34.98
CA GLN C 372 8.73 16.73 35.76
C GLN C 372 10.00 15.94 36.01
N LEU C 373 10.88 15.86 35.00
CA LEU C 373 12.15 15.15 35.15
C LEU C 373 13.21 15.96 35.86
N GLY C 374 12.95 17.23 36.17
CA GLY C 374 13.94 18.06 36.81
C GLY C 374 15.09 18.47 35.91
N CYS C 375 14.86 18.49 34.60
CA CYS C 375 15.90 18.81 33.64
C CYS C 375 15.83 20.25 33.14
N GLY C 376 15.05 21.10 33.81
CA GLY C 376 14.96 22.49 33.42
C GLY C 376 13.90 22.73 32.35
N SER C 377 14.11 23.78 31.58
CA SER C 377 13.18 24.15 30.52
C SER C 377 13.42 23.29 29.27
N ALA C 378 12.57 23.52 28.27
CA ALA C 378 12.66 22.79 27.01
C ALA C 378 13.26 23.68 25.94
N LEU C 379 14.29 23.20 25.26
CA LEU C 379 14.91 23.98 24.20
C LEU C 379 14.48 23.52 22.81
N LYS C 380 14.68 22.25 22.49
CA LYS C 380 14.36 21.71 21.19
C LYS C 380 13.38 20.55 21.33
N THR C 381 12.80 20.16 20.20
CA THR C 381 11.90 19.02 20.12
C THR C 381 12.61 17.78 19.56
N SER C 382 13.89 17.91 19.22
CA SER C 382 14.67 16.80 18.71
C SER C 382 15.90 16.58 19.59
N TYR C 383 16.79 15.70 19.15
CA TYR C 383 18.01 15.42 19.88
C TYR C 383 19.01 14.75 18.94
N GLN C 384 20.26 14.67 19.40
CA GLN C 384 21.29 13.96 18.67
C GLN C 384 21.21 12.47 19.02
N VAL C 385 21.21 11.62 18.01
CA VAL C 385 20.98 10.18 18.19
C VAL C 385 22.31 9.52 18.52
N TYR C 386 22.46 9.09 19.78
CA TYR C 386 23.64 8.35 20.18
C TYR C 386 23.41 6.84 20.04
N SER C 387 22.23 6.37 20.42
CA SER C 387 21.90 4.95 20.41
C SER C 387 20.46 4.77 19.94
N LYS C 388 20.14 3.53 19.56
CA LYS C 388 18.83 3.19 19.05
C LYS C 388 17.88 2.80 20.18
N ILE C 389 16.59 2.75 19.85
CA ILE C 389 15.52 2.48 20.82
C ILE C 389 14.60 1.43 20.23
N GLN C 390 14.23 0.44 21.05
CA GLN C 390 13.30 -0.59 20.63
C GLN C 390 11.90 -0.02 20.45
N ALA C 391 11.18 -0.56 19.47
CA ALA C 391 9.85 -0.08 19.14
C ALA C 391 8.80 -0.68 20.07
N THR C 392 7.78 0.13 20.39
CA THR C 392 6.68 -0.28 21.24
C THR C 392 5.37 0.01 20.52
N ASN C 393 4.40 -0.89 20.67
CA ASN C 393 3.15 -0.77 19.92
C ASN C 393 2.26 0.33 20.49
N THR C 394 2.14 0.42 21.81
CA THR C 394 1.16 1.30 22.42
C THR C 394 1.66 2.74 22.45
N TRP C 395 0.75 3.67 22.15
CA TRP C 395 1.05 5.10 22.08
C TRP C 395 0.24 5.86 23.11
N LEU C 396 0.82 6.93 23.65
CA LEU C 396 0.16 7.81 24.60
C LEU C 396 -0.25 9.10 23.90
N PHE C 397 -1.52 9.46 24.01
CA PHE C 397 -2.06 10.65 23.37
C PHE C 397 -2.49 11.65 24.43
N LEU C 398 -2.03 12.89 24.29
CA LEU C 398 -2.42 13.98 25.17
C LEU C 398 -2.97 15.12 24.33
N SER C 399 -4.04 15.74 24.83
CA SER C 399 -4.71 16.78 24.06
C SER C 399 -3.91 18.08 24.07
N SER C 400 -3.74 18.66 25.25
CA SER C 400 -3.05 19.94 25.38
C SER C 400 -2.76 20.20 26.85
N CYS C 401 -1.64 20.86 27.11
CA CYS C 401 -1.23 21.23 28.45
C CYS C 401 -0.95 22.73 28.51
N ASN C 402 -1.24 23.34 29.65
CA ASN C 402 -1.06 24.77 29.83
C ASN C 402 0.36 25.15 30.23
N GLY C 403 1.23 24.18 30.49
CA GLY C 403 2.57 24.48 30.94
C GLY C 403 2.70 24.73 32.43
N ASN C 404 1.59 24.75 33.17
CA ASN C 404 1.61 24.94 34.61
C ASN C 404 1.60 23.64 35.39
N GLU C 405 1.20 22.55 34.76
CA GLU C 405 1.06 21.27 35.46
C GLU C 405 2.43 20.76 35.91
N THR C 406 2.47 20.20 37.12
CA THR C 406 3.71 19.66 37.65
C THR C 406 4.18 18.46 36.83
N SER C 407 3.25 17.59 36.44
CA SER C 407 3.60 16.40 35.68
C SER C 407 2.61 16.23 34.54
N LEU C 408 2.90 15.27 33.65
CA LEU C 408 1.99 14.95 32.57
C LEU C 408 0.68 14.37 33.10
N TRP C 409 0.72 13.70 34.24
CA TRP C 409 -0.48 13.09 34.80
C TRP C 409 -1.50 14.10 35.26
N ASP C 410 -1.09 15.36 35.47
CA ASP C 410 -2.03 16.40 35.85
C ASP C 410 -2.69 17.07 34.66
N CYS C 411 -2.21 16.83 33.44
CA CYS C 411 -2.90 17.33 32.26
C CYS C 411 -4.22 16.59 32.06
N LYS C 412 -5.21 17.30 31.52
CA LYS C 412 -6.55 16.74 31.40
C LYS C 412 -6.68 15.84 30.18
N ASN C 413 -7.46 14.76 30.36
CA ASN C 413 -7.89 13.89 29.27
C ASN C 413 -6.70 13.34 28.46
N TRP C 414 -5.70 12.83 29.14
CA TRP C 414 -4.63 12.10 28.47
C TRP C 414 -5.06 10.64 28.29
N GLN C 415 -4.98 10.17 27.05
CA GLN C 415 -5.50 8.85 26.68
C GLN C 415 -4.35 7.89 26.44
N TRP C 416 -4.36 6.77 27.15
CA TRP C 416 -3.30 5.75 27.06
C TRP C 416 -3.78 4.63 26.16
N GLY C 417 -3.41 4.69 24.88
CA GLY C 417 -3.81 3.68 23.92
C GLY C 417 -5.21 3.92 23.39
N GLY C 418 -5.59 3.10 22.41
CA GLY C 418 -6.89 3.19 21.79
C GLY C 418 -6.90 3.84 20.42
N LEU C 419 -5.83 4.54 20.04
CA LEU C 419 -5.71 5.11 18.71
C LEU C 419 -4.32 4.82 18.17
N THR C 420 -4.17 4.94 16.86
CA THR C 420 -2.88 4.80 16.20
C THR C 420 -2.61 6.03 15.36
N CYS C 421 -1.33 6.39 15.26
CA CYS C 421 -0.91 7.53 14.44
C CYS C 421 0.22 7.04 13.52
N ASP C 422 -0.17 6.59 12.32
CA ASP C 422 0.80 6.11 11.36
C ASP C 422 1.57 7.26 10.72
N HIS C 423 0.88 8.36 10.42
CA HIS C 423 1.52 9.48 9.74
C HIS C 423 2.44 10.25 10.69
N TYR C 424 2.06 10.37 11.95
CA TYR C 424 2.89 11.04 12.94
C TYR C 424 3.97 10.09 13.45
N GLU C 425 4.78 10.59 14.39
CA GLU C 425 5.89 9.83 14.95
C GLU C 425 5.94 10.03 16.46
N GLU C 426 6.96 9.44 17.08
CA GLU C 426 7.13 9.55 18.52
C GLU C 426 7.59 10.94 18.90
N ALA C 427 7.33 11.31 20.15
CA ALA C 427 7.71 12.62 20.66
C ALA C 427 9.13 12.58 21.24
N LYS C 428 9.90 13.63 20.97
CA LYS C 428 11.26 13.77 21.44
C LYS C 428 11.43 15.14 22.09
N ILE C 429 12.45 15.27 22.93
CA ILE C 429 12.66 16.52 23.66
C ILE C 429 14.10 16.60 24.15
N THR C 430 14.67 17.80 24.08
CA THR C 430 15.99 18.11 24.63
C THR C 430 15.83 19.25 25.63
N CYS C 431 16.12 18.97 26.91
CA CYS C 431 15.96 19.97 27.95
C CYS C 431 17.27 20.75 28.15
N SER C 432 17.17 21.80 28.99
CA SER C 432 18.29 22.73 29.17
C SER C 432 19.45 22.12 29.93
N ALA C 433 19.17 21.22 30.88
CA ALA C 433 20.21 20.63 31.71
C ALA C 433 21.03 19.58 30.98
N HIS C 434 20.88 19.47 29.65
CA HIS C 434 21.70 18.55 28.88
C HIS C 434 23.18 18.86 29.03
N ARG C 435 23.56 20.13 28.83
CA ARG C 435 24.94 20.59 28.95
C ARG C 435 24.91 21.94 29.66
N GLU C 436 25.14 21.92 30.97
CA GLU C 436 25.06 23.14 31.77
C GLU C 436 26.45 23.68 32.03
N PRO C 437 26.79 24.87 31.52
CA PRO C 437 28.12 25.43 31.78
C PRO C 437 28.18 26.23 33.06
N ARG C 438 29.41 26.45 33.55
CA ARG C 438 29.64 27.21 34.77
C ARG C 438 31.09 27.68 34.79
N LEU C 439 31.30 28.83 35.40
CA LEU C 439 32.63 29.41 35.56
C LEU C 439 33.00 29.43 37.04
N VAL C 440 34.17 28.89 37.37
CA VAL C 440 34.60 28.75 38.75
C VAL C 440 36.09 29.08 38.86
N GLY C 441 36.47 29.74 39.95
CA GLY C 441 37.87 29.98 40.24
C GLY C 441 38.40 31.34 39.87
N GLY C 442 37.54 32.27 39.47
CA GLY C 442 37.97 33.62 39.09
C GLY C 442 37.33 34.66 40.00
N ASP C 443 38.17 35.57 40.51
CA ASP C 443 37.66 36.65 41.35
C ASP C 443 36.85 37.65 40.53
N ILE C 444 37.18 37.82 39.26
CA ILE C 444 36.37 38.67 38.36
C ILE C 444 35.00 38.05 38.19
N PRO C 445 33.92 38.85 38.13
CA PRO C 445 32.57 38.25 38.06
C PRO C 445 32.36 37.28 36.91
N CYS C 446 32.88 37.57 35.72
CA CYS C 446 32.68 36.70 34.56
C CYS C 446 34.04 36.28 34.02
N SER C 447 34.62 35.27 34.67
CA SER C 447 35.88 34.64 34.26
C SER C 447 36.18 33.47 35.17
N GLY C 448 36.80 32.44 34.65
CA GLY C 448 37.16 31.29 35.48
C GLY C 448 37.22 30.03 34.66
N ARG C 449 37.49 28.93 35.37
CA ARG C 449 37.58 27.63 34.73
C ARG C 449 36.22 27.18 34.22
N VAL C 450 36.22 26.48 33.09
CA VAL C 450 34.99 26.03 32.44
C VAL C 450 34.66 24.63 32.93
N GLU C 451 33.42 24.45 33.40
CA GLU C 451 32.91 23.17 33.83
C GLU C 451 31.55 22.94 33.19
N VAL C 452 31.29 21.71 32.75
CA VAL C 452 30.07 21.35 32.06
C VAL C 452 29.46 20.14 32.75
N LYS C 453 28.15 20.21 33.01
CA LYS C 453 27.41 19.12 33.63
C LYS C 453 26.66 18.32 32.57
N HIS C 454 26.89 17.02 32.52
CA HIS C 454 26.15 16.13 31.63
C HIS C 454 24.84 15.68 32.27
N GLY C 455 24.06 16.63 32.75
CA GLY C 455 22.84 16.32 33.48
C GLY C 455 23.02 16.03 34.95
N ASP C 456 24.01 15.20 35.28
CA ASP C 456 24.24 14.77 36.66
C ASP C 456 25.67 14.91 37.15
N THR C 457 26.66 14.91 36.26
CA THR C 457 28.07 14.89 36.67
C THR C 457 28.80 16.08 36.09
N TRP C 458 29.68 16.68 36.90
CA TRP C 458 30.45 17.86 36.53
C TRP C 458 31.85 17.45 36.10
N GLY C 459 32.33 18.06 35.01
CA GLY C 459 33.65 17.73 34.50
C GLY C 459 34.32 18.94 33.88
N SER C 460 35.59 18.78 33.56
CA SER C 460 36.39 19.82 32.95
C SER C 460 36.47 19.63 31.43
N ILE C 461 36.95 20.67 30.74
CA ILE C 461 37.03 20.69 29.29
C ILE C 461 38.48 20.95 28.90
N CYS C 462 39.02 20.10 28.02
CA CYS C 462 40.38 20.30 27.53
C CYS C 462 40.45 21.51 26.60
N ASP C 463 41.63 22.12 26.56
CA ASP C 463 41.77 23.40 25.85
C ASP C 463 41.71 23.22 24.33
N SER C 464 42.15 22.07 23.81
CA SER C 464 42.06 21.82 22.38
C SER C 464 40.61 21.70 21.94
N ASP C 465 39.76 21.08 22.76
CA ASP C 465 38.36 20.90 22.39
C ASP C 465 37.62 22.22 22.35
N PHE C 466 37.88 23.11 23.30
CA PHE C 466 37.18 24.37 23.39
C PHE C 466 37.81 25.39 22.44
N SER C 467 36.96 26.07 21.67
CA SER C 467 37.39 27.05 20.69
C SER C 467 36.77 28.40 21.00
N LEU C 468 37.04 29.37 20.12
CA LEU C 468 36.46 30.69 20.29
C LEU C 468 34.95 30.67 20.09
N GLU C 469 34.46 29.87 19.13
CA GLU C 469 33.03 29.81 18.88
C GLU C 469 32.29 29.13 20.02
N ALA C 470 32.88 28.11 20.62
CA ALA C 470 32.26 27.48 21.78
C ALA C 470 32.28 28.40 22.98
N ALA C 471 33.30 29.25 23.08
CA ALA C 471 33.39 30.20 24.19
C ALA C 471 32.29 31.25 24.13
N SER C 472 31.96 31.71 22.93
CA SER C 472 30.91 32.73 22.78
C SER C 472 29.56 32.19 23.25
N VAL C 473 29.25 30.94 22.89
CA VAL C 473 27.98 30.35 23.30
C VAL C 473 27.93 30.19 24.82
N LEU C 474 29.08 29.90 25.44
CA LEU C 474 29.12 29.75 26.90
C LEU C 474 28.87 31.08 27.59
N CYS C 475 29.59 32.13 27.18
CA CYS C 475 29.42 33.43 27.82
C CYS C 475 28.06 34.03 27.52
N ARG C 476 27.52 33.79 26.33
CA ARG C 476 26.18 34.27 26.01
C ARG C 476 25.12 33.60 26.87
N GLU C 477 25.22 32.28 27.06
CA GLU C 477 24.26 31.57 27.89
C GLU C 477 24.29 32.06 29.33
N LEU C 478 25.49 32.30 29.86
CA LEU C 478 25.67 32.78 31.22
C LEU C 478 25.37 34.27 31.36
N GLN C 479 24.98 34.94 30.28
CA GLN C 479 24.70 36.37 30.26
C GLN C 479 25.92 37.18 30.69
N CYS C 480 27.11 36.75 30.27
CA CYS C 480 28.35 37.43 30.60
C CYS C 480 28.93 38.23 29.45
N GLY C 481 28.21 38.34 28.33
CA GLY C 481 28.69 39.12 27.20
C GLY C 481 29.56 38.31 26.27
N THR C 482 30.37 39.05 25.50
CA THR C 482 31.26 38.42 24.54
C THR C 482 32.51 37.88 25.24
N VAL C 483 33.28 37.08 24.50
CA VAL C 483 34.46 36.43 25.04
C VAL C 483 35.68 37.32 24.78
N VAL C 484 36.25 37.86 25.86
CA VAL C 484 37.44 38.68 25.73
C VAL C 484 38.64 37.82 25.33
N SER C 485 38.82 36.69 26.00
CA SER C 485 39.96 35.83 25.72
C SER C 485 39.63 34.41 26.17
N ILE C 486 40.38 33.45 25.64
CA ILE C 486 40.30 32.06 26.05
C ILE C 486 41.67 31.67 26.57
N LEU C 487 41.73 31.16 27.79
CA LEU C 487 42.98 30.91 28.49
C LEU C 487 43.10 29.42 28.79
N GLY C 488 44.23 28.82 28.42
CA GLY C 488 44.46 27.41 28.63
C GLY C 488 45.54 27.15 29.68
N GLY C 489 45.80 25.86 29.89
CA GLY C 489 46.80 25.45 30.85
C GLY C 489 46.48 25.74 32.29
N ALA C 490 45.20 25.64 32.67
CA ALA C 490 44.75 25.79 34.06
C ALA C 490 45.21 27.13 34.64
N HIS C 491 44.85 28.20 33.95
CA HIS C 491 45.24 29.53 34.40
C HIS C 491 44.61 29.88 35.75
N PHE C 492 43.32 29.56 35.91
CA PHE C 492 42.62 29.95 37.13
C PHE C 492 42.75 28.90 38.23
N GLY C 493 42.62 27.62 37.87
CA GLY C 493 42.76 26.57 38.86
C GLY C 493 42.89 25.22 38.20
N GLU C 494 43.48 24.29 38.94
CA GLU C 494 43.66 22.91 38.48
C GLU C 494 42.43 22.12 38.90
N GLY C 495 41.48 21.97 37.99
CA GLY C 495 40.25 21.27 38.32
C GLY C 495 40.48 19.80 38.55
N ASN C 496 39.67 19.21 39.43
CA ASN C 496 39.76 17.80 39.79
C ASN C 496 38.41 17.15 39.56
N GLY C 497 38.42 16.01 38.87
CA GLY C 497 37.22 15.30 38.53
C GLY C 497 37.36 14.66 37.16
N GLN C 498 36.23 14.32 36.57
CA GLN C 498 36.24 13.73 35.25
C GLN C 498 36.54 14.79 34.19
N ILE C 499 37.11 14.35 33.08
CA ILE C 499 37.44 15.22 31.95
C ILE C 499 36.67 14.73 30.74
N TRP C 500 35.81 15.59 30.19
CA TRP C 500 35.03 15.22 29.03
C TRP C 500 35.92 15.16 27.80
N ALA C 501 35.81 14.06 27.04
CA ALA C 501 36.60 13.91 25.82
C ALA C 501 35.91 14.45 24.59
N GLU C 502 34.59 14.62 24.64
CA GLU C 502 33.86 15.13 23.47
C GLU C 502 34.22 16.58 23.20
N GLU C 503 34.17 16.94 21.91
CA GLU C 503 34.44 18.30 21.48
C GLU C 503 33.20 18.85 20.78
N PHE C 504 32.97 20.14 20.95
CA PHE C 504 31.77 20.79 20.44
C PHE C 504 31.99 21.27 19.00
N GLN C 505 30.89 21.37 18.26
CA GLN C 505 30.89 21.87 16.89
C GLN C 505 29.97 23.08 16.76
N CYS C 506 30.06 23.99 17.72
CA CYS C 506 29.16 25.15 17.75
C CYS C 506 29.43 26.08 16.58
N GLU C 507 28.35 26.60 15.99
CA GLU C 507 28.47 27.62 14.96
C GLU C 507 28.61 29.03 15.55
N GLY C 508 28.33 29.20 16.84
CA GLY C 508 28.48 30.47 17.51
C GLY C 508 27.19 31.26 17.66
N HIS C 509 26.16 30.94 16.89
CA HIS C 509 24.90 31.65 16.96
C HIS C 509 23.90 30.99 17.90
N GLU C 510 24.25 29.85 18.50
CA GLU C 510 23.35 29.19 19.43
C GLU C 510 23.28 29.94 20.76
N SER C 511 22.19 29.74 21.48
CA SER C 511 21.99 30.40 22.76
C SER C 511 22.43 29.55 23.94
N HIS C 512 22.33 28.23 23.84
CA HIS C 512 22.73 27.32 24.90
C HIS C 512 23.70 26.28 24.36
N LEU C 513 24.50 25.72 25.27
CA LEU C 513 25.44 24.68 24.88
C LEU C 513 24.75 23.36 24.56
N SER C 514 23.51 23.19 24.99
CA SER C 514 22.81 21.93 24.73
C SER C 514 22.50 21.74 23.25
N LEU C 515 22.20 22.84 22.54
CA LEU C 515 21.93 22.76 21.11
C LEU C 515 23.19 22.54 20.29
N CYS C 516 24.36 22.66 20.89
CA CYS C 516 25.62 22.52 20.17
C CYS C 516 25.91 21.06 19.85
N PRO C 517 26.09 20.69 18.58
CA PRO C 517 26.52 19.32 18.28
C PRO C 517 27.91 19.04 18.83
N VAL C 518 28.12 17.77 19.21
CA VAL C 518 29.39 17.35 19.79
C VAL C 518 29.92 16.16 19.01
N ALA C 519 31.22 15.91 19.15
CA ALA C 519 31.91 14.82 18.46
C ALA C 519 32.73 14.05 19.48
N PRO C 520 32.51 12.75 19.65
CA PRO C 520 33.31 11.98 20.60
C PRO C 520 34.76 11.86 20.19
N ARG C 521 35.62 11.74 21.19
CA ARG C 521 37.06 11.55 21.02
C ARG C 521 37.53 10.49 21.99
N PRO C 522 38.66 9.85 21.71
CA PRO C 522 39.25 8.94 22.70
C PRO C 522 39.58 9.68 24.00
N GLU C 523 39.33 9.00 25.11
CA GLU C 523 39.43 9.63 26.43
C GLU C 523 40.87 9.61 26.93
N GLY C 524 41.14 10.50 27.89
CA GLY C 524 42.43 10.56 28.54
C GLY C 524 43.52 11.30 27.79
N THR C 525 43.19 11.96 26.68
CA THR C 525 44.21 12.65 25.89
C THR C 525 44.82 13.81 26.66
N CYS C 526 43.99 14.57 27.38
CA CYS C 526 44.43 15.77 28.07
C CYS C 526 44.51 15.50 29.58
N SER C 527 45.59 15.98 30.19
CA SER C 527 45.73 15.92 31.63
C SER C 527 44.84 16.96 32.30
N HIS C 528 44.72 16.86 33.62
CA HIS C 528 43.90 17.81 34.37
C HIS C 528 44.48 19.22 34.34
N SER C 529 45.80 19.34 34.12
CA SER C 529 46.41 20.66 34.05
C SER C 529 46.16 21.36 32.73
N ARG C 530 45.60 20.66 31.75
CA ARG C 530 45.36 21.22 30.43
C ARG C 530 43.94 21.72 30.23
N ASP C 531 43.15 21.80 31.30
CA ASP C 531 41.79 22.29 31.18
C ASP C 531 41.79 23.78 30.86
N VAL C 532 40.69 24.24 30.26
CA VAL C 532 40.62 25.57 29.67
C VAL C 532 39.86 26.52 30.59
N GLY C 533 40.07 27.81 30.36
CA GLY C 533 39.34 28.84 31.06
C GLY C 533 39.01 29.98 30.11
N VAL C 534 37.89 30.64 30.38
CA VAL C 534 37.38 31.68 29.51
C VAL C 534 37.14 32.95 30.33
N VAL C 535 37.51 34.09 29.77
CA VAL C 535 37.22 35.39 30.35
C VAL C 535 36.20 36.07 29.43
N CYS C 536 35.02 36.37 29.98
CA CYS C 536 33.99 37.04 29.21
C CYS C 536 34.05 38.54 29.46
N SER C 537 33.23 39.29 28.72
CA SER C 537 33.36 40.74 28.66
C SER C 537 32.85 41.43 29.91
N ARG C 538 31.72 40.99 30.46
CA ARG C 538 31.07 41.73 31.54
C ARG C 538 31.76 41.44 32.86
N TYR C 539 32.80 42.23 33.16
CA TYR C 539 33.57 42.06 34.38
C TYR C 539 33.29 43.12 35.43
N THR C 540 32.47 44.12 35.11
CA THR C 540 32.21 45.19 36.07
C THR C 540 31.37 44.68 37.23
N GLU C 541 31.69 45.17 38.44
CA GLU C 541 31.02 44.75 39.66
C GLU C 541 30.53 46.01 40.38
N ILE C 542 29.26 46.34 40.19
CA ILE C 542 28.68 47.58 40.68
C ILE C 542 27.42 47.25 41.47
N ARG C 543 27.10 48.08 42.47
CA ARG C 543 25.97 47.82 43.35
C ARG C 543 25.48 49.12 43.94
N LEU C 544 24.41 49.02 44.74
CA LEU C 544 23.81 50.16 45.44
C LEU C 544 23.73 49.84 46.92
N VAL C 545 24.14 50.80 47.75
CA VAL C 545 24.24 50.61 49.19
C VAL C 545 23.67 51.81 49.92
N ASN C 546 23.49 51.64 51.24
CA ASN C 546 23.05 52.70 52.15
C ASN C 546 21.73 53.31 51.69
N GLY C 547 20.80 52.48 51.26
CA GLY C 547 19.48 52.93 50.83
C GLY C 547 18.38 52.22 51.58
N LYS C 548 17.38 52.98 52.03
CA LYS C 548 16.21 52.39 52.68
C LYS C 548 15.50 51.44 51.72
N THR C 549 15.27 51.89 50.50
CA THR C 549 14.79 50.99 49.46
C THR C 549 15.87 49.97 49.15
N PRO C 550 15.50 48.72 48.84
CA PRO C 550 16.53 47.71 48.55
C PRO C 550 17.39 48.03 47.33
N CYS C 551 16.94 48.89 46.42
CA CYS C 551 17.76 49.25 45.27
C CYS C 551 17.80 50.75 45.00
N GLU C 552 17.78 51.56 46.06
CA GLU C 552 18.21 52.94 45.99
C GLU C 552 19.47 53.11 46.85
N GLY C 553 20.17 54.21 46.65
CA GLY C 553 21.27 54.55 47.52
C GLY C 553 22.49 55.00 46.74
N ARG C 554 23.65 54.76 47.35
CA ARG C 554 24.91 55.23 46.80
C ARG C 554 25.54 54.15 45.93
N VAL C 555 26.14 54.58 44.81
CA VAL C 555 26.77 53.66 43.87
C VAL C 555 28.16 53.32 44.37
N GLU C 556 28.45 52.03 44.48
CA GLU C 556 29.77 51.54 44.86
C GLU C 556 30.27 50.57 43.82
N LEU C 557 31.50 50.78 43.36
CA LEU C 557 32.11 49.97 42.31
C LEU C 557 33.41 49.37 42.83
N LYS C 558 33.64 48.10 42.48
CA LYS C 558 34.83 47.39 42.92
C LYS C 558 35.79 47.21 41.76
N THR C 559 36.98 47.80 41.88
CA THR C 559 38.09 47.53 40.99
C THR C 559 39.32 47.26 41.84
N LEU C 560 40.19 46.39 41.33
CA LEU C 560 41.43 46.04 42.02
C LEU C 560 41.15 45.50 43.43
N GLY C 561 40.06 44.75 43.56
CA GLY C 561 39.76 44.07 44.80
C GLY C 561 39.28 44.95 45.93
N ALA C 562 38.93 46.21 45.65
CA ALA C 562 38.51 47.14 46.69
C ALA C 562 37.23 47.84 46.26
N TRP C 563 36.24 47.89 47.15
CA TRP C 563 35.03 48.64 46.90
C TRP C 563 35.28 50.13 47.09
N GLY C 564 34.57 50.94 46.33
CA GLY C 564 34.73 52.38 46.45
C GLY C 564 33.62 53.12 45.75
N SER C 565 33.40 54.35 46.20
CA SER C 565 32.38 55.20 45.63
C SER C 565 32.79 55.67 44.24
N LEU C 566 31.84 56.25 43.53
CA LEU C 566 32.04 56.70 42.16
C LEU C 566 31.90 58.22 42.08
N CYS C 567 32.71 58.84 41.25
CA CYS C 567 32.65 60.30 41.12
C CYS C 567 31.36 60.72 40.41
N ASN C 568 30.80 61.84 40.87
CA ASN C 568 29.53 62.31 40.34
C ASN C 568 29.65 62.79 38.90
N SER C 569 30.78 63.39 38.54
CA SER C 569 30.95 63.90 37.20
C SER C 569 30.89 62.77 36.18
N HIS C 570 30.25 63.05 35.05
CA HIS C 570 30.01 62.13 33.94
C HIS C 570 28.98 61.06 34.28
N TRP C 571 28.42 61.07 35.49
CA TRP C 571 27.35 60.16 35.87
C TRP C 571 26.02 60.84 35.56
N ASP C 572 25.34 60.36 34.53
CA ASP C 572 24.11 60.97 34.03
C ASP C 572 22.93 60.02 34.20
N ILE C 573 21.77 60.46 33.75
CA ILE C 573 20.57 59.63 33.84
C ILE C 573 20.67 58.44 32.90
N GLU C 574 21.44 58.56 31.82
CA GLU C 574 21.62 57.42 30.92
C GLU C 574 22.35 56.28 31.60
N ASP C 575 23.38 56.60 32.39
CA ASP C 575 24.07 55.56 33.13
C ASP C 575 23.17 54.94 34.20
N ALA C 576 22.40 55.77 34.89
CA ALA C 576 21.52 55.27 35.95
C ALA C 576 20.43 54.38 35.38
N HIS C 577 19.97 54.65 34.15
CA HIS C 577 18.97 53.80 33.52
C HIS C 577 19.52 52.40 33.31
N VAL C 578 20.78 52.29 32.88
CA VAL C 578 21.40 50.99 32.66
C VAL C 578 21.58 50.26 33.99
N LEU C 579 21.98 50.99 35.03
CA LEU C 579 22.26 50.37 36.32
C LEU C 579 21.00 49.76 36.94
N CYS C 580 19.88 50.47 36.85
CA CYS C 580 18.64 49.95 37.44
C CYS C 580 18.10 48.78 36.63
N GLN C 581 18.30 48.78 35.32
CA GLN C 581 17.91 47.62 34.52
C GLN C 581 18.73 46.39 34.91
N GLN C 582 20.02 46.57 35.14
CA GLN C 582 20.88 45.46 35.53
C GLN C 582 20.50 44.92 36.90
N LEU C 583 20.09 45.80 37.81
CA LEU C 583 19.72 45.40 39.17
C LEU C 583 18.25 45.01 39.28
N LYS C 584 17.53 44.92 38.16
CA LYS C 584 16.14 44.48 38.11
C LYS C 584 15.20 45.40 38.87
N CYS C 585 15.37 46.72 38.71
CA CYS C 585 14.45 47.69 39.26
C CYS C 585 13.83 48.61 38.22
N GLY C 586 13.99 48.29 36.94
CA GLY C 586 13.32 49.05 35.90
C GLY C 586 14.01 50.36 35.56
N VAL C 587 13.21 51.43 35.41
CA VAL C 587 13.76 52.70 35.00
C VAL C 587 14.28 53.45 36.22
N ALA C 588 15.19 54.39 35.98
CA ALA C 588 15.78 55.21 37.04
C ALA C 588 15.04 56.54 37.10
N LEU C 589 14.44 56.84 38.25
CA LEU C 589 13.68 58.08 38.38
C LEU C 589 14.59 59.29 38.46
N SER C 590 15.65 59.22 39.27
CA SER C 590 16.50 60.37 39.47
C SER C 590 17.85 59.92 40.04
N THR C 591 18.86 60.76 39.84
CA THR C 591 20.15 60.62 40.49
C THR C 591 20.36 61.80 41.42
N PRO C 592 20.14 61.64 42.73
CA PRO C 592 20.26 62.78 43.63
C PRO C 592 21.69 63.30 43.71
N GLY C 593 21.80 64.63 43.84
CA GLY C 593 23.10 65.27 43.91
C GLY C 593 23.67 65.28 45.31
N GLY C 594 24.89 65.82 45.40
CA GLY C 594 25.59 65.88 46.67
C GLY C 594 25.92 64.48 47.18
N ALA C 595 25.99 64.37 48.50
CA ALA C 595 26.21 63.09 49.18
C ALA C 595 25.00 62.85 50.07
N ARG C 596 23.94 62.30 49.49
CA ARG C 596 22.69 62.11 50.22
C ARG C 596 22.78 60.92 51.17
N PHE C 597 23.01 59.74 50.61
CA PHE C 597 22.97 58.51 51.41
C PHE C 597 24.20 58.33 52.27
N GLY C 598 25.36 58.77 51.77
CA GLY C 598 26.58 58.71 52.57
C GLY C 598 27.79 59.00 51.71
N LYS C 599 28.90 59.28 52.40
CA LYS C 599 30.16 59.51 51.70
C LYS C 599 30.78 58.22 51.21
N GLY C 600 30.69 57.16 52.00
CA GLY C 600 31.17 55.86 51.57
C GLY C 600 32.35 55.32 52.34
N ASN C 601 33.20 54.54 51.65
CA ASN C 601 34.36 53.94 52.28
C ASN C 601 35.53 54.90 52.40
N GLY C 602 35.46 56.07 51.77
CA GLY C 602 36.57 56.97 51.67
C GLY C 602 37.44 56.75 50.44
N GLN C 603 37.18 55.70 49.68
CA GLN C 603 37.88 55.44 48.43
C GLN C 603 36.97 55.78 47.26
N ILE C 604 37.48 56.54 46.31
CA ILE C 604 36.71 57.03 45.18
C ILE C 604 37.33 56.49 43.89
N TRP C 605 36.51 55.86 43.06
CA TRP C 605 36.92 55.39 41.75
C TRP C 605 36.44 56.38 40.71
N ARG C 606 37.37 56.89 39.89
CA ARG C 606 37.06 57.88 38.87
C ARG C 606 36.95 57.18 37.52
N HIS C 607 35.84 56.48 37.34
CA HIS C 607 35.53 55.80 36.08
C HIS C 607 34.46 56.59 35.37
N MET C 608 34.72 56.97 34.12
CA MET C 608 33.78 57.75 33.33
C MET C 608 32.98 56.78 32.46
N PHE C 609 31.71 56.58 32.81
CA PHE C 609 30.82 55.69 32.06
C PHE C 609 30.09 56.52 31.03
N HIS C 610 30.30 56.22 29.76
CA HIS C 610 29.62 56.90 28.66
C HIS C 610 28.58 55.95 28.10
N CYS C 611 27.42 55.92 28.73
CA CYS C 611 26.36 54.97 28.43
C CYS C 611 25.34 55.59 27.49
N THR C 612 24.91 54.81 26.50
CA THR C 612 23.83 55.25 25.62
C THR C 612 22.47 55.19 26.30
N GLY C 613 22.32 54.29 27.28
CA GLY C 613 21.07 54.13 27.99
C GLY C 613 20.24 52.93 27.59
N THR C 614 20.67 52.19 26.56
CA THR C 614 19.91 51.04 26.08
C THR C 614 20.49 49.70 26.50
N GLU C 615 21.76 49.66 26.91
CA GLU C 615 22.39 48.41 27.29
C GLU C 615 21.77 47.86 28.57
N GLN C 616 21.65 46.53 28.62
CA GLN C 616 21.07 45.89 29.79
C GLN C 616 22.04 45.83 30.97
N HIS C 617 23.33 45.71 30.70
CA HIS C 617 24.34 45.58 31.74
C HIS C 617 25.36 46.69 31.60
N MET C 618 25.87 47.17 32.73
CA MET C 618 26.86 48.24 32.71
C MET C 618 28.20 47.78 32.14
N GLY C 619 28.41 46.46 32.02
CA GLY C 619 29.61 45.97 31.36
C GLY C 619 29.61 46.19 29.87
N ASP C 620 28.44 46.39 29.28
CA ASP C 620 28.35 46.69 27.85
C ASP C 620 28.63 48.15 27.54
N CYS C 621 28.64 49.02 28.54
CA CYS C 621 28.86 50.44 28.36
C CYS C 621 30.33 50.74 28.13
N PRO C 622 30.66 51.71 27.28
CA PRO C 622 32.05 52.16 27.18
C PRO C 622 32.50 52.83 28.47
N VAL C 623 33.72 52.52 28.89
CA VAL C 623 34.29 53.02 30.14
C VAL C 623 35.70 53.51 29.86
N THR C 624 36.06 54.66 30.43
CA THR C 624 37.41 55.20 30.37
C THR C 624 37.82 55.64 31.77
N ALA C 625 38.95 55.13 32.25
CA ALA C 625 39.42 55.47 33.58
C ALA C 625 40.89 55.87 33.62
N LEU C 626 41.55 55.96 32.47
CA LEU C 626 42.95 56.37 32.43
C LEU C 626 43.07 57.88 32.55
N GLY C 627 43.88 58.33 33.51
CA GLY C 627 44.12 59.75 33.68
C GLY C 627 42.89 60.56 34.02
N ALA C 628 41.97 59.99 34.78
CA ALA C 628 40.76 60.70 35.14
C ALA C 628 41.06 61.78 36.18
N SER C 629 40.34 62.89 36.08
CA SER C 629 40.51 63.98 37.02
C SER C 629 40.04 63.58 38.41
N LEU C 630 40.69 64.15 39.42
CA LEU C 630 40.35 63.83 40.80
C LEU C 630 38.98 64.39 41.17
N CYS C 631 38.38 63.80 42.21
CA CYS C 631 37.00 64.09 42.55
C CYS C 631 36.91 64.43 44.03
N PRO C 632 36.21 65.50 44.40
CA PRO C 632 36.00 65.80 45.83
C PRO C 632 35.15 64.73 46.49
N SER C 633 35.33 64.60 47.81
CA SER C 633 34.65 63.55 48.57
C SER C 633 33.14 63.73 48.61
N GLU C 634 32.65 64.95 48.38
CA GLU C 634 31.20 65.17 48.40
C GLU C 634 30.53 64.52 47.20
N GLN C 635 31.18 64.56 46.03
CA GLN C 635 30.59 64.03 44.80
C GLN C 635 30.63 62.51 44.81
N VAL C 636 29.49 61.88 45.08
CA VAL C 636 29.36 60.43 45.01
C VAL C 636 28.10 60.09 44.24
N ALA C 637 28.20 59.11 43.35
CA ALA C 637 27.09 58.77 42.48
C ALA C 637 26.00 58.08 43.28
N SER C 638 24.76 58.55 43.13
CA SER C 638 23.61 57.93 43.77
C SER C 638 22.46 57.92 42.79
N VAL C 639 21.63 56.89 42.88
CA VAL C 639 20.49 56.73 41.98
C VAL C 639 19.33 56.11 42.75
N ILE C 640 18.12 56.58 42.46
CA ILE C 640 16.89 56.01 43.00
C ILE C 640 16.10 55.44 41.84
N CYS C 641 15.97 54.12 41.80
CA CYS C 641 15.20 53.47 40.76
C CYS C 641 13.73 53.37 41.16
N SER C 642 12.88 53.10 40.16
CA SER C 642 11.44 53.08 40.39
C SER C 642 11.04 51.92 41.30
N GLY C 643 11.75 50.81 41.22
CA GLY C 643 11.43 49.63 41.99
C GLY C 643 10.54 48.62 41.29
N ASN C 644 10.00 48.97 40.13
CA ASN C 644 9.16 48.07 39.35
C ASN C 644 10.02 47.38 38.30
N GLN C 645 9.88 46.06 38.19
CA GLN C 645 10.70 45.30 37.25
C GLN C 645 10.39 45.66 35.81
N SER C 646 9.25 46.30 35.56
CA SER C 646 8.90 46.73 34.21
C SER C 646 9.17 48.22 34.04
N GLY C 676 18.08 59.64 16.34
CA GLY C 676 19.01 60.67 15.92
C GLY C 676 20.20 60.83 16.86
N GLN C 677 21.23 60.03 16.63
CA GLN C 677 22.45 60.05 17.42
C GLN C 677 23.65 60.30 16.49
N LEU C 678 24.83 60.34 17.09
CA LEU C 678 26.08 60.58 16.37
C LEU C 678 27.04 59.42 16.61
N ARG C 679 27.72 59.00 15.54
CA ARG C 679 28.74 57.98 15.64
C ARG C 679 30.00 58.43 14.91
N LEU C 680 31.14 57.96 15.40
CA LEU C 680 32.44 58.21 14.80
C LEU C 680 33.03 56.88 14.37
N VAL C 681 33.41 56.77 13.10
CA VAL C 681 33.77 55.49 12.50
C VAL C 681 35.12 55.63 11.80
N ASN C 682 35.86 54.52 11.73
CA ASN C 682 37.17 54.46 11.05
C ASN C 682 38.16 55.45 11.63
N GLY C 683 38.12 55.64 12.94
CA GLY C 683 39.04 56.55 13.59
C GLY C 683 39.99 55.87 14.55
N GLY C 684 39.80 54.57 14.77
CA GLY C 684 40.61 53.83 15.71
C GLY C 684 40.19 54.01 17.16
N GLY C 685 39.15 54.78 17.42
CA GLY C 685 38.70 55.03 18.78
C GLY C 685 37.31 55.63 18.76
N ARG C 686 36.80 55.93 19.96
CA ARG C 686 35.46 56.49 20.07
C ARG C 686 35.44 57.97 19.72
N CYS C 687 36.48 58.71 20.09
CA CYS C 687 36.48 60.17 19.98
C CYS C 687 37.21 60.68 18.74
N ALA C 688 37.29 59.86 17.69
CA ALA C 688 37.89 60.31 16.44
C ALA C 688 37.34 59.49 15.29
N GLY C 689 37.25 60.11 14.13
CA GLY C 689 36.79 59.43 12.94
C GLY C 689 35.74 60.25 12.23
N ARG C 690 35.20 59.67 11.16
CA ARG C 690 34.16 60.32 10.37
C ARG C 690 32.87 60.45 11.17
N VAL C 691 32.21 61.59 11.02
CA VAL C 691 30.96 61.86 11.73
C VAL C 691 29.80 61.24 10.95
N GLU C 692 28.95 60.50 11.66
CA GLU C 692 27.78 59.85 11.07
C GLU C 692 26.55 60.27 11.85
N ILE C 693 25.50 60.69 11.13
CA ILE C 693 24.29 61.23 11.73
C ILE C 693 23.12 60.32 11.37
N TYR C 694 22.22 60.12 12.34
CA TYR C 694 21.05 59.28 12.15
C TYR C 694 19.86 60.18 11.85
N HIS C 695 19.26 60.00 10.68
CA HIS C 695 18.02 60.67 10.32
C HIS C 695 17.05 59.65 9.74
N GLU C 696 15.76 59.88 10.00
CA GLU C 696 14.71 58.95 9.59
C GLU C 696 15.00 57.56 10.13
N GLY C 697 15.49 56.67 9.27
CA GLY C 697 15.84 55.33 9.70
C GLY C 697 17.18 54.85 9.18
N SER C 698 18.06 55.79 8.82
CA SER C 698 19.35 55.43 8.24
C SER C 698 20.41 56.43 8.69
N TRP C 699 21.67 56.00 8.58
CA TRP C 699 22.81 56.84 8.91
C TRP C 699 23.41 57.44 7.64
N GLY C 700 24.03 58.62 7.78
CA GLY C 700 24.53 59.32 6.64
C GLY C 700 25.76 60.14 6.97
N THR C 701 26.26 60.84 5.95
CA THR C 701 27.48 61.64 6.04
C THR C 701 27.14 63.12 5.91
N ILE C 702 28.15 63.96 6.10
CA ILE C 702 28.03 65.41 6.01
C ILE C 702 29.09 65.93 5.05
N CYS C 703 28.69 66.90 4.22
CA CYS C 703 29.64 67.53 3.32
C CYS C 703 30.69 68.31 4.11
N ASP C 704 31.89 68.39 3.54
CA ASP C 704 32.97 69.13 4.18
C ASP C 704 32.86 70.64 4.01
N ASP C 705 31.91 71.10 3.21
CA ASP C 705 31.74 72.52 2.96
C ASP C 705 31.30 73.25 4.23
N SER C 706 31.95 74.38 4.50
CA SER C 706 31.67 75.21 5.67
C SER C 706 31.90 74.47 6.98
N TRP C 707 32.73 73.43 6.97
CA TRP C 707 33.05 72.68 8.17
C TRP C 707 34.32 73.23 8.80
N ASP C 708 34.18 73.86 9.97
CA ASP C 708 35.34 74.41 10.66
C ASP C 708 35.43 73.89 12.09
N LEU C 709 36.31 74.50 12.89
CA LEU C 709 36.50 74.05 14.26
C LEU C 709 35.27 74.25 15.13
N SER C 710 34.44 75.26 14.84
CA SER C 710 33.25 75.50 15.64
C SER C 710 32.24 74.37 15.48
N ASP C 711 32.07 73.86 14.26
CA ASP C 711 31.19 72.71 14.06
C ASP C 711 31.77 71.47 14.74
N ALA C 712 33.10 71.34 14.73
CA ALA C 712 33.74 70.19 15.36
C ALA C 712 33.55 70.18 16.86
N HIS C 713 33.51 71.37 17.47
CA HIS C 713 33.32 71.44 18.92
C HIS C 713 31.96 70.89 19.34
N VAL C 714 30.93 71.15 18.55
CA VAL C 714 29.59 70.66 18.88
C VAL C 714 29.56 69.13 18.82
N VAL C 715 30.24 68.55 17.84
CA VAL C 715 30.28 67.10 17.70
C VAL C 715 30.90 66.47 18.93
N CYS C 716 32.03 67.01 19.38
CA CYS C 716 32.74 66.42 20.52
C CYS C 716 31.97 66.62 21.82
N ARG C 717 31.42 67.82 22.03
CA ARG C 717 30.70 68.08 23.27
C ARG C 717 29.44 67.23 23.37
N GLN C 718 28.73 67.05 22.26
CA GLN C 718 27.51 66.25 22.28
C GLN C 718 27.81 64.81 22.65
N LEU C 719 28.90 64.26 22.12
CA LEU C 719 29.29 62.90 22.46
C LEU C 719 29.97 62.80 23.82
N GLY C 720 30.35 63.93 24.41
CA GLY C 720 31.09 63.90 25.66
C GLY C 720 32.58 63.68 25.51
N CYS C 721 33.14 63.94 24.33
CA CYS C 721 34.56 63.73 24.07
C CYS C 721 35.37 65.01 24.23
N GLY C 722 34.93 65.91 25.11
CA GLY C 722 35.66 67.14 25.33
C GLY C 722 35.50 68.13 24.17
N GLU C 723 36.57 68.88 23.91
CA GLU C 723 36.61 69.82 22.82
C GLU C 723 37.10 69.12 21.55
N ALA C 724 37.42 69.91 20.53
CA ALA C 724 37.92 69.39 19.26
C ALA C 724 39.30 69.95 18.97
N ILE C 725 40.05 69.23 18.13
CA ILE C 725 41.41 69.61 17.78
C ILE C 725 41.58 69.81 16.28
N ASN C 726 41.09 68.88 15.47
CA ASN C 726 41.17 68.99 14.02
C ASN C 726 39.81 68.70 13.42
N ALA C 727 39.31 69.64 12.60
CA ALA C 727 38.05 69.45 11.88
C ALA C 727 38.40 68.85 10.52
N THR C 728 38.54 67.52 10.49
CA THR C 728 38.97 66.84 9.28
C THR C 728 37.89 66.90 8.21
N GLY C 729 38.32 67.13 6.96
CA GLY C 729 37.43 67.09 5.83
C GLY C 729 37.98 66.21 4.72
N SER C 730 37.30 66.21 3.57
CA SER C 730 37.74 65.48 2.38
C SER C 730 37.84 63.98 2.62
N ALA C 731 37.07 63.48 3.59
CA ALA C 731 36.98 62.04 3.87
C ALA C 731 38.36 61.41 4.12
N HIS C 732 39.10 62.00 5.06
CA HIS C 732 40.40 61.46 5.42
C HIS C 732 40.27 60.11 6.12
N PHE C 733 39.22 59.93 6.93
CA PHE C 733 38.96 58.67 7.60
C PHE C 733 38.34 57.62 6.68
N GLY C 734 37.92 58.01 5.50
CA GLY C 734 37.23 57.12 4.58
C GLY C 734 35.95 57.73 4.05
N GLU C 735 35.46 57.12 2.97
CA GLU C 735 34.29 57.59 2.26
C GLU C 735 33.06 56.84 2.74
N GLY C 736 31.98 57.57 3.02
CA GLY C 736 30.74 56.96 3.42
C GLY C 736 30.01 56.30 2.26
N THR C 737 29.00 55.51 2.60
CA THR C 737 28.20 54.81 1.62
C THR C 737 26.73 55.18 1.61
N GLY C 738 26.24 55.89 2.63
CA GLY C 738 24.86 56.26 2.71
C GLY C 738 24.59 57.61 2.08
N PRO C 739 23.41 58.18 2.35
CA PRO C 739 23.10 59.52 1.86
C PRO C 739 23.83 60.60 2.64
N ILE C 740 23.83 61.80 2.09
CA ILE C 740 24.38 62.98 2.76
C ILE C 740 23.18 63.76 3.31
N TRP C 741 22.98 63.68 4.62
CA TRP C 741 21.79 64.26 5.22
C TRP C 741 21.87 65.79 5.24
N LEU C 742 23.01 66.34 5.67
CA LEU C 742 23.14 67.76 5.91
C LEU C 742 24.36 68.31 5.19
N ASP C 743 24.33 69.61 4.95
CA ASP C 743 25.39 70.30 4.20
C ASP C 743 25.40 71.75 4.62
N GLU C 744 26.58 72.38 4.52
CA GLU C 744 26.78 73.78 4.85
C GLU C 744 26.34 74.09 6.28
N MET C 745 26.80 73.27 7.21
CA MET C 745 26.49 73.47 8.62
C MET C 745 27.12 74.76 9.12
N LYS C 746 26.38 75.52 9.93
CA LYS C 746 26.85 76.79 10.48
C LYS C 746 26.33 76.92 11.90
N CYS C 747 27.23 76.89 12.87
CA CYS C 747 26.89 77.22 14.25
C CYS C 747 28.09 77.87 14.92
N ASN C 748 27.81 78.64 15.96
CA ASN C 748 28.83 79.43 16.64
C ASN C 748 29.68 78.61 17.61
N GLY C 749 29.36 77.33 17.80
CA GLY C 749 30.10 76.50 18.72
C GLY C 749 29.50 76.37 20.10
N LYS C 750 28.33 76.94 20.35
CA LYS C 750 27.63 76.78 21.61
C LYS C 750 26.38 75.94 21.50
N GLU C 751 25.99 75.54 20.29
CA GLU C 751 24.83 74.67 20.12
C GLU C 751 25.12 73.27 20.66
N SER C 752 24.13 72.70 21.35
CA SER C 752 24.33 71.41 21.99
C SER C 752 24.26 70.25 21.00
N ARG C 753 23.50 70.40 19.93
CA ARG C 753 23.26 69.32 18.99
C ARG C 753 23.60 69.77 17.57
N ILE C 754 23.98 68.80 16.74
CA ILE C 754 24.34 69.09 15.36
C ILE C 754 23.12 69.53 14.55
N TRP C 755 22.01 68.81 14.70
CA TRP C 755 20.79 69.20 13.99
C TRP C 755 20.31 70.58 14.41
N GLN C 756 20.65 70.99 15.64
CA GLN C 756 20.31 72.33 16.10
C GLN C 756 21.10 73.40 15.36
N CYS C 757 22.30 73.07 14.88
CA CYS C 757 23.08 74.02 14.09
C CYS C 757 22.31 74.40 12.82
N HIS C 758 22.47 75.66 12.42
CA HIS C 758 21.84 76.12 11.19
C HIS C 758 22.39 75.37 9.99
N SER C 759 21.49 74.91 9.12
CA SER C 759 21.88 74.17 7.94
C SER C 759 20.83 74.38 6.85
N HIS C 760 21.18 73.96 5.63
CA HIS C 760 20.28 74.12 4.50
C HIS C 760 18.99 73.32 4.68
N GLY C 761 19.10 72.09 5.18
CA GLY C 761 17.95 71.25 5.41
C GLY C 761 18.31 69.79 5.24
N TRP C 762 17.43 68.92 5.74
CA TRP C 762 17.64 67.48 5.66
C TRP C 762 17.60 67.03 4.20
N GLY C 763 18.72 66.46 3.73
CA GLY C 763 18.83 66.06 2.34
C GLY C 763 19.22 67.17 1.39
N GLN C 764 19.40 68.39 1.88
CA GLN C 764 19.80 69.52 1.03
C GLN C 764 21.32 69.51 0.92
N GLN C 765 21.83 68.81 -0.09
CA GLN C 765 23.27 68.66 -0.29
C GLN C 765 23.62 68.90 -1.75
N ASN C 766 24.87 69.30 -1.97
CA ASN C 766 25.39 69.51 -3.32
C ASN C 766 26.84 69.03 -3.44
N CYS C 767 27.22 68.04 -2.65
CA CYS C 767 28.59 67.54 -2.62
C CYS C 767 28.61 66.08 -3.07
N ARG C 768 29.78 65.45 -2.95
CA ARG C 768 29.96 64.05 -3.28
C ARG C 768 30.50 63.31 -2.06
N HIS C 769 30.59 61.98 -2.20
CA HIS C 769 31.07 61.16 -1.10
C HIS C 769 32.56 61.37 -0.82
N LYS C 770 33.29 61.97 -1.76
CA LYS C 770 34.70 62.24 -1.53
C LYS C 770 34.89 63.30 -0.45
N GLU C 771 33.88 64.13 -0.22
CA GLU C 771 33.93 65.20 0.79
C GLU C 771 33.06 64.79 1.96
N ASP C 772 33.67 64.17 2.97
CA ASP C 772 32.97 63.78 4.19
C ASP C 772 33.71 64.36 5.38
N ALA C 773 32.97 65.01 6.28
CA ALA C 773 33.58 65.69 7.41
C ALA C 773 34.09 64.69 8.44
N GLY C 774 35.21 65.03 9.07
CA GLY C 774 35.76 64.24 10.15
C GLY C 774 36.09 65.12 11.33
N VAL C 775 36.42 64.48 12.45
CA VAL C 775 36.70 65.20 13.69
C VAL C 775 37.65 64.38 14.54
N ILE C 776 38.52 65.08 15.25
CA ILE C 776 39.46 64.47 16.20
C ILE C 776 39.30 65.24 17.51
N CYS C 777 38.66 64.62 18.50
CA CYS C 777 38.37 65.30 19.75
C CYS C 777 39.59 65.29 20.67
N SER C 778 39.51 66.09 21.74
CA SER C 778 40.62 66.19 22.68
C SER C 778 40.85 64.86 23.40
N GLU C 779 39.78 64.21 23.84
CA GLU C 779 39.92 62.94 24.56
C GLU C 779 40.03 61.77 23.59
N PHE C 780 40.97 61.85 22.66
CA PHE C 780 41.28 60.73 21.76
C PHE C 780 42.67 60.24 22.11
N MET C 781 42.76 59.01 22.59
CA MET C 781 44.00 58.43 23.06
C MET C 781 44.51 57.39 22.07
N SER C 782 45.82 57.16 22.12
CA SER C 782 46.46 56.16 21.29
C SER C 782 47.75 55.72 21.96
N LEU C 783 48.28 54.59 21.51
CA LEU C 783 49.47 53.99 22.10
C LEU C 783 50.51 53.72 21.02
N ARG C 784 51.78 53.72 21.41
CA ARG C 784 52.86 53.51 20.47
C ARG C 784 54.13 53.14 21.23
N LEU C 785 54.88 52.20 20.65
CA LEU C 785 56.21 51.83 21.14
C LEU C 785 57.21 52.34 20.13
N THR C 786 57.83 53.48 20.42
CA THR C 786 58.68 54.19 19.48
C THR C 786 60.13 53.83 19.69
N SER C 787 60.83 53.55 18.59
CA SER C 787 62.27 53.31 18.62
C SER C 787 62.84 53.71 17.27
N GLU C 788 64.14 53.99 17.26
CA GLU C 788 64.85 54.41 16.05
C GLU C 788 65.60 53.21 15.47
N ALA C 789 65.55 53.10 14.13
CA ALA C 789 66.23 52.03 13.40
C ALA C 789 65.86 50.66 13.94
N SER C 790 64.59 50.49 14.29
CA SER C 790 64.10 49.25 14.88
C SER C 790 63.22 48.53 13.87
N ARG C 791 63.61 47.30 13.51
CA ARG C 791 62.78 46.50 12.62
C ARG C 791 61.65 45.80 13.35
N GLU C 792 61.76 45.67 14.67
CA GLU C 792 60.80 44.88 15.44
C GLU C 792 59.42 45.53 15.48
N ALA C 793 59.38 46.83 15.77
CA ALA C 793 58.15 47.56 16.09
C ALA C 793 57.42 46.97 17.29
N CYS C 794 58.07 46.04 18.01
CA CYS C 794 57.52 45.42 19.20
C CYS C 794 58.20 45.88 20.47
N ALA C 795 59.39 46.48 20.36
CA ALA C 795 60.12 47.02 21.49
C ALA C 795 60.45 48.49 21.22
N GLY C 796 60.42 49.30 22.27
CA GLY C 796 60.69 50.71 22.12
C GLY C 796 60.27 51.48 23.36
N ARG C 797 60.07 52.78 23.18
CA ARG C 797 59.65 53.65 24.26
C ARG C 797 58.15 53.85 24.22
N LEU C 798 57.49 53.58 25.34
CA LEU C 798 56.04 53.73 25.42
C LEU C 798 55.66 55.20 25.31
N GLU C 799 54.61 55.47 24.54
CA GLU C 799 54.11 56.83 24.33
C GLU C 799 52.61 56.81 24.19
N VAL C 800 51.95 57.82 24.72
CA VAL C 800 50.49 57.94 24.68
C VAL C 800 50.12 59.23 23.96
N PHE C 801 49.21 59.14 23.00
CA PHE C 801 48.76 60.28 22.22
C PHE C 801 47.55 60.90 22.91
N TYR C 802 47.72 62.06 23.54
CA TYR C 802 46.63 62.75 24.19
C TYR C 802 46.69 64.23 23.86
N ASN C 803 45.53 64.82 23.60
CA ASN C 803 45.41 66.26 23.30
C ASN C 803 46.28 66.63 22.09
N GLY C 804 46.31 65.78 21.09
CA GLY C 804 47.11 66.04 19.91
C GLY C 804 48.59 66.11 20.19
N ALA C 805 49.08 65.35 21.16
CA ALA C 805 50.49 65.36 21.52
C ALA C 805 50.88 64.01 22.09
N TRP C 806 52.11 63.61 21.82
CA TRP C 806 52.65 62.35 22.31
C TRP C 806 53.36 62.58 23.64
N GLY C 807 53.23 61.63 24.55
CA GLY C 807 53.88 61.73 25.84
C GLY C 807 54.22 60.36 26.39
N THR C 808 55.20 60.34 27.28
CA THR C 808 55.71 59.13 27.86
C THR C 808 54.85 58.71 29.05
N VAL C 809 54.82 57.41 29.32
CA VAL C 809 54.17 56.87 30.51
C VAL C 809 55.23 56.65 31.58
N GLY C 810 54.80 56.70 32.85
CA GLY C 810 55.74 56.60 33.95
C GLY C 810 56.03 55.17 34.33
N LYS C 811 57.26 54.95 34.83
CA LYS C 811 57.71 53.63 35.24
C LYS C 811 57.10 53.19 36.57
N SER C 812 56.79 54.14 37.44
CA SER C 812 56.35 53.80 38.79
C SER C 812 55.04 53.01 38.76
N SER C 813 54.96 52.01 39.64
CA SER C 813 53.78 51.16 39.76
C SER C 813 53.45 50.46 38.44
N MET C 814 54.47 49.84 37.85
CA MET C 814 54.31 49.02 36.65
C MET C 814 54.41 47.56 37.05
N SER C 815 53.39 46.78 36.72
CA SER C 815 53.32 45.37 37.09
C SER C 815 53.21 44.51 35.83
N GLU C 816 53.08 43.20 36.04
CA GLU C 816 52.95 42.29 34.92
C GLU C 816 51.63 42.49 34.18
N THR C 817 50.55 42.72 34.91
CA THR C 817 49.24 42.88 34.28
C THR C 817 49.20 44.12 33.40
N THR C 818 49.80 45.21 33.85
CA THR C 818 49.82 46.43 33.04
C THR C 818 50.61 46.22 31.75
N VAL C 819 51.76 45.56 31.83
CA VAL C 819 52.59 45.33 30.65
C VAL C 819 51.91 44.36 29.70
N GLY C 820 51.23 43.35 30.23
CA GLY C 820 50.49 42.43 29.38
C GLY C 820 49.39 43.13 28.60
N VAL C 821 48.68 44.05 29.24
CA VAL C 821 47.66 44.84 28.56
C VAL C 821 48.30 45.68 27.46
N VAL C 822 49.45 46.28 27.76
CA VAL C 822 50.12 47.15 26.79
C VAL C 822 50.57 46.35 25.58
N CYS C 823 51.25 45.23 25.81
CA CYS C 823 51.75 44.43 24.70
C CYS C 823 50.62 43.82 23.88
N ARG C 824 49.57 43.34 24.55
CA ARG C 824 48.43 42.80 23.82
C ARG C 824 47.74 43.87 22.99
N GLN C 825 47.57 45.06 23.56
CA GLN C 825 46.96 46.16 22.82
C GLN C 825 47.82 46.56 21.62
N LEU C 826 49.14 46.59 21.80
CA LEU C 826 50.03 46.88 20.69
C LEU C 826 50.05 45.76 19.67
N GLY C 827 49.48 44.60 20.00
CA GLY C 827 49.40 43.50 19.06
C GLY C 827 50.55 42.53 19.09
N CYS C 828 51.37 42.53 20.14
CA CYS C 828 52.54 41.66 20.19
C CYS C 828 52.24 40.34 20.87
N ALA C 829 51.85 40.37 22.13
CA ALA C 829 51.52 39.16 22.89
C ALA C 829 50.99 39.57 24.26
N ASP C 830 50.68 38.58 25.08
CA ASP C 830 50.15 38.81 26.41
C ASP C 830 51.24 39.04 27.44
N LYS C 831 52.50 38.83 27.09
CA LYS C 831 53.61 38.90 28.04
C LYS C 831 54.61 39.95 27.55
N GLY C 832 55.23 40.64 28.50
CA GLY C 832 56.26 41.62 28.17
C GLY C 832 57.15 41.85 29.37
N LYS C 833 58.29 42.49 29.11
CA LYS C 833 59.27 42.76 30.15
C LYS C 833 59.77 44.19 30.02
N ILE C 834 59.77 44.92 31.13
CA ILE C 834 60.31 46.27 31.13
C ILE C 834 61.83 46.22 31.05
N ASN C 835 62.41 47.00 30.14
CA ASN C 835 63.85 46.99 29.94
C ASN C 835 64.49 47.92 30.96
N PRO C 836 65.26 47.41 31.92
CA PRO C 836 65.92 48.31 32.88
C PRO C 836 66.85 49.29 32.20
N ALA C 837 67.54 48.86 31.14
CA ALA C 837 68.36 49.77 30.37
C ALA C 837 67.49 50.63 29.47
N SER C 838 67.84 51.91 29.36
CA SER C 838 67.15 52.85 28.51
C SER C 838 68.15 53.47 27.54
N LEU C 839 67.91 53.26 26.24
CA LEU C 839 68.77 53.87 25.23
C LEU C 839 68.67 55.39 25.28
N ASP C 840 67.44 55.91 25.41
CA ASP C 840 67.11 57.33 25.52
C ASP C 840 67.53 58.14 24.30
N LYS C 841 67.88 57.48 23.19
CA LYS C 841 68.24 58.23 21.98
C LYS C 841 67.03 58.95 21.38
N ALA C 842 65.82 58.51 21.72
CA ALA C 842 64.63 59.18 21.21
C ALA C 842 64.55 60.61 21.71
N MET C 843 63.93 61.47 20.91
CA MET C 843 63.82 62.88 21.26
C MET C 843 63.04 63.05 22.55
N SER C 844 63.45 64.04 23.35
CA SER C 844 62.83 64.27 24.64
C SER C 844 61.41 64.77 24.46
N ILE C 845 60.48 64.18 25.22
CA ILE C 845 59.08 64.60 25.19
C ILE C 845 58.54 64.64 26.61
N PRO C 846 57.56 65.50 26.86
CA PRO C 846 56.98 65.57 28.20
C PRO C 846 56.21 64.31 28.55
N MET C 847 56.32 63.92 29.82
CA MET C 847 55.60 62.75 30.31
C MET C 847 54.13 63.08 30.52
N TRP C 848 53.26 62.20 30.04
CA TRP C 848 51.83 62.48 30.10
C TRP C 848 51.20 61.98 31.40
N VAL C 849 51.31 60.67 31.67
CA VAL C 849 50.60 60.04 32.76
C VAL C 849 51.56 59.16 33.55
N ASP C 850 51.16 58.82 34.77
CA ASP C 850 52.01 58.06 35.68
C ASP C 850 51.12 57.27 36.64
N ASN C 851 51.74 56.27 37.30
CA ASN C 851 51.05 55.45 38.29
C ASN C 851 49.87 54.70 37.67
N VAL C 852 50.14 53.98 36.59
CA VAL C 852 49.09 53.24 35.89
C VAL C 852 48.96 51.86 36.51
N GLN C 853 47.75 51.53 36.97
CA GLN C 853 47.43 50.22 37.52
C GLN C 853 46.39 49.58 36.62
N CYS C 854 46.60 48.32 36.27
CA CYS C 854 45.68 47.62 35.37
C CYS C 854 45.04 46.46 36.13
N PRO C 855 43.72 46.41 36.22
CA PRO C 855 43.05 45.28 36.86
C PRO C 855 42.91 44.12 35.88
N LYS C 856 42.33 43.03 36.37
CA LYS C 856 42.11 41.85 35.56
C LYS C 856 40.80 41.99 34.79
N GLY C 857 40.83 41.70 33.49
CA GLY C 857 39.64 41.73 32.68
C GLY C 857 39.67 42.60 31.44
N PRO C 858 40.24 43.82 31.51
CA PRO C 858 40.29 44.64 30.29
C PRO C 858 41.53 44.39 29.46
N ASP C 859 41.36 44.32 28.13
CA ASP C 859 42.48 44.23 27.22
C ASP C 859 42.92 45.60 26.69
N THR C 860 42.31 46.68 27.17
CA THR C 860 42.61 48.02 26.71
C THR C 860 43.14 48.86 27.85
N LEU C 861 44.19 49.64 27.57
CA LEU C 861 44.83 50.44 28.61
C LEU C 861 43.94 51.59 29.08
N TRP C 862 43.03 52.07 28.24
CA TRP C 862 42.22 53.22 28.62
C TRP C 862 41.29 52.91 29.78
N GLN C 863 41.05 51.65 30.08
CA GLN C 863 40.20 51.25 31.20
C GLN C 863 40.98 51.07 32.50
N CYS C 864 42.28 51.31 32.49
CA CYS C 864 43.13 51.05 33.65
C CYS C 864 43.27 52.30 34.50
N PRO C 865 43.00 52.22 35.80
CA PRO C 865 43.13 53.41 36.66
C PRO C 865 44.55 53.95 36.67
N SER C 866 44.65 55.27 36.79
CA SER C 866 45.93 55.95 36.79
C SER C 866 45.75 57.35 37.36
N SER C 867 46.87 58.01 37.61
CA SER C 867 46.85 59.39 38.06
C SER C 867 46.42 60.30 36.92
N PRO C 868 45.91 61.49 37.23
CA PRO C 868 45.42 62.38 36.17
C PRO C 868 46.53 62.83 35.23
N TRP C 869 46.13 63.23 34.03
CA TRP C 869 47.07 63.70 33.02
C TRP C 869 47.80 64.94 33.53
N GLU C 870 49.09 65.02 33.19
CA GLU C 870 49.90 66.17 33.55
C GLU C 870 51.14 66.20 32.67
N LYS C 871 51.28 67.25 31.88
CA LYS C 871 52.45 67.41 31.03
C LYS C 871 53.58 68.01 31.86
N ARG C 872 54.69 67.29 31.96
CA ARG C 872 55.82 67.75 32.74
C ARG C 872 57.11 67.28 32.08
N LEU C 873 58.19 68.00 32.36
CA LEU C 873 59.50 67.55 31.90
C LEU C 873 59.99 66.43 32.82
N ALA C 874 60.26 65.28 32.23
CA ALA C 874 60.61 64.08 32.98
C ALA C 874 62.06 63.71 32.74
N SER C 875 62.70 63.18 33.78
CA SER C 875 64.06 62.70 33.66
C SER C 875 64.10 61.50 32.71
N PRO C 876 65.18 61.35 31.94
CA PRO C 876 65.27 60.22 31.02
C PRO C 876 65.18 58.87 31.70
N SER C 877 65.55 58.78 32.98
CA SER C 877 65.45 57.51 33.69
C SER C 877 64.01 57.13 33.95
N GLU C 878 63.08 58.08 33.90
CA GLU C 878 61.69 57.82 34.24
C GLU C 878 60.86 57.27 33.09
N GLU C 879 61.36 57.31 31.86
CA GLU C 879 60.58 56.78 30.74
C GLU C 879 60.49 55.26 30.83
N THR C 880 59.45 54.71 30.21
CA THR C 880 59.19 53.28 30.23
C THR C 880 59.57 52.68 28.88
N TRP C 881 60.47 51.70 28.90
CA TRP C 881 60.87 50.95 27.71
C TRP C 881 60.47 49.50 27.89
N ILE C 882 59.74 48.95 26.92
CA ILE C 882 59.18 47.61 27.03
C ILE C 882 59.67 46.76 25.87
N THR C 883 59.92 45.49 26.16
CA THR C 883 60.22 44.48 25.15
C THR C 883 59.13 43.41 25.21
N CYS C 884 58.24 43.40 24.23
CA CYS C 884 57.10 42.51 24.23
C CYS C 884 57.41 41.23 23.47
N ASP C 885 56.80 40.13 23.90
CA ASP C 885 56.95 38.87 23.22
C ASP C 885 56.30 38.92 21.84
N ASN C 886 56.86 38.15 20.91
CA ASN C 886 56.34 38.11 19.55
C ASN C 886 55.32 36.97 19.41
N LYS C 887 54.40 37.15 18.46
CA LYS C 887 53.34 36.18 18.27
C LYS C 887 53.85 34.83 17.77
N ILE C 888 54.92 34.80 16.98
CA ILE C 888 55.42 33.58 16.37
C ILE C 888 56.67 33.13 17.13
N ARG C 889 56.66 31.89 17.58
CA ARG C 889 57.72 31.36 18.44
C ARG C 889 58.11 29.97 17.99
N LEU C 890 59.39 29.64 18.18
CA LEU C 890 59.92 28.31 17.90
C LEU C 890 60.33 27.66 19.22
N GLN C 891 59.91 26.41 19.42
CA GLN C 891 60.09 25.76 20.72
C GLN C 891 60.60 24.34 20.55
N GLU C 892 61.17 23.83 21.65
CA GLU C 892 61.63 22.44 21.75
C GLU C 892 62.65 22.11 20.68
N GLY C 893 63.55 23.05 20.40
CA GLY C 893 64.60 22.83 19.43
C GLY C 893 65.97 22.96 20.05
N PRO C 894 66.94 22.20 19.56
CA PRO C 894 68.31 22.32 20.06
C PRO C 894 68.89 23.70 19.81
N THR C 895 68.74 24.20 18.60
CA THR C 895 69.22 25.52 18.23
C THR C 895 68.10 26.55 18.36
N SER C 896 68.50 27.83 18.38
CA SER C 896 67.53 28.91 18.50
C SER C 896 66.76 29.16 17.20
N CYS C 897 67.36 28.83 16.06
CA CYS C 897 66.70 29.06 14.78
C CYS C 897 65.90 27.85 14.29
N SER C 898 65.88 26.76 15.05
CA SER C 898 65.15 25.56 14.67
C SER C 898 64.23 25.13 15.81
N GLY C 899 63.01 24.73 15.48
CA GLY C 899 62.08 24.27 16.48
C GLY C 899 60.69 24.09 15.92
N ARG C 900 59.77 23.81 16.84
CA ARG C 900 58.36 23.66 16.48
C ARG C 900 57.70 25.03 16.34
N VAL C 901 56.90 25.18 15.29
CA VAL C 901 56.26 26.45 15.00
C VAL C 901 55.02 26.60 15.87
N GLU C 902 54.98 27.69 16.64
CA GLU C 902 53.83 28.04 17.46
C GLU C 902 53.47 29.50 17.23
N ILE C 903 52.18 29.82 17.38
CA ILE C 903 51.69 31.18 17.22
C ILE C 903 50.76 31.51 18.37
N TRP C 904 50.54 32.81 18.58
CA TRP C 904 49.72 33.32 19.67
C TRP C 904 48.42 33.89 19.13
N HIS C 905 47.31 33.56 19.79
CA HIS C 905 46.00 34.06 19.38
C HIS C 905 45.03 33.90 20.52
N GLY C 906 44.34 34.99 20.88
CA GLY C 906 43.26 34.94 21.84
C GLY C 906 43.65 34.51 23.23
N GLY C 907 44.86 34.83 23.66
CA GLY C 907 45.31 34.45 24.98
C GLY C 907 45.85 33.05 25.11
N SER C 908 46.00 32.31 24.00
CA SER C 908 46.47 30.94 24.03
C SER C 908 47.56 30.75 22.98
N TRP C 909 48.48 29.83 23.27
CA TRP C 909 49.53 29.45 22.34
C TRP C 909 49.12 28.18 21.61
N GLY C 910 49.14 28.23 20.28
CA GLY C 910 48.70 27.11 19.48
C GLY C 910 49.75 26.73 18.45
N THR C 911 49.53 25.57 17.84
CA THR C 911 50.47 24.98 16.90
C THR C 911 49.96 25.08 15.47
N VAL C 912 50.74 24.53 14.53
CA VAL C 912 50.42 24.54 13.11
C VAL C 912 50.48 23.12 12.58
N CYS C 913 49.46 22.72 11.83
CA CYS C 913 49.41 21.38 11.27
C CYS C 913 50.30 21.28 10.03
N ASP C 914 50.66 20.04 9.69
CA ASP C 914 51.65 19.77 8.66
C ASP C 914 51.06 19.56 7.28
N ASP C 915 49.74 19.58 7.12
CA ASP C 915 49.16 19.47 5.80
C ASP C 915 49.57 20.65 4.94
N SER C 916 49.99 20.37 3.71
CA SER C 916 50.47 21.37 2.76
C SER C 916 51.68 22.14 3.28
N TRP C 917 52.42 21.57 4.23
CA TRP C 917 53.66 22.19 4.69
C TRP C 917 54.80 21.88 3.74
N ASP C 918 55.57 22.90 3.40
CA ASP C 918 56.70 22.73 2.49
C ASP C 918 57.70 23.86 2.75
N LEU C 919 58.66 24.01 1.83
CA LEU C 919 59.73 24.99 2.03
C LEU C 919 59.24 26.42 1.91
N ASP C 920 58.22 26.66 1.06
CA ASP C 920 57.71 28.01 0.90
C ASP C 920 57.13 28.55 2.20
N ASP C 921 56.41 27.70 2.94
CA ASP C 921 55.92 28.10 4.25
C ASP C 921 57.07 28.36 5.21
N ALA C 922 58.10 27.52 5.17
CA ALA C 922 59.21 27.63 6.11
C ALA C 922 59.99 28.91 5.90
N GLN C 923 60.20 29.32 4.65
CA GLN C 923 61.00 30.52 4.38
C GLN C 923 60.27 31.77 4.84
N VAL C 924 58.93 31.73 4.86
CA VAL C 924 58.17 32.83 5.45
C VAL C 924 58.35 32.86 6.96
N VAL C 925 58.33 31.69 7.59
CA VAL C 925 58.44 31.61 9.04
C VAL C 925 59.79 32.13 9.50
N CYS C 926 60.86 31.72 8.82
CA CYS C 926 62.20 32.16 9.22
C CYS C 926 62.36 33.66 9.06
N GLN C 927 61.69 34.27 8.09
CA GLN C 927 61.80 35.72 7.88
C GLN C 927 61.25 36.49 9.07
N GLN C 928 60.10 36.07 9.58
CA GLN C 928 59.48 36.77 10.71
C GLN C 928 60.35 36.71 11.96
N LEU C 929 60.94 35.53 12.23
CA LEU C 929 61.74 35.37 13.43
C LEU C 929 63.05 36.15 13.34
N GLY C 930 63.56 36.39 12.13
CA GLY C 930 64.84 37.03 11.95
C GLY C 930 65.97 36.09 11.62
N CYS C 931 65.70 34.80 11.49
CA CYS C 931 66.73 33.83 11.15
C CYS C 931 66.97 33.82 9.63
N GLY C 932 67.92 32.98 9.20
CA GLY C 932 68.25 32.87 7.80
C GLY C 932 67.28 32.00 7.05
N PRO C 933 67.53 31.84 5.75
CA PRO C 933 66.63 31.05 4.91
C PRO C 933 66.52 29.61 5.37
N ALA C 934 65.34 29.04 5.19
CA ALA C 934 65.03 27.73 5.75
C ALA C 934 65.79 26.62 5.03
N LEU C 935 66.35 25.69 5.82
CA LEU C 935 66.94 24.49 5.23
C LEU C 935 65.86 23.54 4.73
N LYS C 936 64.84 23.29 5.55
CA LYS C 936 63.79 22.35 5.19
C LYS C 936 62.61 22.57 6.12
N ALA C 937 61.49 21.94 5.78
CA ALA C 937 60.26 21.99 6.58
C ALA C 937 59.96 20.59 7.09
N PHE C 938 59.76 20.47 8.39
CA PHE C 938 59.51 19.18 9.02
C PHE C 938 58.01 18.89 9.07
N LYS C 939 57.68 17.62 9.31
CA LYS C 939 56.29 17.19 9.37
C LYS C 939 56.17 16.06 10.39
N GLU C 940 54.93 15.81 10.82
CA GLU C 940 54.62 14.75 11.78
C GLU C 940 55.35 14.94 13.10
N ALA C 941 55.61 16.19 13.49
CA ALA C 941 56.13 16.53 14.81
C ALA C 941 57.47 15.85 15.09
N GLU C 942 58.48 16.20 14.29
CA GLU C 942 59.82 15.68 14.53
C GLU C 942 60.42 16.26 15.80
N PHE C 943 60.30 17.58 15.99
CA PHE C 943 60.99 18.22 17.11
C PHE C 943 60.29 17.95 18.43
N GLY C 944 58.97 17.78 18.41
CA GLY C 944 58.26 17.43 19.63
C GLY C 944 56.78 17.57 19.43
N GLN C 945 56.05 17.05 20.41
CA GLN C 945 54.60 17.17 20.43
C GLN C 945 54.20 18.56 20.89
N GLY C 946 53.05 19.03 20.40
CA GLY C 946 52.57 20.35 20.77
C GLY C 946 51.31 20.28 21.61
N THR C 947 51.04 21.33 22.38
CA THR C 947 49.89 21.36 23.26
C THR C 947 49.08 22.63 22.99
N GLY C 948 47.80 22.57 23.34
CA GLY C 948 46.90 23.67 23.12
C GLY C 948 46.12 23.51 21.84
N PRO C 949 45.41 24.55 21.43
CA PRO C 949 44.63 24.48 20.20
C PRO C 949 45.51 24.51 18.96
N ILE C 950 44.91 24.17 17.83
CA ILE C 950 45.57 24.24 16.53
C ILE C 950 44.95 25.39 15.75
N TRP C 951 45.76 26.35 15.35
CA TRP C 951 45.24 27.57 14.74
C TRP C 951 45.21 27.50 13.22
N LEU C 952 46.26 27.00 12.58
CA LEU C 952 46.36 27.01 11.13
C LEU C 952 46.40 25.60 10.57
N ASN C 953 45.86 25.46 9.36
CA ASN C 953 45.92 24.20 8.63
C ASN C 953 46.00 24.52 7.15
N GLU C 954 46.56 23.58 6.40
CA GLU C 954 46.68 23.70 4.94
C GLU C 954 47.36 25.01 4.56
N VAL C 955 48.50 25.26 5.18
CA VAL C 955 49.21 26.52 4.94
C VAL C 955 49.78 26.52 3.53
N LYS C 956 49.31 27.45 2.71
CA LYS C 956 49.75 27.56 1.32
C LYS C 956 50.30 28.96 1.10
N CYS C 957 51.63 29.06 1.05
CA CYS C 957 52.32 30.33 0.94
C CYS C 957 53.00 30.46 -0.42
N LYS C 958 52.88 31.64 -1.02
CA LYS C 958 53.62 31.94 -2.24
C LYS C 958 55.09 32.22 -1.97
N GLY C 959 55.44 32.59 -0.73
CA GLY C 959 56.79 32.89 -0.35
C GLY C 959 57.13 34.37 -0.34
N ASN C 960 56.36 35.19 -1.05
CA ASN C 960 56.63 36.63 -1.07
C ASN C 960 56.14 37.31 0.20
N GLU C 961 55.04 36.81 0.78
CA GLU C 961 54.45 37.43 1.95
C GLU C 961 55.44 37.45 3.12
N SER C 962 55.56 38.61 3.77
CA SER C 962 56.52 38.75 4.84
C SER C 962 56.07 38.05 6.11
N SER C 963 54.76 37.86 6.29
CA SER C 963 54.23 37.31 7.53
C SER C 963 53.33 36.12 7.24
N LEU C 964 53.33 35.16 8.17
CA LEU C 964 52.47 33.99 8.03
C LEU C 964 51.00 34.36 8.17
N TRP C 965 50.69 35.41 8.93
CA TRP C 965 49.30 35.84 9.07
C TRP C 965 48.73 36.30 7.74
N ASP C 966 49.54 37.01 6.94
CA ASP C 966 49.08 37.44 5.63
C ASP C 966 48.93 36.28 4.67
N CYS C 967 49.65 35.19 4.90
CA CYS C 967 49.60 34.04 4.02
C CYS C 967 48.26 33.32 4.15
N PRO C 968 47.63 32.93 3.04
CA PRO C 968 46.33 32.27 3.11
C PRO C 968 46.43 30.84 3.64
N ALA C 969 45.46 30.49 4.48
CA ALA C 969 45.37 29.16 5.08
C ALA C 969 44.06 29.07 5.84
N ARG C 970 43.65 27.83 6.12
CA ARG C 970 42.52 27.62 7.02
C ARG C 970 42.90 28.10 8.42
N ARG C 971 42.12 29.03 8.96
CA ARG C 971 42.61 29.88 10.03
C ARG C 971 41.73 29.80 11.28
N TRP C 972 42.41 29.85 12.44
CA TRP C 972 41.81 30.14 13.74
C TRP C 972 40.75 29.11 14.14
N GLY C 973 41.23 27.90 14.37
CA GLY C 973 40.47 26.92 15.12
C GLY C 973 40.01 25.71 14.35
N HIS C 974 39.53 25.91 13.13
CA HIS C 974 39.02 24.81 12.31
C HIS C 974 40.21 24.01 11.79
N SER C 975 40.51 22.89 12.44
CA SER C 975 41.64 22.05 12.08
C SER C 975 41.27 20.60 12.33
N GLU C 976 41.20 19.81 11.26
CA GLU C 976 40.97 18.39 11.40
C GLU C 976 42.19 17.65 11.92
N CYS C 977 43.33 18.33 12.03
CA CYS C 977 44.57 17.68 12.41
C CYS C 977 44.58 17.37 13.90
N GLY C 978 45.31 16.31 14.25
CA GLY C 978 45.66 16.03 15.63
C GLY C 978 46.94 16.75 16.01
N HIS C 979 47.38 16.50 17.24
CA HIS C 979 48.60 17.12 17.71
C HIS C 979 49.85 16.36 17.30
N LYS C 980 49.71 15.19 16.68
CA LYS C 980 50.83 14.43 16.16
C LYS C 980 51.32 14.93 14.82
N GLU C 981 50.65 15.91 14.22
CA GLU C 981 50.96 16.41 12.90
C GLU C 981 51.55 17.82 12.93
N ASP C 982 52.18 18.19 14.04
CA ASP C 982 52.64 19.56 14.20
C ASP C 982 53.83 19.84 13.29
N ALA C 983 53.78 20.98 12.60
CA ALA C 983 54.84 21.37 11.69
C ALA C 983 56.04 21.90 12.46
N ALA C 984 57.18 21.94 11.79
CA ALA C 984 58.41 22.49 12.34
C ALA C 984 59.27 22.96 11.19
N VAL C 985 60.23 23.83 11.51
CA VAL C 985 61.15 24.37 10.52
C VAL C 985 62.57 24.30 11.08
N ASN C 986 63.53 24.46 10.17
CA ASN C 986 64.93 24.57 10.53
C ASN C 986 65.51 25.72 9.72
N CYS C 987 65.96 26.77 10.40
CA CYS C 987 66.45 27.98 9.77
C CYS C 987 67.95 28.08 10.02
N THR C 988 68.69 28.60 9.04
CA THR C 988 70.13 28.73 9.17
C THR C 988 70.47 29.94 10.02
N ASP C 989 71.51 29.79 10.85
CA ASP C 989 71.92 30.84 11.76
C ASP C 989 72.77 31.88 11.04
CA CA D . -13.64 -46.65 0.97
CA CA E . 45.70 -20.05 -6.89
CA CA F . 49.51 9.91 9.27
CA CA G . 55.35 -1.22 9.89
CA CA H . 48.86 6.46 15.81
CA CA I . 10.87 7.36 -32.98
CA CA J . 18.60 16.25 -30.74
C1 NAG K . -23.30 -38.17 -20.83
C2 NAG K . -24.78 -37.93 -21.10
C3 NAG K . -25.37 -39.06 -21.94
C4 NAG K . -24.53 -39.25 -23.20
C5 NAG K . -23.07 -39.46 -22.80
C6 NAG K . -22.14 -39.69 -23.98
C7 NAG K . -26.12 -36.62 -19.49
C8 NAG K . -26.83 -36.66 -18.17
N2 NAG K . -25.52 -37.77 -19.87
O3 NAG K . -26.70 -38.73 -22.23
O4 NAG K . -25.05 -40.38 -23.87
O5 NAG K . -22.63 -38.33 -22.06
O6 NAG K . -22.29 -38.64 -24.91
O7 NAG K . -26.09 -35.61 -20.17
C1 NAG L . 8.23 -41.02 -5.03
C2 NAG L . 8.50 -42.53 -5.03
C3 NAG L . 7.86 -43.17 -3.79
C4 NAG L . 8.31 -42.45 -2.54
C5 NAG L . 8.02 -40.96 -2.67
C6 NAG L . 8.42 -40.13 -1.48
C7 NAG L . 8.73 -43.78 -7.14
C8 NAG L . 7.96 -44.34 -8.32
N2 NAG L . 7.98 -43.14 -6.23
O3 NAG L . 8.22 -44.53 -3.79
O4 NAG L . 7.61 -43.03 -1.45
O5 NAG L . 8.69 -40.47 -3.82
O6 NAG L . 9.81 -40.27 -1.25
O7 NAG L . 9.93 -43.93 -7.04
C1 NAG M . 56.51 4.41 -6.00
C2 NAG M . 56.16 5.88 -6.30
C3 NAG M . 57.12 6.42 -7.36
C4 NAG M . 58.56 6.16 -6.96
C5 NAG M . 58.73 4.66 -6.70
C6 NAG M . 60.14 4.23 -6.33
C7 NAG M . 53.75 6.30 -6.00
C8 NAG M . 52.43 6.32 -6.72
N2 NAG M . 54.81 5.97 -6.76
O3 NAG M . 56.85 7.78 -7.52
O4 NAG M . 59.38 6.60 -8.01
O5 NAG M . 57.86 4.31 -5.64
O6 NAG M . 60.50 4.80 -5.09
O7 NAG M . 53.82 6.56 -4.80
CA CA N . -39.12 -42.55 3.04
CA CA O . -48.80 -42.38 -4.35
CA CA P . -27.31 9.10 -35.30
CA CA Q . 6.08 5.41 -36.59
CA CA R . -2.22 7.01 -45.40
CA CA S . 4.88 -1.12 -40.34
CA CA T . -2.42 19.16 8.45
C1 NAG U . -49.81 -31.49 19.37
C2 NAG U . -49.27 -32.27 20.57
C3 NAG U . -50.46 -32.64 21.45
C4 NAG U . -51.35 -31.43 21.76
C5 NAG U . -51.69 -30.70 20.46
C6 NAG U . -52.53 -29.45 20.63
C7 NAG U . -47.28 -33.74 20.38
C8 NAG U . -46.51 -32.67 21.11
N2 NAG U . -48.59 -33.47 20.17
O3 NAG U . -49.98 -33.25 22.61
O4 NAG U . -52.50 -31.91 22.41
O5 NAG U . -50.48 -30.34 19.83
O6 NAG U . -51.80 -28.45 21.30
O7 NAG U . -46.76 -34.77 20.01
C1 NAG V . -47.00 -21.77 -14.76
C2 NAG V . -48.42 -21.83 -15.31
C3 NAG V . -48.77 -23.26 -15.71
C4 NAG V . -47.70 -23.83 -16.64
C5 NAG V . -46.33 -23.69 -15.96
C6 NAG V . -45.18 -24.23 -16.77
C7 NAG V . -49.95 -20.12 -14.43
C8 NAG V . -50.90 -19.81 -13.29
N2 NAG V . -49.36 -21.33 -14.35
O3 NAG V . -50.04 -23.26 -16.30
O4 NAG V . -48.02 -25.18 -16.87
O5 NAG V . -46.10 -22.32 -15.71
O6 NAG V . -45.12 -23.61 -18.03
O7 NAG V . -49.76 -19.33 -15.34
C1 NAG W . -2.96 20.81 -35.67
C2 NAG W . -1.81 21.09 -34.71
C3 NAG W . -1.64 22.61 -34.57
C4 NAG W . -1.52 23.26 -35.94
C5 NAG W . -2.70 22.83 -36.81
C6 NAG W . -2.68 23.41 -38.21
C7 NAG W . -1.58 19.30 -33.04
C8 NAG W . -1.98 18.87 -31.65
N2 NAG W . -2.07 20.49 -33.42
O3 NAG W . -0.50 22.83 -33.77
O4 NAG W . -1.49 24.66 -35.74
O5 NAG W . -2.71 21.42 -36.90
O6 NAG W . -1.47 23.10 -38.84
O7 NAG W . -0.86 18.61 -33.74
CA CA X . -13.82 8.99 18.03
CA CA Y . -18.54 12.71 28.64
CA CA Z . 27.52 58.97 31.52
CA CA AA . 30.37 75.76 9.89
CA CA BA . 49.14 14.76 7.83
CA CA CA . 51.99 25.13 1.32
C1 NAG DA . -2.03 -6.89 25.78
C2 NAG DA . -2.90 -8.14 25.56
C3 NAG DA . -3.22 -8.77 26.91
C4 NAG DA . -1.95 -9.02 27.71
C5 NAG DA . -1.13 -7.73 27.79
C6 NAG DA . 0.19 -7.89 28.51
C7 NAG DA . -4.43 -8.29 23.64
C8 NAG DA . -5.75 -7.83 23.08
N2 NAG DA . -4.11 -7.82 24.85
O3 NAG DA . -3.94 -9.96 26.67
O4 NAG DA . -2.35 -9.47 28.99
O5 NAG DA . -0.86 -7.28 26.47
O6 NAG DA . 0.95 -6.72 28.37
O7 NAG DA . -3.70 -9.04 22.99
C1 NAG EA . -1.72 27.66 35.39
C2 NAG EA . -2.06 27.65 36.90
C3 NAG EA . -3.55 27.40 37.11
C4 NAG EA . -4.39 28.35 36.27
C5 NAG EA . -3.97 28.21 34.81
C6 NAG EA . -4.72 29.12 33.87
C7 NAG EA . -0.41 26.90 38.56
C8 NAG EA . 0.24 25.66 39.15
N2 NAG EA . -1.32 26.65 37.60
O3 NAG EA . -3.83 27.55 38.48
O4 NAG EA . -5.74 27.99 36.44
O5 NAG EA . -2.59 28.53 34.70
O6 NAG EA . -4.61 30.46 34.30
O7 NAG EA . -0.12 28.01 38.94
C1 NAG FA . 45.66 69.55 13.70
C2 NAG FA . 46.68 69.11 12.66
C3 NAG FA . 48.09 69.51 13.09
C4 NAG FA . 48.14 70.99 13.46
C5 NAG FA . 47.05 71.28 14.49
C6 NAG FA . 46.99 72.73 14.93
C7 NAG FA . 45.80 67.09 11.54
C8 NAG FA . 45.93 65.58 11.49
N2 NAG FA . 46.61 67.69 12.43
O3 NAG FA . 48.98 69.20 12.06
O4 NAG FA . 49.42 71.25 13.97
O5 NAG FA . 45.79 70.93 13.94
O6 NAG FA . 46.94 73.58 13.81
O7 NAG FA . 45.03 67.68 10.81
#